data_3RPB
#
_entry.id   3RPB
#
_cell.length_a   1.000
_cell.length_b   1.000
_cell.length_c   1.000
_cell.angle_alpha   90.00
_cell.angle_beta   90.00
_cell.angle_gamma   90.00
#
_symmetry.space_group_name_H-M   'P 1'
#
_entity_poly.entity_id   1
_entity_poly.type   'polypeptide(L)'
_entity_poly.pdbx_seq_one_letter_code
;RGKILVSLMYSTQQGGLIVGIIRCVHLAAMDANGYSDPFVKLWLKPDMGKKAKHKTQIKKKTLNPEFNEEFFYDIKHSDL
AKKSLDISVWDYDIGKSNDYIGGCQLGISAKGERLKHWYECLKNKDKKIERWHQLQNENH
;
_entity_poly.pdbx_strand_id   A
#
# COMPACT_ATOMS: atom_id res chain seq x y z
N ARG A 1 -5.39 8.29 12.22
CA ARG A 1 -5.00 8.11 10.79
C ARG A 1 -5.73 6.94 10.16
N GLY A 2 -5.70 5.80 10.83
CA GLY A 2 -6.37 4.61 10.30
C GLY A 2 -5.40 3.52 9.90
N LYS A 3 -5.94 2.39 9.46
CA LYS A 3 -5.11 1.27 9.04
C LYS A 3 -5.57 0.75 7.68
N ILE A 4 -4.63 0.25 6.89
CA ILE A 4 -4.95 -0.27 5.56
C ILE A 4 -4.51 -1.72 5.41
N LEU A 5 -5.44 -2.57 4.98
CA LEU A 5 -5.16 -3.98 4.78
C LEU A 5 -4.44 -4.21 3.45
N VAL A 6 -3.21 -4.70 3.53
CA VAL A 6 -2.42 -4.96 2.34
C VAL A 6 -2.17 -6.44 2.16
N SER A 7 -2.48 -6.95 0.96
CA SER A 7 -2.29 -8.36 0.66
C SER A 7 -1.15 -8.54 -0.34
N LEU A 8 -0.05 -9.12 0.12
CA LEU A 8 1.11 -9.35 -0.73
C LEU A 8 1.08 -10.73 -1.39
N MET A 9 1.93 -10.91 -2.38
CA MET A 9 2.02 -12.19 -3.11
C MET A 9 2.94 -12.03 -4.32
N TYR A 10 3.93 -12.91 -4.43
CA TYR A 10 4.87 -12.86 -5.53
C TYR A 10 4.63 -13.99 -6.52
N SER A 11 4.67 -13.66 -7.81
CA SER A 11 4.47 -14.64 -8.87
C SER A 11 5.78 -14.95 -9.59
N THR A 12 6.55 -15.87 -9.03
CA THR A 12 7.83 -16.25 -9.63
C THR A 12 7.65 -16.59 -11.09
N GLN A 13 6.55 -17.28 -11.40
CA GLN A 13 6.25 -17.67 -12.78
C GLN A 13 6.35 -16.46 -13.69
N GLN A 14 5.76 -15.36 -13.27
CA GLN A 14 5.78 -14.13 -14.05
C GLN A 14 7.05 -13.33 -13.76
N GLY A 15 7.69 -13.65 -12.64
CA GLY A 15 8.90 -12.95 -12.26
C GLY A 15 8.63 -11.56 -11.72
N GLY A 16 7.57 -11.43 -10.94
CA GLY A 16 7.23 -10.15 -10.37
C GLY A 16 6.49 -10.27 -9.06
N LEU A 17 6.26 -9.14 -8.39
CA LEU A 17 5.55 -9.12 -7.12
C LEU A 17 4.10 -8.74 -7.31
N ILE A 18 3.27 -9.06 -6.32
CA ILE A 18 1.85 -8.73 -6.39
C ILE A 18 1.39 -8.03 -5.12
N VAL A 19 0.88 -6.82 -5.29
CA VAL A 19 0.39 -6.02 -4.17
C VAL A 19 -1.13 -5.95 -4.18
N GLY A 20 -1.75 -6.34 -3.08
CA GLY A 20 -3.20 -6.31 -3.02
C GLY A 20 -3.76 -5.35 -1.99
N ILE A 21 -4.36 -4.26 -2.45
CA ILE A 21 -4.95 -3.28 -1.57
C ILE A 21 -6.38 -3.67 -1.25
N ILE A 22 -6.57 -4.38 -0.14
CA ILE A 22 -7.89 -4.84 0.26
C ILE A 22 -8.79 -3.72 0.73
N ARG A 23 -8.55 -3.22 1.93
CA ARG A 23 -9.37 -2.16 2.49
C ARG A 23 -8.63 -1.38 3.58
N CYS A 24 -9.28 -0.31 4.06
CA CYS A 24 -8.71 0.52 5.11
C CYS A 24 -9.75 0.74 6.21
N VAL A 25 -9.29 1.15 7.39
CA VAL A 25 -10.20 1.38 8.50
C VAL A 25 -9.72 2.49 9.43
N HIS A 26 -10.66 3.14 10.08
CA HIS A 26 -10.37 4.22 11.01
C HIS A 26 -9.58 5.34 10.33
N LEU A 27 -10.04 5.74 9.16
CA LEU A 27 -9.37 6.80 8.41
C LEU A 27 -9.84 8.18 8.89
N ALA A 28 -8.99 9.18 8.69
CA ALA A 28 -9.30 10.54 9.11
C ALA A 28 -10.36 11.17 8.20
N ALA A 29 -10.95 12.26 8.66
CA ALA A 29 -11.95 12.99 7.90
C ALA A 29 -11.41 14.33 7.42
N MET A 30 -11.40 14.50 6.10
CA MET A 30 -10.89 15.73 5.50
C MET A 30 -12.02 16.73 5.27
N ASP A 31 -13.25 16.24 5.26
CA ASP A 31 -14.41 17.10 5.05
C ASP A 31 -15.08 17.46 6.36
N ALA A 32 -15.87 18.53 6.35
CA ALA A 32 -16.56 18.98 7.55
C ALA A 32 -17.67 18.01 7.96
N ASN A 33 -17.90 17.01 7.11
CA ASN A 33 -18.93 16.00 7.38
C ASN A 33 -18.40 14.93 8.32
N GLY A 34 -17.08 14.93 8.54
CA GLY A 34 -16.48 13.96 9.42
C GLY A 34 -15.97 12.74 8.68
N TYR A 35 -15.87 12.85 7.35
CA TYR A 35 -15.40 11.75 6.52
C TYR A 35 -14.23 12.16 5.63
N SER A 36 -13.87 11.28 4.69
CA SER A 36 -12.77 11.55 3.77
C SER A 36 -12.92 10.76 2.48
N ASP A 37 -11.99 10.97 1.55
CA ASP A 37 -12.00 10.26 0.27
C ASP A 37 -10.63 9.63 0.05
N PRO A 38 -10.22 8.79 1.00
CA PRO A 38 -8.90 8.13 0.97
C PRO A 38 -8.73 7.08 -0.12
N PHE A 39 -7.52 7.07 -0.67
CA PHE A 39 -7.12 6.11 -1.68
C PHE A 39 -5.70 5.64 -1.34
N VAL A 40 -5.26 4.52 -1.90
CA VAL A 40 -3.94 4.02 -1.57
C VAL A 40 -3.00 4.03 -2.77
N LYS A 41 -1.80 4.55 -2.55
CA LYS A 41 -0.78 4.60 -3.59
C LYS A 41 0.39 3.71 -3.19
N LEU A 42 0.90 2.96 -4.16
CA LEU A 42 2.01 2.04 -3.89
C LEU A 42 3.20 2.33 -4.78
N TRP A 43 4.39 2.27 -4.20
CA TRP A 43 5.62 2.50 -4.94
C TRP A 43 6.78 1.70 -4.36
N LEU A 44 7.33 0.79 -5.16
CA LEU A 44 8.45 -0.04 -4.74
C LEU A 44 9.77 0.53 -5.23
N LYS A 45 10.70 0.73 -4.31
CA LYS A 45 12.01 1.27 -4.67
C LYS A 45 13.12 0.25 -4.41
N PRO A 46 14.38 0.55 -4.78
CA PRO A 46 14.75 1.82 -5.44
C PRO A 46 13.93 2.07 -6.70
N ASP A 47 13.37 0.99 -7.25
CA ASP A 47 12.54 1.08 -8.43
C ASP A 47 13.36 0.97 -9.71
N MET A 48 12.66 0.80 -10.82
CA MET A 48 13.30 0.69 -12.12
C MET A 48 12.89 1.85 -13.02
N GLY A 49 11.80 2.52 -12.64
CA GLY A 49 11.31 3.64 -13.42
C GLY A 49 10.51 4.61 -12.58
N LYS A 50 10.03 5.68 -13.20
CA LYS A 50 9.23 6.69 -12.51
C LYS A 50 7.75 6.34 -12.53
N LYS A 51 7.46 5.07 -12.81
CA LYS A 51 6.08 4.60 -12.87
C LYS A 51 5.82 3.52 -11.82
N ALA A 52 6.76 3.37 -10.89
CA ALA A 52 6.64 2.38 -9.83
C ALA A 52 5.54 2.76 -8.84
N LYS A 53 5.07 3.99 -8.93
CA LYS A 53 4.01 4.48 -8.04
C LYS A 53 2.64 4.09 -8.57
N HIS A 54 1.67 3.96 -7.66
CA HIS A 54 0.31 3.59 -8.04
C HIS A 54 -0.71 4.29 -7.15
N LYS A 55 -1.99 4.03 -7.43
CA LYS A 55 -3.08 4.62 -6.65
C LYS A 55 -4.37 3.81 -6.87
N THR A 56 -4.91 3.26 -5.79
CA THR A 56 -6.14 2.47 -5.87
C THR A 56 -7.36 3.36 -6.01
N GLN A 57 -8.48 2.75 -6.39
CA GLN A 57 -9.73 3.48 -6.55
C GLN A 57 -9.93 4.46 -5.40
N ILE A 58 -10.59 5.58 -5.68
CA ILE A 58 -10.84 6.60 -4.67
C ILE A 58 -12.04 6.23 -3.80
N LYS A 59 -11.82 6.14 -2.50
CA LYS A 59 -12.89 5.82 -1.56
C LYS A 59 -13.51 7.10 -1.03
N LYS A 60 -14.25 7.79 -1.89
CA LYS A 60 -14.89 9.05 -1.53
C LYS A 60 -15.90 8.87 -0.40
N LYS A 61 -16.06 9.93 0.39
CA LYS A 61 -17.00 9.92 1.51
C LYS A 61 -16.97 8.61 2.28
N THR A 62 -15.84 8.34 2.93
CA THR A 62 -15.69 7.11 3.71
C THR A 62 -14.32 7.05 4.38
N LEU A 63 -14.29 6.52 5.59
CA LEU A 63 -13.04 6.39 6.34
C LEU A 63 -12.67 4.92 6.53
N ASN A 64 -13.62 4.03 6.24
CA ASN A 64 -13.39 2.60 6.39
C ASN A 64 -13.91 1.84 5.16
N PRO A 65 -13.46 2.24 3.96
CA PRO A 65 -13.87 1.60 2.70
C PRO A 65 -13.12 0.32 2.40
N GLU A 66 -13.36 -0.22 1.21
CA GLU A 66 -12.70 -1.45 0.78
C GLU A 66 -12.21 -1.30 -0.66
N PHE A 67 -10.89 -1.36 -0.84
CA PHE A 67 -10.30 -1.24 -2.17
C PHE A 67 -10.39 -2.55 -2.94
N ASN A 68 -9.78 -3.60 -2.40
CA ASN A 68 -9.78 -4.91 -3.04
C ASN A 68 -9.13 -4.82 -4.42
N GLU A 69 -7.99 -4.15 -4.48
CA GLU A 69 -7.26 -3.99 -5.73
C GLU A 69 -6.00 -4.84 -5.75
N GLU A 70 -5.83 -5.59 -6.83
CA GLU A 70 -4.66 -6.46 -6.98
C GLU A 70 -3.66 -5.86 -7.97
N PHE A 71 -2.48 -5.50 -7.47
CA PHE A 71 -1.44 -4.90 -8.29
C PHE A 71 -0.41 -5.93 -8.74
N PHE A 72 0.50 -5.49 -9.60
CA PHE A 72 1.56 -6.34 -10.11
C PHE A 72 2.85 -5.57 -10.28
N TYR A 73 3.89 -5.99 -9.56
CA TYR A 73 5.18 -5.33 -9.62
C TYR A 73 6.13 -6.10 -10.51
N ASP A 74 7.07 -5.39 -11.14
CA ASP A 74 8.02 -6.02 -12.03
C ASP A 74 9.41 -6.04 -11.40
N ILE A 75 9.59 -6.86 -10.38
CA ILE A 75 10.87 -6.98 -9.70
C ILE A 75 11.26 -8.43 -9.53
N LYS A 76 12.56 -8.72 -9.66
CA LYS A 76 13.06 -10.08 -9.52
C LYS A 76 13.02 -10.52 -8.06
N HIS A 77 12.48 -11.71 -7.83
CA HIS A 77 12.39 -12.25 -6.48
C HIS A 77 13.69 -12.04 -5.72
N SER A 78 14.82 -12.28 -6.39
CA SER A 78 16.13 -12.12 -5.77
C SER A 78 16.34 -10.68 -5.31
N ASP A 79 15.60 -9.75 -5.90
CA ASP A 79 15.71 -8.35 -5.54
C ASP A 79 14.57 -7.95 -4.62
N LEU A 80 13.43 -8.62 -4.77
CA LEU A 80 12.26 -8.36 -3.96
C LEU A 80 12.66 -7.97 -2.54
N ALA A 81 13.21 -8.92 -1.81
CA ALA A 81 13.64 -8.69 -0.44
C ALA A 81 14.20 -7.29 -0.24
N LYS A 82 15.25 -6.95 -0.99
CA LYS A 82 15.90 -5.65 -0.89
C LYS A 82 14.94 -4.52 -1.24
N LYS A 83 13.83 -4.87 -1.87
CA LYS A 83 12.85 -3.87 -2.27
C LYS A 83 12.23 -3.21 -1.04
N SER A 84 11.43 -2.18 -1.29
CA SER A 84 10.74 -1.46 -0.23
C SER A 84 9.43 -0.89 -0.74
N LEU A 85 8.34 -1.57 -0.42
CA LEU A 85 7.01 -1.15 -0.85
C LEU A 85 6.49 -0.02 0.03
N ASP A 86 6.17 1.11 -0.58
CA ASP A 86 5.66 2.26 0.16
C ASP A 86 4.16 2.42 -0.06
N ILE A 87 3.37 1.87 0.86
CA ILE A 87 1.92 1.95 0.78
C ILE A 87 1.41 3.19 1.51
N SER A 88 0.98 4.19 0.75
CA SER A 88 0.50 5.42 1.35
C SER A 88 -0.97 5.68 0.99
N VAL A 89 -1.73 6.16 1.97
CA VAL A 89 -3.13 6.47 1.78
C VAL A 89 -3.36 7.98 1.79
N TRP A 90 -3.92 8.50 0.72
CA TRP A 90 -4.18 9.93 0.61
C TRP A 90 -5.66 10.22 0.40
N ASP A 91 -6.11 11.38 0.87
CA ASP A 91 -7.50 11.77 0.71
C ASP A 91 -7.72 12.42 -0.65
N TYR A 92 -8.82 12.06 -1.30
CA TYR A 92 -9.16 12.59 -2.60
C TYR A 92 -10.20 13.70 -2.48
N ASP A 93 -10.29 14.54 -3.52
CA ASP A 93 -11.24 15.64 -3.52
C ASP A 93 -11.60 16.05 -4.95
N ILE A 94 -12.89 16.10 -5.23
CA ILE A 94 -13.36 16.48 -6.56
C ILE A 94 -13.27 17.99 -6.76
N GLY A 95 -12.76 18.40 -7.91
CA GLY A 95 -12.63 19.82 -8.21
C GLY A 95 -11.53 20.49 -7.40
N LYS A 96 -10.83 19.68 -6.59
CA LYS A 96 -9.76 20.21 -5.75
C LYS A 96 -8.54 19.28 -5.79
N SER A 97 -7.64 19.45 -4.84
CA SER A 97 -6.44 18.62 -4.76
C SER A 97 -6.59 17.52 -3.72
N ASN A 98 -5.68 16.57 -3.74
CA ASN A 98 -5.70 15.46 -2.79
C ASN A 98 -5.13 15.86 -1.44
N ASP A 99 -4.98 14.90 -0.55
CA ASP A 99 -4.43 15.15 0.77
C ASP A 99 -3.76 13.91 1.34
N TYR A 100 -2.78 14.12 2.21
CA TYR A 100 -2.06 13.01 2.82
C TYR A 100 -2.73 12.55 4.11
N ILE A 101 -3.15 11.30 4.14
CA ILE A 101 -3.82 10.73 5.32
C ILE A 101 -2.85 9.90 6.14
N GLY A 102 -2.06 9.05 5.46
CA GLY A 102 -1.11 8.21 6.15
C GLY A 102 -0.69 7.01 5.33
N GLY A 103 0.45 6.42 5.68
CA GLY A 103 0.94 5.27 4.97
C GLY A 103 1.99 4.50 5.75
N CYS A 104 2.76 3.66 5.06
CA CYS A 104 3.80 2.87 5.70
C CYS A 104 4.79 2.34 4.67
N GLN A 105 5.94 1.87 5.14
CA GLN A 105 6.96 1.32 4.26
C GLN A 105 7.12 -0.18 4.48
N LEU A 106 7.24 -0.93 3.39
CA LEU A 106 7.40 -2.37 3.48
C LEU A 106 8.60 -2.87 2.70
N GLY A 107 9.71 -3.06 3.40
CA GLY A 107 10.92 -3.55 2.76
C GLY A 107 11.70 -4.47 3.69
N ILE A 108 12.23 -5.55 3.15
CA ILE A 108 12.98 -6.50 3.95
C ILE A 108 14.09 -5.80 4.74
N SER A 109 14.45 -4.60 4.31
CA SER A 109 15.47 -3.83 5.02
C SER A 109 14.92 -3.34 6.35
N ALA A 110 13.62 -3.56 6.55
CA ALA A 110 12.94 -3.14 7.78
C ALA A 110 13.17 -4.14 8.90
N LYS A 111 12.83 -3.73 10.12
CA LYS A 111 13.00 -4.58 11.29
C LYS A 111 11.93 -4.26 12.33
N GLY A 112 11.32 -5.30 12.88
CA GLY A 112 10.29 -5.11 13.89
C GLY A 112 8.99 -5.82 13.56
N GLU A 113 8.40 -5.46 12.41
CA GLU A 113 7.14 -6.08 12.00
C GLU A 113 7.00 -6.12 10.48
N ARG A 114 7.17 -4.98 9.84
CA ARG A 114 7.05 -4.91 8.38
C ARG A 114 7.88 -5.98 7.70
N LEU A 115 9.02 -6.32 8.29
CA LEU A 115 9.89 -7.34 7.73
C LEU A 115 9.21 -8.69 7.76
N LYS A 116 8.44 -8.93 8.81
CA LYS A 116 7.73 -10.20 8.96
C LYS A 116 6.70 -10.38 7.85
N HIS A 117 5.87 -9.36 7.64
CA HIS A 117 4.83 -9.40 6.61
C HIS A 117 5.43 -9.35 5.21
N TRP A 118 6.28 -8.36 4.97
CA TRP A 118 6.92 -8.22 3.66
C TRP A 118 7.73 -9.45 3.33
N TYR A 119 8.93 -9.51 3.87
CA TYR A 119 9.84 -10.64 3.66
C TYR A 119 9.09 -11.95 3.47
N GLU A 120 8.29 -12.34 4.45
CA GLU A 120 7.56 -13.60 4.35
C GLU A 120 6.96 -13.74 2.97
N CYS A 121 6.46 -12.62 2.42
CA CYS A 121 5.89 -12.64 1.08
C CYS A 121 6.86 -13.30 0.11
N LEU A 122 8.14 -13.00 0.28
CA LEU A 122 9.18 -13.56 -0.58
C LEU A 122 9.22 -15.07 -0.42
N LYS A 123 8.93 -15.55 0.78
CA LYS A 123 8.92 -16.98 1.07
C LYS A 123 7.60 -17.59 0.60
N ASN A 124 6.51 -16.87 0.85
CA ASN A 124 5.19 -17.33 0.46
C ASN A 124 4.74 -16.63 -0.82
N LYS A 125 5.51 -16.83 -1.89
CA LYS A 125 5.21 -16.22 -3.18
C LYS A 125 3.77 -16.52 -3.62
N ASP A 126 3.58 -17.70 -4.19
CA ASP A 126 2.26 -18.11 -4.66
C ASP A 126 1.21 -17.96 -3.58
N LYS A 127 1.66 -17.88 -2.33
CA LYS A 127 0.74 -17.73 -1.20
C LYS A 127 0.47 -16.26 -0.92
N LYS A 128 -0.80 -15.95 -0.66
CA LYS A 128 -1.20 -14.57 -0.39
C LYS A 128 -0.89 -14.18 1.06
N ILE A 129 -0.10 -13.12 1.21
CA ILE A 129 0.28 -12.64 2.53
C ILE A 129 -0.36 -11.27 2.81
N GLU A 130 -1.48 -11.29 3.54
CA GLU A 130 -2.19 -10.06 3.86
C GLU A 130 -2.14 -9.76 5.35
N ARG A 131 -2.26 -8.48 5.68
CA ARG A 131 -2.24 -8.03 7.07
C ARG A 131 -2.56 -6.54 7.16
N TRP A 132 -2.94 -6.08 8.34
CA TRP A 132 -3.30 -4.66 8.53
C TRP A 132 -2.09 -3.82 8.91
N HIS A 133 -1.92 -2.71 8.19
CA HIS A 133 -0.81 -1.79 8.44
C HIS A 133 -1.30 -0.49 9.05
N GLN A 134 -0.56 0.01 10.04
CA GLN A 134 -0.91 1.25 10.71
C GLN A 134 -0.40 2.44 9.90
N LEU A 135 -1.31 3.33 9.52
CA LEU A 135 -0.96 4.51 8.74
C LEU A 135 -0.11 5.47 9.55
N GLN A 136 0.92 6.00 8.91
CA GLN A 136 1.83 6.96 9.54
C GLN A 136 1.98 8.21 8.70
N ASN A 137 2.44 9.30 9.32
CA ASN A 137 2.63 10.56 8.61
C ASN A 137 4.10 10.79 8.29
N GLU A 138 4.41 10.88 7.00
CA GLU A 138 5.78 11.09 6.56
C GLU A 138 6.01 12.55 6.19
N ASN A 139 5.48 12.95 5.03
CA ASN A 139 5.62 14.32 4.57
C ASN A 139 4.26 14.95 4.29
N HIS A 140 3.71 15.63 5.29
CA HIS A 140 2.41 16.27 5.16
C HIS A 140 2.56 17.70 4.66
N ARG A 1 -5.74 8.32 12.23
CA ARG A 1 -5.22 8.09 10.85
C ARG A 1 -5.92 6.90 10.20
N GLY A 2 -5.93 5.77 10.91
CA GLY A 2 -6.57 4.58 10.38
C GLY A 2 -5.57 3.51 10.00
N LYS A 3 -6.06 2.40 9.47
CA LYS A 3 -5.20 1.29 9.05
C LYS A 3 -5.68 0.72 7.73
N ILE A 4 -4.74 0.28 6.90
CA ILE A 4 -5.07 -0.29 5.60
C ILE A 4 -4.59 -1.73 5.48
N LEU A 5 -5.49 -2.61 5.08
CA LEU A 5 -5.16 -4.02 4.91
C LEU A 5 -4.44 -4.24 3.58
N VAL A 6 -3.25 -4.78 3.66
CA VAL A 6 -2.46 -5.05 2.46
C VAL A 6 -2.24 -6.54 2.25
N SER A 7 -2.49 -7.01 1.04
CA SER A 7 -2.31 -8.41 0.71
C SER A 7 -1.18 -8.57 -0.29
N LEU A 8 -0.03 -9.03 0.19
CA LEU A 8 1.14 -9.21 -0.66
C LEU A 8 1.20 -10.62 -1.25
N MET A 9 2.03 -10.77 -2.28
CA MET A 9 2.20 -12.06 -2.95
C MET A 9 3.09 -11.90 -4.17
N TYR A 10 4.13 -12.73 -4.27
CA TYR A 10 5.04 -12.66 -5.40
C TYR A 10 4.77 -13.78 -6.38
N SER A 11 4.71 -13.44 -7.66
CA SER A 11 4.47 -14.42 -8.70
C SER A 11 5.76 -14.82 -9.39
N THR A 12 6.37 -15.90 -8.91
CA THR A 12 7.61 -16.40 -9.49
C THR A 12 7.35 -16.88 -10.91
N GLN A 13 6.19 -17.51 -11.11
CA GLN A 13 5.80 -17.99 -12.41
C GLN A 13 5.89 -16.87 -13.44
N GLN A 14 5.41 -15.70 -13.05
CA GLN A 14 5.43 -14.52 -13.91
C GLN A 14 6.71 -13.74 -13.70
N GLY A 15 7.36 -13.97 -12.55
CA GLY A 15 8.58 -13.29 -12.24
C GLY A 15 8.35 -11.86 -11.76
N GLY A 16 7.30 -11.67 -10.97
CA GLY A 16 7.00 -10.35 -10.47
C GLY A 16 6.31 -10.38 -9.12
N LEU A 17 6.20 -9.22 -8.48
CA LEU A 17 5.56 -9.10 -7.18
C LEU A 17 4.10 -8.71 -7.35
N ILE A 18 3.28 -9.07 -6.36
CA ILE A 18 1.86 -8.75 -6.40
C ILE A 18 1.43 -8.04 -5.12
N VAL A 19 0.85 -6.86 -5.28
CA VAL A 19 0.40 -6.07 -4.15
C VAL A 19 -1.12 -5.94 -4.15
N GLY A 20 -1.76 -6.42 -3.09
CA GLY A 20 -3.21 -6.36 -3.03
C GLY A 20 -3.72 -5.40 -1.97
N ILE A 21 -4.49 -4.40 -2.41
CA ILE A 21 -5.08 -3.43 -1.50
C ILE A 21 -6.49 -3.85 -1.14
N ILE A 22 -6.66 -4.49 0.01
CA ILE A 22 -7.96 -4.97 0.44
C ILE A 22 -8.87 -3.83 0.90
N ARG A 23 -8.58 -3.28 2.07
CA ARG A 23 -9.40 -2.21 2.61
C ARG A 23 -8.68 -1.42 3.69
N CYS A 24 -9.35 -0.40 4.21
CA CYS A 24 -8.80 0.44 5.27
C CYS A 24 -9.86 0.66 6.35
N VAL A 25 -9.42 1.03 7.55
CA VAL A 25 -10.35 1.25 8.65
C VAL A 25 -9.96 2.43 9.52
N HIS A 26 -10.97 3.10 10.06
CA HIS A 26 -10.75 4.25 10.95
C HIS A 26 -9.85 5.29 10.29
N LEU A 27 -10.23 5.74 9.10
CA LEU A 27 -9.46 6.74 8.38
C LEU A 27 -9.81 8.14 8.85
N ALA A 28 -8.93 9.09 8.55
CA ALA A 28 -9.15 10.48 8.94
C ALA A 28 -10.09 11.20 7.99
N ALA A 29 -10.82 12.17 8.52
CA ALA A 29 -11.76 12.94 7.71
C ALA A 29 -11.39 14.41 7.68
N MET A 30 -10.92 14.90 6.54
CA MET A 30 -10.53 16.29 6.39
C MET A 30 -11.71 17.13 5.92
N ASP A 31 -12.70 16.47 5.34
CA ASP A 31 -13.89 17.14 4.84
C ASP A 31 -14.75 17.64 6.00
N ALA A 32 -15.59 18.63 5.72
CA ALA A 32 -16.47 19.19 6.75
C ALA A 32 -17.63 18.26 7.07
N ASN A 33 -17.66 17.10 6.41
CA ASN A 33 -18.71 16.13 6.63
C ASN A 33 -18.29 15.09 7.66
N GLY A 34 -17.04 15.16 8.10
CA GLY A 34 -16.53 14.21 9.07
C GLY A 34 -15.96 12.97 8.42
N TYR A 35 -15.88 12.99 7.09
CA TYR A 35 -15.36 11.85 6.33
C TYR A 35 -14.20 12.26 5.43
N SER A 36 -13.81 11.36 4.54
CA SER A 36 -12.72 11.61 3.61
C SER A 36 -12.83 10.73 2.37
N ASP A 37 -11.99 11.01 1.38
CA ASP A 37 -11.98 10.23 0.13
C ASP A 37 -10.63 9.54 -0.02
N PRO A 38 -10.27 8.72 0.96
CA PRO A 38 -8.99 8.01 1.00
C PRO A 38 -8.80 6.98 -0.10
N PHE A 39 -7.58 6.95 -0.63
CA PHE A 39 -7.17 6.00 -1.65
C PHE A 39 -5.76 5.55 -1.32
N VAL A 40 -5.31 4.43 -1.87
CA VAL A 40 -3.98 3.93 -1.56
C VAL A 40 -3.04 3.95 -2.76
N LYS A 41 -1.87 4.53 -2.55
CA LYS A 41 -0.85 4.60 -3.58
C LYS A 41 0.35 3.76 -3.17
N LEU A 42 0.85 2.96 -4.10
CA LEU A 42 1.98 2.08 -3.80
C LEU A 42 3.17 2.35 -4.72
N TRP A 43 4.37 2.32 -4.14
CA TRP A 43 5.59 2.56 -4.90
C TRP A 43 6.75 1.76 -4.32
N LEU A 44 7.30 0.86 -5.12
CA LEU A 44 8.44 0.04 -4.70
C LEU A 44 9.75 0.67 -5.13
N LYS A 45 10.56 1.08 -4.17
CA LYS A 45 11.85 1.70 -4.44
C LYS A 45 12.98 0.67 -4.43
N PRO A 46 14.15 1.04 -4.96
CA PRO A 46 14.38 2.34 -5.56
C PRO A 46 13.92 2.40 -7.00
N ASP A 47 12.83 3.12 -7.22
CA ASP A 47 12.22 3.31 -8.54
C ASP A 47 13.05 2.67 -9.66
N MET A 48 12.57 1.54 -10.17
CA MET A 48 13.26 0.84 -11.25
C MET A 48 12.81 1.36 -12.60
N GLY A 49 11.53 1.73 -12.69
CA GLY A 49 10.99 2.25 -13.94
C GLY A 49 10.33 3.59 -13.75
N LYS A 50 10.21 4.03 -12.50
CA LYS A 50 9.59 5.31 -12.18
C LYS A 50 8.08 5.15 -12.02
N LYS A 51 7.49 4.26 -12.81
CA LYS A 51 6.06 4.00 -12.74
C LYS A 51 5.71 3.19 -11.51
N ALA A 52 6.73 2.76 -10.80
CA ALA A 52 6.55 1.96 -9.59
C ALA A 52 5.39 2.49 -8.76
N LYS A 53 5.11 3.79 -8.89
CA LYS A 53 4.03 4.41 -8.15
C LYS A 53 2.68 3.83 -8.56
N HIS A 54 1.68 4.02 -7.69
CA HIS A 54 0.33 3.52 -7.96
C HIS A 54 -0.70 4.24 -7.11
N LYS A 55 -1.97 3.99 -7.42
CA LYS A 55 -3.08 4.61 -6.69
C LYS A 55 -4.36 3.82 -6.90
N THR A 56 -4.93 3.29 -5.82
CA THR A 56 -6.15 2.50 -5.91
C THR A 56 -7.38 3.40 -6.03
N GLN A 57 -8.47 2.82 -6.50
CA GLN A 57 -9.71 3.57 -6.66
C GLN A 57 -9.94 4.50 -5.47
N ILE A 58 -10.52 5.66 -5.75
CA ILE A 58 -10.80 6.64 -4.70
C ILE A 58 -12.02 6.27 -3.88
N LYS A 59 -11.86 6.21 -2.57
CA LYS A 59 -12.95 5.87 -1.66
C LYS A 59 -13.66 7.14 -1.20
N LYS A 60 -14.42 7.75 -2.10
CA LYS A 60 -15.13 8.98 -1.80
C LYS A 60 -15.98 8.85 -0.54
N LYS A 61 -16.05 9.96 0.22
CA LYS A 61 -16.82 10.01 1.46
C LYS A 61 -16.86 8.66 2.16
N THR A 62 -15.77 8.30 2.83
CA THR A 62 -15.68 7.04 3.55
C THR A 62 -14.33 6.90 4.24
N LEU A 63 -14.33 6.29 5.42
CA LEU A 63 -13.10 6.08 6.18
C LEU A 63 -12.84 4.59 6.40
N ASN A 64 -13.85 3.78 6.12
CA ASN A 64 -13.74 2.33 6.28
C ASN A 64 -14.17 1.61 5.01
N PRO A 65 -13.70 2.09 3.85
CA PRO A 65 -14.05 1.51 2.55
C PRO A 65 -13.35 0.18 2.28
N GLU A 66 -13.53 -0.34 1.07
CA GLU A 66 -12.91 -1.58 0.66
C GLU A 66 -12.28 -1.44 -0.72
N PHE A 67 -10.95 -1.57 -0.78
CA PHE A 67 -10.22 -1.44 -2.04
C PHE A 67 -10.29 -2.72 -2.86
N ASN A 68 -9.86 -3.82 -2.26
CA ASN A 68 -9.86 -5.11 -2.93
C ASN A 68 -9.21 -4.98 -4.31
N GLU A 69 -8.06 -4.33 -4.34
CA GLU A 69 -7.33 -4.12 -5.59
C GLU A 69 -6.08 -5.00 -5.64
N GLU A 70 -5.84 -5.62 -6.79
CA GLU A 70 -4.68 -6.49 -6.96
C GLU A 70 -3.68 -5.85 -7.91
N PHE A 71 -2.51 -5.50 -7.39
CA PHE A 71 -1.45 -4.87 -8.18
C PHE A 71 -0.44 -5.89 -8.68
N PHE A 72 0.50 -5.42 -9.49
CA PHE A 72 1.55 -6.26 -10.04
C PHE A 72 2.84 -5.48 -10.22
N TYR A 73 3.88 -5.90 -9.52
CA TYR A 73 5.18 -5.25 -9.60
C TYR A 73 6.11 -6.00 -10.52
N ASP A 74 7.00 -5.27 -11.19
CA ASP A 74 7.94 -5.88 -12.10
C ASP A 74 9.33 -5.95 -11.49
N ILE A 75 9.50 -6.80 -10.49
CA ILE A 75 10.77 -6.96 -9.82
C ILE A 75 11.12 -8.43 -9.63
N LYS A 76 12.40 -8.75 -9.73
CA LYS A 76 12.86 -10.13 -9.56
C LYS A 76 12.83 -10.51 -8.08
N HIS A 77 12.51 -11.77 -7.81
CA HIS A 77 12.45 -12.26 -6.45
C HIS A 77 13.75 -11.97 -5.70
N SER A 78 14.87 -12.24 -6.36
CA SER A 78 16.18 -12.01 -5.75
C SER A 78 16.38 -10.55 -5.40
N ASP A 79 15.58 -9.68 -6.01
CA ASP A 79 15.68 -8.24 -5.76
C ASP A 79 14.57 -7.79 -4.80
N LEU A 80 13.43 -8.47 -4.88
CA LEU A 80 12.29 -8.15 -4.02
C LEU A 80 12.76 -7.66 -2.65
N ALA A 81 13.35 -8.56 -1.88
CA ALA A 81 13.85 -8.24 -0.55
C ALA A 81 14.46 -6.84 -0.47
N LYS A 82 15.42 -6.57 -1.36
CA LYS A 82 16.09 -5.28 -1.38
C LYS A 82 15.12 -4.16 -1.69
N LYS A 83 13.95 -4.53 -2.22
CA LYS A 83 12.95 -3.56 -2.56
C LYS A 83 12.28 -2.98 -1.31
N SER A 84 11.58 -1.87 -1.50
CA SER A 84 10.88 -1.22 -0.40
C SER A 84 9.59 -0.60 -0.92
N LEU A 85 8.47 -1.26 -0.63
CA LEU A 85 7.17 -0.77 -1.08
C LEU A 85 6.68 0.35 -0.16
N ASP A 86 5.82 1.21 -0.71
CA ASP A 86 5.28 2.32 0.05
C ASP A 86 3.77 2.42 -0.12
N ILE A 87 3.04 1.84 0.84
CA ILE A 87 1.59 1.87 0.82
C ILE A 87 1.06 3.07 1.59
N SER A 88 0.84 4.17 0.88
CA SER A 88 0.36 5.40 1.50
C SER A 88 -1.09 5.68 1.11
N VAL A 89 -1.88 6.09 2.11
CA VAL A 89 -3.27 6.41 1.89
C VAL A 89 -3.48 7.92 1.88
N TRP A 90 -4.06 8.43 0.81
CA TRP A 90 -4.29 9.87 0.68
C TRP A 90 -5.78 10.17 0.51
N ASP A 91 -6.21 11.31 1.05
CA ASP A 91 -7.60 11.72 0.93
C ASP A 91 -7.84 12.48 -0.37
N TYR A 92 -8.70 11.92 -1.21
CA TYR A 92 -9.03 12.53 -2.49
C TYR A 92 -10.04 13.66 -2.31
N ASP A 93 -10.13 14.53 -3.31
CA ASP A 93 -11.06 15.65 -3.27
C ASP A 93 -11.34 16.20 -4.67
N ILE A 94 -12.60 16.14 -5.07
CA ILE A 94 -13.01 16.62 -6.39
C ILE A 94 -12.92 18.15 -6.47
N GLY A 95 -12.33 18.65 -7.55
CA GLY A 95 -12.19 20.08 -7.73
C GLY A 95 -11.03 20.66 -6.95
N LYS A 96 -10.45 19.87 -6.06
CA LYS A 96 -9.32 20.31 -5.24
C LYS A 96 -8.19 19.30 -5.28
N SER A 97 -7.14 19.57 -4.51
CA SER A 97 -5.99 18.68 -4.45
C SER A 97 -6.26 17.50 -3.53
N ASN A 98 -5.25 16.66 -3.33
CA ASN A 98 -5.39 15.50 -2.45
C ASN A 98 -4.93 15.82 -1.05
N ASP A 99 -5.03 14.83 -0.16
CA ASP A 99 -4.62 15.00 1.23
C ASP A 99 -3.90 13.76 1.75
N TYR A 100 -2.97 13.96 2.67
CA TYR A 100 -2.22 12.85 3.25
C TYR A 100 -2.89 12.35 4.53
N ILE A 101 -3.35 11.10 4.50
CA ILE A 101 -4.01 10.50 5.64
C ILE A 101 -3.01 9.66 6.46
N GLY A 102 -2.14 8.95 5.75
CA GLY A 102 -1.15 8.12 6.42
C GLY A 102 -0.78 6.90 5.60
N GLY A 103 0.33 6.26 5.97
CA GLY A 103 0.77 5.09 5.24
C GLY A 103 1.88 4.34 5.95
N CYS A 104 2.58 3.47 5.23
CA CYS A 104 3.67 2.69 5.80
C CYS A 104 4.52 2.06 4.71
N GLN A 105 5.82 2.01 4.93
CA GLN A 105 6.75 1.43 3.96
C GLN A 105 6.92 -0.07 4.20
N LEU A 106 6.92 -0.85 3.11
CA LEU A 106 7.08 -2.29 3.22
C LEU A 106 8.31 -2.77 2.46
N GLY A 107 9.41 -2.95 3.18
CA GLY A 107 10.65 -3.42 2.58
C GLY A 107 11.43 -4.30 3.54
N ILE A 108 12.12 -5.29 3.00
CA ILE A 108 12.90 -6.20 3.81
C ILE A 108 13.95 -5.45 4.63
N SER A 109 14.20 -4.19 4.28
CA SER A 109 15.16 -3.38 5.00
C SER A 109 14.49 -2.70 6.19
N ALA A 110 13.29 -3.16 6.51
CA ALA A 110 12.52 -2.62 7.62
C ALA A 110 12.74 -3.40 8.90
N LYS A 111 12.22 -2.88 10.00
CA LYS A 111 12.35 -3.52 11.30
C LYS A 111 11.13 -3.23 12.17
N GLY A 112 10.61 -4.25 12.83
CA GLY A 112 9.46 -4.07 13.69
C GLY A 112 8.33 -5.03 13.36
N GLU A 113 7.86 -4.99 12.12
CA GLU A 113 6.76 -5.85 11.70
C GLU A 113 6.65 -5.93 10.18
N ARG A 114 6.84 -4.79 9.51
CA ARG A 114 6.74 -4.74 8.06
C ARG A 114 7.62 -5.80 7.42
N LEU A 115 8.79 -6.03 7.99
CA LEU A 115 9.72 -7.03 7.47
C LEU A 115 9.05 -8.40 7.42
N LYS A 116 8.23 -8.68 8.43
CA LYS A 116 7.53 -9.97 8.51
C LYS A 116 6.58 -10.13 7.33
N HIS A 117 5.68 -9.18 7.15
CA HIS A 117 4.73 -9.23 6.05
C HIS A 117 5.44 -9.27 4.70
N TRP A 118 6.27 -8.27 4.47
CA TRP A 118 7.03 -8.17 3.23
C TRP A 118 7.92 -9.39 3.03
N TYR A 119 9.06 -9.38 3.70
CA TYR A 119 10.03 -10.47 3.62
C TYR A 119 9.36 -11.84 3.56
N GLU A 120 8.66 -12.23 4.62
CA GLU A 120 8.02 -13.53 4.64
C GLU A 120 7.30 -13.78 3.33
N CYS A 121 6.83 -12.71 2.70
CA CYS A 121 6.15 -12.83 1.41
C CYS A 121 7.10 -13.41 0.38
N LEU A 122 8.37 -12.97 0.45
CA LEU A 122 9.39 -13.46 -0.45
C LEU A 122 9.55 -14.96 -0.31
N LYS A 123 9.31 -15.47 0.88
CA LYS A 123 9.41 -16.89 1.16
C LYS A 123 8.17 -17.60 0.63
N ASN A 124 7.01 -16.97 0.85
CA ASN A 124 5.75 -17.52 0.41
C ASN A 124 5.20 -16.72 -0.76
N LYS A 125 5.89 -16.79 -1.90
CA LYS A 125 5.49 -16.06 -3.09
C LYS A 125 4.19 -16.65 -3.66
N ASP A 126 4.29 -17.82 -4.27
CA ASP A 126 3.14 -18.48 -4.86
C ASP A 126 1.86 -18.20 -4.09
N LYS A 127 1.99 -18.02 -2.78
CA LYS A 127 0.84 -17.73 -1.93
C LYS A 127 0.86 -16.28 -1.47
N LYS A 128 -0.32 -15.71 -1.25
CA LYS A 128 -0.43 -14.33 -0.83
C LYS A 128 -0.18 -14.15 0.66
N ILE A 129 -0.17 -12.89 1.09
CA ILE A 129 0.05 -12.54 2.49
C ILE A 129 -0.79 -11.33 2.85
N GLU A 130 -1.70 -11.49 3.79
CA GLU A 130 -2.58 -10.39 4.20
C GLU A 130 -2.32 -9.95 5.63
N ARG A 131 -2.18 -8.64 5.82
CA ARG A 131 -1.94 -8.07 7.14
C ARG A 131 -2.43 -6.62 7.20
N TRP A 132 -2.57 -6.11 8.42
CA TRP A 132 -3.02 -4.74 8.61
C TRP A 132 -1.86 -3.82 8.97
N HIS A 133 -1.79 -2.67 8.30
CA HIS A 133 -0.73 -1.71 8.56
C HIS A 133 -1.30 -0.41 9.11
N GLN A 134 -0.73 0.06 10.22
CA GLN A 134 -1.18 1.30 10.83
C GLN A 134 -0.66 2.51 10.05
N LEU A 135 -1.58 3.34 9.59
CA LEU A 135 -1.21 4.52 8.81
C LEU A 135 -0.41 5.50 9.65
N GLN A 136 0.73 5.91 9.11
CA GLN A 136 1.61 6.86 9.80
C GLN A 136 1.90 8.06 8.90
N ASN A 137 2.37 9.14 9.50
CA ASN A 137 2.69 10.35 8.75
C ASN A 137 4.20 10.53 8.61
N GLU A 138 4.72 10.26 7.42
CA GLU A 138 6.15 10.38 7.17
C GLU A 138 6.43 11.43 6.10
N ASN A 139 5.93 11.18 4.89
CA ASN A 139 6.13 12.10 3.78
C ASN A 139 5.15 13.27 3.86
N HIS A 140 5.49 14.26 4.68
CA HIS A 140 4.65 15.44 4.84
C HIS A 140 5.46 16.62 5.38
N ARG A 1 -5.80 9.49 11.25
CA ARG A 1 -5.23 8.42 10.39
C ARG A 1 -5.77 7.05 10.79
N GLY A 2 -5.92 6.18 9.81
CA GLY A 2 -6.43 4.85 10.07
C GLY A 2 -5.44 3.76 9.71
N LYS A 3 -5.96 2.62 9.25
CA LYS A 3 -5.12 1.50 8.85
C LYS A 3 -5.55 0.97 7.49
N ILE A 4 -4.64 0.28 6.81
CA ILE A 4 -4.94 -0.27 5.49
C ILE A 4 -4.46 -1.71 5.36
N LEU A 5 -5.39 -2.60 5.01
CA LEU A 5 -5.07 -4.01 4.84
C LEU A 5 -4.43 -4.26 3.49
N VAL A 6 -3.20 -4.78 3.51
CA VAL A 6 -2.48 -5.05 2.27
C VAL A 6 -2.18 -6.54 2.14
N SER A 7 -2.38 -7.07 0.93
CA SER A 7 -2.12 -8.47 0.66
C SER A 7 -0.93 -8.64 -0.28
N LEU A 8 0.11 -9.32 0.18
CA LEU A 8 1.31 -9.53 -0.63
C LEU A 8 1.32 -10.92 -1.26
N MET A 9 2.08 -11.06 -2.34
CA MET A 9 2.20 -12.33 -3.06
C MET A 9 3.05 -12.16 -4.31
N TYR A 10 4.09 -12.98 -4.43
CA TYR A 10 4.97 -12.90 -5.58
C TYR A 10 4.71 -14.04 -6.56
N SER A 11 4.57 -13.69 -7.84
CA SER A 11 4.32 -14.67 -8.88
C SER A 11 5.58 -14.92 -9.70
N THR A 12 6.50 -15.71 -9.14
CA THR A 12 7.75 -16.03 -9.82
C THR A 12 7.48 -16.38 -11.28
N GLN A 13 6.34 -17.04 -11.51
CA GLN A 13 5.95 -17.41 -12.84
C GLN A 13 5.95 -16.18 -13.74
N GLN A 14 5.19 -15.18 -13.32
CA GLN A 14 5.09 -13.93 -14.06
C GLN A 14 6.36 -13.11 -13.87
N GLY A 15 7.16 -13.48 -12.88
CA GLY A 15 8.40 -12.78 -12.60
C GLY A 15 8.16 -11.41 -12.01
N GLY A 16 7.21 -11.32 -11.09
CA GLY A 16 6.91 -10.05 -10.46
C GLY A 16 6.17 -10.21 -9.14
N LEU A 17 6.12 -9.14 -8.36
CA LEU A 17 5.44 -9.15 -7.07
C LEU A 17 3.98 -8.77 -7.23
N ILE A 18 3.17 -9.15 -6.25
CA ILE A 18 1.75 -8.84 -6.29
C ILE A 18 1.31 -8.14 -5.01
N VAL A 19 0.71 -6.97 -5.16
CA VAL A 19 0.25 -6.18 -4.02
C VAL A 19 -1.27 -6.08 -4.03
N GLY A 20 -1.90 -6.51 -2.94
CA GLY A 20 -3.35 -6.46 -2.87
C GLY A 20 -3.86 -5.46 -1.86
N ILE A 21 -4.55 -4.44 -2.34
CA ILE A 21 -5.14 -3.42 -1.47
C ILE A 21 -6.56 -3.79 -1.10
N ILE A 22 -6.72 -4.46 0.04
CA ILE A 22 -8.03 -4.90 0.49
C ILE A 22 -8.89 -3.75 0.98
N ARG A 23 -8.60 -3.25 2.17
CA ARG A 23 -9.39 -2.16 2.74
C ARG A 23 -8.60 -1.34 3.76
N CYS A 24 -9.25 -0.31 4.28
CA CYS A 24 -8.66 0.55 5.29
C CYS A 24 -9.67 0.83 6.40
N VAL A 25 -9.18 1.24 7.56
CA VAL A 25 -10.08 1.50 8.68
C VAL A 25 -9.55 2.62 9.59
N HIS A 26 -10.48 3.39 10.13
CA HIS A 26 -10.14 4.50 11.03
C HIS A 26 -9.40 5.61 10.29
N LEU A 27 -9.82 5.88 9.06
CA LEU A 27 -9.20 6.92 8.26
C LEU A 27 -9.63 8.30 8.71
N ALA A 28 -8.80 9.29 8.41
CA ALA A 28 -9.10 10.68 8.78
C ALA A 28 -10.13 11.29 7.84
N ALA A 29 -10.68 12.43 8.22
CA ALA A 29 -11.68 13.11 7.42
C ALA A 29 -11.23 14.52 7.04
N MET A 30 -11.11 14.77 5.74
CA MET A 30 -10.70 16.07 5.24
C MET A 30 -11.92 16.97 5.00
N ASP A 31 -13.06 16.34 4.79
CA ASP A 31 -14.30 17.07 4.54
C ASP A 31 -14.90 17.59 5.85
N ALA A 32 -15.89 18.47 5.72
CA ALA A 32 -16.55 19.05 6.89
C ALA A 32 -17.61 18.10 7.43
N ASN A 33 -17.91 17.05 6.67
CA ASN A 33 -18.90 16.07 7.09
C ASN A 33 -18.31 15.06 8.06
N GLY A 34 -16.99 15.11 8.21
CA GLY A 34 -16.32 14.20 9.11
C GLY A 34 -15.78 12.96 8.41
N TYR A 35 -15.84 12.98 7.08
CA TYR A 35 -15.36 11.85 6.29
C TYR A 35 -14.23 12.26 5.35
N SER A 36 -13.89 11.37 4.42
CA SER A 36 -12.82 11.64 3.46
C SER A 36 -12.96 10.76 2.22
N ASP A 37 -12.06 10.98 1.25
CA ASP A 37 -12.05 10.21 0.01
C ASP A 37 -10.70 9.54 -0.15
N PRO A 38 -10.31 8.74 0.84
CA PRO A 38 -9.01 8.06 0.87
C PRO A 38 -8.82 6.98 -0.18
N PHE A 39 -7.59 6.94 -0.70
CA PHE A 39 -7.16 5.97 -1.69
C PHE A 39 -5.74 5.54 -1.33
N VAL A 40 -5.27 4.42 -1.85
CA VAL A 40 -3.92 3.98 -1.50
C VAL A 40 -2.97 4.00 -2.69
N LYS A 41 -1.76 4.47 -2.44
CA LYS A 41 -0.73 4.55 -3.46
C LYS A 41 0.45 3.66 -3.06
N LEU A 42 0.92 2.85 -4.00
CA LEU A 42 2.03 1.94 -3.74
C LEU A 42 3.21 2.23 -4.64
N TRP A 43 4.40 2.25 -4.05
CA TRP A 43 5.62 2.51 -4.80
C TRP A 43 6.79 1.72 -4.23
N LEU A 44 7.35 0.84 -5.04
CA LEU A 44 8.48 0.01 -4.62
C LEU A 44 9.80 0.69 -4.94
N LYS A 45 10.48 1.16 -3.90
CA LYS A 45 11.76 1.84 -4.07
C LYS A 45 12.90 0.83 -4.21
N PRO A 46 14.01 1.24 -4.81
CA PRO A 46 14.20 2.59 -5.35
C PRO A 46 13.83 2.68 -6.82
N ASP A 47 12.68 3.29 -7.08
CA ASP A 47 12.16 3.49 -8.45
C ASP A 47 13.01 2.79 -9.51
N MET A 48 12.46 1.76 -10.12
CA MET A 48 13.16 1.00 -11.14
C MET A 48 12.87 1.57 -12.53
N GLY A 49 11.63 2.02 -12.73
CA GLY A 49 11.25 2.57 -14.01
C GLY A 49 10.45 3.85 -13.88
N LYS A 50 10.26 4.31 -12.65
CA LYS A 50 9.52 5.53 -12.38
C LYS A 50 8.03 5.24 -12.24
N LYS A 51 7.58 4.16 -12.86
CA LYS A 51 6.17 3.78 -12.81
C LYS A 51 5.87 2.98 -11.54
N ALA A 52 6.89 2.81 -10.69
CA ALA A 52 6.72 2.07 -9.45
C ALA A 52 5.55 2.61 -8.63
N LYS A 53 5.21 3.87 -8.86
CA LYS A 53 4.11 4.50 -8.15
C LYS A 53 2.78 3.87 -8.54
N HIS A 54 1.80 3.93 -7.63
CA HIS A 54 0.49 3.37 -7.89
C HIS A 54 -0.59 4.07 -7.08
N LYS A 55 -1.85 3.77 -7.40
CA LYS A 55 -2.99 4.36 -6.71
C LYS A 55 -4.24 3.50 -6.92
N THR A 56 -4.90 3.13 -5.83
CA THR A 56 -6.10 2.31 -5.92
C THR A 56 -7.33 3.18 -6.10
N GLN A 57 -8.43 2.55 -6.49
CA GLN A 57 -9.69 3.27 -6.69
C GLN A 57 -9.93 4.23 -5.53
N ILE A 58 -10.55 5.36 -5.82
CA ILE A 58 -10.84 6.36 -4.79
C ILE A 58 -12.07 5.98 -3.96
N LYS A 59 -11.93 6.07 -2.65
CA LYS A 59 -13.03 5.75 -1.73
C LYS A 59 -13.70 7.03 -1.27
N LYS A 60 -14.49 7.62 -2.14
CA LYS A 60 -15.19 8.88 -1.84
C LYS A 60 -16.04 8.78 -0.58
N LYS A 61 -16.11 9.88 0.15
CA LYS A 61 -16.89 9.96 1.38
C LYS A 61 -16.87 8.64 2.15
N THR A 62 -15.76 8.36 2.82
CA THR A 62 -15.62 7.15 3.60
C THR A 62 -14.24 7.06 4.24
N LEU A 63 -14.19 6.52 5.45
CA LEU A 63 -12.93 6.38 6.18
C LEU A 63 -12.62 4.91 6.46
N ASN A 64 -13.62 4.06 6.23
CA ASN A 64 -13.46 2.62 6.45
C ASN A 64 -13.97 1.84 5.23
N PRO A 65 -13.54 2.25 4.03
CA PRO A 65 -13.95 1.61 2.76
C PRO A 65 -13.26 0.28 2.50
N GLU A 66 -13.45 -0.23 1.29
CA GLU A 66 -12.85 -1.50 0.87
C GLU A 66 -12.31 -1.38 -0.54
N PHE A 67 -10.99 -1.45 -0.68
CA PHE A 67 -10.35 -1.35 -1.99
C PHE A 67 -10.44 -2.66 -2.76
N ASN A 68 -9.89 -3.72 -2.17
CA ASN A 68 -9.91 -5.03 -2.81
C ASN A 68 -9.26 -4.95 -4.19
N GLU A 69 -8.11 -4.28 -4.26
CA GLU A 69 -7.40 -4.13 -5.53
C GLU A 69 -6.16 -5.02 -5.57
N GLU A 70 -5.95 -5.67 -6.72
CA GLU A 70 -4.81 -6.55 -6.89
C GLU A 70 -3.78 -5.92 -7.83
N PHE A 71 -2.60 -5.62 -7.30
CA PHE A 71 -1.54 -4.99 -8.07
C PHE A 71 -0.52 -6.01 -8.57
N PHE A 72 0.44 -5.51 -9.34
CA PHE A 72 1.51 -6.36 -9.88
C PHE A 72 2.78 -5.53 -10.08
N TYR A 73 3.87 -5.97 -9.44
CA TYR A 73 5.13 -5.27 -9.55
C TYR A 73 6.08 -6.00 -10.48
N ASP A 74 6.98 -5.26 -11.10
CA ASP A 74 7.93 -5.84 -12.04
C ASP A 74 9.34 -5.87 -11.44
N ILE A 75 9.50 -6.64 -10.38
CA ILE A 75 10.80 -6.77 -9.73
C ILE A 75 11.18 -8.23 -9.56
N LYS A 76 12.47 -8.52 -9.70
CA LYS A 76 12.97 -9.88 -9.57
C LYS A 76 12.97 -10.30 -8.10
N HIS A 77 12.44 -11.49 -7.83
CA HIS A 77 12.38 -11.99 -6.47
C HIS A 77 13.70 -11.78 -5.74
N SER A 78 14.79 -12.13 -6.40
CA SER A 78 16.12 -11.99 -5.82
C SER A 78 16.38 -10.53 -5.42
N ASP A 79 15.56 -9.62 -5.94
CA ASP A 79 15.71 -8.20 -5.64
C ASP A 79 14.62 -7.74 -4.68
N LEU A 80 13.47 -8.40 -4.74
CA LEU A 80 12.33 -8.07 -3.88
C LEU A 80 12.84 -7.64 -2.50
N ALA A 81 13.40 -8.59 -1.77
CA ALA A 81 13.92 -8.33 -0.43
C ALA A 81 14.55 -6.94 -0.32
N LYS A 82 15.42 -6.60 -1.27
CA LYS A 82 16.10 -5.30 -1.25
C LYS A 82 15.13 -4.16 -1.48
N LYS A 83 13.99 -4.47 -2.09
CA LYS A 83 12.99 -3.46 -2.37
C LYS A 83 12.32 -2.97 -1.09
N SER A 84 11.47 -1.97 -1.24
CA SER A 84 10.75 -1.39 -0.11
C SER A 84 9.37 -0.91 -0.56
N LEU A 85 8.34 -1.67 -0.21
CA LEU A 85 6.98 -1.32 -0.58
C LEU A 85 6.41 -0.25 0.34
N ASP A 86 6.16 0.93 -0.23
CA ASP A 86 5.62 2.04 0.53
C ASP A 86 4.13 2.24 0.24
N ILE A 87 3.28 1.76 1.13
CA ILE A 87 1.84 1.88 0.98
C ILE A 87 1.33 3.15 1.66
N SER A 88 0.92 4.12 0.86
CA SER A 88 0.42 5.38 1.39
C SER A 88 -1.05 5.58 1.06
N VAL A 89 -1.74 6.35 1.91
CA VAL A 89 -3.16 6.62 1.71
C VAL A 89 -3.42 8.13 1.73
N TRP A 90 -4.05 8.63 0.68
CA TRP A 90 -4.35 10.06 0.56
C TRP A 90 -5.86 10.29 0.45
N ASP A 91 -6.34 11.36 1.07
CA ASP A 91 -7.75 11.71 1.01
C ASP A 91 -8.06 12.50 -0.26
N TYR A 92 -8.72 11.84 -1.20
CA TYR A 92 -9.08 12.46 -2.47
C TYR A 92 -9.96 13.68 -2.24
N ASP A 93 -10.12 14.50 -3.29
CA ASP A 93 -10.95 15.70 -3.21
C ASP A 93 -11.37 16.15 -4.60
N ILE A 94 -12.68 16.18 -4.83
CA ILE A 94 -13.21 16.60 -6.12
C ILE A 94 -13.21 18.12 -6.25
N GLY A 95 -12.82 18.60 -7.43
CA GLY A 95 -12.78 20.04 -7.66
C GLY A 95 -11.80 20.75 -6.74
N LYS A 96 -10.93 19.98 -6.10
CA LYS A 96 -9.94 20.54 -5.19
C LYS A 96 -8.72 19.63 -5.07
N SER A 97 -7.76 20.03 -4.24
CA SER A 97 -6.55 19.25 -4.04
C SER A 97 -6.80 18.12 -3.04
N ASN A 98 -5.97 17.07 -3.14
CA ASN A 98 -6.10 15.92 -2.26
C ASN A 98 -5.50 16.23 -0.88
N ASP A 99 -5.24 15.18 -0.11
CA ASP A 99 -4.66 15.33 1.22
C ASP A 99 -4.00 14.04 1.68
N TYR A 100 -2.87 14.16 2.35
CA TYR A 100 -2.13 12.99 2.84
C TYR A 100 -2.72 12.52 4.17
N ILE A 101 -3.26 11.31 4.17
CA ILE A 101 -3.84 10.75 5.37
C ILE A 101 -2.82 9.94 6.16
N GLY A 102 -1.99 9.17 5.44
CA GLY A 102 -0.97 8.38 6.09
C GLY A 102 -0.55 7.17 5.28
N GLY A 103 0.52 6.51 5.69
CA GLY A 103 0.99 5.34 4.97
C GLY A 103 2.00 4.54 5.77
N CYS A 104 2.49 3.45 5.18
CA CYS A 104 3.47 2.59 5.84
C CYS A 104 4.48 2.03 4.84
N GLN A 105 5.63 1.62 5.33
CA GLN A 105 6.67 1.06 4.49
C GLN A 105 6.82 -0.43 4.72
N LEU A 106 7.16 -1.17 3.66
CA LEU A 106 7.32 -2.61 3.77
C LEU A 106 8.56 -3.08 3.01
N GLY A 107 9.69 -3.15 3.70
CA GLY A 107 10.92 -3.59 3.08
C GLY A 107 11.67 -4.58 3.96
N ILE A 108 12.34 -5.54 3.33
CA ILE A 108 13.07 -6.55 4.06
C ILE A 108 14.16 -5.93 4.94
N SER A 109 14.44 -4.65 4.70
CA SER A 109 15.45 -3.94 5.49
C SER A 109 14.82 -3.36 6.76
N ALA A 110 13.60 -3.81 7.05
CA ALA A 110 12.88 -3.36 8.23
C ALA A 110 13.07 -4.31 9.40
N LYS A 111 12.23 -4.16 10.43
CA LYS A 111 12.30 -5.03 11.60
C LYS A 111 10.92 -5.19 12.24
N GLY A 112 10.55 -6.42 12.54
CA GLY A 112 9.25 -6.67 13.15
C GLY A 112 8.22 -7.18 12.16
N GLU A 113 7.18 -6.38 11.95
CA GLU A 113 6.11 -6.75 11.02
C GLU A 113 6.48 -6.36 9.59
N ARG A 114 6.93 -5.12 9.41
CA ARG A 114 7.32 -4.63 8.10
C ARG A 114 8.13 -5.67 7.35
N LEU A 115 8.89 -6.46 8.11
CA LEU A 115 9.72 -7.51 7.54
C LEU A 115 8.95 -8.82 7.44
N LYS A 116 8.29 -9.20 8.53
CA LYS A 116 7.52 -10.43 8.57
C LYS A 116 6.63 -10.58 7.34
N HIS A 117 5.64 -9.70 7.22
CA HIS A 117 4.72 -9.73 6.08
C HIS A 117 5.48 -9.66 4.76
N TRP A 118 6.33 -8.66 4.63
CA TRP A 118 7.10 -8.47 3.42
C TRP A 118 8.02 -9.67 3.15
N TYR A 119 9.12 -9.73 3.89
CA TYR A 119 10.10 -10.80 3.75
C TYR A 119 9.44 -12.17 3.67
N GLU A 120 8.78 -12.60 4.73
CA GLU A 120 8.15 -13.91 4.74
C GLU A 120 7.43 -14.16 3.43
N CYS A 121 6.91 -13.08 2.83
CA CYS A 121 6.23 -13.19 1.55
C CYS A 121 7.20 -13.69 0.49
N LEU A 122 8.41 -13.14 0.52
CA LEU A 122 9.45 -13.54 -0.42
C LEU A 122 9.63 -15.05 -0.39
N LYS A 123 9.39 -15.63 0.78
CA LYS A 123 9.50 -17.07 0.95
C LYS A 123 8.24 -17.76 0.44
N ASN A 124 7.10 -17.13 0.73
CA ASN A 124 5.82 -17.65 0.30
C ASN A 124 5.32 -16.92 -0.94
N LYS A 125 6.00 -17.13 -2.06
CA LYS A 125 5.64 -16.47 -3.31
C LYS A 125 4.21 -16.80 -3.72
N ASP A 126 4.02 -17.98 -4.31
CA ASP A 126 2.70 -18.41 -4.76
C ASP A 126 1.63 -18.19 -3.69
N LYS A 127 2.05 -18.07 -2.45
CA LYS A 127 1.12 -17.86 -1.34
C LYS A 127 1.04 -16.38 -0.99
N LYS A 128 -0.19 -15.88 -0.86
CA LYS A 128 -0.40 -14.47 -0.54
C LYS A 128 -0.26 -14.22 0.96
N ILE A 129 -0.09 -12.95 1.32
CA ILE A 129 0.06 -12.56 2.71
C ILE A 129 -0.74 -11.30 3.01
N GLU A 130 -1.72 -11.42 3.90
CA GLU A 130 -2.56 -10.29 4.26
C GLU A 130 -2.26 -9.78 5.67
N ARG A 131 -2.09 -8.48 5.79
CA ARG A 131 -1.78 -7.87 7.09
C ARG A 131 -2.29 -6.43 7.16
N TRP A 132 -2.41 -5.92 8.38
CA TRP A 132 -2.88 -4.56 8.60
C TRP A 132 -1.71 -3.64 8.94
N HIS A 133 -1.68 -2.47 8.31
CA HIS A 133 -0.61 -1.50 8.54
C HIS A 133 -1.17 -0.18 9.06
N GLN A 134 -0.59 0.31 10.15
CA GLN A 134 -1.02 1.56 10.75
C GLN A 134 -0.49 2.74 9.92
N LEU A 135 -1.41 3.56 9.42
CA LEU A 135 -1.03 4.71 8.61
C LEU A 135 -0.05 5.61 9.34
N GLN A 136 1.05 5.91 8.68
CA GLN A 136 2.09 6.76 9.25
C GLN A 136 2.09 8.14 8.59
N ASN A 137 3.00 9.00 9.02
CA ASN A 137 3.12 10.35 8.47
C ASN A 137 4.51 10.57 7.88
N GLU A 138 4.57 10.76 6.57
CA GLU A 138 5.85 10.98 5.89
C GLU A 138 6.18 12.47 5.83
N ASN A 139 5.56 13.18 4.88
CA ASN A 139 5.79 14.60 4.71
C ASN A 139 4.48 15.35 4.55
N HIS A 140 4.57 16.63 4.17
CA HIS A 140 3.39 17.45 3.98
C HIS A 140 2.89 17.36 2.54
N ARG A 1 -5.23 7.61 12.75
CA ARG A 1 -5.16 7.86 11.28
C ARG A 1 -5.87 6.77 10.49
N GLY A 2 -6.01 5.60 11.11
CA GLY A 2 -6.68 4.49 10.45
C GLY A 2 -5.72 3.36 10.10
N LYS A 3 -6.26 2.30 9.53
CA LYS A 3 -5.45 1.15 9.14
C LYS A 3 -5.87 0.62 7.78
N ILE A 4 -4.89 0.26 6.96
CA ILE A 4 -5.17 -0.27 5.63
C ILE A 4 -4.68 -1.70 5.47
N LEU A 5 -5.58 -2.59 5.09
CA LEU A 5 -5.24 -3.99 4.90
C LEU A 5 -4.56 -4.20 3.56
N VAL A 6 -3.35 -4.75 3.60
CA VAL A 6 -2.60 -5.00 2.38
C VAL A 6 -2.26 -6.47 2.24
N SER A 7 -2.41 -7.01 1.03
CA SER A 7 -2.12 -8.40 0.77
C SER A 7 -0.93 -8.52 -0.18
N LEU A 8 0.17 -9.08 0.32
CA LEU A 8 1.38 -9.24 -0.48
C LEU A 8 1.50 -10.66 -1.03
N MET A 9 2.21 -10.79 -2.14
CA MET A 9 2.41 -12.07 -2.79
C MET A 9 3.27 -11.92 -4.03
N TYR A 10 4.22 -12.83 -4.20
CA TYR A 10 5.10 -12.77 -5.37
C TYR A 10 4.84 -13.97 -6.29
N SER A 11 4.71 -13.69 -7.57
CA SER A 11 4.47 -14.72 -8.56
C SER A 11 5.74 -15.04 -9.35
N THR A 12 6.55 -15.94 -8.82
CA THR A 12 7.79 -16.34 -9.49
C THR A 12 7.52 -16.79 -10.91
N GLN A 13 6.40 -17.48 -11.08
CA GLN A 13 6.00 -17.96 -12.39
C GLN A 13 6.11 -16.84 -13.41
N GLN A 14 5.60 -15.67 -13.02
CA GLN A 14 5.64 -14.50 -13.88
C GLN A 14 6.91 -13.70 -13.64
N GLY A 15 7.53 -13.93 -12.49
CA GLY A 15 8.75 -13.21 -12.14
C GLY A 15 8.49 -11.80 -11.67
N GLY A 16 7.41 -11.63 -10.91
CA GLY A 16 7.07 -10.30 -10.40
C GLY A 16 6.39 -10.35 -9.05
N LEU A 17 6.21 -9.19 -8.44
CA LEU A 17 5.58 -9.10 -7.13
C LEU A 17 4.10 -8.77 -7.28
N ILE A 18 3.34 -9.04 -6.22
CA ILE A 18 1.90 -8.77 -6.23
C ILE A 18 1.47 -8.01 -4.98
N VAL A 19 0.69 -6.96 -5.18
CA VAL A 19 0.20 -6.14 -4.08
C VAL A 19 -1.32 -6.11 -4.06
N GLY A 20 -1.91 -6.55 -2.96
CA GLY A 20 -3.35 -6.58 -2.86
C GLY A 20 -3.91 -5.58 -1.87
N ILE A 21 -4.64 -4.61 -2.38
CA ILE A 21 -5.25 -3.58 -1.54
C ILE A 21 -6.68 -3.99 -1.17
N ILE A 22 -6.84 -4.57 0.00
CA ILE A 22 -8.15 -5.04 0.45
C ILE A 22 -9.05 -3.90 0.90
N ARG A 23 -8.77 -3.35 2.09
CA ARG A 23 -9.58 -2.27 2.62
C ARG A 23 -8.86 -1.48 3.71
N CYS A 24 -9.48 -0.39 4.14
CA CYS A 24 -8.92 0.45 5.19
C CYS A 24 -9.97 0.68 6.28
N VAL A 25 -9.53 1.08 7.46
CA VAL A 25 -10.46 1.31 8.56
C VAL A 25 -10.00 2.44 9.49
N HIS A 26 -10.98 3.17 10.01
CA HIS A 26 -10.71 4.28 10.93
C HIS A 26 -9.87 5.37 10.27
N LEU A 27 -10.30 5.82 9.10
CA LEU A 27 -9.58 6.87 8.38
C LEU A 27 -10.08 8.25 8.79
N ALA A 28 -9.15 9.19 8.89
CA ALA A 28 -9.49 10.56 9.29
C ALA A 28 -10.25 11.28 8.18
N ALA A 29 -11.07 12.25 8.58
CA ALA A 29 -11.86 13.02 7.63
C ALA A 29 -11.39 14.47 7.57
N MET A 30 -10.75 14.84 6.47
CA MET A 30 -10.25 16.20 6.30
C MET A 30 -11.34 17.11 5.74
N ASP A 31 -12.30 16.51 5.05
CA ASP A 31 -13.41 17.26 4.47
C ASP A 31 -14.29 17.86 5.56
N ALA A 32 -15.00 18.93 5.23
CA ALA A 32 -15.87 19.59 6.19
C ALA A 32 -17.15 18.80 6.42
N ASN A 33 -17.25 17.64 5.77
CA ASN A 33 -18.42 16.78 5.91
C ASN A 33 -18.20 15.76 7.02
N GLY A 34 -16.97 15.67 7.52
CA GLY A 34 -16.66 14.73 8.58
C GLY A 34 -16.10 13.43 8.04
N TYR A 35 -15.98 13.35 6.72
CA TYR A 35 -15.43 12.16 6.07
C TYR A 35 -14.23 12.48 5.20
N SER A 36 -13.82 11.49 4.41
CA SER A 36 -12.67 11.67 3.52
C SER A 36 -12.82 10.80 2.27
N ASP A 37 -11.93 11.03 1.29
CA ASP A 37 -11.95 10.27 0.04
C ASP A 37 -10.67 9.47 -0.05
N PRO A 38 -10.49 8.52 0.87
CA PRO A 38 -9.28 7.70 0.96
C PRO A 38 -9.07 6.73 -0.20
N PHE A 39 -7.82 6.70 -0.65
CA PHE A 39 -7.36 5.80 -1.70
C PHE A 39 -5.94 5.41 -1.37
N VAL A 40 -5.43 4.32 -1.94
CA VAL A 40 -4.08 3.90 -1.61
C VAL A 40 -3.13 3.93 -2.80
N LYS A 41 -1.92 4.43 -2.54
CA LYS A 41 -0.89 4.50 -3.56
C LYS A 41 0.28 3.62 -3.17
N LEU A 42 0.77 2.82 -4.10
CA LEU A 42 1.89 1.91 -3.82
C LEU A 42 3.07 2.20 -4.74
N TRP A 43 4.26 2.24 -4.15
CA TRP A 43 5.47 2.49 -4.92
C TRP A 43 6.65 1.69 -4.36
N LEU A 44 7.23 0.85 -5.22
CA LEU A 44 8.36 0.01 -4.83
C LEU A 44 9.69 0.66 -5.23
N LYS A 45 10.43 1.12 -4.24
CA LYS A 45 11.72 1.76 -4.48
C LYS A 45 12.84 0.72 -4.42
N PRO A 46 14.01 1.03 -5.01
CA PRO A 46 14.27 2.30 -5.69
C PRO A 46 13.69 2.31 -7.09
N ASP A 47 12.65 3.10 -7.26
CA ASP A 47 11.96 3.25 -8.55
C ASP A 47 12.88 2.90 -9.72
N MET A 48 12.62 1.75 -10.34
CA MET A 48 13.41 1.31 -11.48
C MET A 48 12.96 2.02 -12.74
N GLY A 49 11.71 2.47 -12.74
CA GLY A 49 11.16 3.17 -13.88
C GLY A 49 10.33 4.36 -13.46
N LYS A 50 9.20 4.54 -14.11
CA LYS A 50 8.31 5.65 -13.79
C LYS A 50 6.89 5.15 -13.58
N LYS A 51 6.72 3.84 -13.53
CA LYS A 51 5.42 3.23 -13.32
C LYS A 51 5.38 2.45 -12.01
N ALA A 52 6.41 2.62 -11.20
CA ALA A 52 6.48 1.94 -9.91
C ALA A 52 5.41 2.44 -8.96
N LYS A 53 4.86 3.61 -9.27
CA LYS A 53 3.82 4.21 -8.44
C LYS A 53 2.45 3.64 -8.80
N HIS A 54 1.50 3.74 -7.86
CA HIS A 54 0.15 3.23 -8.08
C HIS A 54 -0.86 3.97 -7.23
N LYS A 55 -2.14 3.71 -7.50
CA LYS A 55 -3.22 4.34 -6.76
C LYS A 55 -4.51 3.53 -6.92
N THR A 56 -5.05 3.05 -5.79
CA THR A 56 -6.28 2.27 -5.81
C THR A 56 -7.49 3.15 -6.06
N GLN A 57 -8.60 2.53 -6.42
CA GLN A 57 -9.82 3.28 -6.68
C GLN A 57 -10.11 4.24 -5.55
N ILE A 58 -10.58 5.43 -5.90
CA ILE A 58 -10.90 6.45 -4.89
C ILE A 58 -12.26 6.20 -4.28
N LYS A 59 -12.29 5.99 -2.96
CA LYS A 59 -13.54 5.75 -2.26
C LYS A 59 -14.03 7.03 -1.59
N LYS A 60 -14.28 8.04 -2.41
CA LYS A 60 -14.75 9.34 -1.92
C LYS A 60 -15.91 9.19 -0.95
N LYS A 61 -15.88 9.97 0.13
CA LYS A 61 -16.94 9.95 1.13
C LYS A 61 -16.95 8.64 1.93
N THR A 62 -15.88 8.38 2.66
CA THR A 62 -15.79 7.17 3.47
C THR A 62 -14.45 7.09 4.20
N LEU A 63 -14.46 6.47 5.37
CA LEU A 63 -13.26 6.30 6.18
C LEU A 63 -12.93 4.83 6.38
N ASN A 64 -13.89 3.97 6.07
CA ASN A 64 -13.71 2.53 6.23
C ASN A 64 -14.20 1.79 4.99
N PRO A 65 -13.72 2.20 3.81
CA PRO A 65 -14.10 1.60 2.53
C PRO A 65 -13.40 0.27 2.26
N GLU A 66 -13.71 -0.32 1.12
CA GLU A 66 -13.11 -1.59 0.72
C GLU A 66 -12.55 -1.50 -0.69
N PHE A 67 -11.25 -1.69 -0.82
CA PHE A 67 -10.57 -1.62 -2.11
C PHE A 67 -10.61 -2.95 -2.84
N ASN A 68 -10.01 -3.97 -2.23
CA ASN A 68 -9.97 -5.31 -2.84
C ASN A 68 -9.34 -5.24 -4.22
N GLU A 69 -8.22 -4.53 -4.31
CA GLU A 69 -7.53 -4.37 -5.59
C GLU A 69 -6.24 -5.18 -5.60
N GLU A 70 -6.05 -5.95 -6.67
CA GLU A 70 -4.85 -6.77 -6.81
C GLU A 70 -3.89 -6.13 -7.81
N PHE A 71 -2.68 -5.85 -7.35
CA PHE A 71 -1.66 -5.22 -8.18
C PHE A 71 -0.62 -6.23 -8.66
N PHE A 72 0.33 -5.73 -9.45
CA PHE A 72 1.40 -6.55 -9.98
C PHE A 72 2.65 -5.71 -10.21
N TYR A 73 3.75 -6.10 -9.56
CA TYR A 73 5.00 -5.38 -9.70
C TYR A 73 5.94 -6.11 -10.65
N ASP A 74 6.85 -5.37 -11.27
CA ASP A 74 7.79 -5.96 -12.20
C ASP A 74 9.20 -5.98 -11.63
N ILE A 75 9.38 -6.77 -10.57
CA ILE A 75 10.68 -6.89 -9.92
C ILE A 75 11.05 -8.35 -9.71
N LYS A 76 12.31 -8.68 -9.93
CA LYS A 76 12.79 -10.05 -9.75
C LYS A 76 12.87 -10.39 -8.26
N HIS A 77 12.32 -11.53 -7.90
CA HIS A 77 12.32 -11.97 -6.51
C HIS A 77 13.67 -11.69 -5.85
N SER A 78 14.74 -12.14 -6.49
CA SER A 78 16.09 -11.94 -5.96
C SER A 78 16.34 -10.48 -5.63
N ASP A 79 15.53 -9.59 -6.21
CA ASP A 79 15.67 -8.16 -5.96
C ASP A 79 14.61 -7.67 -4.98
N LEU A 80 13.45 -8.33 -5.00
CA LEU A 80 12.35 -7.98 -4.12
C LEU A 80 12.87 -7.50 -2.77
N ALA A 81 13.49 -8.42 -2.04
CA ALA A 81 14.06 -8.09 -0.72
C ALA A 81 14.71 -6.72 -0.71
N LYS A 82 15.55 -6.45 -1.72
CA LYS A 82 16.25 -5.18 -1.80
C LYS A 82 15.29 -4.03 -2.05
N LYS A 83 14.08 -4.37 -2.48
CA LYS A 83 13.06 -3.37 -2.75
C LYS A 83 12.49 -2.79 -1.46
N SER A 84 11.51 -1.91 -1.62
CA SER A 84 10.85 -1.29 -0.50
C SER A 84 9.49 -0.73 -0.92
N LEU A 85 8.43 -1.44 -0.57
CA LEU A 85 7.08 -1.02 -0.94
C LEU A 85 6.57 0.08 -0.01
N ASP A 86 5.92 1.07 -0.60
CA ASP A 86 5.38 2.19 0.18
C ASP A 86 3.88 2.32 -0.04
N ILE A 87 3.10 1.73 0.87
CA ILE A 87 1.65 1.80 0.79
C ILE A 87 1.12 3.00 1.55
N SER A 88 0.72 4.03 0.81
CA SER A 88 0.20 5.25 1.42
C SER A 88 -1.24 5.51 1.02
N VAL A 89 -2.01 6.04 1.98
CA VAL A 89 -3.41 6.36 1.74
C VAL A 89 -3.62 7.87 1.76
N TRP A 90 -4.40 8.39 0.82
CA TRP A 90 -4.64 9.83 0.74
C TRP A 90 -6.13 10.14 0.66
N ASP A 91 -6.51 11.29 1.21
CA ASP A 91 -7.91 11.73 1.18
C ASP A 91 -8.17 12.51 -0.11
N TYR A 92 -8.66 11.81 -1.12
CA TYR A 92 -8.95 12.40 -2.41
C TYR A 92 -9.87 13.61 -2.27
N ASP A 93 -9.92 14.43 -3.33
CA ASP A 93 -10.75 15.62 -3.33
C ASP A 93 -11.02 16.08 -4.76
N ILE A 94 -12.30 16.21 -5.11
CA ILE A 94 -12.69 16.64 -6.45
C ILE A 94 -12.71 18.16 -6.54
N GLY A 95 -12.21 18.69 -7.66
CA GLY A 95 -12.19 20.13 -7.86
C GLY A 95 -11.00 20.79 -7.18
N LYS A 96 -10.33 20.06 -6.29
CA LYS A 96 -9.17 20.59 -5.59
C LYS A 96 -8.09 19.54 -5.45
N SER A 97 -7.10 19.82 -4.60
CA SER A 97 -6.00 18.89 -4.37
C SER A 97 -6.42 17.76 -3.43
N ASN A 98 -5.53 16.79 -3.27
CA ASN A 98 -5.81 15.66 -2.40
C ASN A 98 -5.34 15.93 -0.97
N ASP A 99 -5.18 14.87 -0.19
CA ASP A 99 -4.74 15.01 1.20
C ASP A 99 -4.07 13.72 1.68
N TYR A 100 -3.03 13.86 2.49
CA TYR A 100 -2.31 12.71 3.01
C TYR A 100 -2.97 12.20 4.30
N ILE A 101 -3.51 10.99 4.24
CA ILE A 101 -4.16 10.39 5.40
C ILE A 101 -3.16 9.57 6.21
N GLY A 102 -2.25 8.89 5.52
CA GLY A 102 -1.27 8.08 6.20
C GLY A 102 -0.87 6.86 5.38
N GLY A 103 0.21 6.20 5.78
CA GLY A 103 0.66 5.02 5.07
C GLY A 103 1.67 4.21 5.86
N CYS A 104 2.38 3.32 5.18
CA CYS A 104 3.38 2.48 5.83
C CYS A 104 4.36 1.91 4.80
N GLN A 105 5.62 1.81 5.19
CA GLN A 105 6.65 1.28 4.31
C GLN A 105 6.81 -0.23 4.50
N LEU A 106 7.18 -0.93 3.44
CA LEU A 106 7.35 -2.37 3.49
C LEU A 106 8.60 -2.81 2.73
N GLY A 107 9.74 -2.74 3.41
CA GLY A 107 10.99 -3.14 2.78
C GLY A 107 11.75 -4.12 3.64
N ILE A 108 12.45 -5.06 3.01
CA ILE A 108 13.19 -6.06 3.74
C ILE A 108 14.29 -5.43 4.59
N SER A 109 14.55 -4.14 4.36
CA SER A 109 15.55 -3.42 5.11
C SER A 109 14.92 -2.74 6.32
N ALA A 110 13.71 -3.19 6.67
CA ALA A 110 12.97 -2.65 7.80
C ALA A 110 13.21 -3.46 9.06
N LYS A 111 12.44 -3.15 10.11
CA LYS A 111 12.56 -3.86 11.38
C LYS A 111 11.27 -3.73 12.19
N GLY A 112 10.80 -4.85 12.70
CA GLY A 112 9.58 -4.86 13.49
C GLY A 112 8.49 -5.70 12.87
N GLU A 113 7.73 -5.11 11.95
CA GLU A 113 6.64 -5.82 11.29
C GLU A 113 6.72 -5.65 9.77
N ARG A 114 7.12 -4.46 9.34
CA ARG A 114 7.24 -4.17 7.91
C ARG A 114 8.03 -5.26 7.20
N LEU A 115 9.07 -5.76 7.86
CA LEU A 115 9.91 -6.80 7.29
C LEU A 115 9.18 -8.14 7.29
N LYS A 116 8.56 -8.46 8.42
CA LYS A 116 7.83 -9.72 8.55
C LYS A 116 6.87 -9.92 7.38
N HIS A 117 5.91 -9.02 7.24
CA HIS A 117 4.93 -9.11 6.17
C HIS A 117 5.62 -9.07 4.80
N TRP A 118 6.44 -8.06 4.60
CA TRP A 118 7.17 -7.90 3.33
C TRP A 118 8.05 -9.11 3.04
N TYR A 119 9.19 -9.16 3.71
CA TYR A 119 10.15 -10.25 3.54
C TYR A 119 9.47 -11.61 3.46
N GLU A 120 8.76 -12.00 4.53
CA GLU A 120 8.09 -13.29 4.54
C GLU A 120 7.42 -13.56 3.19
N CYS A 121 6.93 -12.50 2.56
CA CYS A 121 6.29 -12.62 1.26
C CYS A 121 7.27 -13.23 0.27
N LEU A 122 8.52 -12.77 0.33
CA LEU A 122 9.57 -13.27 -0.54
C LEU A 122 9.72 -14.78 -0.37
N LYS A 123 9.47 -15.25 0.84
CA LYS A 123 9.56 -16.68 1.13
C LYS A 123 8.28 -17.38 0.68
N ASN A 124 7.16 -16.74 0.96
CA ASN A 124 5.85 -17.28 0.59
C ASN A 124 5.33 -16.59 -0.66
N LYS A 125 6.02 -16.81 -1.79
CA LYS A 125 5.63 -16.20 -3.05
C LYS A 125 4.28 -16.72 -3.53
N ASP A 126 4.26 -17.96 -4.00
CA ASP A 126 3.04 -18.59 -4.50
C ASP A 126 1.88 -18.41 -3.53
N LYS A 127 2.19 -18.14 -2.26
CA LYS A 127 1.17 -17.97 -1.24
C LYS A 127 0.87 -16.49 -1.02
N LYS A 128 -0.40 -16.15 -0.92
CA LYS A 128 -0.82 -14.77 -0.71
C LYS A 128 -0.69 -14.36 0.76
N ILE A 129 -0.30 -13.11 0.97
CA ILE A 129 -0.14 -12.58 2.33
C ILE A 129 -1.20 -11.52 2.60
N GLU A 130 -1.49 -11.28 3.88
CA GLU A 130 -2.49 -10.29 4.26
C GLU A 130 -2.29 -9.81 5.68
N ARG A 131 -2.16 -8.50 5.86
CA ARG A 131 -1.97 -7.93 7.19
C ARG A 131 -2.50 -6.50 7.26
N TRP A 132 -2.63 -5.99 8.48
CA TRP A 132 -3.12 -4.63 8.70
C TRP A 132 -1.98 -3.70 9.08
N HIS A 133 -1.92 -2.55 8.44
CA HIS A 133 -0.87 -1.57 8.71
C HIS A 133 -1.45 -0.28 9.27
N GLN A 134 -0.89 0.18 10.39
CA GLN A 134 -1.35 1.42 11.01
C GLN A 134 -0.82 2.62 10.25
N LEU A 135 -1.70 3.26 9.49
CA LEU A 135 -1.31 4.42 8.71
C LEU A 135 -0.38 5.33 9.49
N GLN A 136 0.74 5.66 8.86
CA GLN A 136 1.73 6.53 9.49
C GLN A 136 2.05 7.72 8.58
N ASN A 137 2.59 8.78 9.17
CA ASN A 137 2.93 9.97 8.41
C ASN A 137 4.38 9.91 7.92
N GLU A 138 4.57 10.15 6.62
CA GLU A 138 5.90 10.11 6.03
C GLU A 138 6.71 11.33 6.46
N ASN A 139 6.07 12.50 6.43
CA ASN A 139 6.73 13.74 6.81
C ASN A 139 6.63 13.97 8.31
N HIS A 140 7.25 15.05 8.79
CA HIS A 140 7.23 15.38 10.21
C HIS A 140 7.38 14.13 11.07
N ARG A 1 -6.42 9.01 12.23
CA ARG A 1 -5.60 8.05 11.43
C ARG A 1 -6.25 6.66 11.42
N GLY A 2 -6.01 5.91 10.35
CA GLY A 2 -6.57 4.58 10.24
C GLY A 2 -5.55 3.53 9.86
N LYS A 3 -6.03 2.35 9.49
CA LYS A 3 -5.16 1.25 9.10
C LYS A 3 -5.62 0.68 7.76
N ILE A 4 -4.69 0.24 6.95
CA ILE A 4 -5.02 -0.32 5.64
C ILE A 4 -4.57 -1.77 5.51
N LEU A 5 -5.50 -2.63 5.10
CA LEU A 5 -5.21 -4.04 4.92
C LEU A 5 -4.50 -4.27 3.59
N VAL A 6 -3.23 -4.67 3.66
CA VAL A 6 -2.45 -4.91 2.46
C VAL A 6 -2.14 -6.39 2.30
N SER A 7 -2.40 -6.91 1.11
CA SER A 7 -2.15 -8.32 0.83
C SER A 7 -1.06 -8.47 -0.23
N LEU A 8 0.09 -8.99 0.19
CA LEU A 8 1.21 -9.18 -0.72
C LEU A 8 1.22 -10.59 -1.30
N MET A 9 1.99 -10.78 -2.36
CA MET A 9 2.11 -12.07 -3.02
C MET A 9 3.00 -11.95 -4.25
N TYR A 10 4.06 -12.74 -4.31
CA TYR A 10 4.98 -12.71 -5.43
C TYR A 10 4.73 -13.89 -6.37
N SER A 11 4.61 -13.58 -7.66
CA SER A 11 4.38 -14.61 -8.66
C SER A 11 5.67 -14.92 -9.42
N THR A 12 6.50 -15.78 -8.84
CA THR A 12 7.76 -16.16 -9.48
C THR A 12 7.51 -16.59 -10.91
N GLN A 13 6.35 -17.22 -11.12
CA GLN A 13 5.96 -17.68 -12.45
C GLN A 13 6.09 -16.53 -13.44
N GLN A 14 5.50 -15.39 -13.08
CA GLN A 14 5.56 -14.20 -13.92
C GLN A 14 6.84 -13.43 -13.64
N GLY A 15 7.49 -13.75 -12.53
CA GLY A 15 8.72 -13.08 -12.16
C GLY A 15 8.49 -11.67 -11.67
N GLY A 16 7.45 -11.50 -10.88
CA GLY A 16 7.13 -10.18 -10.35
C GLY A 16 6.40 -10.24 -9.02
N LEU A 17 6.19 -9.09 -8.41
CA LEU A 17 5.49 -9.02 -7.13
C LEU A 17 4.03 -8.66 -7.32
N ILE A 18 3.21 -8.95 -6.31
CA ILE A 18 1.79 -8.65 -6.38
C ILE A 18 1.33 -7.95 -5.11
N VAL A 19 0.80 -6.73 -5.27
CA VAL A 19 0.33 -5.95 -4.13
C VAL A 19 -1.20 -5.90 -4.12
N GLY A 20 -1.78 -6.39 -3.04
CA GLY A 20 -3.23 -6.41 -2.94
C GLY A 20 -3.77 -5.43 -1.91
N ILE A 21 -4.54 -4.45 -2.36
CA ILE A 21 -5.14 -3.48 -1.47
C ILE A 21 -6.57 -3.88 -1.13
N ILE A 22 -6.73 -4.55 0.01
CA ILE A 22 -8.04 -5.02 0.44
C ILE A 22 -8.94 -3.90 0.92
N ARG A 23 -8.63 -3.34 2.09
CA ARG A 23 -9.45 -2.25 2.63
C ARG A 23 -8.70 -1.45 3.69
N CYS A 24 -9.35 -0.40 4.18
CA CYS A 24 -8.78 0.45 5.21
C CYS A 24 -9.81 0.70 6.31
N VAL A 25 -9.35 1.09 7.49
CA VAL A 25 -10.27 1.34 8.59
C VAL A 25 -9.79 2.45 9.51
N HIS A 26 -10.75 3.22 10.03
CA HIS A 26 -10.47 4.32 10.94
C HIS A 26 -9.64 5.41 10.26
N LEU A 27 -10.04 5.77 9.05
CA LEU A 27 -9.33 6.80 8.30
C LEU A 27 -9.77 8.19 8.74
N ALA A 28 -8.90 9.17 8.50
CA ALA A 28 -9.19 10.55 8.87
C ALA A 28 -10.16 11.20 7.89
N ALA A 29 -10.83 12.26 8.33
CA ALA A 29 -11.80 12.96 7.50
C ALA A 29 -11.30 14.36 7.13
N MET A 30 -11.12 14.59 5.83
CA MET A 30 -10.65 15.88 5.34
C MET A 30 -11.82 16.84 5.14
N ASP A 31 -13.02 16.28 4.99
CA ASP A 31 -14.22 17.08 4.78
C ASP A 31 -14.87 17.44 6.12
N ALA A 32 -15.66 18.50 6.12
CA ALA A 32 -16.34 18.94 7.32
C ALA A 32 -17.49 18.00 7.70
N ASN A 33 -17.71 17.00 6.85
CA ASN A 33 -18.77 16.02 7.09
C ASN A 33 -18.29 14.93 8.04
N GLY A 34 -16.99 14.89 8.27
CA GLY A 34 -16.42 13.88 9.15
C GLY A 34 -15.91 12.67 8.39
N TYR A 35 -15.89 12.76 7.06
CA TYR A 35 -15.42 11.66 6.23
C TYR A 35 -14.24 12.08 5.35
N SER A 36 -13.89 11.23 4.39
CA SER A 36 -12.78 11.51 3.49
C SER A 36 -12.88 10.68 2.21
N ASP A 37 -11.93 10.90 1.31
CA ASP A 37 -11.87 10.17 0.04
C ASP A 37 -10.51 9.49 -0.08
N PRO A 38 -10.19 8.65 0.90
CA PRO A 38 -8.90 7.95 0.97
C PRO A 38 -8.66 6.94 -0.15
N PHE A 39 -7.43 6.95 -0.66
CA PHE A 39 -6.99 6.03 -1.69
C PHE A 39 -5.59 5.55 -1.30
N VAL A 40 -5.13 4.45 -1.88
CA VAL A 40 -3.81 3.94 -1.52
C VAL A 40 -2.84 3.95 -2.70
N LYS A 41 -1.68 4.54 -2.47
CA LYS A 41 -0.63 4.61 -3.48
C LYS A 41 0.54 3.73 -3.09
N LEU A 42 1.07 2.98 -4.04
CA LEU A 42 2.18 2.09 -3.76
C LEU A 42 3.37 2.35 -4.69
N TRP A 43 4.56 2.36 -4.12
CA TRP A 43 5.78 2.60 -4.89
C TRP A 43 6.92 1.74 -4.37
N LEU A 44 7.40 0.81 -5.20
CA LEU A 44 8.50 -0.06 -4.82
C LEU A 44 9.84 0.52 -5.27
N LYS A 45 10.73 0.73 -4.31
CA LYS A 45 12.05 1.28 -4.60
C LYS A 45 13.10 0.17 -4.64
N PRO A 46 14.19 0.40 -5.39
CA PRO A 46 14.38 1.63 -6.14
C PRO A 46 13.48 1.71 -7.35
N ASP A 47 13.60 2.79 -8.09
CA ASP A 47 12.80 3.01 -9.28
C ASP A 47 13.45 2.39 -10.51
N MET A 48 12.92 1.25 -10.96
CA MET A 48 13.45 0.58 -12.13
C MET A 48 12.83 1.16 -13.39
N GLY A 49 11.60 1.65 -13.25
CA GLY A 49 10.90 2.26 -14.36
C GLY A 49 10.27 3.59 -13.98
N LYS A 50 9.05 3.81 -14.41
CA LYS A 50 8.33 5.04 -14.10
C LYS A 50 6.91 4.74 -13.67
N LYS A 51 6.61 3.45 -13.48
CA LYS A 51 5.29 3.04 -13.05
C LYS A 51 5.36 2.37 -11.69
N ALA A 52 6.53 2.40 -11.07
CA ALA A 52 6.72 1.80 -9.76
C ALA A 52 5.67 2.30 -8.78
N LYS A 53 5.21 3.54 -9.00
CA LYS A 53 4.19 4.14 -8.15
C LYS A 53 2.80 3.71 -8.58
N HIS A 54 1.84 3.82 -7.65
CA HIS A 54 0.47 3.43 -7.96
C HIS A 54 -0.52 4.19 -7.08
N LYS A 55 -1.81 3.98 -7.37
CA LYS A 55 -2.89 4.62 -6.62
C LYS A 55 -4.20 3.86 -6.85
N THR A 56 -4.73 3.26 -5.79
CA THR A 56 -5.97 2.50 -5.88
C THR A 56 -7.17 3.43 -6.05
N GLN A 57 -8.24 2.88 -6.62
CA GLN A 57 -9.47 3.65 -6.82
C GLN A 57 -9.72 4.56 -5.63
N ILE A 58 -10.27 5.74 -5.89
CA ILE A 58 -10.56 6.70 -4.85
C ILE A 58 -11.83 6.32 -4.08
N LYS A 59 -11.69 6.17 -2.76
CA LYS A 59 -12.83 5.83 -1.91
C LYS A 59 -13.46 7.10 -1.36
N LYS A 60 -14.05 7.89 -2.24
CA LYS A 60 -14.67 9.15 -1.85
C LYS A 60 -15.86 8.95 -0.92
N LYS A 61 -15.94 9.80 0.10
CA LYS A 61 -17.02 9.74 1.08
C LYS A 61 -17.00 8.45 1.88
N THR A 62 -15.89 8.19 2.56
CA THR A 62 -15.77 7.00 3.37
C THR A 62 -14.39 6.91 4.04
N LEU A 63 -14.37 6.36 5.24
CA LEU A 63 -13.13 6.20 6.00
C LEU A 63 -12.84 4.73 6.28
N ASN A 64 -13.83 3.89 6.02
CA ASN A 64 -13.69 2.46 6.24
C ASN A 64 -14.17 1.68 5.02
N PRO A 65 -13.70 2.08 3.82
CA PRO A 65 -14.09 1.45 2.55
C PRO A 65 -13.36 0.13 2.30
N GLU A 66 -13.57 -0.41 1.10
CA GLU A 66 -12.95 -1.66 0.69
C GLU A 66 -12.32 -1.52 -0.69
N PHE A 67 -11.00 -1.62 -0.76
CA PHE A 67 -10.29 -1.48 -2.03
C PHE A 67 -10.35 -2.76 -2.85
N ASN A 68 -9.89 -3.86 -2.28
CA ASN A 68 -9.88 -5.14 -2.99
C ASN A 68 -9.20 -4.98 -4.34
N GLU A 69 -8.04 -4.33 -4.33
CA GLU A 69 -7.28 -4.09 -5.56
C GLU A 69 -6.05 -4.99 -5.61
N GLU A 70 -5.84 -5.63 -6.78
CA GLU A 70 -4.71 -6.50 -6.96
C GLU A 70 -3.69 -5.89 -7.93
N PHE A 71 -2.53 -5.51 -7.39
CA PHE A 71 -1.48 -4.89 -8.20
C PHE A 71 -0.46 -5.92 -8.69
N PHE A 72 0.43 -5.46 -9.57
CA PHE A 72 1.48 -6.31 -10.14
C PHE A 72 2.76 -5.51 -10.32
N TYR A 73 3.83 -5.97 -9.68
CA TYR A 73 5.12 -5.30 -9.78
C TYR A 73 6.05 -6.06 -10.72
N ASP A 74 7.00 -5.34 -11.32
CA ASP A 74 7.94 -5.96 -12.24
C ASP A 74 9.33 -6.03 -11.63
N ILE A 75 9.48 -6.85 -10.59
CA ILE A 75 10.76 -7.01 -9.92
C ILE A 75 11.05 -8.48 -9.65
N LYS A 76 12.28 -8.90 -9.90
CA LYS A 76 12.68 -10.28 -9.67
C LYS A 76 12.73 -10.58 -8.19
N HIS A 77 12.29 -11.77 -7.80
CA HIS A 77 12.28 -12.15 -6.40
C HIS A 77 13.65 -11.90 -5.76
N SER A 78 14.71 -12.29 -6.44
CA SER A 78 16.06 -12.10 -5.94
C SER A 78 16.29 -10.65 -5.52
N ASP A 79 15.51 -9.74 -6.09
CA ASP A 79 15.62 -8.32 -5.77
C ASP A 79 14.50 -7.88 -4.85
N LEU A 80 13.34 -8.53 -4.99
CA LEU A 80 12.18 -8.21 -4.16
C LEU A 80 12.60 -7.82 -2.76
N ALA A 81 13.15 -8.78 -2.03
CA ALA A 81 13.62 -8.55 -0.67
C ALA A 81 14.27 -7.18 -0.52
N LYS A 82 15.27 -6.90 -1.35
CA LYS A 82 15.99 -5.63 -1.32
C LYS A 82 15.06 -4.47 -1.63
N LYS A 83 13.90 -4.77 -2.18
CA LYS A 83 12.94 -3.73 -2.52
C LYS A 83 12.31 -3.13 -1.27
N SER A 84 11.47 -2.13 -1.47
CA SER A 84 10.78 -1.47 -0.37
C SER A 84 9.47 -0.86 -0.84
N LEU A 85 8.37 -1.55 -0.52
CA LEU A 85 7.05 -1.09 -0.92
C LEU A 85 6.53 0.01 0.00
N ASP A 86 6.11 1.12 -0.59
CA ASP A 86 5.59 2.25 0.18
C ASP A 86 4.09 2.39 -0.02
N ILE A 87 3.32 1.84 0.90
CA ILE A 87 1.86 1.91 0.83
C ILE A 87 1.34 3.13 1.60
N SER A 88 1.01 4.18 0.87
CA SER A 88 0.52 5.40 1.50
C SER A 88 -0.94 5.67 1.14
N VAL A 89 -1.72 6.06 2.14
CA VAL A 89 -3.13 6.36 1.94
C VAL A 89 -3.37 7.87 2.01
N TRP A 90 -3.95 8.43 0.96
CA TRP A 90 -4.21 9.86 0.92
C TRP A 90 -5.69 10.15 0.68
N ASP A 91 -6.16 11.27 1.23
CA ASP A 91 -7.56 11.66 1.05
C ASP A 91 -7.72 12.43 -0.26
N TYR A 92 -8.46 11.84 -1.19
CA TYR A 92 -8.68 12.45 -2.49
C TYR A 92 -9.61 13.66 -2.38
N ASP A 93 -9.67 14.45 -3.46
CA ASP A 93 -10.50 15.63 -3.50
C ASP A 93 -10.77 16.06 -4.94
N ILE A 94 -12.04 16.20 -5.29
CA ILE A 94 -12.41 16.60 -6.64
C ILE A 94 -12.42 18.12 -6.78
N GLY A 95 -11.82 18.62 -7.86
CA GLY A 95 -11.76 20.05 -8.09
C GLY A 95 -10.84 20.76 -7.10
N LYS A 96 -10.20 19.98 -6.24
CA LYS A 96 -9.29 20.55 -5.24
C LYS A 96 -8.00 19.74 -5.15
N SER A 97 -7.27 19.91 -4.07
CA SER A 97 -6.02 19.19 -3.86
C SER A 97 -6.21 18.05 -2.86
N ASN A 98 -5.61 16.90 -3.17
CA ASN A 98 -5.73 15.74 -2.29
C ASN A 98 -5.24 16.07 -0.88
N ASP A 99 -5.04 15.02 -0.07
CA ASP A 99 -4.58 15.20 1.30
C ASP A 99 -3.91 13.92 1.80
N TYR A 100 -2.88 14.09 2.63
CA TYR A 100 -2.16 12.95 3.19
C TYR A 100 -2.85 12.42 4.43
N ILE A 101 -3.28 11.16 4.37
CA ILE A 101 -3.96 10.52 5.49
C ILE A 101 -2.99 9.69 6.32
N GLY A 102 -2.12 8.95 5.63
CA GLY A 102 -1.15 8.12 6.32
C GLY A 102 -0.73 6.92 5.49
N GLY A 103 0.43 6.36 5.82
CA GLY A 103 0.94 5.21 5.09
C GLY A 103 1.95 4.41 5.89
N CYS A 104 2.67 3.53 5.20
CA CYS A 104 3.69 2.70 5.85
C CYS A 104 4.60 2.07 4.81
N GLN A 105 5.87 1.92 5.17
CA GLN A 105 6.86 1.34 4.27
C GLN A 105 6.95 -0.18 4.48
N LEU A 106 7.27 -0.89 3.40
CA LEU A 106 7.40 -2.35 3.48
C LEU A 106 8.61 -2.84 2.70
N GLY A 107 9.75 -2.89 3.38
CA GLY A 107 10.97 -3.36 2.75
C GLY A 107 11.69 -4.35 3.62
N ILE A 108 12.32 -5.36 3.00
CA ILE A 108 13.03 -6.36 3.75
C ILE A 108 14.18 -5.76 4.56
N SER A 109 14.50 -4.50 4.27
CA SER A 109 15.56 -3.81 4.98
C SER A 109 14.98 -3.11 6.22
N ALA A 110 13.77 -3.51 6.59
CA ALA A 110 13.09 -2.94 7.74
C ALA A 110 13.34 -3.77 9.00
N LYS A 111 12.70 -3.36 10.09
CA LYS A 111 12.83 -4.06 11.36
C LYS A 111 11.61 -3.82 12.24
N GLY A 112 11.06 -4.89 12.79
CA GLY A 112 9.89 -4.77 13.65
C GLY A 112 8.71 -5.56 13.11
N GLU A 113 8.15 -5.10 11.99
CA GLU A 113 7.00 -5.77 11.39
C GLU A 113 7.03 -5.63 9.87
N ARG A 114 7.27 -4.41 9.40
CA ARG A 114 7.33 -4.14 7.96
C ARG A 114 8.09 -5.25 7.24
N LEU A 115 9.00 -5.89 7.95
CA LEU A 115 9.81 -6.96 7.38
C LEU A 115 9.08 -8.29 7.46
N LYS A 116 8.46 -8.56 8.60
CA LYS A 116 7.72 -9.81 8.81
C LYS A 116 6.77 -10.08 7.67
N HIS A 117 5.81 -9.18 7.45
CA HIS A 117 4.82 -9.34 6.39
C HIS A 117 5.48 -9.30 5.01
N TRP A 118 6.20 -8.23 4.74
CA TRP A 118 6.88 -8.07 3.46
C TRP A 118 7.74 -9.28 3.12
N TYR A 119 8.84 -9.42 3.87
CA TYR A 119 9.77 -10.53 3.67
C TYR A 119 9.06 -11.88 3.62
N GLU A 120 8.39 -12.26 4.70
CA GLU A 120 7.71 -13.54 4.74
C GLU A 120 6.97 -13.80 3.44
N CYS A 121 6.59 -12.72 2.77
CA CYS A 121 5.89 -12.84 1.49
C CYS A 121 6.85 -13.42 0.45
N LEU A 122 8.09 -12.93 0.47
CA LEU A 122 9.11 -13.40 -0.45
C LEU A 122 9.29 -14.91 -0.32
N LYS A 123 8.99 -15.43 0.87
CA LYS A 123 9.10 -16.86 1.13
C LYS A 123 7.89 -17.58 0.55
N ASN A 124 6.73 -17.01 0.76
CA ASN A 124 5.48 -17.58 0.26
C ASN A 124 5.00 -16.83 -0.97
N LYS A 125 5.91 -16.62 -1.92
CA LYS A 125 5.58 -15.91 -3.15
C LYS A 125 4.28 -16.43 -3.78
N ASP A 126 4.28 -17.69 -4.17
CA ASP A 126 3.10 -18.30 -4.78
C ASP A 126 1.89 -18.26 -3.84
N LYS A 127 2.12 -17.93 -2.58
CA LYS A 127 1.04 -17.86 -1.61
C LYS A 127 0.70 -16.42 -1.25
N LYS A 128 -0.56 -16.17 -0.96
CA LYS A 128 -1.02 -14.83 -0.61
C LYS A 128 -0.71 -14.49 0.84
N ILE A 129 -0.41 -13.22 1.09
CA ILE A 129 -0.10 -12.75 2.43
C ILE A 129 -0.80 -11.42 2.71
N GLU A 130 -1.60 -11.38 3.76
CA GLU A 130 -2.33 -10.15 4.10
C GLU A 130 -2.14 -9.79 5.57
N ARG A 131 -2.23 -8.49 5.85
CA ARG A 131 -2.09 -7.98 7.21
C ARG A 131 -2.48 -6.51 7.28
N TRP A 132 -2.78 -6.03 8.49
CA TRP A 132 -3.17 -4.65 8.68
C TRP A 132 -1.97 -3.77 9.02
N HIS A 133 -1.87 -2.63 8.34
CA HIS A 133 -0.78 -1.70 8.57
C HIS A 133 -1.29 -0.40 9.17
N GLN A 134 -0.64 0.05 10.25
CA GLN A 134 -1.03 1.28 10.92
C GLN A 134 -0.49 2.49 10.16
N LEU A 135 -1.39 3.22 9.50
CA LEU A 135 -1.00 4.40 8.74
C LEU A 135 -0.18 5.37 9.59
N GLN A 136 0.88 5.91 9.00
CA GLN A 136 1.74 6.85 9.69
C GLN A 136 1.75 8.19 8.96
N ASN A 137 2.22 9.23 9.65
CA ASN A 137 2.28 10.56 9.06
C ASN A 137 3.72 11.05 8.97
N GLU A 138 4.22 11.16 7.74
CA GLU A 138 5.59 11.63 7.51
C GLU A 138 5.66 13.14 7.55
N ASN A 139 5.16 13.78 6.49
CA ASN A 139 5.17 15.24 6.40
C ASN A 139 3.76 15.78 6.19
N HIS A 140 3.37 16.74 7.03
CA HIS A 140 2.05 17.34 6.95
C HIS A 140 0.96 16.28 7.15
N ARG A 1 -5.88 7.81 12.76
CA ARG A 1 -5.47 7.86 11.33
C ARG A 1 -6.12 6.74 10.54
N GLY A 2 -6.23 5.56 11.15
CA GLY A 2 -6.84 4.44 10.47
C GLY A 2 -5.84 3.35 10.12
N LYS A 3 -6.35 2.23 9.61
CA LYS A 3 -5.48 1.11 9.23
C LYS A 3 -5.91 0.56 7.88
N ILE A 4 -4.94 0.28 7.01
CA ILE A 4 -5.23 -0.25 5.69
C ILE A 4 -4.75 -1.69 5.55
N LEU A 5 -5.64 -2.56 5.09
CA LEU A 5 -5.32 -3.97 4.90
C LEU A 5 -4.58 -4.18 3.58
N VAL A 6 -3.34 -4.63 3.68
CA VAL A 6 -2.52 -4.86 2.50
C VAL A 6 -2.17 -6.34 2.35
N SER A 7 -2.38 -6.88 1.16
CA SER A 7 -2.08 -8.28 0.89
C SER A 7 -0.97 -8.40 -0.14
N LEU A 8 0.15 -8.99 0.26
CA LEU A 8 1.30 -9.16 -0.62
C LEU A 8 1.36 -10.58 -1.18
N MET A 9 2.15 -10.74 -2.24
CA MET A 9 2.33 -12.04 -2.88
C MET A 9 3.19 -11.91 -4.13
N TYR A 10 4.23 -12.72 -4.23
CA TYR A 10 5.10 -12.68 -5.39
C TYR A 10 4.91 -13.91 -6.26
N SER A 11 4.76 -13.68 -7.57
CA SER A 11 4.55 -14.77 -8.51
C SER A 11 5.85 -15.13 -9.23
N THR A 12 6.68 -15.92 -8.56
CA THR A 12 7.96 -16.34 -9.14
C THR A 12 7.73 -16.95 -10.51
N GLN A 13 6.68 -17.75 -10.63
CA GLN A 13 6.34 -18.39 -11.89
C GLN A 13 6.59 -17.43 -13.03
N GLN A 14 6.22 -16.18 -12.82
CA GLN A 14 6.39 -15.14 -13.82
C GLN A 14 7.64 -14.32 -13.50
N GLY A 15 7.84 -14.06 -12.22
CA GLY A 15 8.98 -13.30 -11.78
C GLY A 15 8.62 -11.89 -11.38
N GLY A 16 7.41 -11.71 -10.87
CA GLY A 16 6.97 -10.38 -10.46
C GLY A 16 6.32 -10.38 -9.09
N LEU A 17 6.20 -9.19 -8.50
CA LEU A 17 5.59 -9.04 -7.18
C LEU A 17 4.11 -8.70 -7.32
N ILE A 18 3.33 -9.01 -6.29
CA ILE A 18 1.91 -8.72 -6.31
C ILE A 18 1.49 -7.97 -5.05
N VAL A 19 0.80 -6.86 -5.25
CA VAL A 19 0.32 -6.04 -4.13
C VAL A 19 -1.19 -5.97 -4.11
N GLY A 20 -1.80 -6.41 -3.02
CA GLY A 20 -3.24 -6.39 -2.93
C GLY A 20 -3.78 -5.43 -1.89
N ILE A 21 -4.53 -4.43 -2.35
CA ILE A 21 -5.12 -3.45 -1.46
C ILE A 21 -6.56 -3.83 -1.14
N ILE A 22 -6.76 -4.51 -0.02
CA ILE A 22 -8.08 -4.96 0.39
C ILE A 22 -8.98 -3.80 0.81
N ARG A 23 -8.69 -3.21 1.96
CA ARG A 23 -9.51 -2.11 2.46
C ARG A 23 -8.81 -1.33 3.57
N CYS A 24 -9.48 -0.29 4.03
CA CYS A 24 -8.97 0.54 5.12
C CYS A 24 -10.05 0.74 6.17
N VAL A 25 -9.66 1.11 7.37
CA VAL A 25 -10.62 1.32 8.45
C VAL A 25 -10.22 2.45 9.39
N HIS A 26 -11.22 3.15 9.90
CA HIS A 26 -10.99 4.27 10.83
C HIS A 26 -10.10 5.33 10.21
N LEU A 27 -10.49 5.83 9.05
CA LEU A 27 -9.72 6.87 8.36
C LEU A 27 -10.16 8.26 8.82
N ALA A 28 -9.22 9.20 8.81
CA ALA A 28 -9.52 10.57 9.21
C ALA A 28 -10.35 11.30 8.16
N ALA A 29 -11.19 12.22 8.62
CA ALA A 29 -12.05 13.00 7.72
C ALA A 29 -11.66 14.48 7.73
N MET A 30 -11.08 14.95 6.64
CA MET A 30 -10.68 16.34 6.53
C MET A 30 -11.83 17.21 6.06
N ASP A 31 -12.78 16.59 5.36
CA ASP A 31 -13.94 17.30 4.84
C ASP A 31 -14.84 17.74 6.00
N ALA A 32 -15.55 18.85 5.80
CA ALA A 32 -16.44 19.38 6.82
C ALA A 32 -17.64 18.45 7.05
N ASN A 33 -17.75 17.43 6.21
CA ASN A 33 -18.84 16.47 6.33
C ASN A 33 -18.53 15.40 7.37
N GLY A 34 -17.27 15.38 7.83
CA GLY A 34 -16.88 14.41 8.82
C GLY A 34 -16.29 13.16 8.20
N TYR A 35 -16.14 13.18 6.88
CA TYR A 35 -15.59 12.04 6.15
C TYR A 35 -14.39 12.44 5.30
N SER A 36 -13.96 11.52 4.43
CA SER A 36 -12.82 11.77 3.56
C SER A 36 -12.92 10.95 2.27
N ASP A 37 -11.97 11.16 1.37
CA ASP A 37 -11.92 10.43 0.10
C ASP A 37 -10.59 9.71 -0.03
N PRO A 38 -10.31 8.78 0.89
CA PRO A 38 -9.04 8.03 0.92
C PRO A 38 -8.83 7.06 -0.23
N PHE A 39 -7.58 6.97 -0.64
CA PHE A 39 -7.12 6.07 -1.68
C PHE A 39 -5.72 5.59 -1.30
N VAL A 40 -5.26 4.51 -1.89
CA VAL A 40 -3.94 4.00 -1.52
C VAL A 40 -2.94 4.07 -2.67
N LYS A 41 -1.78 4.67 -2.39
CA LYS A 41 -0.72 4.79 -3.36
C LYS A 41 0.46 3.91 -2.96
N LEU A 42 0.95 3.11 -3.91
CA LEU A 42 2.05 2.21 -3.63
C LEU A 42 3.20 2.42 -4.59
N TRP A 43 4.41 2.49 -4.05
CA TRP A 43 5.60 2.69 -4.87
C TRP A 43 6.77 1.85 -4.37
N LEU A 44 7.22 0.91 -5.19
CA LEU A 44 8.34 0.05 -4.84
C LEU A 44 9.65 0.60 -5.40
N LYS A 45 10.59 0.88 -4.50
CA LYS A 45 11.90 1.40 -4.90
C LYS A 45 12.94 0.29 -4.90
N PRO A 46 14.19 0.60 -5.34
CA PRO A 46 14.56 1.94 -5.81
C PRO A 46 13.75 2.36 -7.03
N ASP A 47 13.02 1.41 -7.60
CA ASP A 47 12.17 1.66 -8.77
C ASP A 47 12.90 1.32 -10.06
N MET A 48 12.17 0.68 -10.98
CA MET A 48 12.73 0.28 -12.26
C MET A 48 12.31 1.26 -13.36
N GLY A 49 11.06 1.71 -13.29
CA GLY A 49 10.55 2.65 -14.28
C GLY A 49 9.71 3.73 -13.65
N LYS A 50 8.63 4.11 -14.34
CA LYS A 50 7.73 5.14 -13.84
C LYS A 50 6.37 4.54 -13.44
N LYS A 51 6.27 3.22 -13.50
CA LYS A 51 5.04 2.54 -13.14
C LYS A 51 5.14 1.94 -11.74
N ALA A 52 6.30 2.08 -11.12
CA ALA A 52 6.51 1.55 -9.77
C ALA A 52 5.48 2.10 -8.80
N LYS A 53 4.91 3.25 -9.13
CA LYS A 53 3.91 3.88 -8.27
C LYS A 53 2.50 3.46 -8.68
N HIS A 54 1.54 3.71 -7.79
CA HIS A 54 0.15 3.36 -8.05
C HIS A 54 -0.80 4.14 -7.16
N LYS A 55 -2.10 3.98 -7.40
CA LYS A 55 -3.13 4.65 -6.62
C LYS A 55 -4.47 3.92 -6.78
N THR A 56 -4.92 3.29 -5.70
CA THR A 56 -6.18 2.55 -5.73
C THR A 56 -7.35 3.50 -5.93
N GLN A 57 -8.41 2.99 -6.57
CA GLN A 57 -9.59 3.79 -6.83
C GLN A 57 -9.91 4.70 -5.64
N ILE A 58 -10.30 5.92 -5.92
CA ILE A 58 -10.63 6.88 -4.88
C ILE A 58 -11.98 6.59 -4.24
N LYS A 59 -11.98 6.33 -2.94
CA LYS A 59 -13.21 6.05 -2.23
C LYS A 59 -13.71 7.32 -1.56
N LYS A 60 -14.26 8.22 -2.38
CA LYS A 60 -14.75 9.49 -1.88
C LYS A 60 -15.93 9.32 -0.93
N LYS A 61 -15.93 10.12 0.13
CA LYS A 61 -17.00 10.08 1.13
C LYS A 61 -17.02 8.75 1.88
N THR A 62 -15.94 8.45 2.58
CA THR A 62 -15.85 7.21 3.35
C THR A 62 -14.52 7.10 4.09
N LEU A 63 -14.55 6.46 5.25
CA LEU A 63 -13.36 6.28 6.06
C LEU A 63 -13.06 4.80 6.25
N ASN A 64 -14.02 3.96 5.91
CA ASN A 64 -13.86 2.51 6.05
C ASN A 64 -14.32 1.81 4.78
N PRO A 65 -13.81 2.26 3.62
CA PRO A 65 -14.17 1.69 2.32
C PRO A 65 -13.47 0.36 2.05
N GLU A 66 -13.71 -0.17 0.85
CA GLU A 66 -13.11 -1.44 0.44
C GLU A 66 -12.40 -1.29 -0.90
N PHE A 67 -11.10 -1.57 -0.91
CA PHE A 67 -10.31 -1.45 -2.14
C PHE A 67 -10.37 -2.73 -2.96
N ASN A 68 -9.96 -3.85 -2.36
CA ASN A 68 -9.96 -5.13 -3.04
C ASN A 68 -9.31 -5.00 -4.41
N GLU A 69 -8.15 -4.34 -4.43
CA GLU A 69 -7.41 -4.14 -5.67
C GLU A 69 -6.12 -4.95 -5.70
N GLU A 70 -6.00 -5.81 -6.71
CA GLU A 70 -4.81 -6.65 -6.85
C GLU A 70 -3.83 -6.02 -7.84
N PHE A 71 -2.66 -5.63 -7.34
CA PHE A 71 -1.64 -5.01 -8.17
C PHE A 71 -0.61 -6.01 -8.63
N PHE A 72 0.35 -5.53 -9.42
CA PHE A 72 1.42 -6.36 -9.93
C PHE A 72 2.67 -5.53 -10.18
N TYR A 73 3.80 -5.99 -9.65
CA TYR A 73 5.06 -5.29 -9.83
C TYR A 73 5.97 -6.06 -10.78
N ASP A 74 6.91 -5.35 -11.39
CA ASP A 74 7.84 -5.98 -12.33
C ASP A 74 9.25 -6.02 -11.77
N ILE A 75 9.40 -6.66 -10.61
CA ILE A 75 10.70 -6.78 -9.96
C ILE A 75 11.09 -8.23 -9.78
N LYS A 76 12.37 -8.52 -9.96
CA LYS A 76 12.88 -9.88 -9.80
C LYS A 76 13.01 -10.24 -8.33
N HIS A 77 12.50 -11.40 -7.97
CA HIS A 77 12.55 -11.86 -6.58
C HIS A 77 13.90 -11.57 -5.95
N SER A 78 14.97 -11.89 -6.67
CA SER A 78 16.32 -11.67 -6.17
C SER A 78 16.50 -10.22 -5.74
N ASP A 79 15.70 -9.33 -6.29
CA ASP A 79 15.78 -7.91 -5.95
C ASP A 79 14.66 -7.53 -4.98
N LEU A 80 13.56 -8.26 -5.05
CA LEU A 80 12.41 -8.01 -4.18
C LEU A 80 12.88 -7.58 -2.80
N ALA A 81 13.51 -8.50 -2.09
CA ALA A 81 14.02 -8.23 -0.74
C ALA A 81 14.53 -6.80 -0.61
N LYS A 82 15.50 -6.42 -1.46
CA LYS A 82 16.08 -5.08 -1.42
C LYS A 82 15.04 -4.01 -1.71
N LYS A 83 13.93 -4.41 -2.31
CA LYS A 83 12.88 -3.48 -2.65
C LYS A 83 12.27 -2.86 -1.40
N SER A 84 11.42 -1.85 -1.61
CA SER A 84 10.75 -1.18 -0.51
C SER A 84 9.41 -0.62 -0.97
N LEU A 85 8.34 -1.31 -0.61
CA LEU A 85 6.99 -0.88 -1.00
C LEU A 85 6.43 0.12 0.00
N ASP A 86 6.05 1.29 -0.51
CA ASP A 86 5.49 2.34 0.34
C ASP A 86 3.99 2.48 0.11
N ILE A 87 3.20 1.90 1.01
CA ILE A 87 1.76 1.97 0.92
C ILE A 87 1.22 3.17 1.70
N SER A 88 0.88 4.24 0.99
CA SER A 88 0.38 5.45 1.64
C SER A 88 -1.05 5.75 1.22
N VAL A 89 -1.89 6.04 2.21
CA VAL A 89 -3.29 6.36 1.97
C VAL A 89 -3.50 7.87 2.06
N TRP A 90 -4.08 8.47 1.02
CA TRP A 90 -4.30 9.90 1.01
C TRP A 90 -5.77 10.24 0.77
N ASP A 91 -6.21 11.37 1.33
CA ASP A 91 -7.58 11.82 1.16
C ASP A 91 -7.72 12.62 -0.14
N TYR A 92 -8.44 12.03 -1.08
CA TYR A 92 -8.66 12.66 -2.38
C TYR A 92 -9.66 13.81 -2.28
N ASP A 93 -9.70 14.64 -3.33
CA ASP A 93 -10.59 15.78 -3.36
C ASP A 93 -10.80 16.27 -4.80
N ILE A 94 -12.07 16.39 -5.19
CA ILE A 94 -12.39 16.84 -6.54
C ILE A 94 -12.26 18.35 -6.67
N GLY A 95 -11.68 18.80 -7.77
CA GLY A 95 -11.51 20.23 -7.99
C GLY A 95 -10.43 20.83 -7.12
N LYS A 96 -9.82 20.01 -6.27
CA LYS A 96 -8.76 20.48 -5.38
C LYS A 96 -7.62 19.47 -5.30
N SER A 97 -6.66 19.74 -4.42
CA SER A 97 -5.52 18.85 -4.25
C SER A 97 -5.89 17.65 -3.38
N ASN A 98 -4.88 16.88 -2.98
CA ASN A 98 -5.11 15.71 -2.14
C ASN A 98 -4.66 15.96 -0.71
N ASP A 99 -4.89 14.98 0.16
CA ASP A 99 -4.52 15.09 1.56
C ASP A 99 -3.86 13.82 2.05
N TYR A 100 -2.90 13.95 2.95
CA TYR A 100 -2.20 12.80 3.48
C TYR A 100 -2.90 12.25 4.72
N ILE A 101 -3.49 11.08 4.58
CA ILE A 101 -4.20 10.45 5.69
C ILE A 101 -3.25 9.58 6.51
N GLY A 102 -2.34 8.90 5.82
CA GLY A 102 -1.38 8.05 6.50
C GLY A 102 -0.89 6.92 5.61
N GLY A 103 0.19 6.27 6.01
CA GLY A 103 0.73 5.19 5.23
C GLY A 103 1.77 4.37 5.97
N CYS A 104 2.48 3.53 5.24
CA CYS A 104 3.51 2.67 5.82
C CYS A 104 4.36 2.02 4.74
N GLN A 105 5.63 1.82 5.03
CA GLN A 105 6.55 1.21 4.08
C GLN A 105 6.66 -0.30 4.29
N LEU A 106 7.18 -1.00 3.30
CA LEU A 106 7.32 -2.45 3.38
C LEU A 106 8.51 -2.93 2.56
N GLY A 107 9.69 -2.96 3.20
CA GLY A 107 10.89 -3.42 2.53
C GLY A 107 11.73 -4.28 3.44
N ILE A 108 12.38 -5.30 2.88
CA ILE A 108 13.20 -6.19 3.67
C ILE A 108 14.27 -5.43 4.45
N SER A 109 14.53 -4.19 4.05
CA SER A 109 15.52 -3.36 4.73
C SER A 109 14.95 -2.81 6.03
N ALA A 110 13.71 -3.19 6.34
CA ALA A 110 13.04 -2.74 7.55
C ALA A 110 13.34 -3.68 8.72
N LYS A 111 12.58 -3.51 9.80
CA LYS A 111 12.74 -4.34 11.00
C LYS A 111 11.42 -4.53 11.72
N GLY A 112 11.11 -5.78 12.04
CA GLY A 112 9.86 -6.07 12.73
C GLY A 112 8.76 -6.52 11.79
N GLU A 113 7.64 -5.81 11.80
CA GLU A 113 6.51 -6.14 10.95
C GLU A 113 6.83 -5.87 9.48
N ARG A 114 7.28 -4.65 9.19
CA ARG A 114 7.62 -4.26 7.82
C ARG A 114 8.44 -5.35 7.15
N LEU A 115 9.29 -6.01 7.94
CA LEU A 115 10.13 -7.08 7.41
C LEU A 115 9.40 -8.42 7.41
N LYS A 116 8.74 -8.72 8.52
CA LYS A 116 8.00 -9.97 8.65
C LYS A 116 6.97 -10.12 7.53
N HIS A 117 6.14 -9.10 7.37
CA HIS A 117 5.11 -9.11 6.35
C HIS A 117 5.74 -9.17 4.96
N TRP A 118 6.56 -8.17 4.65
CA TRP A 118 7.24 -8.09 3.37
C TRP A 118 8.12 -9.32 3.13
N TYR A 119 9.32 -9.28 3.69
CA TYR A 119 10.29 -10.37 3.55
C TYR A 119 9.62 -11.74 3.48
N GLU A 120 8.96 -12.16 4.56
CA GLU A 120 8.33 -13.46 4.57
C GLU A 120 7.58 -13.69 3.26
N CYS A 121 7.04 -12.61 2.71
CA CYS A 121 6.32 -12.70 1.44
C CYS A 121 7.25 -13.24 0.37
N LEU A 122 8.49 -12.75 0.38
CA LEU A 122 9.50 -13.20 -0.57
C LEU A 122 9.66 -14.71 -0.50
N LYS A 123 9.41 -15.26 0.70
CA LYS A 123 9.53 -16.69 0.92
C LYS A 123 8.24 -17.38 0.48
N ASN A 124 7.11 -16.75 0.78
CA ASN A 124 5.81 -17.29 0.43
C ASN A 124 5.29 -16.65 -0.85
N LYS A 125 6.16 -16.48 -1.83
CA LYS A 125 5.79 -15.88 -3.11
C LYS A 125 4.48 -16.48 -3.63
N ASP A 126 4.53 -17.76 -3.95
CA ASP A 126 3.35 -18.47 -4.47
C ASP A 126 2.19 -18.39 -3.48
N LYS A 127 2.50 -18.02 -2.25
CA LYS A 127 1.48 -17.91 -1.21
C LYS A 127 1.10 -16.45 -0.97
N LYS A 128 -0.14 -16.23 -0.55
CA LYS A 128 -0.61 -14.87 -0.29
C LYS A 128 -0.37 -14.45 1.15
N ILE A 129 -0.16 -13.15 1.36
CA ILE A 129 0.09 -12.61 2.69
C ILE A 129 -0.67 -11.31 2.89
N GLU A 130 -1.54 -11.27 3.90
CA GLU A 130 -2.32 -10.07 4.18
C GLU A 130 -2.23 -9.68 5.65
N ARG A 131 -2.31 -8.38 5.91
CA ARG A 131 -2.23 -7.87 7.27
C ARG A 131 -2.67 -6.40 7.33
N TRP A 132 -2.98 -5.93 8.52
CA TRP A 132 -3.41 -4.55 8.70
C TRP A 132 -2.24 -3.65 9.11
N HIS A 133 -2.10 -2.53 8.43
CA HIS A 133 -1.03 -1.59 8.72
C HIS A 133 -1.58 -0.31 9.36
N GLN A 134 -0.95 0.11 10.45
CA GLN A 134 -1.38 1.31 11.16
C GLN A 134 -0.85 2.55 10.45
N LEU A 135 -1.73 3.18 9.67
CA LEU A 135 -1.38 4.37 8.92
C LEU A 135 -0.58 5.35 9.76
N GLN A 136 0.56 5.78 9.23
CA GLN A 136 1.43 6.72 9.91
C GLN A 136 1.61 7.99 9.08
N ASN A 137 2.31 8.97 9.64
CA ASN A 137 2.55 10.22 8.94
C ASN A 137 4.00 10.32 8.47
N GLU A 138 4.24 10.04 7.19
CA GLU A 138 5.57 10.10 6.62
C GLU A 138 6.26 11.41 6.96
N ASN A 139 5.96 12.45 6.19
CA ASN A 139 6.55 13.77 6.41
C ASN A 139 5.61 14.66 7.21
N HIS A 140 4.57 15.15 6.56
CA HIS A 140 3.59 16.02 7.21
C HIS A 140 2.28 15.27 7.45
N ARG A 1 -5.82 7.82 12.79
CA ARG A 1 -5.51 7.93 11.33
C ARG A 1 -6.22 6.85 10.53
N GLY A 2 -6.06 5.60 10.95
CA GLY A 2 -6.71 4.50 10.26
C GLY A 2 -5.74 3.39 9.91
N LYS A 3 -6.26 2.28 9.39
CA LYS A 3 -5.43 1.15 9.01
C LYS A 3 -5.86 0.61 7.65
N ILE A 4 -4.88 0.21 6.83
CA ILE A 4 -5.16 -0.33 5.51
C ILE A 4 -4.68 -1.76 5.37
N LEU A 5 -5.59 -2.65 4.97
CA LEU A 5 -5.27 -4.05 4.79
C LEU A 5 -4.55 -4.27 3.46
N VAL A 6 -3.34 -4.80 3.54
CA VAL A 6 -2.55 -5.06 2.35
C VAL A 6 -2.20 -6.55 2.25
N SER A 7 -2.44 -7.12 1.08
CA SER A 7 -2.14 -8.54 0.87
C SER A 7 -1.04 -8.70 -0.18
N LEU A 8 0.16 -9.05 0.28
CA LEU A 8 1.29 -9.25 -0.61
C LEU A 8 1.33 -10.67 -1.17
N MET A 9 2.08 -10.85 -2.25
CA MET A 9 2.22 -12.15 -2.90
C MET A 9 3.05 -12.03 -4.16
N TYR A 10 4.14 -12.79 -4.23
CA TYR A 10 5.00 -12.75 -5.40
C TYR A 10 4.74 -13.92 -6.33
N SER A 11 4.53 -13.61 -7.61
CA SER A 11 4.26 -14.64 -8.61
C SER A 11 5.52 -14.95 -9.41
N THR A 12 6.41 -15.74 -8.82
CA THR A 12 7.65 -16.12 -9.50
C THR A 12 7.35 -16.51 -10.94
N GLN A 13 6.29 -17.29 -11.11
CA GLN A 13 5.89 -17.73 -12.43
C GLN A 13 5.81 -16.55 -13.38
N GLN A 14 5.18 -15.48 -12.92
CA GLN A 14 5.03 -14.27 -13.72
C GLN A 14 6.29 -13.41 -13.63
N GLY A 15 7.10 -13.67 -12.60
CA GLY A 15 8.34 -12.93 -12.42
C GLY A 15 8.10 -11.54 -11.88
N GLY A 16 7.16 -11.42 -10.96
CA GLY A 16 6.85 -10.11 -10.38
C GLY A 16 6.15 -10.22 -9.04
N LEU A 17 6.09 -9.11 -8.32
CA LEU A 17 5.43 -9.07 -7.02
C LEU A 17 3.96 -8.70 -7.18
N ILE A 18 3.16 -9.03 -6.18
CA ILE A 18 1.73 -8.72 -6.22
C ILE A 18 1.28 -8.02 -4.95
N VAL A 19 0.76 -6.81 -5.10
CA VAL A 19 0.29 -6.03 -3.96
C VAL A 19 -1.23 -6.01 -3.93
N GLY A 20 -1.81 -6.56 -2.88
CA GLY A 20 -3.26 -6.61 -2.78
C GLY A 20 -3.84 -5.58 -1.82
N ILE A 21 -4.46 -4.55 -2.38
CA ILE A 21 -5.08 -3.52 -1.57
C ILE A 21 -6.52 -3.91 -1.23
N ILE A 22 -6.69 -4.58 -0.11
CA ILE A 22 -8.02 -5.05 0.29
C ILE A 22 -8.92 -3.91 0.73
N ARG A 23 -8.71 -3.40 1.94
CA ARG A 23 -9.55 -2.33 2.46
C ARG A 23 -8.86 -1.58 3.59
N CYS A 24 -9.43 -0.44 3.95
CA CYS A 24 -8.91 0.38 5.04
C CYS A 24 -9.96 0.59 6.11
N VAL A 25 -9.54 0.99 7.30
CA VAL A 25 -10.49 1.20 8.40
C VAL A 25 -10.06 2.34 9.31
N HIS A 26 -11.04 3.00 9.90
CA HIS A 26 -10.79 4.12 10.80
C HIS A 26 -9.94 5.19 10.15
N LEU A 27 -10.32 5.59 8.94
CA LEU A 27 -9.60 6.61 8.20
C LEU A 27 -10.02 8.00 8.65
N ALA A 28 -9.08 8.93 8.68
CA ALA A 28 -9.35 10.30 9.09
C ALA A 28 -10.22 11.02 8.07
N ALA A 29 -11.02 11.97 8.54
CA ALA A 29 -11.89 12.75 7.67
C ALA A 29 -11.51 14.22 7.69
N MET A 30 -10.95 14.69 6.58
CA MET A 30 -10.54 16.09 6.48
C MET A 30 -11.69 16.96 6.01
N ASP A 31 -12.66 16.33 5.36
CA ASP A 31 -13.83 17.04 4.86
C ASP A 31 -14.72 17.49 6.01
N ALA A 32 -15.42 18.59 5.82
CA ALA A 32 -16.31 19.12 6.85
C ALA A 32 -17.50 18.19 7.09
N ASN A 33 -17.62 17.17 6.26
CA ASN A 33 -18.71 16.20 6.39
C ASN A 33 -18.37 15.13 7.43
N GLY A 34 -17.13 15.12 7.87
CA GLY A 34 -16.70 14.14 8.85
C GLY A 34 -16.13 12.89 8.21
N TYR A 35 -15.99 12.93 6.88
CA TYR A 35 -15.45 11.79 6.15
C TYR A 35 -14.26 12.19 5.28
N SER A 36 -13.85 11.28 4.41
CA SER A 36 -12.72 11.53 3.52
C SER A 36 -12.82 10.71 2.24
N ASP A 37 -11.96 11.00 1.27
CA ASP A 37 -11.95 10.30 0.00
C ASP A 37 -10.59 9.60 -0.17
N PRO A 38 -10.28 8.70 0.78
CA PRO A 38 -9.01 7.97 0.80
C PRO A 38 -8.79 6.96 -0.32
N PHE A 39 -7.54 6.91 -0.76
CA PHE A 39 -7.08 5.98 -1.78
C PHE A 39 -5.69 5.52 -1.38
N VAL A 40 -5.22 4.40 -1.91
CA VAL A 40 -3.90 3.92 -1.54
C VAL A 40 -2.92 3.99 -2.69
N LYS A 41 -1.72 4.48 -2.39
CA LYS A 41 -0.66 4.59 -3.37
C LYS A 41 0.51 3.68 -2.98
N LEU A 42 1.04 2.95 -3.95
CA LEU A 42 2.15 2.05 -3.68
C LEU A 42 3.32 2.31 -4.61
N TRP A 43 4.52 2.29 -4.05
CA TRP A 43 5.73 2.53 -4.83
C TRP A 43 6.89 1.70 -4.29
N LEU A 44 7.41 0.81 -5.12
CA LEU A 44 8.53 -0.05 -4.74
C LEU A 44 9.85 0.56 -5.18
N LYS A 45 10.64 1.00 -4.20
CA LYS A 45 11.93 1.61 -4.46
C LYS A 45 13.02 0.55 -4.58
N PRO A 46 14.05 0.84 -5.40
CA PRO A 46 14.13 2.09 -6.13
C PRO A 46 13.19 2.10 -7.33
N ASP A 47 13.23 3.18 -8.07
CA ASP A 47 12.38 3.35 -9.25
C ASP A 47 13.00 2.64 -10.45
N MET A 48 12.42 1.51 -10.82
CA MET A 48 12.92 0.74 -11.95
C MET A 48 12.44 1.33 -13.27
N GLY A 49 11.17 1.76 -13.30
CA GLY A 49 10.62 2.33 -14.51
C GLY A 49 9.87 3.61 -14.25
N LYS A 50 9.82 4.03 -12.99
CA LYS A 50 9.11 5.24 -12.61
C LYS A 50 7.64 4.95 -12.31
N LYS A 51 7.08 4.00 -13.06
CA LYS A 51 5.69 3.61 -12.88
C LYS A 51 5.49 2.93 -11.54
N ALA A 52 6.61 2.62 -10.89
CA ALA A 52 6.58 1.97 -9.58
C ALA A 52 5.48 2.55 -8.72
N LYS A 53 5.11 3.80 -8.98
CA LYS A 53 4.07 4.47 -8.23
C LYS A 53 2.70 3.88 -8.57
N HIS A 54 1.75 4.02 -7.66
CA HIS A 54 0.40 3.49 -7.87
C HIS A 54 -0.63 4.24 -7.03
N LYS A 55 -1.90 4.03 -7.35
CA LYS A 55 -3.01 4.67 -6.63
C LYS A 55 -4.30 3.88 -6.83
N THR A 56 -4.77 3.24 -5.77
CA THR A 56 -6.00 2.46 -5.83
C THR A 56 -7.21 3.37 -6.05
N GLN A 57 -8.28 2.80 -6.58
CA GLN A 57 -9.50 3.56 -6.82
C GLN A 57 -9.77 4.51 -5.65
N ILE A 58 -10.43 5.61 -5.93
CA ILE A 58 -10.74 6.60 -4.90
C ILE A 58 -12.02 6.24 -4.15
N LYS A 59 -11.90 6.07 -2.84
CA LYS A 59 -13.05 5.73 -2.00
C LYS A 59 -13.72 7.00 -1.50
N LYS A 60 -14.47 7.66 -2.38
CA LYS A 60 -15.15 8.90 -2.05
C LYS A 60 -16.03 8.77 -0.81
N LYS A 61 -16.12 9.85 -0.06
CA LYS A 61 -16.94 9.90 1.16
C LYS A 61 -16.97 8.56 1.89
N THR A 62 -15.87 8.21 2.53
CA THR A 62 -15.79 6.96 3.28
C THR A 62 -14.43 6.82 3.96
N LEU A 63 -14.44 6.24 5.16
CA LEU A 63 -13.21 6.05 5.93
C LEU A 63 -12.94 4.57 6.16
N ASN A 64 -13.94 3.73 5.90
CA ASN A 64 -13.81 2.29 6.09
C ASN A 64 -14.21 1.55 4.81
N PRO A 65 -13.71 2.00 3.66
CA PRO A 65 -14.02 1.39 2.36
C PRO A 65 -13.25 0.10 2.10
N GLU A 66 -13.51 -0.51 0.96
CA GLU A 66 -12.85 -1.74 0.57
C GLU A 66 -12.32 -1.63 -0.87
N PHE A 67 -10.99 -1.64 -1.00
CA PHE A 67 -10.37 -1.53 -2.31
C PHE A 67 -10.39 -2.86 -3.05
N ASN A 68 -9.81 -3.90 -2.43
CA ASN A 68 -9.76 -5.22 -3.04
C ASN A 68 -9.09 -5.14 -4.40
N GLU A 69 -7.97 -4.42 -4.46
CA GLU A 69 -7.23 -4.24 -5.70
C GLU A 69 -5.95 -5.07 -5.71
N GLU A 70 -5.84 -5.97 -6.68
CA GLU A 70 -4.67 -6.81 -6.81
C GLU A 70 -3.66 -6.19 -7.77
N PHE A 71 -2.57 -5.66 -7.21
CA PHE A 71 -1.54 -5.01 -8.00
C PHE A 71 -0.51 -6.01 -8.51
N PHE A 72 0.37 -5.53 -9.38
CA PHE A 72 1.43 -6.36 -9.94
C PHE A 72 2.71 -5.54 -10.14
N TYR A 73 3.79 -5.98 -9.53
CA TYR A 73 5.07 -5.28 -9.63
C TYR A 73 5.99 -6.00 -10.60
N ASP A 74 6.89 -5.25 -11.22
CA ASP A 74 7.84 -5.82 -12.17
C ASP A 74 9.24 -5.91 -11.57
N ILE A 75 9.38 -6.74 -10.55
CA ILE A 75 10.67 -6.92 -9.89
C ILE A 75 10.95 -8.40 -9.65
N LYS A 76 12.19 -8.80 -9.86
CA LYS A 76 12.59 -10.19 -9.66
C LYS A 76 12.70 -10.50 -8.18
N HIS A 77 12.17 -11.66 -7.78
CA HIS A 77 12.20 -12.07 -6.38
C HIS A 77 13.57 -11.80 -5.76
N SER A 78 14.62 -12.28 -6.43
CA SER A 78 15.98 -12.08 -5.94
C SER A 78 16.23 -10.64 -5.56
N ASP A 79 15.43 -9.72 -6.12
CA ASP A 79 15.58 -8.30 -5.83
C ASP A 79 14.48 -7.83 -4.88
N LEU A 80 13.31 -8.46 -4.98
CA LEU A 80 12.18 -8.12 -4.13
C LEU A 80 12.66 -7.70 -2.74
N ALA A 81 13.21 -8.66 -2.01
CA ALA A 81 13.71 -8.40 -0.67
C ALA A 81 14.36 -7.02 -0.55
N LYS A 82 15.35 -6.76 -1.40
CA LYS A 82 16.06 -5.48 -1.38
C LYS A 82 15.13 -4.33 -1.69
N LYS A 83 13.98 -4.63 -2.26
CA LYS A 83 13.01 -3.61 -2.61
C LYS A 83 12.43 -2.97 -1.36
N SER A 84 11.55 -1.99 -1.57
CA SER A 84 10.90 -1.29 -0.47
C SER A 84 9.55 -0.74 -0.92
N LEU A 85 8.49 -1.41 -0.52
CA LEU A 85 7.13 -0.99 -0.89
C LEU A 85 6.65 0.14 0.02
N ASP A 86 5.97 1.11 -0.56
CA ASP A 86 5.45 2.24 0.19
C ASP A 86 3.94 2.38 0.01
N ILE A 87 3.18 1.86 0.96
CA ILE A 87 1.73 1.92 0.90
C ILE A 87 1.22 3.16 1.63
N SER A 88 0.95 4.22 0.88
CA SER A 88 0.47 5.47 1.46
C SER A 88 -0.98 5.75 1.05
N VAL A 89 -1.80 6.08 2.04
CA VAL A 89 -3.20 6.39 1.78
C VAL A 89 -3.43 7.89 1.87
N TRP A 90 -4.03 8.46 0.83
CA TRP A 90 -4.29 9.89 0.79
C TRP A 90 -5.77 10.19 0.60
N ASP A 91 -6.22 11.29 1.17
CA ASP A 91 -7.62 11.71 1.05
C ASP A 91 -7.83 12.52 -0.21
N TYR A 92 -8.53 11.94 -1.17
CA TYR A 92 -8.82 12.59 -2.44
C TYR A 92 -9.63 13.87 -2.23
N ASP A 93 -9.67 14.72 -3.26
CA ASP A 93 -10.40 15.97 -3.19
C ASP A 93 -10.72 16.49 -4.59
N ILE A 94 -11.99 16.80 -4.83
CA ILE A 94 -12.41 17.31 -6.13
C ILE A 94 -12.31 18.84 -6.17
N GLY A 95 -11.89 19.37 -7.31
CA GLY A 95 -11.77 20.81 -7.47
C GLY A 95 -10.53 21.36 -6.78
N LYS A 96 -9.81 20.49 -6.09
CA LYS A 96 -8.60 20.90 -5.38
C LYS A 96 -7.59 19.75 -5.31
N SER A 97 -6.58 19.92 -4.47
CA SER A 97 -5.55 18.89 -4.31
C SER A 97 -6.03 17.77 -3.41
N ASN A 98 -5.12 16.84 -3.11
CA ASN A 98 -5.45 15.70 -2.25
C ASN A 98 -5.02 15.97 -0.81
N ASP A 99 -5.00 14.92 0.00
CA ASP A 99 -4.61 15.04 1.41
C ASP A 99 -3.91 13.77 1.89
N TYR A 100 -2.93 13.94 2.76
CA TYR A 100 -2.18 12.81 3.30
C TYR A 100 -2.84 12.27 4.56
N ILE A 101 -3.45 11.09 4.45
CA ILE A 101 -4.12 10.48 5.59
C ILE A 101 -3.13 9.63 6.40
N GLY A 102 -2.25 8.92 5.70
CA GLY A 102 -1.27 8.09 6.37
C GLY A 102 -0.85 6.89 5.54
N GLY A 103 0.25 6.27 5.95
CA GLY A 103 0.74 5.11 5.23
C GLY A 103 1.86 4.39 5.98
N CYS A 104 2.64 3.59 5.26
CA CYS A 104 3.73 2.84 5.85
C CYS A 104 4.60 2.21 4.78
N GLN A 105 5.86 1.97 5.10
CA GLN A 105 6.80 1.36 4.16
C GLN A 105 6.92 -0.14 4.41
N LEU A 106 7.34 -0.87 3.38
CA LEU A 106 7.50 -2.33 3.50
C LEU A 106 8.70 -2.81 2.70
N GLY A 107 9.84 -2.93 3.37
CA GLY A 107 11.05 -3.38 2.72
C GLY A 107 11.83 -4.32 3.62
N ILE A 108 12.43 -5.36 3.02
CA ILE A 108 13.18 -6.33 3.78
C ILE A 108 14.33 -5.67 4.56
N SER A 109 14.63 -4.43 4.23
CA SER A 109 15.68 -3.69 4.93
C SER A 109 15.10 -2.99 6.16
N ALA A 110 13.90 -3.40 6.55
CA ALA A 110 13.20 -2.82 7.69
C ALA A 110 13.46 -3.63 8.96
N LYS A 111 12.61 -3.43 9.96
CA LYS A 111 12.72 -4.14 11.23
C LYS A 111 11.37 -4.24 11.91
N GLY A 112 11.09 -5.40 12.49
CA GLY A 112 9.82 -5.60 13.18
C GLY A 112 8.79 -6.29 12.29
N GLU A 113 7.77 -5.55 11.88
CA GLU A 113 6.72 -6.09 11.03
C GLU A 113 7.01 -5.80 9.56
N ARG A 114 7.42 -4.57 9.27
CA ARG A 114 7.73 -4.17 7.90
C ARG A 114 8.54 -5.25 7.20
N LEU A 115 9.27 -6.02 7.99
CA LEU A 115 10.10 -7.10 7.45
C LEU A 115 9.33 -8.41 7.39
N LYS A 116 8.74 -8.79 8.52
CA LYS A 116 7.96 -10.03 8.60
C LYS A 116 6.97 -10.14 7.44
N HIS A 117 6.03 -9.21 7.38
CA HIS A 117 5.02 -9.20 6.33
C HIS A 117 5.68 -9.23 4.96
N TRP A 118 6.53 -8.26 4.72
CA TRP A 118 7.24 -8.15 3.45
C TRP A 118 8.10 -9.38 3.18
N TYR A 119 9.25 -9.43 3.85
CA TYR A 119 10.18 -10.53 3.70
C TYR A 119 9.48 -11.89 3.68
N GLU A 120 8.86 -12.26 4.79
CA GLU A 120 8.19 -13.55 4.86
C GLU A 120 7.39 -13.81 3.58
N CYS A 121 6.91 -12.73 2.98
CA CYS A 121 6.16 -12.83 1.74
C CYS A 121 7.05 -13.41 0.65
N LEU A 122 8.30 -12.94 0.63
CA LEU A 122 9.28 -13.42 -0.33
C LEU A 122 9.47 -14.92 -0.21
N LYS A 123 9.18 -15.44 0.98
CA LYS A 123 9.31 -16.87 1.23
C LYS A 123 8.07 -17.61 0.75
N ASN A 124 6.90 -17.03 1.05
CA ASN A 124 5.64 -17.61 0.64
C ASN A 124 5.09 -16.91 -0.60
N LYS A 125 5.98 -16.57 -1.53
CA LYS A 125 5.60 -15.90 -2.76
C LYS A 125 4.26 -16.40 -3.28
N ASP A 126 4.28 -17.60 -3.86
CA ASP A 126 3.07 -18.20 -4.42
C ASP A 126 1.90 -18.10 -3.44
N LYS A 127 2.21 -17.93 -2.16
CA LYS A 127 1.18 -17.82 -1.13
C LYS A 127 0.85 -16.36 -0.84
N LYS A 128 -0.42 -16.08 -0.60
CA LYS A 128 -0.86 -14.71 -0.32
C LYS A 128 -0.57 -14.33 1.12
N ILE A 129 -0.09 -13.12 1.33
CA ILE A 129 0.23 -12.61 2.65
C ILE A 129 -0.53 -11.32 2.92
N GLU A 130 -1.44 -11.35 3.89
CA GLU A 130 -2.22 -10.16 4.22
C GLU A 130 -2.02 -9.76 5.67
N ARG A 131 -2.14 -8.45 5.92
CA ARG A 131 -1.97 -7.92 7.27
C ARG A 131 -2.35 -6.44 7.31
N TRP A 132 -2.92 -6.00 8.43
CA TRP A 132 -3.34 -4.61 8.60
C TRP A 132 -2.17 -3.73 9.00
N HIS A 133 -2.02 -2.61 8.30
CA HIS A 133 -0.94 -1.67 8.57
C HIS A 133 -1.49 -0.38 9.17
N GLN A 134 -0.90 0.06 10.27
CA GLN A 134 -1.32 1.27 10.94
C GLN A 134 -0.79 2.50 10.22
N LEU A 135 -1.68 3.21 9.54
CA LEU A 135 -1.31 4.40 8.78
C LEU A 135 -0.48 5.35 9.65
N GLN A 136 0.66 5.77 9.11
CA GLN A 136 1.55 6.69 9.81
C GLN A 136 1.70 8.00 9.04
N ASN A 137 2.22 9.02 9.72
CA ASN A 137 2.40 10.32 9.09
C ASN A 137 3.87 10.54 8.72
N GLU A 138 4.14 10.59 7.43
CA GLU A 138 5.51 10.80 6.94
C GLU A 138 5.85 12.29 6.89
N ASN A 139 5.27 12.98 5.92
CA ASN A 139 5.52 14.41 5.76
C ASN A 139 4.22 15.15 5.38
N HIS A 140 4.25 16.47 5.49
CA HIS A 140 3.09 17.28 5.16
C HIS A 140 3.30 18.02 3.84
N ARG A 1 -5.96 8.60 12.06
CA ARG A 1 -5.19 8.15 10.87
C ARG A 1 -5.88 6.97 10.19
N GLY A 2 -5.87 5.82 10.85
CA GLY A 2 -6.50 4.63 10.30
C GLY A 2 -5.49 3.55 9.94
N LYS A 3 -6.00 2.39 9.56
CA LYS A 3 -5.15 1.27 9.18
C LYS A 3 -5.64 0.66 7.87
N ILE A 4 -4.70 0.28 7.00
CA ILE A 4 -5.06 -0.31 5.72
C ILE A 4 -4.54 -1.73 5.59
N LEU A 5 -5.44 -2.64 5.24
CA LEU A 5 -5.07 -4.05 5.07
C LEU A 5 -4.43 -4.27 3.71
N VAL A 6 -3.30 -4.96 3.70
CA VAL A 6 -2.59 -5.24 2.46
C VAL A 6 -2.22 -6.71 2.35
N SER A 7 -2.43 -7.28 1.18
CA SER A 7 -2.13 -8.69 0.94
C SER A 7 -1.03 -8.82 -0.10
N LEU A 8 0.15 -9.26 0.33
CA LEU A 8 1.28 -9.42 -0.57
C LEU A 8 1.34 -10.82 -1.16
N MET A 9 2.12 -10.97 -2.23
CA MET A 9 2.27 -12.25 -2.91
C MET A 9 3.14 -12.08 -4.15
N TYR A 10 4.05 -13.04 -4.40
CA TYR A 10 4.92 -12.95 -5.56
C TYR A 10 4.70 -14.13 -6.49
N SER A 11 4.53 -13.84 -7.77
CA SER A 11 4.31 -14.85 -8.79
C SER A 11 5.58 -15.10 -9.59
N THR A 12 6.47 -15.93 -9.05
CA THR A 12 7.72 -16.25 -9.73
C THR A 12 7.43 -16.68 -11.15
N GLN A 13 6.29 -17.34 -11.33
CA GLN A 13 5.87 -17.80 -12.65
C GLN A 13 5.81 -16.63 -13.61
N GLN A 14 5.18 -15.55 -13.17
CA GLN A 14 5.07 -14.35 -13.97
C GLN A 14 6.33 -13.50 -13.81
N GLY A 15 7.10 -13.81 -12.78
CA GLY A 15 8.33 -13.08 -12.53
C GLY A 15 8.09 -11.67 -12.01
N GLY A 16 7.11 -11.54 -11.13
CA GLY A 16 6.79 -10.23 -10.56
C GLY A 16 6.13 -10.33 -9.20
N LEU A 17 6.06 -9.20 -8.51
CA LEU A 17 5.45 -9.15 -7.19
C LEU A 17 3.97 -8.79 -7.29
N ILE A 18 3.21 -9.12 -6.25
CA ILE A 18 1.78 -8.83 -6.23
C ILE A 18 1.39 -8.09 -4.96
N VAL A 19 0.78 -6.92 -5.13
CA VAL A 19 0.35 -6.11 -4.00
C VAL A 19 -1.17 -6.03 -3.94
N GLY A 20 -1.74 -6.51 -2.85
CA GLY A 20 -3.19 -6.51 -2.71
C GLY A 20 -3.69 -5.52 -1.68
N ILE A 21 -4.55 -4.60 -2.13
CA ILE A 21 -5.13 -3.60 -1.24
C ILE A 21 -6.57 -3.99 -0.90
N ILE A 22 -6.75 -4.60 0.27
CA ILE A 22 -8.06 -5.04 0.70
C ILE A 22 -8.95 -3.89 1.14
N ARG A 23 -8.68 -3.35 2.32
CA ARG A 23 -9.49 -2.25 2.84
C ARG A 23 -8.76 -1.46 3.93
N CYS A 24 -9.36 -0.35 4.34
CA CYS A 24 -8.80 0.50 5.38
C CYS A 24 -9.85 0.77 6.45
N VAL A 25 -9.40 1.16 7.64
CA VAL A 25 -10.32 1.44 8.73
C VAL A 25 -9.88 2.63 9.57
N HIS A 26 -10.87 3.38 10.06
CA HIS A 26 -10.61 4.55 10.90
C HIS A 26 -9.73 5.56 10.17
N LEU A 27 -10.17 6.00 9.00
CA LEU A 27 -9.42 6.97 8.22
C LEU A 27 -9.81 8.39 8.59
N ALA A 28 -8.87 9.32 8.44
CA ALA A 28 -9.12 10.72 8.76
C ALA A 28 -10.10 11.34 7.76
N ALA A 29 -10.79 12.39 8.19
CA ALA A 29 -11.76 13.07 7.33
C ALA A 29 -11.25 14.45 6.94
N MET A 30 -11.07 14.65 5.63
CA MET A 30 -10.59 15.93 5.11
C MET A 30 -11.75 16.90 4.91
N ASP A 31 -12.97 16.35 4.79
CA ASP A 31 -14.15 17.17 4.58
C ASP A 31 -14.77 17.59 5.91
N ALA A 32 -15.62 18.60 5.86
CA ALA A 32 -16.28 19.09 7.07
C ALA A 32 -17.41 18.18 7.50
N ASN A 33 -17.70 17.16 6.68
CA ASN A 33 -18.76 16.21 6.99
C ASN A 33 -18.26 15.13 7.95
N GLY A 34 -16.95 15.09 8.15
CA GLY A 34 -16.37 14.10 9.05
C GLY A 34 -15.87 12.87 8.30
N TYR A 35 -15.90 12.92 6.98
CA TYR A 35 -15.45 11.80 6.16
C TYR A 35 -14.32 12.20 5.23
N SER A 36 -13.99 11.32 4.29
CA SER A 36 -12.91 11.58 3.33
C SER A 36 -13.05 10.75 2.07
N ASP A 37 -12.16 10.98 1.11
CA ASP A 37 -12.15 10.25 -0.15
C ASP A 37 -10.81 9.53 -0.29
N PRO A 38 -10.51 8.67 0.69
CA PRO A 38 -9.23 7.94 0.74
C PRO A 38 -9.03 6.89 -0.35
N PHE A 39 -7.77 6.77 -0.74
CA PHE A 39 -7.33 5.80 -1.74
C PHE A 39 -5.94 5.32 -1.33
N VAL A 40 -5.51 4.18 -1.83
CA VAL A 40 -4.20 3.68 -1.46
C VAL A 40 -3.21 3.76 -2.62
N LYS A 41 -2.02 4.27 -2.32
CA LYS A 41 -0.98 4.41 -3.32
C LYS A 41 0.24 3.58 -2.93
N LEU A 42 0.73 2.79 -3.88
CA LEU A 42 1.87 1.93 -3.63
C LEU A 42 3.03 2.25 -4.56
N TRP A 43 4.24 2.17 -4.02
CA TRP A 43 5.43 2.44 -4.81
C TRP A 43 6.61 1.61 -4.32
N LEU A 44 7.07 0.69 -5.17
CA LEU A 44 8.21 -0.15 -4.84
C LEU A 44 9.49 0.51 -5.32
N LYS A 45 10.54 0.47 -4.49
CA LYS A 45 11.80 1.08 -4.84
C LYS A 45 12.97 0.23 -4.32
N PRO A 46 14.21 0.50 -4.80
CA PRO A 46 14.50 1.54 -5.79
C PRO A 46 13.77 1.31 -7.11
N ASP A 47 13.23 0.11 -7.27
CA ASP A 47 12.48 -0.24 -8.47
C ASP A 47 13.30 -0.01 -9.73
N MET A 48 12.60 0.08 -10.86
CA MET A 48 13.23 0.31 -12.14
C MET A 48 12.91 1.72 -12.67
N GLY A 49 12.07 2.44 -11.94
CA GLY A 49 11.70 3.78 -12.35
C GLY A 49 11.01 4.54 -11.24
N LYS A 50 10.56 5.76 -11.55
CA LYS A 50 9.88 6.60 -10.56
C LYS A 50 8.36 6.46 -10.68
N LYS A 51 7.91 5.87 -11.79
CA LYS A 51 6.49 5.69 -12.03
C LYS A 51 6.00 4.40 -11.36
N ALA A 52 6.84 3.83 -10.49
CA ALA A 52 6.49 2.61 -9.79
C ALA A 52 5.33 2.83 -8.82
N LYS A 53 4.94 4.09 -8.64
CA LYS A 53 3.85 4.42 -7.74
C LYS A 53 2.51 3.97 -8.29
N HIS A 54 1.53 3.81 -7.42
CA HIS A 54 0.19 3.38 -7.81
C HIS A 54 -0.88 4.08 -6.98
N LYS A 55 -2.14 3.86 -7.35
CA LYS A 55 -3.27 4.46 -6.63
C LYS A 55 -4.53 3.63 -6.85
N THR A 56 -5.04 3.03 -5.78
CA THR A 56 -6.23 2.19 -5.87
C THR A 56 -7.48 3.05 -6.06
N GLN A 57 -8.57 2.40 -6.47
CA GLN A 57 -9.84 3.09 -6.69
C GLN A 57 -10.11 4.08 -5.56
N ILE A 58 -10.63 5.25 -5.91
CA ILE A 58 -10.94 6.27 -4.92
C ILE A 58 -12.28 5.99 -4.25
N LYS A 59 -12.27 5.88 -2.93
CA LYS A 59 -13.50 5.64 -2.18
C LYS A 59 -14.00 6.94 -1.57
N LYS A 60 -14.67 7.73 -2.40
CA LYS A 60 -15.21 9.02 -1.99
C LYS A 60 -16.02 8.91 -0.70
N LYS A 61 -16.06 10.01 0.05
CA LYS A 61 -16.82 10.10 1.29
C LYS A 61 -16.86 8.76 2.02
N THR A 62 -15.77 8.41 2.70
CA THR A 62 -15.71 7.17 3.47
C THR A 62 -14.37 7.02 4.16
N LEU A 63 -14.39 6.49 5.37
CA LEU A 63 -13.18 6.29 6.16
C LEU A 63 -12.93 4.81 6.43
N ASN A 64 -13.93 3.99 6.14
CA ASN A 64 -13.84 2.56 6.36
C ASN A 64 -14.27 1.80 5.10
N PRO A 65 -13.74 2.19 3.94
CA PRO A 65 -14.07 1.58 2.65
C PRO A 65 -13.35 0.26 2.43
N GLU A 66 -13.59 -0.33 1.26
CA GLU A 66 -12.96 -1.59 0.88
C GLU A 66 -12.41 -1.51 -0.54
N PHE A 67 -11.09 -1.64 -0.67
CA PHE A 67 -10.44 -1.56 -1.97
C PHE A 67 -10.45 -2.92 -2.67
N ASN A 68 -9.89 -3.92 -2.02
CA ASN A 68 -9.83 -5.26 -2.60
C ASN A 68 -9.20 -5.20 -3.99
N GLU A 69 -8.07 -4.53 -4.08
CA GLU A 69 -7.36 -4.38 -5.36
C GLU A 69 -6.09 -5.23 -5.39
N GLU A 70 -5.91 -5.96 -6.48
CA GLU A 70 -4.74 -6.80 -6.66
C GLU A 70 -3.78 -6.19 -7.67
N PHE A 71 -2.61 -5.76 -7.18
CA PHE A 71 -1.61 -5.14 -8.03
C PHE A 71 -0.59 -6.15 -8.56
N PHE A 72 0.26 -5.69 -9.46
CA PHE A 72 1.30 -6.52 -10.06
C PHE A 72 2.56 -5.70 -10.30
N TYR A 73 3.67 -6.16 -9.74
CA TYR A 73 4.95 -5.47 -9.88
C TYR A 73 5.86 -6.22 -10.85
N ASP A 74 6.79 -5.50 -11.44
CA ASP A 74 7.72 -6.11 -12.39
C ASP A 74 9.14 -6.10 -11.83
N ILE A 75 9.35 -6.81 -10.73
CA ILE A 75 10.66 -6.89 -10.10
C ILE A 75 11.07 -8.34 -9.88
N LYS A 76 12.33 -8.64 -10.14
CA LYS A 76 12.84 -9.99 -9.96
C LYS A 76 12.94 -10.32 -8.48
N HIS A 77 12.44 -11.49 -8.10
CA HIS A 77 12.46 -11.92 -6.72
C HIS A 77 13.82 -11.64 -6.07
N SER A 78 14.89 -11.98 -6.78
CA SER A 78 16.24 -11.77 -6.28
C SER A 78 16.43 -10.32 -5.84
N ASP A 79 15.64 -9.42 -6.42
CA ASP A 79 15.72 -8.00 -6.09
C ASP A 79 14.60 -7.61 -5.12
N LEU A 80 13.49 -8.32 -5.22
CA LEU A 80 12.33 -8.06 -4.36
C LEU A 80 12.78 -7.64 -2.97
N ALA A 81 13.38 -8.57 -2.24
CA ALA A 81 13.86 -8.33 -0.89
C ALA A 81 14.39 -6.91 -0.72
N LYS A 82 15.32 -6.51 -1.58
CA LYS A 82 15.92 -5.18 -1.51
C LYS A 82 14.89 -4.10 -1.78
N LYS A 83 13.82 -4.46 -2.45
CA LYS A 83 12.77 -3.50 -2.77
C LYS A 83 12.12 -2.95 -1.50
N SER A 84 11.34 -1.90 -1.66
CA SER A 84 10.65 -1.28 -0.54
C SER A 84 9.28 -0.75 -0.98
N LEU A 85 8.24 -1.49 -0.64
CA LEU A 85 6.88 -1.10 -1.00
C LEU A 85 6.34 -0.04 -0.06
N ASP A 86 5.94 1.11 -0.61
CA ASP A 86 5.40 2.20 0.19
C ASP A 86 3.90 2.32 -0.01
N ILE A 87 3.14 1.75 0.93
CA ILE A 87 1.68 1.80 0.87
C ILE A 87 1.16 3.02 1.62
N SER A 88 0.77 4.05 0.88
CA SER A 88 0.28 5.28 1.49
C SER A 88 -1.16 5.56 1.09
N VAL A 89 -1.99 5.90 2.08
CA VAL A 89 -3.39 6.21 1.84
C VAL A 89 -3.59 7.73 1.85
N TRP A 90 -4.19 8.26 0.80
CA TRP A 90 -4.42 9.70 0.69
C TRP A 90 -5.89 10.02 0.46
N ASP A 91 -6.33 11.17 0.99
CA ASP A 91 -7.71 11.59 0.83
C ASP A 91 -7.88 12.34 -0.50
N TYR A 92 -8.70 11.78 -1.37
CA TYR A 92 -8.96 12.36 -2.68
C TYR A 92 -9.71 13.69 -2.56
N ASP A 93 -9.78 14.42 -3.66
CA ASP A 93 -10.46 15.71 -3.69
C ASP A 93 -10.83 16.08 -5.12
N ILE A 94 -12.12 16.31 -5.36
CA ILE A 94 -12.60 16.68 -6.70
C ILE A 94 -12.50 18.18 -6.92
N GLY A 95 -11.87 18.57 -8.03
CA GLY A 95 -11.72 19.98 -8.34
C GLY A 95 -10.60 20.63 -7.56
N LYS A 96 -10.01 19.88 -6.64
CA LYS A 96 -8.91 20.40 -5.82
C LYS A 96 -7.81 19.36 -5.68
N SER A 97 -6.82 19.67 -4.85
CA SER A 97 -5.71 18.76 -4.61
C SER A 97 -6.07 17.71 -3.57
N ASN A 98 -5.33 16.59 -3.57
CA ASN A 98 -5.57 15.52 -2.63
C ASN A 98 -4.99 15.84 -1.26
N ASP A 99 -5.11 14.89 -0.34
CA ASP A 99 -4.59 15.07 1.02
C ASP A 99 -3.95 13.79 1.52
N TYR A 100 -2.95 13.94 2.39
CA TYR A 100 -2.26 12.79 2.95
C TYR A 100 -2.92 12.30 4.23
N ILE A 101 -3.48 11.10 4.18
CA ILE A 101 -4.16 10.52 5.33
C ILE A 101 -3.18 9.70 6.18
N GLY A 102 -2.28 8.98 5.50
CA GLY A 102 -1.31 8.17 6.20
C GLY A 102 -0.87 6.97 5.38
N GLY A 103 0.28 6.41 5.73
CA GLY A 103 0.79 5.25 5.01
C GLY A 103 1.82 4.47 5.80
N CYS A 104 2.48 3.54 5.13
CA CYS A 104 3.50 2.72 5.77
C CYS A 104 4.43 2.10 4.73
N GLN A 105 5.69 1.91 5.11
CA GLN A 105 6.68 1.34 4.19
C GLN A 105 6.82 -0.16 4.42
N LEU A 106 7.10 -0.90 3.35
CA LEU A 106 7.25 -2.34 3.43
C LEU A 106 8.48 -2.81 2.64
N GLY A 107 9.63 -2.83 3.31
CA GLY A 107 10.86 -3.25 2.68
C GLY A 107 11.62 -4.23 3.53
N ILE A 108 12.28 -5.20 2.92
CA ILE A 108 13.02 -6.19 3.66
C ILE A 108 14.12 -5.55 4.51
N SER A 109 14.41 -4.29 4.25
CA SER A 109 15.42 -3.56 5.01
C SER A 109 14.80 -2.96 6.27
N ALA A 110 13.59 -3.41 6.59
CA ALA A 110 12.87 -2.92 7.76
C ALA A 110 13.12 -3.82 8.97
N LYS A 111 12.63 -3.37 10.12
CA LYS A 111 12.77 -4.13 11.36
C LYS A 111 11.57 -3.91 12.27
N GLY A 112 11.03 -5.02 12.80
CA GLY A 112 9.88 -4.91 13.69
C GLY A 112 8.69 -5.72 13.19
N GLU A 113 8.23 -5.40 11.99
CA GLU A 113 7.09 -6.09 11.41
C GLU A 113 7.07 -5.94 9.88
N ARG A 114 7.23 -4.71 9.42
CA ARG A 114 7.24 -4.43 7.99
C ARG A 114 8.03 -5.49 7.24
N LEU A 115 9.00 -6.08 7.91
CA LEU A 115 9.83 -7.11 7.32
C LEU A 115 9.13 -8.46 7.33
N LYS A 116 8.59 -8.83 8.49
CA LYS A 116 7.89 -10.10 8.63
C LYS A 116 6.85 -10.29 7.52
N HIS A 117 6.08 -9.24 7.25
CA HIS A 117 5.07 -9.30 6.21
C HIS A 117 5.70 -9.24 4.83
N TRP A 118 6.28 -8.09 4.50
CA TRP A 118 6.93 -7.90 3.21
C TRP A 118 7.77 -9.12 2.84
N TYR A 119 8.93 -9.24 3.48
CA TYR A 119 9.84 -10.35 3.25
C TYR A 119 9.10 -11.67 3.09
N GLU A 120 8.26 -12.01 4.07
CA GLU A 120 7.52 -13.27 4.02
C GLU A 120 7.08 -13.57 2.61
N CYS A 121 6.54 -12.55 1.94
CA CYS A 121 6.08 -12.69 0.56
C CYS A 121 7.17 -13.34 -0.28
N LEU A 122 8.41 -12.92 -0.05
CA LEU A 122 9.56 -13.45 -0.78
C LEU A 122 9.76 -14.93 -0.48
N LYS A 123 9.45 -15.33 0.75
CA LYS A 123 9.58 -16.73 1.15
C LYS A 123 8.40 -17.53 0.60
N ASN A 124 7.24 -16.91 0.65
CA ASN A 124 6.02 -17.54 0.15
C ASN A 124 5.46 -16.74 -1.02
N LYS A 125 5.67 -17.24 -2.23
CA LYS A 125 5.19 -16.58 -3.43
C LYS A 125 3.78 -17.04 -3.77
N ASP A 126 3.67 -18.27 -4.27
CA ASP A 126 2.37 -18.83 -4.62
C ASP A 126 1.31 -18.43 -3.60
N LYS A 127 1.73 -18.21 -2.36
CA LYS A 127 0.82 -17.81 -1.30
C LYS A 127 0.97 -16.33 -0.99
N LYS A 128 -0.13 -15.68 -0.61
CA LYS A 128 -0.12 -14.26 -0.30
C LYS A 128 -0.03 -14.03 1.21
N ILE A 129 0.34 -12.81 1.59
CA ILE A 129 0.47 -12.43 2.99
C ILE A 129 -0.42 -11.22 3.29
N GLU A 130 -1.43 -11.42 4.12
CA GLU A 130 -2.33 -10.33 4.48
C GLU A 130 -2.05 -9.81 5.87
N ARG A 131 -1.94 -8.49 5.99
CA ARG A 131 -1.66 -7.85 7.27
C ARG A 131 -2.20 -6.43 7.32
N TRP A 132 -2.31 -5.90 8.53
CA TRP A 132 -2.80 -4.54 8.73
C TRP A 132 -1.65 -3.59 9.05
N HIS A 133 -1.62 -2.45 8.36
CA HIS A 133 -0.57 -1.46 8.58
C HIS A 133 -1.15 -0.18 9.18
N GLN A 134 -0.53 0.29 10.25
CA GLN A 134 -0.98 1.51 10.91
C GLN A 134 -0.50 2.73 10.14
N LEU A 135 -1.42 3.33 9.39
CA LEU A 135 -1.09 4.51 8.58
C LEU A 135 -0.27 5.51 9.38
N GLN A 136 0.84 5.95 8.80
CA GLN A 136 1.72 6.91 9.43
C GLN A 136 1.85 8.17 8.59
N ASN A 137 2.38 9.23 9.19
CA ASN A 137 2.56 10.50 8.48
C ASN A 137 4.03 10.76 8.18
N GLU A 138 4.37 10.85 6.90
CA GLU A 138 5.75 11.10 6.49
C GLU A 138 6.12 12.57 6.64
N ASN A 139 5.32 13.43 6.02
CA ASN A 139 5.56 14.87 6.08
C ASN A 139 4.77 15.51 7.22
N HIS A 140 5.36 16.52 7.85
CA HIS A 140 4.72 17.21 8.96
C HIS A 140 4.78 18.73 8.76
N ARG A 1 -5.60 8.73 12.83
CA ARG A 1 -5.24 7.96 11.61
C ARG A 1 -5.89 6.58 11.61
N GLY A 2 -5.88 5.93 10.45
CA GLY A 2 -6.47 4.61 10.35
C GLY A 2 -5.46 3.54 9.96
N LYS A 3 -5.97 2.38 9.57
CA LYS A 3 -5.11 1.27 9.17
C LYS A 3 -5.59 0.70 7.83
N ILE A 4 -4.65 0.40 6.94
CA ILE A 4 -5.00 -0.15 5.64
C ILE A 4 -4.50 -1.57 5.48
N LEU A 5 -5.42 -2.47 5.12
CA LEU A 5 -5.10 -3.87 4.93
C LEU A 5 -4.42 -4.09 3.58
N VAL A 6 -3.18 -4.54 3.61
CA VAL A 6 -2.43 -4.80 2.39
C VAL A 6 -2.02 -6.26 2.31
N SER A 7 -2.18 -6.85 1.13
CA SER A 7 -1.83 -8.24 0.91
C SER A 7 -0.68 -8.36 -0.09
N LEU A 8 0.20 -9.33 0.12
CA LEU A 8 1.33 -9.53 -0.77
C LEU A 8 1.27 -10.91 -1.44
N MET A 9 2.01 -11.06 -2.52
CA MET A 9 2.05 -12.32 -3.27
C MET A 9 2.92 -12.17 -4.50
N TYR A 10 4.03 -12.90 -4.55
CA TYR A 10 4.93 -12.83 -5.69
C TYR A 10 4.65 -13.95 -6.68
N SER A 11 4.56 -13.59 -7.96
CA SER A 11 4.29 -14.56 -9.01
C SER A 11 5.55 -14.87 -9.81
N THR A 12 6.41 -15.73 -9.25
CA THR A 12 7.65 -16.11 -9.92
C THR A 12 7.39 -16.42 -11.39
N GLN A 13 6.29 -17.11 -11.64
CA GLN A 13 5.92 -17.46 -13.00
C GLN A 13 5.94 -16.24 -13.90
N GLN A 14 5.34 -15.16 -13.41
CA GLN A 14 5.30 -13.90 -14.15
C GLN A 14 6.58 -13.11 -13.94
N GLY A 15 7.31 -13.45 -12.88
CA GLY A 15 8.55 -12.76 -12.58
C GLY A 15 8.33 -11.39 -11.98
N GLY A 16 7.33 -11.30 -11.10
CA GLY A 16 7.03 -10.02 -10.47
C GLY A 16 6.28 -10.20 -9.16
N LEU A 17 6.15 -9.10 -8.42
CA LEU A 17 5.44 -9.13 -7.14
C LEU A 17 3.99 -8.72 -7.32
N ILE A 18 3.13 -9.16 -6.41
CA ILE A 18 1.71 -8.83 -6.48
C ILE A 18 1.25 -8.16 -5.19
N VAL A 19 0.76 -6.93 -5.32
CA VAL A 19 0.29 -6.17 -4.18
C VAL A 19 -1.23 -6.09 -4.16
N GLY A 20 -1.84 -6.59 -3.10
CA GLY A 20 -3.29 -6.57 -3.01
C GLY A 20 -3.82 -5.61 -1.97
N ILE A 21 -4.46 -4.54 -2.44
CA ILE A 21 -5.05 -3.55 -1.54
C ILE A 21 -6.47 -3.95 -1.18
N ILE A 22 -6.65 -4.49 0.02
CA ILE A 22 -7.95 -4.94 0.47
C ILE A 22 -8.85 -3.80 0.92
N ARG A 23 -8.59 -3.28 2.12
CA ARG A 23 -9.41 -2.21 2.66
C ARG A 23 -8.68 -1.42 3.74
N CYS A 24 -9.31 -0.33 4.19
CA CYS A 24 -8.74 0.51 5.23
C CYS A 24 -9.77 0.77 6.32
N VAL A 25 -9.31 1.15 7.50
CA VAL A 25 -10.22 1.41 8.61
C VAL A 25 -9.71 2.49 9.55
N HIS A 26 -10.65 3.19 10.17
CA HIS A 26 -10.32 4.24 11.12
C HIS A 26 -9.55 5.38 10.46
N LEU A 27 -9.98 5.76 9.27
CA LEU A 27 -9.33 6.84 8.54
C LEU A 27 -9.84 8.21 9.00
N ALA A 28 -9.01 9.23 8.82
CA ALA A 28 -9.39 10.58 9.23
C ALA A 28 -10.38 11.20 8.25
N ALA A 29 -10.99 12.31 8.68
CA ALA A 29 -11.95 13.02 7.85
C ALA A 29 -11.37 14.33 7.34
N MET A 30 -11.33 14.46 6.03
CA MET A 30 -10.77 15.66 5.40
C MET A 30 -11.85 16.70 5.15
N ASP A 31 -13.11 16.26 5.19
CA ASP A 31 -14.24 17.16 4.96
C ASP A 31 -14.93 17.50 6.27
N ALA A 32 -15.75 18.54 6.25
CA ALA A 32 -16.48 18.98 7.43
C ALA A 32 -17.59 18.00 7.78
N ASN A 33 -17.78 16.99 6.94
CA ASN A 33 -18.82 15.99 7.16
C ASN A 33 -18.34 14.92 8.14
N GLY A 34 -17.04 14.93 8.43
CA GLY A 34 -16.47 13.95 9.34
C GLY A 34 -15.96 12.72 8.61
N TYR A 35 -15.88 12.80 7.29
CA TYR A 35 -15.41 11.68 6.48
C TYR A 35 -14.24 12.08 5.59
N SER A 36 -13.89 11.20 4.65
CA SER A 36 -12.79 11.45 3.72
C SER A 36 -12.96 10.68 2.42
N ASP A 37 -12.04 10.89 1.49
CA ASP A 37 -12.05 10.19 0.20
C ASP A 37 -10.70 9.55 -0.03
N PRO A 38 -10.27 8.72 0.92
CA PRO A 38 -8.96 8.05 0.90
C PRO A 38 -8.80 6.99 -0.18
N PHE A 39 -7.58 6.94 -0.72
CA PHE A 39 -7.17 5.97 -1.73
C PHE A 39 -5.77 5.50 -1.37
N VAL A 40 -5.34 4.36 -1.91
CA VAL A 40 -4.01 3.87 -1.56
C VAL A 40 -3.04 3.93 -2.74
N LYS A 41 -1.85 4.45 -2.48
CA LYS A 41 -0.80 4.55 -3.47
C LYS A 41 0.40 3.71 -3.05
N LEU A 42 0.90 2.90 -3.98
CA LEU A 42 2.03 2.02 -3.68
C LEU A 42 3.22 2.32 -4.57
N TRP A 43 4.41 2.20 -4.01
CA TRP A 43 5.64 2.44 -4.76
C TRP A 43 6.80 1.62 -4.21
N LEU A 44 7.28 0.70 -5.02
CA LEU A 44 8.41 -0.15 -4.63
C LEU A 44 9.73 0.50 -5.04
N LYS A 45 10.51 0.93 -4.05
CA LYS A 45 11.78 1.58 -4.32
C LYS A 45 12.95 0.62 -4.14
N PRO A 46 14.19 1.11 -4.36
CA PRO A 46 14.46 2.49 -4.77
C PRO A 46 13.66 2.90 -5.99
N ASP A 47 13.74 2.09 -7.05
CA ASP A 47 13.02 2.33 -8.29
C ASP A 47 13.77 1.78 -9.49
N MET A 48 13.04 1.15 -10.41
CA MET A 48 13.64 0.60 -11.61
C MET A 48 13.16 1.36 -12.84
N GLY A 49 11.98 1.96 -12.72
CA GLY A 49 11.42 2.72 -13.82
C GLY A 49 10.78 4.01 -13.35
N LYS A 50 9.59 4.29 -13.84
CA LYS A 50 8.85 5.49 -13.46
C LYS A 50 7.39 5.16 -13.19
N LYS A 51 7.07 3.87 -13.21
CA LYS A 51 5.71 3.42 -12.96
C LYS A 51 5.63 2.63 -11.65
N ALA A 52 6.72 2.65 -10.89
CA ALA A 52 6.77 1.94 -9.63
C ALA A 52 5.66 2.40 -8.69
N LYS A 53 5.19 3.62 -8.89
CA LYS A 53 4.13 4.19 -8.07
C LYS A 53 2.76 3.64 -8.48
N HIS A 54 1.76 3.85 -7.63
CA HIS A 54 0.42 3.37 -7.91
C HIS A 54 -0.63 4.11 -7.07
N LYS A 55 -1.90 3.86 -7.38
CA LYS A 55 -3.01 4.46 -6.67
C LYS A 55 -4.29 3.65 -6.89
N THR A 56 -4.88 3.15 -5.80
CA THR A 56 -6.09 2.36 -5.89
C THR A 56 -7.31 3.24 -6.09
N GLN A 57 -8.45 2.58 -6.35
CA GLN A 57 -9.70 3.30 -6.55
C GLN A 57 -9.94 4.29 -5.42
N ILE A 58 -10.67 5.36 -5.72
CA ILE A 58 -10.96 6.39 -4.73
C ILE A 58 -12.17 6.01 -3.88
N LYS A 59 -12.01 6.09 -2.56
CA LYS A 59 -13.10 5.76 -1.65
C LYS A 59 -13.78 7.04 -1.16
N LYS A 60 -14.57 7.63 -2.05
CA LYS A 60 -15.27 8.88 -1.74
C LYS A 60 -16.06 8.79 -0.44
N LYS A 61 -16.04 9.89 0.31
CA LYS A 61 -16.75 9.99 1.58
C LYS A 61 -16.77 8.65 2.32
N THR A 62 -15.68 8.36 3.02
CA THR A 62 -15.58 7.12 3.78
C THR A 62 -14.22 7.01 4.45
N LEU A 63 -14.22 6.53 5.69
CA LEU A 63 -12.98 6.39 6.45
C LEU A 63 -12.62 4.92 6.64
N ASN A 64 -13.57 4.04 6.31
CA ASN A 64 -13.35 2.60 6.45
C ASN A 64 -13.90 1.85 5.22
N PRO A 65 -13.46 2.26 4.01
CA PRO A 65 -13.92 1.64 2.76
C PRO A 65 -13.22 0.32 2.47
N GLU A 66 -13.45 -0.18 1.25
CA GLU A 66 -12.85 -1.43 0.80
C GLU A 66 -12.27 -1.28 -0.60
N PHE A 67 -10.98 -1.54 -0.74
CA PHE A 67 -10.32 -1.42 -2.04
C PHE A 67 -10.40 -2.72 -2.83
N ASN A 68 -9.87 -3.80 -2.26
CA ASN A 68 -9.87 -5.09 -2.92
C ASN A 68 -9.24 -4.98 -4.30
N GLU A 69 -8.06 -4.37 -4.36
CA GLU A 69 -7.34 -4.19 -5.61
C GLU A 69 -6.10 -5.09 -5.67
N GLU A 70 -5.89 -5.71 -6.83
CA GLU A 70 -4.75 -6.58 -7.03
C GLU A 70 -3.73 -5.94 -7.97
N PHE A 71 -2.57 -5.59 -7.42
CA PHE A 71 -1.51 -4.96 -8.20
C PHE A 71 -0.48 -5.97 -8.69
N PHE A 72 0.44 -5.47 -9.51
CA PHE A 72 1.52 -6.30 -10.06
C PHE A 72 2.79 -5.49 -10.22
N TYR A 73 3.89 -6.00 -9.67
CA TYR A 73 5.18 -5.33 -9.74
C TYR A 73 6.12 -6.06 -10.70
N ASP A 74 7.09 -5.33 -11.23
CA ASP A 74 8.04 -5.92 -12.16
C ASP A 74 9.44 -5.98 -11.55
N ILE A 75 9.56 -6.71 -10.44
CA ILE A 75 10.84 -6.85 -9.76
C ILE A 75 11.21 -8.31 -9.60
N LYS A 76 12.50 -8.61 -9.68
CA LYS A 76 12.98 -9.97 -9.55
C LYS A 76 12.96 -10.40 -8.08
N HIS A 77 12.39 -11.58 -7.82
CA HIS A 77 12.30 -12.10 -6.46
C HIS A 77 13.61 -11.89 -5.71
N SER A 78 14.72 -12.22 -6.36
CA SER A 78 16.04 -12.07 -5.75
C SER A 78 16.31 -10.61 -5.37
N ASP A 79 15.58 -9.70 -5.98
CA ASP A 79 15.74 -8.27 -5.70
C ASP A 79 14.66 -7.79 -4.74
N LEU A 80 13.51 -8.44 -4.78
CA LEU A 80 12.39 -8.09 -3.90
C LEU A 80 12.90 -7.63 -2.54
N ALA A 81 13.50 -8.55 -1.80
CA ALA A 81 14.04 -8.25 -0.48
C ALA A 81 14.73 -6.89 -0.44
N LYS A 82 15.60 -6.65 -1.43
CA LYS A 82 16.34 -5.39 -1.50
C LYS A 82 15.41 -4.23 -1.79
N LYS A 83 14.20 -4.54 -2.24
CA LYS A 83 13.22 -3.51 -2.56
C LYS A 83 12.66 -2.87 -1.30
N SER A 84 11.71 -1.97 -1.48
CA SER A 84 11.05 -1.29 -0.38
C SER A 84 9.71 -0.73 -0.84
N LEU A 85 8.64 -1.39 -0.43
CA LEU A 85 7.30 -0.97 -0.80
C LEU A 85 6.84 0.20 0.08
N ASP A 86 5.99 1.06 -0.50
CA ASP A 86 5.48 2.20 0.22
C ASP A 86 3.97 2.33 0.04
N ILE A 87 3.23 1.83 1.02
CA ILE A 87 1.77 1.87 0.98
C ILE A 87 1.26 3.12 1.68
N SER A 88 0.95 4.16 0.90
CA SER A 88 0.46 5.41 1.46
C SER A 88 -0.99 5.68 1.07
N VAL A 89 -1.80 5.99 2.06
CA VAL A 89 -3.21 6.29 1.82
C VAL A 89 -3.43 7.80 1.79
N TRP A 90 -3.95 8.29 0.68
CA TRP A 90 -4.19 9.72 0.51
C TRP A 90 -5.67 10.00 0.31
N ASP A 91 -6.12 11.17 0.77
CA ASP A 91 -7.51 11.56 0.62
C ASP A 91 -7.73 12.26 -0.72
N TYR A 92 -8.83 11.92 -1.37
CA TYR A 92 -9.16 12.51 -2.66
C TYR A 92 -10.00 13.76 -2.50
N ASP A 93 -10.09 14.55 -3.57
CA ASP A 93 -10.87 15.77 -3.55
C ASP A 93 -11.26 16.19 -4.97
N ILE A 94 -12.54 16.51 -5.16
CA ILE A 94 -13.03 16.92 -6.47
C ILE A 94 -12.83 18.42 -6.69
N GLY A 95 -12.15 18.76 -7.78
CA GLY A 95 -11.91 20.17 -8.08
C GLY A 95 -10.68 20.70 -7.38
N LYS A 96 -10.12 19.91 -6.47
CA LYS A 96 -8.93 20.31 -5.73
C LYS A 96 -7.86 19.23 -5.79
N SER A 97 -6.82 19.38 -4.97
CA SER A 97 -5.73 18.41 -4.92
C SER A 97 -5.92 17.44 -3.77
N ASN A 98 -5.55 16.18 -3.99
CA ASN A 98 -5.67 15.15 -2.96
C ASN A 98 -5.03 15.60 -1.66
N ASP A 99 -4.94 14.68 -0.70
CA ASP A 99 -4.34 14.99 0.59
C ASP A 99 -3.70 13.73 1.20
N TYR A 100 -2.74 13.94 2.09
CA TYR A 100 -2.04 12.84 2.74
C TYR A 100 -2.70 12.48 4.07
N ILE A 101 -3.20 11.25 4.16
CA ILE A 101 -3.84 10.79 5.38
C ILE A 101 -2.87 9.98 6.24
N GLY A 102 -2.13 9.08 5.60
CA GLY A 102 -1.17 8.26 6.31
C GLY A 102 -0.78 7.02 5.54
N GLY A 103 0.36 6.45 5.89
CA GLY A 103 0.84 5.26 5.21
C GLY A 103 1.97 4.58 5.94
N CYS A 104 2.69 3.71 5.24
CA CYS A 104 3.80 2.98 5.82
C CYS A 104 4.69 2.40 4.73
N GLN A 105 5.89 1.97 5.11
CA GLN A 105 6.83 1.40 4.16
C GLN A 105 7.05 -0.09 4.43
N LEU A 106 7.02 -0.89 3.38
CA LEU A 106 7.20 -2.33 3.50
C LEU A 106 8.45 -2.80 2.75
N GLY A 107 9.53 -2.98 3.49
CA GLY A 107 10.78 -3.43 2.90
C GLY A 107 11.51 -4.40 3.82
N ILE A 108 12.17 -5.38 3.22
CA ILE A 108 12.88 -6.37 3.99
C ILE A 108 13.94 -5.74 4.89
N SER A 109 14.24 -4.47 4.63
CA SER A 109 15.23 -3.76 5.43
C SER A 109 14.57 -3.16 6.67
N ALA A 110 13.34 -3.59 6.93
CA ALA A 110 12.57 -3.10 8.07
C ALA A 110 12.80 -3.99 9.30
N LYS A 111 12.18 -3.60 10.40
CA LYS A 111 12.30 -4.35 11.65
C LYS A 111 11.09 -4.12 12.54
N GLY A 112 10.52 -5.21 13.06
CA GLY A 112 9.37 -5.09 13.92
C GLY A 112 8.22 -5.98 13.48
N GLU A 113 7.62 -5.66 12.34
CA GLU A 113 6.50 -6.44 11.82
C GLU A 113 6.43 -6.38 10.29
N ARG A 114 6.73 -5.21 9.72
CA ARG A 114 6.69 -5.04 8.28
C ARG A 114 7.55 -6.10 7.58
N LEU A 115 8.73 -6.35 8.13
CA LEU A 115 9.62 -7.35 7.55
C LEU A 115 8.93 -8.70 7.45
N LYS A 116 8.25 -9.08 8.52
CA LYS A 116 7.54 -10.35 8.56
C LYS A 116 6.52 -10.43 7.43
N HIS A 117 5.80 -9.33 7.21
CA HIS A 117 4.80 -9.29 6.15
C HIS A 117 5.45 -9.24 4.79
N TRP A 118 6.16 -8.16 4.51
CA TRP A 118 6.85 -7.98 3.25
C TRP A 118 7.68 -9.22 2.92
N TYR A 119 8.85 -9.31 3.53
CA TYR A 119 9.75 -10.44 3.33
C TYR A 119 8.97 -11.74 3.09
N GLU A 120 8.06 -12.07 4.01
CA GLU A 120 7.29 -13.30 3.88
C GLU A 120 6.93 -13.55 2.43
N CYS A 121 6.43 -12.52 1.78
CA CYS A 121 6.04 -12.62 0.38
C CYS A 121 7.14 -13.34 -0.41
N LEU A 122 8.38 -13.03 -0.08
CA LEU A 122 9.53 -13.64 -0.74
C LEU A 122 9.63 -15.13 -0.38
N LYS A 123 9.13 -15.47 0.79
CA LYS A 123 9.14 -16.85 1.26
C LYS A 123 7.91 -17.57 0.75
N ASN A 124 6.77 -16.89 0.86
CA ASN A 124 5.50 -17.45 0.42
C ASN A 124 5.02 -16.74 -0.85
N LYS A 125 5.86 -16.76 -1.88
CA LYS A 125 5.52 -16.12 -3.14
C LYS A 125 4.07 -16.41 -3.53
N ASP A 126 3.88 -17.49 -4.27
CA ASP A 126 2.54 -17.89 -4.71
C ASP A 126 1.50 -17.67 -3.61
N LYS A 127 1.94 -17.72 -2.35
CA LYS A 127 1.04 -17.53 -1.22
C LYS A 127 0.76 -16.05 -1.00
N LYS A 128 -0.32 -15.75 -0.28
CA LYS A 128 -0.69 -14.38 0.01
C LYS A 128 -0.30 -13.96 1.42
N ILE A 129 0.15 -12.72 1.56
CA ILE A 129 0.54 -12.19 2.85
C ILE A 129 -0.24 -10.91 3.15
N GLU A 130 -1.35 -11.04 3.84
CA GLU A 130 -2.19 -9.89 4.17
C GLU A 130 -2.11 -9.55 5.65
N ARG A 131 -2.11 -8.25 5.95
CA ARG A 131 -2.04 -7.78 7.32
C ARG A 131 -2.40 -6.29 7.39
N TRP A 132 -2.73 -5.83 8.59
CA TRP A 132 -3.11 -4.42 8.78
C TRP A 132 -1.90 -3.56 9.12
N HIS A 133 -1.77 -2.45 8.41
CA HIS A 133 -0.67 -1.52 8.63
C HIS A 133 -1.18 -0.21 9.21
N GLN A 134 -0.53 0.25 10.28
CA GLN A 134 -0.92 1.50 10.93
C GLN A 134 -0.42 2.69 10.13
N LEU A 135 -1.36 3.44 9.57
CA LEU A 135 -1.02 4.62 8.76
C LEU A 135 -0.12 5.57 9.53
N GLN A 136 0.98 5.96 8.90
CA GLN A 136 1.93 6.89 9.50
C GLN A 136 2.13 8.11 8.62
N ASN A 137 2.69 9.17 9.19
CA ASN A 137 2.93 10.41 8.45
C ASN A 137 4.35 10.45 7.89
N GLU A 138 4.47 10.61 6.59
CA GLU A 138 5.77 10.68 5.94
C GLU A 138 6.13 12.12 5.59
N ASN A 139 5.16 12.85 5.03
CA ASN A 139 5.37 14.23 4.65
C ASN A 139 4.49 15.17 5.46
N HIS A 140 3.27 15.39 4.97
CA HIS A 140 2.32 16.26 5.66
C HIS A 140 1.02 16.38 4.86
N ARG A 1 -5.43 8.33 12.27
CA ARG A 1 -4.96 8.10 10.88
C ARG A 1 -5.71 6.94 10.23
N GLY A 2 -5.63 5.76 10.85
CA GLY A 2 -6.31 4.61 10.31
C GLY A 2 -5.37 3.49 9.92
N LYS A 3 -5.91 2.31 9.67
CA LYS A 3 -5.10 1.15 9.28
C LYS A 3 -5.61 0.58 7.97
N ILE A 4 -4.71 0.34 7.03
CA ILE A 4 -5.08 -0.21 5.73
C ILE A 4 -4.61 -1.64 5.57
N LEU A 5 -5.53 -2.52 5.19
CA LEU A 5 -5.22 -3.92 4.99
C LEU A 5 -4.53 -4.15 3.65
N VAL A 6 -3.29 -4.57 3.68
CA VAL A 6 -2.53 -4.82 2.46
C VAL A 6 -2.13 -6.28 2.35
N SER A 7 -2.30 -6.86 1.17
CA SER A 7 -1.96 -8.25 0.94
C SER A 7 -0.75 -8.34 0.00
N LEU A 8 0.13 -9.30 0.26
CA LEU A 8 1.31 -9.49 -0.56
C LEU A 8 1.34 -10.87 -1.19
N MET A 9 2.07 -11.00 -2.30
CA MET A 9 2.19 -12.27 -3.01
C MET A 9 3.04 -12.08 -4.26
N TYR A 10 4.06 -12.92 -4.41
CA TYR A 10 4.95 -12.82 -5.57
C TYR A 10 4.70 -13.96 -6.55
N SER A 11 4.57 -13.61 -7.83
CA SER A 11 4.34 -14.59 -8.88
C SER A 11 5.61 -14.87 -9.66
N THR A 12 6.49 -15.70 -9.10
CA THR A 12 7.74 -16.03 -9.76
C THR A 12 7.49 -16.37 -11.22
N GLN A 13 6.41 -17.10 -11.48
CA GLN A 13 6.05 -17.48 -12.83
C GLN A 13 6.04 -16.27 -13.74
N GLN A 14 5.44 -15.18 -13.26
CA GLN A 14 5.37 -13.95 -14.01
C GLN A 14 6.61 -13.10 -13.79
N GLY A 15 7.33 -13.39 -12.71
CA GLY A 15 8.54 -12.65 -12.40
C GLY A 15 8.25 -11.28 -11.82
N GLY A 16 7.23 -11.21 -10.98
CA GLY A 16 6.87 -9.93 -10.37
C GLY A 16 6.14 -10.11 -9.05
N LEU A 17 6.00 -9.01 -8.31
CA LEU A 17 5.31 -9.05 -7.02
C LEU A 17 3.85 -8.66 -7.18
N ILE A 18 3.03 -9.08 -6.23
CA ILE A 18 1.60 -8.76 -6.27
C ILE A 18 1.15 -8.09 -4.98
N VAL A 19 0.64 -6.87 -5.11
CA VAL A 19 0.17 -6.12 -3.95
C VAL A 19 -1.35 -6.06 -3.93
N GLY A 20 -1.94 -6.58 -2.86
CA GLY A 20 -3.39 -6.59 -2.76
C GLY A 20 -3.94 -5.58 -1.77
N ILE A 21 -4.57 -4.54 -2.30
CA ILE A 21 -5.18 -3.50 -1.46
C ILE A 21 -6.59 -3.92 -1.09
N ILE A 22 -6.74 -4.51 0.09
CA ILE A 22 -8.04 -4.98 0.55
C ILE A 22 -8.95 -3.84 1.01
N ARG A 23 -8.71 -3.32 2.20
CA ARG A 23 -9.54 -2.25 2.74
C ARG A 23 -8.81 -1.46 3.82
N CYS A 24 -9.41 -0.34 4.21
CA CYS A 24 -8.83 0.51 5.25
C CYS A 24 -9.86 0.76 6.36
N VAL A 25 -9.38 1.16 7.52
CA VAL A 25 -10.28 1.41 8.65
C VAL A 25 -9.83 2.61 9.48
N HIS A 26 -10.81 3.34 10.02
CA HIS A 26 -10.54 4.50 10.86
C HIS A 26 -9.64 5.50 10.14
N LEU A 27 -10.08 5.97 8.99
CA LEU A 27 -9.31 6.93 8.21
C LEU A 27 -9.67 8.37 8.59
N ALA A 28 -8.72 9.28 8.43
CA ALA A 28 -8.94 10.68 8.75
C ALA A 28 -9.95 11.31 7.79
N ALA A 29 -10.65 12.33 8.27
CA ALA A 29 -11.65 13.02 7.47
C ALA A 29 -11.16 14.40 7.05
N MET A 30 -11.04 14.60 5.73
CA MET A 30 -10.59 15.88 5.21
C MET A 30 -11.76 16.83 5.00
N ASP A 31 -12.95 16.27 4.89
CA ASP A 31 -14.16 17.06 4.69
C ASP A 31 -14.74 17.52 6.02
N ALA A 32 -15.66 18.48 5.97
CA ALA A 32 -16.29 19.00 7.18
C ALA A 32 -17.39 18.07 7.67
N ASN A 33 -17.68 17.02 6.88
CA ASN A 33 -18.70 16.07 7.25
C ASN A 33 -18.15 15.01 8.20
N GLY A 34 -16.83 15.00 8.36
CA GLY A 34 -16.20 14.05 9.25
C GLY A 34 -15.73 12.81 8.52
N TYR A 35 -15.78 12.85 7.20
CA TYR A 35 -15.35 11.71 6.39
C TYR A 35 -14.23 12.10 5.43
N SER A 36 -13.92 11.22 4.48
CA SER A 36 -12.85 11.47 3.53
C SER A 36 -12.99 10.59 2.29
N ASP A 37 -12.18 10.90 1.28
CA ASP A 37 -12.17 10.14 0.03
C ASP A 37 -10.80 9.48 -0.15
N PRO A 38 -10.42 8.64 0.82
CA PRO A 38 -9.12 7.96 0.83
C PRO A 38 -8.91 6.94 -0.27
N PHE A 39 -7.66 6.88 -0.72
CA PHE A 39 -7.21 5.93 -1.74
C PHE A 39 -5.82 5.46 -1.35
N VAL A 40 -5.36 4.34 -1.89
CA VAL A 40 -4.04 3.85 -1.53
C VAL A 40 -3.07 3.89 -2.70
N LYS A 41 -1.88 4.41 -2.44
CA LYS A 41 -0.83 4.51 -3.44
C LYS A 41 0.35 3.63 -3.04
N LEU A 42 0.88 2.87 -4.00
CA LEU A 42 1.99 1.98 -3.72
C LEU A 42 3.18 2.29 -4.61
N TRP A 43 4.37 2.27 -4.02
CA TRP A 43 5.60 2.53 -4.77
C TRP A 43 6.76 1.71 -4.23
N LEU A 44 7.30 0.84 -5.07
CA LEU A 44 8.42 -0.02 -4.69
C LEU A 44 9.74 0.62 -5.10
N LYS A 45 10.54 1.00 -4.10
CA LYS A 45 11.83 1.62 -4.35
C LYS A 45 12.96 0.60 -4.23
N PRO A 46 14.16 0.97 -4.71
CA PRO A 46 14.44 2.27 -5.31
C PRO A 46 13.96 2.32 -6.76
N ASP A 47 12.87 3.08 -6.96
CA ASP A 47 12.25 3.26 -8.27
C ASP A 47 13.07 2.63 -9.40
N MET A 48 12.59 1.49 -9.91
CA MET A 48 13.27 0.79 -10.99
C MET A 48 12.92 1.40 -12.34
N GLY A 49 11.70 1.90 -12.46
CA GLY A 49 11.26 2.52 -13.70
C GLY A 49 10.65 3.88 -13.48
N LYS A 50 10.50 4.27 -12.23
CA LYS A 50 9.91 5.57 -11.88
C LYS A 50 8.40 5.47 -11.78
N LYS A 51 7.80 4.57 -12.57
CA LYS A 51 6.36 4.39 -12.56
C LYS A 51 5.94 3.45 -11.44
N ALA A 52 6.88 3.13 -10.56
CA ALA A 52 6.61 2.23 -9.44
C ALA A 52 5.44 2.73 -8.62
N LYS A 53 5.17 4.03 -8.69
CA LYS A 53 4.07 4.64 -7.95
C LYS A 53 2.74 4.04 -8.39
N HIS A 54 1.78 4.00 -7.46
CA HIS A 54 0.46 3.46 -7.76
C HIS A 54 -0.63 4.18 -6.96
N LYS A 55 -1.88 3.85 -7.27
CA LYS A 55 -3.03 4.44 -6.59
C LYS A 55 -4.26 3.56 -6.77
N THR A 56 -4.98 3.30 -5.68
CA THR A 56 -6.17 2.48 -5.72
C THR A 56 -7.41 3.32 -5.99
N GLN A 57 -8.51 2.65 -6.31
CA GLN A 57 -9.77 3.34 -6.58
C GLN A 57 -10.10 4.30 -5.44
N ILE A 58 -10.60 5.48 -5.77
CA ILE A 58 -10.94 6.48 -4.78
C ILE A 58 -12.28 6.16 -4.11
N LYS A 59 -12.25 5.98 -2.79
CA LYS A 59 -13.46 5.71 -2.05
C LYS A 59 -13.95 6.99 -1.38
N LYS A 60 -14.68 7.79 -2.15
CA LYS A 60 -15.18 9.07 -1.67
C LYS A 60 -16.17 8.90 -0.51
N LYS A 61 -16.23 9.93 0.34
CA LYS A 61 -17.12 9.92 1.49
C LYS A 61 -17.09 8.60 2.24
N THR A 62 -15.95 8.30 2.85
CA THR A 62 -15.80 7.06 3.60
C THR A 62 -14.42 6.97 4.24
N LEU A 63 -14.36 6.39 5.43
CA LEU A 63 -13.11 6.24 6.16
C LEU A 63 -12.80 4.75 6.41
N ASN A 64 -13.80 3.92 6.16
CA ASN A 64 -13.66 2.47 6.35
C ASN A 64 -14.12 1.72 5.11
N PRO A 65 -13.68 2.17 3.92
CA PRO A 65 -14.06 1.55 2.64
C PRO A 65 -13.33 0.24 2.38
N GLU A 66 -13.57 -0.32 1.19
CA GLU A 66 -12.94 -1.57 0.79
C GLU A 66 -12.36 -1.46 -0.62
N PHE A 67 -11.05 -1.58 -0.72
CA PHE A 67 -10.37 -1.50 -2.02
C PHE A 67 -10.44 -2.81 -2.77
N ASN A 68 -9.93 -3.87 -2.15
CA ASN A 68 -9.92 -5.19 -2.78
C ASN A 68 -9.30 -5.11 -4.16
N GLU A 69 -8.14 -4.46 -4.24
CA GLU A 69 -7.43 -4.29 -5.50
C GLU A 69 -6.16 -5.13 -5.53
N GLU A 70 -6.00 -5.89 -6.61
CA GLU A 70 -4.83 -6.75 -6.78
C GLU A 70 -3.83 -6.09 -7.74
N PHE A 71 -2.71 -5.62 -7.18
CA PHE A 71 -1.69 -4.96 -7.97
C PHE A 71 -0.64 -5.95 -8.48
N PHE A 72 0.27 -5.44 -9.31
CA PHE A 72 1.33 -6.26 -9.88
C PHE A 72 2.60 -5.43 -10.06
N TYR A 73 3.72 -5.94 -9.54
CA TYR A 73 5.00 -5.24 -9.66
C TYR A 73 5.92 -5.93 -10.64
N ASP A 74 6.84 -5.17 -11.23
CA ASP A 74 7.77 -5.73 -12.20
C ASP A 74 9.18 -5.80 -11.61
N ILE A 75 9.34 -6.60 -10.56
CA ILE A 75 10.64 -6.75 -9.92
C ILE A 75 10.98 -8.23 -9.77
N LYS A 76 12.27 -8.54 -9.89
CA LYS A 76 12.74 -9.91 -9.78
C LYS A 76 12.78 -10.34 -8.32
N HIS A 77 12.22 -11.52 -8.04
CA HIS A 77 12.19 -12.04 -6.67
C HIS A 77 13.52 -11.81 -5.96
N SER A 78 14.61 -12.20 -6.61
CA SER A 78 15.94 -12.04 -6.04
C SER A 78 16.21 -10.59 -5.64
N ASP A 79 15.42 -9.68 -6.17
CA ASP A 79 15.58 -8.25 -5.87
C ASP A 79 14.48 -7.78 -4.91
N LEU A 80 13.32 -8.43 -4.98
CA LEU A 80 12.21 -8.07 -4.11
C LEU A 80 12.70 -7.66 -2.73
N ALA A 81 13.21 -8.64 -1.99
CA ALA A 81 13.73 -8.41 -0.65
C ALA A 81 14.38 -7.04 -0.50
N LYS A 82 15.33 -6.74 -1.38
CA LYS A 82 16.04 -5.46 -1.34
C LYS A 82 15.11 -4.29 -1.61
N LYS A 83 14.04 -4.56 -2.35
CA LYS A 83 13.08 -3.51 -2.68
C LYS A 83 12.54 -2.85 -1.43
N SER A 84 11.59 -1.94 -1.63
CA SER A 84 10.96 -1.23 -0.54
C SER A 84 9.62 -0.67 -0.98
N LEU A 85 8.54 -1.32 -0.56
CA LEU A 85 7.20 -0.89 -0.91
C LEU A 85 6.74 0.26 -0.03
N ASP A 86 5.92 1.15 -0.61
CA ASP A 86 5.43 2.31 0.13
C ASP A 86 3.92 2.43 -0.03
N ILE A 87 3.18 1.86 0.93
CA ILE A 87 1.73 1.92 0.90
C ILE A 87 1.23 3.16 1.62
N SER A 88 0.83 4.17 0.86
CA SER A 88 0.35 5.42 1.43
C SER A 88 -1.10 5.69 1.07
N VAL A 89 -1.90 6.02 2.07
CA VAL A 89 -3.31 6.32 1.86
C VAL A 89 -3.54 7.83 1.90
N TRP A 90 -4.09 8.38 0.82
CA TRP A 90 -4.33 9.81 0.73
C TRP A 90 -5.80 10.11 0.50
N ASP A 91 -6.25 11.27 0.98
CA ASP A 91 -7.64 11.67 0.81
C ASP A 91 -7.83 12.34 -0.55
N TYR A 92 -8.80 11.87 -1.30
CA TYR A 92 -9.07 12.39 -2.63
C TYR A 92 -10.09 13.53 -2.57
N ASP A 93 -10.11 14.36 -3.62
CA ASP A 93 -11.03 15.49 -3.69
C ASP A 93 -11.20 15.95 -5.13
N ILE A 94 -12.45 16.06 -5.57
CA ILE A 94 -12.75 16.50 -6.94
C ILE A 94 -12.65 18.01 -7.05
N GLY A 95 -12.02 18.48 -8.13
CA GLY A 95 -11.87 19.91 -8.35
C GLY A 95 -10.68 20.49 -7.61
N LYS A 96 -10.17 19.77 -6.63
CA LYS A 96 -9.03 20.24 -5.85
C LYS A 96 -7.92 19.17 -5.82
N SER A 97 -6.90 19.43 -5.02
CA SER A 97 -5.77 18.51 -4.90
C SER A 97 -6.13 17.36 -3.95
N ASN A 98 -5.10 16.66 -3.48
CA ASN A 98 -5.31 15.54 -2.56
C ASN A 98 -4.73 15.84 -1.18
N ASP A 99 -4.99 14.95 -0.23
CA ASP A 99 -4.50 15.11 1.13
C ASP A 99 -3.84 13.84 1.62
N TYR A 100 -2.92 13.97 2.57
CA TYR A 100 -2.22 12.83 3.13
C TYR A 100 -2.90 12.33 4.39
N ILE A 101 -3.43 11.11 4.32
CA ILE A 101 -4.11 10.51 5.46
C ILE A 101 -3.14 9.67 6.29
N GLY A 102 -2.24 8.98 5.60
CA GLY A 102 -1.27 8.14 6.30
C GLY A 102 -0.83 6.96 5.46
N GLY A 103 0.32 6.38 5.82
CA GLY A 103 0.83 5.23 5.08
C GLY A 103 1.90 4.48 5.84
N CYS A 104 2.68 3.69 5.12
CA CYS A 104 3.76 2.91 5.75
C CYS A 104 4.72 2.38 4.70
N GLN A 105 5.93 2.03 5.14
CA GLN A 105 6.96 1.51 4.25
C GLN A 105 7.16 0.02 4.48
N LEU A 106 7.24 -0.74 3.39
CA LEU A 106 7.43 -2.19 3.48
C LEU A 106 8.67 -2.63 2.70
N GLY A 107 9.73 -2.94 3.44
CA GLY A 107 10.96 -3.38 2.81
C GLY A 107 11.68 -4.40 3.68
N ILE A 108 12.35 -5.36 3.05
CA ILE A 108 13.06 -6.38 3.79
C ILE A 108 14.18 -5.77 4.64
N SER A 109 14.46 -4.49 4.41
CA SER A 109 15.48 -3.80 5.18
C SER A 109 14.86 -3.20 6.44
N ALA A 110 13.64 -3.64 6.75
CA ALA A 110 12.91 -3.15 7.91
C ALA A 110 13.11 -4.08 9.11
N LYS A 111 12.53 -3.70 10.24
CA LYS A 111 12.64 -4.48 11.46
C LYS A 111 11.52 -4.11 12.43
N GLY A 112 10.83 -5.11 12.94
CA GLY A 112 9.74 -4.88 13.88
C GLY A 112 8.48 -5.64 13.52
N GLU A 113 8.05 -5.52 12.27
CA GLU A 113 6.85 -6.21 11.82
C GLU A 113 6.72 -6.18 10.30
N ARG A 114 7.06 -5.04 9.70
CA ARG A 114 6.97 -4.90 8.24
C ARG A 114 7.77 -5.99 7.53
N LEU A 115 8.99 -6.22 8.00
CA LEU A 115 9.85 -7.24 7.40
C LEU A 115 9.14 -8.58 7.37
N LYS A 116 8.39 -8.88 8.42
CA LYS A 116 7.66 -10.13 8.53
C LYS A 116 6.68 -10.28 7.37
N HIS A 117 5.84 -9.27 7.18
CA HIS A 117 4.85 -9.30 6.11
C HIS A 117 5.52 -9.25 4.73
N TRP A 118 6.39 -8.27 4.56
CA TRP A 118 7.10 -8.09 3.29
C TRP A 118 7.99 -9.28 2.97
N TYR A 119 8.97 -9.54 3.83
CA TYR A 119 9.91 -10.64 3.64
C TYR A 119 9.21 -12.00 3.57
N GLU A 120 8.54 -12.40 4.64
CA GLU A 120 7.87 -13.69 4.65
C GLU A 120 7.16 -13.93 3.32
N CYS A 121 6.66 -12.86 2.72
CA CYS A 121 5.98 -12.97 1.43
C CYS A 121 6.96 -13.48 0.38
N LEU A 122 8.18 -12.95 0.42
CA LEU A 122 9.23 -13.36 -0.51
C LEU A 122 9.41 -14.87 -0.47
N LYS A 123 9.31 -15.44 0.72
CA LYS A 123 9.45 -16.87 0.89
C LYS A 123 8.22 -17.56 0.31
N ASN A 124 7.07 -16.96 0.58
CA ASN A 124 5.80 -17.49 0.10
C ASN A 124 5.31 -16.67 -1.08
N LYS A 125 5.74 -17.05 -2.28
CA LYS A 125 5.33 -16.35 -3.50
C LYS A 125 3.94 -16.76 -3.92
N ASP A 126 3.82 -18.00 -4.41
CA ASP A 126 2.53 -18.53 -4.85
C ASP A 126 1.49 -18.42 -3.75
N LYS A 127 1.94 -18.22 -2.52
CA LYS A 127 1.04 -18.10 -1.38
C LYS A 127 0.75 -16.63 -1.09
N LYS A 128 -0.51 -16.32 -0.84
CA LYS A 128 -0.92 -14.94 -0.56
C LYS A 128 -0.62 -14.56 0.88
N ILE A 129 -0.42 -13.26 1.11
CA ILE A 129 -0.13 -12.73 2.43
C ILE A 129 -0.95 -11.48 2.68
N GLU A 130 -1.40 -11.29 3.92
CA GLU A 130 -2.20 -10.12 4.27
C GLU A 130 -2.00 -9.72 5.73
N ARG A 131 -2.10 -8.42 5.99
CA ARG A 131 -1.95 -7.90 7.34
C ARG A 131 -2.26 -6.41 7.40
N TRP A 132 -2.77 -5.95 8.54
CA TRP A 132 -3.14 -4.54 8.70
C TRP A 132 -1.92 -3.68 8.98
N HIS A 133 -1.80 -2.61 8.21
CA HIS A 133 -0.69 -1.68 8.34
C HIS A 133 -1.14 -0.39 9.00
N GLN A 134 -0.42 0.02 10.04
CA GLN A 134 -0.76 1.25 10.75
C GLN A 134 -0.32 2.47 9.96
N LEU A 135 -1.28 3.25 9.51
CA LEU A 135 -1.00 4.45 8.73
C LEU A 135 -0.12 5.43 9.50
N GLN A 136 0.96 5.86 8.87
CA GLN A 136 1.89 6.79 9.47
C GLN A 136 1.92 8.10 8.68
N ASN A 137 2.64 9.09 9.20
CA ASN A 137 2.75 10.38 8.53
C ASN A 137 4.18 10.61 8.03
N GLU A 138 4.38 10.42 6.72
CA GLU A 138 5.69 10.62 6.12
C GLU A 138 6.17 12.06 6.30
N ASN A 139 5.71 12.95 5.41
CA ASN A 139 6.09 14.34 5.48
C ASN A 139 5.10 15.21 4.71
N HIS A 140 4.35 16.03 5.43
CA HIS A 140 3.36 16.91 4.82
C HIS A 140 2.96 18.03 5.77
N ARG A 1 -5.50 9.19 11.52
CA ARG A 1 -4.93 8.14 10.63
C ARG A 1 -5.47 6.76 10.99
N GLY A 2 -6.02 6.07 9.99
CA GLY A 2 -6.56 4.75 10.23
C GLY A 2 -5.58 3.64 9.88
N LYS A 3 -6.10 2.45 9.60
CA LYS A 3 -5.27 1.31 9.25
C LYS A 3 -5.72 0.71 7.92
N ILE A 4 -4.76 0.34 7.08
CA ILE A 4 -5.08 -0.23 5.78
C ILE A 4 -4.57 -1.65 5.64
N LEU A 5 -5.46 -2.56 5.26
CA LEU A 5 -5.11 -3.97 5.08
C LEU A 5 -4.45 -4.16 3.73
N VAL A 6 -3.17 -4.53 3.75
CA VAL A 6 -2.42 -4.75 2.52
C VAL A 6 -2.06 -6.21 2.36
N SER A 7 -2.24 -6.73 1.15
CA SER A 7 -1.93 -8.11 0.84
C SER A 7 -0.71 -8.19 -0.08
N LEU A 8 0.17 -9.16 0.19
CA LEU A 8 1.37 -9.32 -0.61
C LEU A 8 1.44 -10.71 -1.23
N MET A 9 2.05 -10.80 -2.41
CA MET A 9 2.19 -12.08 -3.11
C MET A 9 3.05 -11.91 -4.35
N TYR A 10 4.18 -12.61 -4.39
CA TYR A 10 5.07 -12.54 -5.53
C TYR A 10 4.83 -13.68 -6.51
N SER A 11 4.70 -13.35 -7.79
CA SER A 11 4.47 -14.35 -8.83
C SER A 11 5.76 -14.67 -9.57
N THR A 12 6.60 -15.49 -8.96
CA THR A 12 7.87 -15.88 -9.57
C THR A 12 7.65 -16.27 -11.03
N GLN A 13 6.56 -17.01 -11.26
CA GLN A 13 6.23 -17.46 -12.61
C GLN A 13 6.25 -16.28 -13.57
N GLN A 14 5.64 -15.17 -13.16
CA GLN A 14 5.60 -13.97 -13.97
C GLN A 14 6.84 -13.12 -13.75
N GLY A 15 7.55 -13.40 -12.66
CA GLY A 15 8.76 -12.66 -12.35
C GLY A 15 8.46 -11.28 -11.81
N GLY A 16 7.44 -11.17 -10.98
CA GLY A 16 7.07 -9.89 -10.40
C GLY A 16 6.34 -10.03 -9.09
N LEU A 17 6.16 -8.92 -8.39
CA LEU A 17 5.46 -8.91 -7.11
C LEU A 17 3.98 -8.57 -7.31
N ILE A 18 3.15 -8.97 -6.35
CA ILE A 18 1.73 -8.70 -6.42
C ILE A 18 1.25 -8.03 -5.14
N VAL A 19 0.75 -6.81 -5.26
CA VAL A 19 0.26 -6.07 -4.10
C VAL A 19 -1.25 -6.05 -4.07
N GLY A 20 -1.82 -6.65 -3.03
CA GLY A 20 -3.27 -6.70 -2.92
C GLY A 20 -3.82 -5.76 -1.87
N ILE A 21 -4.43 -4.66 -2.32
CA ILE A 21 -5.02 -3.70 -1.41
C ILE A 21 -6.44 -4.13 -1.04
N ILE A 22 -6.61 -4.61 0.18
CA ILE A 22 -7.91 -5.09 0.63
C ILE A 22 -8.83 -3.96 1.07
N ARG A 23 -8.61 -3.43 2.27
CA ARG A 23 -9.45 -2.36 2.78
C ARG A 23 -8.73 -1.54 3.86
N CYS A 24 -9.36 -0.44 4.25
CA CYS A 24 -8.80 0.43 5.28
C CYS A 24 -9.86 0.75 6.33
N VAL A 25 -9.41 1.13 7.51
CA VAL A 25 -10.34 1.44 8.60
C VAL A 25 -9.81 2.53 9.52
N HIS A 26 -10.75 3.22 10.17
CA HIS A 26 -10.41 4.29 11.09
C HIS A 26 -9.66 5.41 10.40
N LEU A 27 -10.10 5.76 9.20
CA LEU A 27 -9.46 6.83 8.43
C LEU A 27 -9.95 8.19 8.89
N ALA A 28 -9.13 9.22 8.65
CA ALA A 28 -9.47 10.57 9.05
C ALA A 28 -10.38 11.24 8.02
N ALA A 29 -10.99 12.35 8.41
CA ALA A 29 -11.87 13.10 7.52
C ALA A 29 -11.49 14.57 7.46
N MET A 30 -10.96 15.01 6.32
CA MET A 30 -10.56 16.39 6.15
C MET A 30 -11.74 17.24 5.70
N ASP A 31 -12.70 16.60 5.05
CA ASP A 31 -13.88 17.30 4.58
C ASP A 31 -14.74 17.79 5.75
N ALA A 32 -15.47 18.86 5.53
CA ALA A 32 -16.33 19.43 6.57
C ALA A 32 -17.51 18.51 6.86
N ASN A 33 -17.64 17.44 6.08
CA ASN A 33 -18.73 16.49 6.25
C ASN A 33 -18.38 15.46 7.33
N GLY A 34 -17.11 15.45 7.74
CA GLY A 34 -16.66 14.51 8.75
C GLY A 34 -16.09 13.24 8.15
N TYR A 35 -15.99 13.22 6.82
CA TYR A 35 -15.46 12.06 6.12
C TYR A 35 -14.31 12.42 5.21
N SER A 36 -13.89 11.47 4.37
CA SER A 36 -12.78 11.68 3.45
C SER A 36 -12.92 10.80 2.20
N ASP A 37 -11.98 10.95 1.28
CA ASP A 37 -11.97 10.17 0.05
C ASP A 37 -10.63 9.45 -0.08
N PRO A 38 -10.31 8.62 0.91
CA PRO A 38 -9.04 7.90 0.98
C PRO A 38 -8.84 6.84 -0.11
N PHE A 39 -7.59 6.72 -0.53
CA PHE A 39 -7.15 5.75 -1.52
C PHE A 39 -5.75 5.29 -1.14
N VAL A 40 -5.32 4.15 -1.64
CA VAL A 40 -3.98 3.67 -1.29
C VAL A 40 -3.03 3.72 -2.46
N LYS A 41 -1.87 4.33 -2.21
CA LYS A 41 -0.84 4.46 -3.23
C LYS A 41 0.38 3.63 -2.84
N LEU A 42 0.86 2.84 -3.78
CA LEU A 42 2.01 1.98 -3.52
C LEU A 42 3.17 2.30 -4.46
N TRP A 43 4.36 2.41 -3.89
CA TRP A 43 5.55 2.71 -4.68
C TRP A 43 6.75 1.91 -4.17
N LEU A 44 7.26 1.03 -5.04
CA LEU A 44 8.41 0.20 -4.70
C LEU A 44 9.70 0.92 -5.03
N LYS A 45 10.38 1.40 -3.99
CA LYS A 45 11.63 2.13 -4.16
C LYS A 45 12.81 1.17 -4.24
N PRO A 46 13.81 1.52 -5.05
CA PRO A 46 13.80 2.74 -5.82
C PRO A 46 12.89 2.65 -7.03
N ASP A 47 12.86 3.71 -7.80
CA ASP A 47 12.03 3.77 -9.01
C ASP A 47 12.71 3.05 -10.17
N MET A 48 12.23 1.85 -10.47
CA MET A 48 12.78 1.04 -11.55
C MET A 48 12.28 1.53 -12.91
N GLY A 49 10.96 1.49 -13.09
CA GLY A 49 10.37 1.90 -14.36
C GLY A 49 9.56 3.18 -14.24
N LYS A 50 9.54 3.75 -13.03
CA LYS A 50 8.79 4.98 -12.78
C LYS A 50 7.35 4.66 -12.39
N LYS A 51 6.82 3.56 -12.93
CA LYS A 51 5.45 3.14 -12.63
C LYS A 51 5.39 2.46 -11.27
N ALA A 52 6.53 2.35 -10.60
CA ALA A 52 6.60 1.72 -9.30
C ALA A 52 5.49 2.23 -8.39
N LYS A 53 5.08 3.47 -8.59
CA LYS A 53 4.02 4.08 -7.78
C LYS A 53 2.65 3.57 -8.24
N HIS A 54 1.64 3.77 -7.40
CA HIS A 54 0.29 3.33 -7.72
C HIS A 54 -0.76 4.05 -6.87
N LYS A 55 -2.03 3.81 -7.20
CA LYS A 55 -3.15 4.41 -6.48
C LYS A 55 -4.41 3.57 -6.71
N THR A 56 -4.92 2.96 -5.64
CA THR A 56 -6.11 2.12 -5.74
C THR A 56 -7.37 2.96 -5.93
N GLN A 57 -8.50 2.28 -6.11
CA GLN A 57 -9.77 2.95 -6.29
C GLN A 57 -9.99 4.00 -5.21
N ILE A 58 -10.51 5.15 -5.60
CA ILE A 58 -10.76 6.23 -4.65
C ILE A 58 -11.99 5.96 -3.81
N LYS A 59 -11.82 5.88 -2.50
CA LYS A 59 -12.93 5.65 -1.60
C LYS A 59 -13.51 6.98 -1.15
N LYS A 60 -14.22 7.64 -2.05
CA LYS A 60 -14.83 8.93 -1.78
C LYS A 60 -15.89 8.83 -0.69
N LYS A 61 -15.96 9.86 0.15
CA LYS A 61 -16.94 9.90 1.24
C LYS A 61 -16.96 8.61 2.04
N THR A 62 -15.85 8.33 2.74
CA THR A 62 -15.74 7.13 3.54
C THR A 62 -14.38 7.05 4.23
N LEU A 63 -14.36 6.48 5.42
CA LEU A 63 -13.13 6.35 6.19
C LEU A 63 -12.80 4.88 6.46
N ASN A 64 -13.79 4.02 6.21
CA ASN A 64 -13.62 2.58 6.42
C ASN A 64 -14.08 1.81 5.19
N PRO A 65 -13.61 2.20 4.00
CA PRO A 65 -13.98 1.56 2.73
C PRO A 65 -13.24 0.25 2.48
N GLU A 66 -13.45 -0.29 1.28
CA GLU A 66 -12.82 -1.55 0.88
C GLU A 66 -12.21 -1.40 -0.52
N PHE A 67 -10.92 -1.69 -0.63
CA PHE A 67 -10.23 -1.60 -1.91
C PHE A 67 -10.30 -2.90 -2.70
N ASN A 68 -9.82 -3.98 -2.10
CA ASN A 68 -9.83 -5.29 -2.74
C ASN A 68 -9.21 -5.18 -4.13
N GLU A 69 -8.05 -4.55 -4.20
CA GLU A 69 -7.35 -4.36 -5.48
C GLU A 69 -6.10 -5.24 -5.55
N GLU A 70 -5.87 -5.86 -6.71
CA GLU A 70 -4.72 -6.72 -6.90
C GLU A 70 -3.72 -6.06 -7.86
N PHE A 71 -2.58 -5.66 -7.32
CA PHE A 71 -1.54 -5.00 -8.11
C PHE A 71 -0.51 -5.98 -8.64
N PHE A 72 0.36 -5.48 -9.51
CA PHE A 72 1.42 -6.28 -10.11
C PHE A 72 2.68 -5.45 -10.30
N TYR A 73 3.78 -5.90 -9.69
CA TYR A 73 5.05 -5.18 -9.78
C TYR A 73 6.00 -5.91 -10.73
N ASP A 74 6.92 -5.16 -11.32
CA ASP A 74 7.87 -5.73 -12.25
C ASP A 74 9.28 -5.76 -11.65
N ILE A 75 9.43 -6.49 -10.56
CA ILE A 75 10.72 -6.60 -9.89
C ILE A 75 11.09 -8.06 -9.67
N LYS A 76 12.35 -8.38 -9.92
CA LYS A 76 12.86 -9.74 -9.75
C LYS A 76 12.93 -10.10 -8.27
N HIS A 77 12.37 -11.24 -7.90
CA HIS A 77 12.38 -11.69 -6.52
C HIS A 77 13.73 -11.44 -5.88
N SER A 78 14.80 -11.79 -6.59
CA SER A 78 16.15 -11.60 -6.09
C SER A 78 16.37 -10.17 -5.62
N ASP A 79 15.57 -9.25 -6.16
CA ASP A 79 15.68 -7.84 -5.79
C ASP A 79 14.54 -7.44 -4.86
N LEU A 80 13.41 -8.13 -4.98
CA LEU A 80 12.25 -7.85 -4.15
C LEU A 80 12.68 -7.49 -2.74
N ALA A 81 13.26 -8.45 -2.04
CA ALA A 81 13.73 -8.26 -0.67
C ALA A 81 14.33 -6.86 -0.48
N LYS A 82 15.24 -6.47 -1.36
CA LYS A 82 15.90 -5.16 -1.27
C LYS A 82 14.91 -4.03 -1.51
N LYS A 83 13.83 -4.34 -2.22
CA LYS A 83 12.82 -3.34 -2.51
C LYS A 83 12.18 -2.81 -1.24
N SER A 84 11.38 -1.76 -1.37
CA SER A 84 10.70 -1.16 -0.24
C SER A 84 9.30 -0.71 -0.65
N LEU A 85 8.29 -1.49 -0.26
CA LEU A 85 6.91 -1.18 -0.59
C LEU A 85 6.35 -0.11 0.34
N ASP A 86 6.00 1.04 -0.23
CA ASP A 86 5.44 2.14 0.55
C ASP A 86 3.95 2.28 0.31
N ILE A 87 3.15 1.72 1.22
CA ILE A 87 1.71 1.80 1.10
C ILE A 87 1.17 3.02 1.85
N SER A 88 0.87 4.07 1.10
CA SER A 88 0.37 5.30 1.69
C SER A 88 -1.08 5.58 1.28
N VAL A 89 -1.89 5.96 2.27
CA VAL A 89 -3.29 6.27 2.03
C VAL A 89 -3.49 7.78 1.98
N TRP A 90 -4.08 8.27 0.89
CA TRP A 90 -4.30 9.70 0.74
C TRP A 90 -5.78 10.02 0.52
N ASP A 91 -6.21 11.17 1.02
CA ASP A 91 -7.60 11.60 0.87
C ASP A 91 -7.79 12.33 -0.45
N TYR A 92 -8.66 11.78 -1.28
CA TYR A 92 -8.95 12.37 -2.59
C TYR A 92 -9.83 13.60 -2.46
N ASP A 93 -9.83 14.42 -3.50
CA ASP A 93 -10.64 15.64 -3.52
C ASP A 93 -10.85 16.13 -4.94
N ILE A 94 -12.12 16.39 -5.28
CA ILE A 94 -12.46 16.86 -6.63
C ILE A 94 -12.37 18.37 -6.71
N GLY A 95 -11.85 18.87 -7.83
CA GLY A 95 -11.72 20.30 -8.01
C GLY A 95 -10.38 20.83 -7.51
N LYS A 96 -9.69 20.02 -6.71
CA LYS A 96 -8.39 20.41 -6.17
C LYS A 96 -7.49 19.19 -6.02
N SER A 97 -6.44 19.34 -5.21
CA SER A 97 -5.49 18.25 -4.99
C SER A 97 -5.99 17.32 -3.88
N ASN A 98 -5.27 16.22 -3.67
CA ASN A 98 -5.63 15.25 -2.65
C ASN A 98 -5.03 15.63 -1.30
N ASP A 99 -5.15 14.73 -0.33
CA ASP A 99 -4.61 14.97 1.01
C ASP A 99 -3.92 13.72 1.54
N TYR A 100 -3.00 13.92 2.48
CA TYR A 100 -2.27 12.81 3.08
C TYR A 100 -2.96 12.33 4.35
N ILE A 101 -3.43 11.09 4.33
CA ILE A 101 -4.11 10.51 5.48
C ILE A 101 -3.14 9.70 6.34
N GLY A 102 -2.23 9.00 5.67
CA GLY A 102 -1.26 8.19 6.40
C GLY A 102 -0.84 6.97 5.61
N GLY A 103 0.31 6.40 5.99
CA GLY A 103 0.81 5.22 5.30
C GLY A 103 1.85 4.47 6.10
N CYS A 104 2.51 3.51 5.46
CA CYS A 104 3.55 2.72 6.11
C CYS A 104 4.57 2.22 5.09
N GLN A 105 5.70 1.73 5.59
CA GLN A 105 6.75 1.21 4.73
C GLN A 105 6.90 -0.31 4.89
N LEU A 106 7.19 -0.99 3.79
CA LEU A 106 7.37 -2.43 3.82
C LEU A 106 8.61 -2.85 3.03
N GLY A 107 9.75 -2.90 3.71
CA GLY A 107 10.99 -3.29 3.08
C GLY A 107 11.71 -4.34 3.88
N ILE A 108 12.35 -5.30 3.20
CA ILE A 108 13.06 -6.35 3.88
C ILE A 108 14.17 -5.79 4.77
N SER A 109 14.50 -4.52 4.56
CA SER A 109 15.53 -3.88 5.36
C SER A 109 14.95 -3.45 6.71
N ALA A 110 13.67 -3.77 6.92
CA ALA A 110 12.97 -3.43 8.15
C ALA A 110 13.10 -4.54 9.19
N LYS A 111 12.55 -4.31 10.37
CA LYS A 111 12.60 -5.29 11.44
C LYS A 111 11.38 -5.17 12.34
N GLY A 112 10.78 -6.30 12.68
CA GLY A 112 9.61 -6.30 13.54
C GLY A 112 8.41 -6.94 12.87
N GLU A 113 7.64 -6.14 12.14
CA GLU A 113 6.45 -6.64 11.45
C GLU A 113 6.52 -6.36 9.95
N ARG A 114 6.94 -5.15 9.60
CA ARG A 114 7.06 -4.76 8.20
C ARG A 114 7.83 -5.80 7.41
N LEU A 115 8.88 -6.33 8.01
CA LEU A 115 9.71 -7.35 7.37
C LEU A 115 8.95 -8.67 7.24
N LYS A 116 8.35 -9.10 8.34
CA LYS A 116 7.59 -10.35 8.35
C LYS A 116 6.68 -10.45 7.14
N HIS A 117 5.64 -9.64 7.12
CA HIS A 117 4.68 -9.64 6.02
C HIS A 117 5.40 -9.50 4.68
N TRP A 118 6.25 -8.49 4.59
CA TRP A 118 7.01 -8.23 3.37
C TRP A 118 7.91 -9.41 3.02
N TYR A 119 9.00 -9.55 3.76
CA TYR A 119 9.97 -10.62 3.54
C TYR A 119 9.27 -11.99 3.44
N GLU A 120 8.61 -12.41 4.51
CA GLU A 120 7.94 -13.70 4.51
C GLU A 120 7.25 -13.93 3.18
N CYS A 121 6.76 -12.85 2.57
CA CYS A 121 6.10 -12.95 1.28
C CYS A 121 7.09 -13.46 0.24
N LEU A 122 8.30 -12.91 0.27
CA LEU A 122 9.35 -13.33 -0.65
C LEU A 122 9.52 -14.84 -0.59
N LYS A 123 9.21 -15.42 0.56
CA LYS A 123 9.32 -16.85 0.75
C LYS A 123 8.06 -17.54 0.24
N ASN A 124 6.91 -16.98 0.62
CA ASN A 124 5.63 -17.53 0.20
C ASN A 124 5.12 -16.79 -1.04
N LYS A 125 6.03 -16.46 -1.93
CA LYS A 125 5.69 -15.75 -3.16
C LYS A 125 4.37 -16.26 -3.73
N ASP A 126 4.39 -17.47 -4.28
CA ASP A 126 3.21 -18.07 -4.87
C ASP A 126 2.01 -17.97 -3.92
N LYS A 127 2.30 -17.83 -2.63
CA LYS A 127 1.26 -17.72 -1.61
C LYS A 127 0.96 -16.26 -1.31
N LYS A 128 -0.33 -15.95 -1.19
CA LYS A 128 -0.76 -14.57 -0.90
C LYS A 128 -0.68 -14.27 0.59
N ILE A 129 -0.33 -13.03 0.91
CA ILE A 129 -0.22 -12.59 2.29
C ILE A 129 -1.12 -11.38 2.54
N GLU A 130 -1.48 -11.16 3.80
CA GLU A 130 -2.34 -10.03 4.16
C GLU A 130 -2.12 -9.61 5.61
N ARG A 131 -2.02 -8.31 5.84
CA ARG A 131 -1.81 -7.80 7.18
C ARG A 131 -2.33 -6.37 7.32
N TRP A 132 -2.45 -5.91 8.56
CA TRP A 132 -2.93 -4.56 8.83
C TRP A 132 -1.78 -3.63 9.19
N HIS A 133 -1.75 -2.47 8.55
CA HIS A 133 -0.70 -1.50 8.80
C HIS A 133 -1.27 -0.21 9.36
N GLN A 134 -0.67 0.27 10.46
CA GLN A 134 -1.12 1.51 11.09
C GLN A 134 -0.61 2.71 10.30
N LEU A 135 -1.53 3.38 9.62
CA LEU A 135 -1.18 4.55 8.82
C LEU A 135 -0.32 5.53 9.62
N GLN A 136 0.81 5.92 9.03
CA GLN A 136 1.72 6.86 9.66
C GLN A 136 1.99 8.05 8.75
N ASN A 137 2.45 9.16 9.34
CA ASN A 137 2.75 10.37 8.58
C ASN A 137 4.23 10.45 8.25
N GLU A 138 4.56 10.47 6.96
CA GLU A 138 5.94 10.56 6.53
C GLU A 138 6.38 12.01 6.37
N ASN A 139 5.87 12.66 5.33
CA ASN A 139 6.21 14.06 5.06
C ASN A 139 5.10 14.74 4.28
N HIS A 140 4.27 15.51 4.98
CA HIS A 140 3.16 16.23 4.34
C HIS A 140 3.63 17.55 3.76
N ARG A 1 -5.29 7.97 12.23
CA ARG A 1 -5.12 8.06 10.76
C ARG A 1 -5.79 6.89 10.04
N GLY A 2 -5.89 5.76 10.74
CA GLY A 2 -6.51 4.59 10.16
C GLY A 2 -5.53 3.49 9.81
N LYS A 3 -6.06 2.32 9.46
CA LYS A 3 -5.23 1.18 9.09
C LYS A 3 -5.67 0.61 7.75
N ILE A 4 -4.72 0.26 6.90
CA ILE A 4 -5.03 -0.28 5.58
C ILE A 4 -4.59 -1.73 5.45
N LEU A 5 -5.51 -2.57 5.03
CA LEU A 5 -5.23 -4.00 4.84
C LEU A 5 -4.50 -4.23 3.52
N VAL A 6 -3.33 -4.85 3.60
CA VAL A 6 -2.54 -5.12 2.41
C VAL A 6 -2.26 -6.61 2.28
N SER A 7 -2.45 -7.13 1.07
CA SER A 7 -2.20 -8.54 0.80
C SER A 7 -1.08 -8.69 -0.23
N LEU A 8 0.06 -9.23 0.22
CA LEU A 8 1.20 -9.41 -0.66
C LEU A 8 1.24 -10.83 -1.23
N MET A 9 2.01 -10.99 -2.31
CA MET A 9 2.16 -12.28 -2.97
C MET A 9 3.02 -12.13 -4.21
N TYR A 10 4.09 -12.92 -4.31
CA TYR A 10 4.99 -12.86 -5.45
C TYR A 10 4.75 -14.03 -6.39
N SER A 11 4.61 -13.71 -7.68
CA SER A 11 4.38 -14.74 -8.70
C SER A 11 5.69 -15.06 -9.43
N THR A 12 6.54 -15.84 -8.79
CA THR A 12 7.82 -16.23 -9.39
C THR A 12 7.63 -16.62 -10.83
N GLN A 13 6.52 -17.28 -11.13
CA GLN A 13 6.21 -17.70 -12.48
C GLN A 13 6.26 -16.50 -13.40
N GLN A 14 5.49 -15.47 -13.05
CA GLN A 14 5.45 -14.24 -13.83
C GLN A 14 6.70 -13.41 -13.59
N GLY A 15 7.44 -13.75 -12.54
CA GLY A 15 8.66 -13.04 -12.21
C GLY A 15 8.38 -11.64 -11.69
N GLY A 16 7.37 -11.51 -10.84
CA GLY A 16 7.03 -10.21 -10.29
C GLY A 16 6.27 -10.33 -8.98
N LEU A 17 6.13 -9.20 -8.28
CA LEU A 17 5.42 -9.17 -7.01
C LEU A 17 3.96 -8.76 -7.21
N ILE A 18 3.12 -9.13 -6.27
CA ILE A 18 1.69 -8.80 -6.34
C ILE A 18 1.24 -8.08 -5.07
N VAL A 19 0.76 -6.85 -5.23
CA VAL A 19 0.29 -6.07 -4.10
C VAL A 19 -1.23 -6.00 -4.10
N GLY A 20 -1.85 -6.51 -3.06
CA GLY A 20 -3.30 -6.51 -2.98
C GLY A 20 -3.85 -5.51 -1.97
N ILE A 21 -4.48 -4.47 -2.49
CA ILE A 21 -5.09 -3.45 -1.64
C ILE A 21 -6.53 -3.83 -1.32
N ILE A 22 -6.74 -4.40 -0.15
CA ILE A 22 -8.07 -4.85 0.26
C ILE A 22 -8.95 -3.70 0.74
N ARG A 23 -8.67 -3.19 1.94
CA ARG A 23 -9.48 -2.12 2.51
C ARG A 23 -8.73 -1.37 3.61
N CYS A 24 -9.32 -0.26 4.04
CA CYS A 24 -8.77 0.55 5.10
C CYS A 24 -9.82 0.79 6.17
N VAL A 25 -9.39 1.19 7.36
CA VAL A 25 -10.33 1.43 8.44
C VAL A 25 -9.91 2.61 9.32
N HIS A 26 -10.91 3.34 9.80
CA HIS A 26 -10.67 4.50 10.66
C HIS A 26 -9.73 5.50 10.01
N LEU A 27 -10.07 5.93 8.80
CA LEU A 27 -9.25 6.89 8.07
C LEU A 27 -9.56 8.32 8.50
N ALA A 28 -8.66 9.23 8.20
CA ALA A 28 -8.85 10.64 8.54
C ALA A 28 -9.95 11.26 7.71
N ALA A 29 -10.63 12.25 8.27
CA ALA A 29 -11.72 12.93 7.58
C ALA A 29 -11.36 14.38 7.28
N MET A 30 -11.28 14.70 5.99
CA MET A 30 -10.95 16.06 5.56
C MET A 30 -12.18 16.95 5.65
N ASP A 31 -13.35 16.34 5.48
CA ASP A 31 -14.60 17.08 5.53
C ASP A 31 -15.09 17.27 6.96
N ALA A 32 -16.04 18.17 7.14
CA ALA A 32 -16.60 18.46 8.45
C ALA A 32 -17.63 17.40 8.85
N ASN A 33 -17.93 16.50 7.92
CA ASN A 33 -18.89 15.43 8.18
C ASN A 33 -18.21 14.27 8.91
N GLY A 34 -16.89 14.31 8.97
CA GLY A 34 -16.15 13.26 9.64
C GLY A 34 -15.68 12.18 8.70
N TYR A 35 -15.71 12.45 7.41
CA TYR A 35 -15.30 11.45 6.42
C TYR A 35 -14.20 11.98 5.50
N SER A 36 -13.87 11.20 4.47
CA SER A 36 -12.83 11.58 3.52
C SER A 36 -12.94 10.79 2.22
N ASP A 37 -12.03 11.07 1.29
CA ASP A 37 -11.99 10.40 0.00
C ASP A 37 -10.62 9.76 -0.20
N PRO A 38 -10.23 8.87 0.71
CA PRO A 38 -8.92 8.20 0.69
C PRO A 38 -8.72 7.20 -0.44
N PHE A 39 -7.45 7.06 -0.80
CA PHE A 39 -6.99 6.11 -1.81
C PHE A 39 -5.58 5.68 -1.43
N VAL A 40 -5.10 4.58 -1.98
CA VAL A 40 -3.77 4.11 -1.61
C VAL A 40 -2.80 4.11 -2.79
N LYS A 41 -1.61 4.67 -2.55
CA LYS A 41 -0.56 4.72 -3.56
C LYS A 41 0.62 3.86 -3.12
N LEU A 42 1.10 3.02 -4.01
CA LEU A 42 2.21 2.13 -3.71
C LEU A 42 3.39 2.38 -4.63
N TRP A 43 4.60 2.25 -4.08
CA TRP A 43 5.81 2.45 -4.86
C TRP A 43 6.96 1.63 -4.29
N LEU A 44 7.47 0.71 -5.11
CA LEU A 44 8.58 -0.14 -4.70
C LEU A 44 9.92 0.48 -5.07
N LYS A 45 10.64 0.95 -4.05
CA LYS A 45 11.94 1.58 -4.24
C LYS A 45 13.06 0.57 -4.07
N PRO A 46 14.26 0.86 -4.61
CA PRO A 46 14.54 2.08 -5.36
C PRO A 46 13.98 2.02 -6.77
N ASP A 47 12.95 2.81 -7.00
CA ASP A 47 12.29 2.88 -8.30
C ASP A 47 13.20 2.44 -9.44
N MET A 48 12.71 1.51 -10.25
CA MET A 48 13.47 1.00 -11.39
C MET A 48 13.05 1.71 -12.67
N GLY A 49 11.85 2.30 -12.64
CA GLY A 49 11.34 3.00 -13.79
C GLY A 49 10.40 4.13 -13.39
N LYS A 50 9.31 4.27 -14.12
CA LYS A 50 8.33 5.31 -13.83
C LYS A 50 6.95 4.71 -13.59
N LYS A 51 6.90 3.38 -13.55
CA LYS A 51 5.65 2.67 -13.34
C LYS A 51 5.58 2.09 -11.93
N ALA A 52 6.67 2.27 -11.17
CA ALA A 52 6.72 1.77 -9.81
C ALA A 52 5.67 2.42 -8.93
N LYS A 53 5.17 3.57 -9.37
CA LYS A 53 4.15 4.29 -8.62
C LYS A 53 2.77 3.70 -8.88
N HIS A 54 1.86 3.91 -7.94
CA HIS A 54 0.50 3.37 -8.06
C HIS A 54 -0.49 4.14 -7.19
N LYS A 55 -1.77 3.92 -7.45
CA LYS A 55 -2.84 4.57 -6.70
C LYS A 55 -4.15 3.81 -6.87
N THR A 56 -4.67 3.28 -5.77
CA THR A 56 -5.92 2.51 -5.79
C THR A 56 -7.10 3.42 -6.07
N GLN A 57 -8.20 2.83 -6.53
CA GLN A 57 -9.41 3.58 -6.83
C GLN A 57 -9.76 4.50 -5.67
N ILE A 58 -10.19 5.71 -6.00
CA ILE A 58 -10.56 6.70 -4.99
C ILE A 58 -11.89 6.35 -4.36
N LYS A 59 -11.92 6.24 -3.03
CA LYS A 59 -13.15 5.94 -2.33
C LYS A 59 -13.68 7.19 -1.65
N LYS A 60 -14.41 7.99 -2.42
CA LYS A 60 -14.97 9.25 -1.93
C LYS A 60 -15.84 9.05 -0.69
N LYS A 61 -15.96 10.11 0.09
CA LYS A 61 -16.76 10.10 1.31
C LYS A 61 -16.77 8.72 1.99
N THR A 62 -15.67 8.40 2.67
CA THR A 62 -15.56 7.12 3.37
C THR A 62 -14.21 6.99 4.07
N LEU A 63 -14.22 6.44 5.27
CA LEU A 63 -13.01 6.25 6.05
C LEU A 63 -12.70 4.77 6.22
N ASN A 64 -13.66 3.93 5.87
CA ASN A 64 -13.50 2.49 5.99
C ASN A 64 -13.94 1.79 4.70
N PRO A 65 -13.43 2.26 3.56
CA PRO A 65 -13.76 1.70 2.25
C PRO A 65 -13.01 0.41 1.94
N GLU A 66 -13.41 -0.25 0.86
CA GLU A 66 -12.77 -1.50 0.44
C GLU A 66 -12.21 -1.35 -0.97
N PHE A 67 -10.89 -1.39 -1.08
CA PHE A 67 -10.23 -1.26 -2.38
C PHE A 67 -10.27 -2.57 -3.16
N ASN A 68 -9.83 -3.65 -2.52
CA ASN A 68 -9.80 -4.96 -3.17
C ASN A 68 -9.11 -4.84 -4.53
N GLU A 69 -7.95 -4.21 -4.55
CA GLU A 69 -7.19 -4.03 -5.78
C GLU A 69 -5.95 -4.91 -5.81
N GLU A 70 -5.83 -5.71 -6.88
CA GLU A 70 -4.70 -6.60 -7.03
C GLU A 70 -3.66 -5.99 -7.97
N PHE A 71 -2.54 -5.58 -7.41
CA PHE A 71 -1.46 -4.96 -8.17
C PHE A 71 -0.45 -5.97 -8.67
N PHE A 72 0.46 -5.52 -9.52
CA PHE A 72 1.52 -6.38 -10.06
C PHE A 72 2.81 -5.59 -10.25
N TYR A 73 3.88 -6.07 -9.63
CA TYR A 73 5.17 -5.40 -9.72
C TYR A 73 6.10 -6.16 -10.67
N ASP A 74 7.03 -5.44 -11.28
CA ASP A 74 7.96 -6.05 -12.21
C ASP A 74 9.35 -6.16 -11.61
N ILE A 75 9.44 -6.86 -10.47
CA ILE A 75 10.72 -7.05 -9.79
C ILE A 75 11.01 -8.53 -9.60
N LYS A 76 12.28 -8.89 -9.69
CA LYS A 76 12.70 -10.28 -9.52
C LYS A 76 12.76 -10.65 -8.04
N HIS A 77 12.27 -11.83 -7.72
CA HIS A 77 12.26 -12.30 -6.34
C HIS A 77 13.60 -12.03 -5.66
N SER A 78 14.68 -12.45 -6.31
CA SER A 78 16.02 -12.26 -5.77
C SER A 78 16.28 -10.79 -5.43
N ASP A 79 15.47 -9.91 -5.99
CA ASP A 79 15.61 -8.48 -5.74
C ASP A 79 14.52 -7.98 -4.80
N LEU A 80 13.36 -8.63 -4.85
CA LEU A 80 12.23 -8.28 -3.99
C LEU A 80 12.73 -7.80 -2.63
N ALA A 81 13.32 -8.72 -1.88
CA ALA A 81 13.84 -8.41 -0.54
C ALA A 81 14.49 -7.03 -0.48
N LYS A 82 15.42 -6.76 -1.40
CA LYS A 82 16.12 -5.49 -1.43
C LYS A 82 15.16 -4.35 -1.72
N LYS A 83 13.96 -4.69 -2.17
CA LYS A 83 12.95 -3.69 -2.49
C LYS A 83 12.33 -3.12 -1.24
N SER A 84 11.40 -2.20 -1.43
CA SER A 84 10.69 -1.56 -0.32
C SER A 84 9.38 -0.96 -0.80
N LEU A 85 8.27 -1.62 -0.47
CA LEU A 85 6.96 -1.15 -0.88
C LEU A 85 6.47 -0.03 0.02
N ASP A 86 6.32 1.15 -0.56
CA ASP A 86 5.85 2.32 0.20
C ASP A 86 4.36 2.52 -0.01
N ILE A 87 3.56 2.04 0.94
CA ILE A 87 2.11 2.17 0.85
C ILE A 87 1.65 3.46 1.55
N SER A 88 1.26 4.44 0.75
CA SER A 88 0.80 5.72 1.29
C SER A 88 -0.64 5.99 0.92
N VAL A 89 -1.41 6.46 1.90
CA VAL A 89 -2.82 6.76 1.69
C VAL A 89 -3.05 8.27 1.69
N TRP A 90 -3.74 8.76 0.66
CA TRP A 90 -4.03 10.18 0.53
C TRP A 90 -5.53 10.42 0.47
N ASP A 91 -5.97 11.56 1.00
CA ASP A 91 -7.38 11.91 0.97
C ASP A 91 -7.69 12.70 -0.29
N TYR A 92 -8.60 12.18 -1.10
CA TYR A 92 -8.98 12.82 -2.35
C TYR A 92 -9.85 14.04 -2.09
N ASP A 93 -10.00 14.87 -3.12
CA ASP A 93 -10.82 16.08 -3.01
C ASP A 93 -11.23 16.59 -4.39
N ILE A 94 -12.54 16.64 -4.63
CA ILE A 94 -13.06 17.10 -5.92
C ILE A 94 -13.00 18.62 -6.01
N GLY A 95 -12.47 19.13 -7.11
CA GLY A 95 -12.38 20.56 -7.30
C GLY A 95 -11.25 21.17 -6.49
N LYS A 96 -10.58 20.35 -5.69
CA LYS A 96 -9.47 20.82 -4.86
C LYS A 96 -8.28 19.87 -4.96
N SER A 97 -7.32 20.04 -4.05
CA SER A 97 -6.12 19.20 -4.03
C SER A 97 -6.27 18.07 -3.01
N ASN A 98 -5.53 16.99 -3.23
CA ASN A 98 -5.59 15.85 -2.33
C ASN A 98 -4.71 16.09 -1.10
N ASP A 99 -4.52 15.05 -0.30
CA ASP A 99 -3.71 15.14 0.91
C ASP A 99 -3.24 13.77 1.37
N TYR A 100 -2.18 13.75 2.16
CA TYR A 100 -1.63 12.51 2.68
C TYR A 100 -2.28 12.16 4.03
N ILE A 101 -3.06 11.09 4.04
CA ILE A 101 -3.74 10.65 5.25
C ILE A 101 -2.80 9.82 6.12
N GLY A 102 -2.28 8.73 5.55
CA GLY A 102 -1.38 7.87 6.28
C GLY A 102 -0.90 6.69 5.46
N GLY A 103 0.25 6.14 5.85
CA GLY A 103 0.81 5.01 5.14
C GLY A 103 1.96 4.37 5.88
N CYS A 104 2.90 3.79 5.15
CA CYS A 104 4.06 3.14 5.76
C CYS A 104 4.96 2.52 4.69
N GLN A 105 6.13 2.04 5.12
CA GLN A 105 7.08 1.43 4.19
C GLN A 105 7.15 -0.08 4.43
N LEU A 106 7.19 -0.84 3.34
CA LEU A 106 7.26 -2.29 3.42
C LEU A 106 8.45 -2.84 2.65
N GLY A 107 9.58 -2.95 3.31
CA GLY A 107 10.79 -3.46 2.69
C GLY A 107 11.55 -4.38 3.61
N ILE A 108 12.24 -5.37 3.05
CA ILE A 108 12.99 -6.31 3.84
C ILE A 108 14.08 -5.62 4.65
N SER A 109 14.34 -4.35 4.33
CA SER A 109 15.33 -3.58 5.06
C SER A 109 14.69 -2.90 6.27
N ALA A 110 13.48 -3.36 6.61
CA ALA A 110 12.73 -2.82 7.73
C ALA A 110 12.95 -3.64 8.99
N LYS A 111 12.73 -3.01 10.15
CA LYS A 111 12.89 -3.68 11.43
C LYS A 111 11.67 -3.42 12.32
N GLY A 112 11.13 -4.50 12.88
CA GLY A 112 9.97 -4.36 13.75
C GLY A 112 8.87 -5.34 13.41
N GLU A 113 8.21 -5.13 12.28
CA GLU A 113 7.12 -6.02 11.86
C GLU A 113 6.95 -6.02 10.34
N ARG A 114 7.06 -4.84 9.73
CA ARG A 114 6.90 -4.73 8.29
C ARG A 114 7.77 -5.75 7.57
N LEU A 115 8.94 -6.04 8.13
CA LEU A 115 9.85 -7.01 7.55
C LEU A 115 9.21 -8.39 7.51
N LYS A 116 8.39 -8.67 8.52
CA LYS A 116 7.70 -9.96 8.61
C LYS A 116 6.73 -10.15 7.45
N HIS A 117 5.76 -9.25 7.34
CA HIS A 117 4.77 -9.33 6.27
C HIS A 117 5.45 -9.33 4.91
N TRP A 118 6.29 -8.33 4.68
CA TRP A 118 7.00 -8.19 3.42
C TRP A 118 7.88 -9.42 3.17
N TYR A 119 9.03 -9.44 3.82
CA TYR A 119 9.99 -10.54 3.68
C TYR A 119 9.29 -11.90 3.61
N GLU A 120 8.58 -12.26 4.67
CA GLU A 120 7.90 -13.55 4.69
C GLU A 120 7.22 -13.81 3.36
N CYS A 121 6.75 -12.74 2.72
CA CYS A 121 6.11 -12.87 1.42
C CYS A 121 7.09 -13.49 0.43
N LEU A 122 8.34 -13.04 0.50
CA LEU A 122 9.39 -13.55 -0.35
C LEU A 122 9.55 -15.06 -0.15
N LYS A 123 9.15 -15.52 1.03
CA LYS A 123 9.22 -16.92 1.36
C LYS A 123 7.97 -17.65 0.88
N ASN A 124 6.83 -16.97 1.03
CA ASN A 124 5.54 -17.52 0.62
C ASN A 124 5.05 -16.83 -0.66
N LYS A 125 5.84 -16.91 -1.71
CA LYS A 125 5.49 -16.28 -2.99
C LYS A 125 4.08 -16.65 -3.41
N ASP A 126 3.93 -17.83 -4.01
CA ASP A 126 2.63 -18.31 -4.47
C ASP A 126 1.57 -18.15 -3.40
N LYS A 127 2.01 -18.07 -2.14
CA LYS A 127 1.08 -17.90 -1.02
C LYS A 127 0.70 -16.44 -0.84
N LYS A 128 -0.59 -16.17 -0.84
CA LYS A 128 -1.09 -14.81 -0.69
C LYS A 128 -1.07 -14.38 0.77
N ILE A 129 -0.30 -13.33 1.06
CA ILE A 129 -0.20 -12.82 2.42
C ILE A 129 -1.22 -11.71 2.66
N GLU A 130 -1.53 -11.46 3.93
CA GLU A 130 -2.50 -10.43 4.29
C GLU A 130 -2.27 -9.94 5.71
N ARG A 131 -2.30 -8.62 5.89
CA ARG A 131 -2.09 -8.02 7.20
C ARG A 131 -2.50 -6.56 7.20
N TRP A 132 -2.79 -6.03 8.40
CA TRP A 132 -3.20 -4.64 8.55
C TRP A 132 -2.01 -3.77 8.93
N HIS A 133 -1.86 -2.65 8.24
CA HIS A 133 -0.77 -1.72 8.52
C HIS A 133 -1.30 -0.43 9.13
N GLN A 134 -0.69 -0.02 10.25
CA GLN A 134 -1.10 1.20 10.91
C GLN A 134 -0.63 2.42 10.14
N LEU A 135 -1.56 3.07 9.46
CA LEU A 135 -1.25 4.25 8.66
C LEU A 135 -0.52 5.30 9.47
N GLN A 136 0.61 5.76 8.94
CA GLN A 136 1.41 6.77 9.61
C GLN A 136 1.55 8.01 8.73
N ASN A 137 1.88 9.13 9.35
CA ASN A 137 2.04 10.39 8.62
C ASN A 137 3.44 10.50 8.02
N GLU A 138 3.52 10.43 6.70
CA GLU A 138 4.80 10.52 6.02
C GLU A 138 5.11 11.97 5.65
N ASN A 139 4.20 12.59 4.89
CA ASN A 139 4.38 13.97 4.46
C ASN A 139 3.12 14.78 4.72
N HIS A 140 3.30 15.99 5.26
CA HIS A 140 2.17 16.87 5.57
C HIS A 140 1.30 17.08 4.33
N ARG A 1 -5.89 8.53 12.04
CA ARG A 1 -5.23 8.16 10.77
C ARG A 1 -5.92 6.97 10.10
N GLY A 2 -5.96 5.85 10.81
CA GLY A 2 -6.60 4.66 10.27
C GLY A 2 -5.61 3.55 9.94
N LYS A 3 -6.13 2.40 9.52
CA LYS A 3 -5.29 1.27 9.18
C LYS A 3 -5.74 0.68 7.85
N ILE A 4 -4.79 0.35 6.97
CA ILE A 4 -5.10 -0.21 5.67
C ILE A 4 -4.63 -1.65 5.55
N LEU A 5 -5.53 -2.53 5.13
CA LEU A 5 -5.22 -3.93 4.96
C LEU A 5 -4.48 -4.16 3.65
N VAL A 6 -3.22 -4.59 3.75
CA VAL A 6 -2.41 -4.82 2.57
C VAL A 6 -2.06 -6.30 2.43
N SER A 7 -2.28 -6.83 1.23
CA SER A 7 -1.97 -8.24 0.96
C SER A 7 -0.82 -8.34 -0.02
N LEU A 8 0.11 -9.24 0.24
CA LEU A 8 1.26 -9.42 -0.63
C LEU A 8 1.31 -10.83 -1.21
N MET A 9 2.10 -11.00 -2.26
CA MET A 9 2.25 -12.28 -2.93
C MET A 9 3.10 -12.13 -4.19
N TYR A 10 4.16 -12.92 -4.28
CA TYR A 10 5.04 -12.86 -5.43
C TYR A 10 4.82 -14.07 -6.35
N SER A 11 4.72 -13.80 -7.65
CA SER A 11 4.51 -14.86 -8.62
C SER A 11 5.77 -15.11 -9.43
N THR A 12 6.67 -15.95 -8.89
CA THR A 12 7.91 -16.27 -9.57
C THR A 12 7.63 -16.68 -11.01
N GLN A 13 6.56 -17.43 -11.20
CA GLN A 13 6.16 -17.88 -12.53
C GLN A 13 6.09 -16.69 -13.48
N GLN A 14 5.40 -15.64 -13.03
CA GLN A 14 5.26 -14.42 -13.83
C GLN A 14 6.50 -13.55 -13.70
N GLY A 15 7.30 -13.83 -12.67
CA GLY A 15 8.51 -13.07 -12.44
C GLY A 15 8.23 -11.66 -11.94
N GLY A 16 7.26 -11.54 -11.04
CA GLY A 16 6.91 -10.23 -10.51
C GLY A 16 6.20 -10.31 -9.18
N LEU A 17 6.15 -9.20 -8.47
CA LEU A 17 5.49 -9.14 -7.17
C LEU A 17 4.01 -8.80 -7.32
N ILE A 18 3.21 -9.15 -6.32
CA ILE A 18 1.78 -8.86 -6.36
C ILE A 18 1.34 -8.14 -5.09
N VAL A 19 0.79 -6.94 -5.27
CA VAL A 19 0.32 -6.15 -4.14
C VAL A 19 -1.20 -6.10 -4.12
N GLY A 20 -1.79 -6.54 -3.01
CA GLY A 20 -3.24 -6.55 -2.90
C GLY A 20 -3.77 -5.55 -1.89
N ILE A 21 -4.49 -4.55 -2.38
CA ILE A 21 -5.08 -3.54 -1.51
C ILE A 21 -6.51 -3.94 -1.16
N ILE A 22 -6.68 -4.53 0.02
CA ILE A 22 -7.99 -4.98 0.46
C ILE A 22 -8.89 -3.83 0.87
N ARG A 23 -8.62 -3.24 2.04
CA ARG A 23 -9.44 -2.15 2.53
C ARG A 23 -8.76 -1.38 3.65
N CYS A 24 -9.36 -0.25 4.03
CA CYS A 24 -8.84 0.58 5.10
C CYS A 24 -9.91 0.77 6.17
N VAL A 25 -9.50 1.18 7.36
CA VAL A 25 -10.44 1.38 8.45
C VAL A 25 -10.08 2.58 9.32
N HIS A 26 -11.09 3.26 9.83
CA HIS A 26 -10.91 4.42 10.68
C HIS A 26 -9.92 5.41 10.06
N LEU A 27 -10.24 5.87 8.84
CA LEU A 27 -9.38 6.81 8.14
C LEU A 27 -9.67 8.24 8.58
N ALA A 28 -8.74 9.14 8.28
CA ALA A 28 -8.89 10.54 8.66
C ALA A 28 -9.90 11.24 7.74
N ALA A 29 -10.64 12.18 8.31
CA ALA A 29 -11.65 12.92 7.56
C ALA A 29 -11.19 14.35 7.30
N MET A 30 -10.95 14.67 6.03
CA MET A 30 -10.50 16.00 5.64
C MET A 30 -11.70 16.95 5.50
N ASP A 31 -12.86 16.38 5.22
CA ASP A 31 -14.08 17.17 5.05
C ASP A 31 -14.74 17.45 6.40
N ALA A 32 -15.49 18.54 6.46
CA ALA A 32 -16.18 18.93 7.69
C ALA A 32 -17.29 17.94 8.02
N ASN A 33 -17.55 17.01 7.11
CA ASN A 33 -18.59 16.01 7.31
C ASN A 33 -18.09 14.87 8.19
N GLY A 34 -16.80 14.90 8.51
CA GLY A 34 -16.22 13.86 9.35
C GLY A 34 -15.74 12.68 8.55
N TYR A 35 -15.75 12.82 7.22
CA TYR A 35 -15.31 11.73 6.34
C TYR A 35 -14.17 12.17 5.43
N SER A 36 -13.87 11.34 4.43
CA SER A 36 -12.79 11.64 3.50
C SER A 36 -12.93 10.84 2.20
N ASP A 37 -12.01 11.07 1.28
CA ASP A 37 -11.99 10.38 -0.01
C ASP A 37 -10.67 9.63 -0.16
N PRO A 38 -10.39 8.74 0.78
CA PRO A 38 -9.14 7.97 0.82
C PRO A 38 -8.94 6.98 -0.32
N PHE A 39 -7.69 6.88 -0.73
CA PHE A 39 -7.24 5.96 -1.76
C PHE A 39 -5.84 5.50 -1.40
N VAL A 40 -5.36 4.41 -1.97
CA VAL A 40 -4.04 3.93 -1.63
C VAL A 40 -3.08 3.95 -2.81
N LYS A 41 -1.90 4.54 -2.56
CA LYS A 41 -0.86 4.62 -3.58
C LYS A 41 0.32 3.76 -3.17
N LEU A 42 0.80 2.93 -4.08
CA LEU A 42 1.91 2.04 -3.78
C LEU A 42 3.11 2.31 -4.69
N TRP A 43 4.30 2.29 -4.10
CA TRP A 43 5.52 2.53 -4.85
C TRP A 43 6.68 1.71 -4.29
N LEU A 44 7.23 0.83 -5.12
CA LEU A 44 8.34 -0.02 -4.72
C LEU A 44 9.67 0.63 -5.10
N LYS A 45 10.41 1.09 -4.10
CA LYS A 45 11.70 1.74 -4.32
C LYS A 45 12.80 0.69 -4.47
N PRO A 46 13.91 1.06 -5.12
CA PRO A 46 14.13 2.40 -5.67
C PRO A 46 13.62 2.50 -7.09
N ASP A 47 12.60 3.32 -7.28
CA ASP A 47 11.98 3.55 -8.58
C ASP A 47 12.91 3.17 -9.72
N MET A 48 12.56 2.09 -10.43
CA MET A 48 13.36 1.61 -11.54
C MET A 48 12.87 2.22 -12.86
N GLY A 49 11.56 2.30 -13.02
CA GLY A 49 10.98 2.86 -14.22
C GLY A 49 10.02 3.99 -13.93
N LYS A 50 9.81 4.26 -12.64
CA LYS A 50 8.90 5.31 -12.22
C LYS A 50 7.48 4.78 -12.05
N LYS A 51 7.14 3.80 -12.89
CA LYS A 51 5.81 3.19 -12.82
C LYS A 51 5.63 2.46 -11.51
N ALA A 52 6.73 2.20 -10.83
CA ALA A 52 6.71 1.51 -9.55
C ALA A 52 5.61 2.05 -8.65
N LYS A 53 5.22 3.30 -8.90
CA LYS A 53 4.17 3.94 -8.11
C LYS A 53 2.79 3.53 -8.59
N HIS A 54 1.79 3.66 -7.73
CA HIS A 54 0.43 3.29 -8.08
C HIS A 54 -0.59 4.00 -7.20
N LYS A 55 -1.87 3.79 -7.50
CA LYS A 55 -2.96 4.39 -6.75
C LYS A 55 -4.25 3.61 -6.98
N THR A 56 -4.89 3.17 -5.90
CA THR A 56 -6.12 2.41 -5.99
C THR A 56 -7.32 3.33 -6.18
N GLN A 57 -8.42 2.77 -6.69
CA GLN A 57 -9.62 3.54 -6.91
C GLN A 57 -9.91 4.45 -5.72
N ILE A 58 -10.53 5.59 -5.99
CA ILE A 58 -10.85 6.55 -4.95
C ILE A 58 -12.20 6.24 -4.32
N LYS A 59 -12.24 6.15 -3.00
CA LYS A 59 -13.48 5.87 -2.29
C LYS A 59 -13.99 7.14 -1.62
N LYS A 60 -14.32 8.13 -2.44
CA LYS A 60 -14.80 9.41 -1.95
C LYS A 60 -15.94 9.24 -0.95
N LYS A 61 -15.89 10.04 0.12
CA LYS A 61 -16.92 10.02 1.16
C LYS A 61 -16.96 8.70 1.92
N THR A 62 -15.86 8.39 2.61
CA THR A 62 -15.78 7.16 3.39
C THR A 62 -14.40 6.99 4.01
N LEU A 63 -14.36 6.42 5.21
CA LEU A 63 -13.10 6.19 5.91
C LEU A 63 -12.84 4.70 6.08
N ASN A 64 -13.87 3.89 5.86
CA ASN A 64 -13.76 2.46 5.99
C ASN A 64 -14.16 1.76 4.69
N PRO A 65 -13.70 2.27 3.55
CA PRO A 65 -14.01 1.70 2.23
C PRO A 65 -13.32 0.36 1.98
N GLU A 66 -13.67 -0.26 0.86
CA GLU A 66 -13.08 -1.54 0.48
C GLU A 66 -12.41 -1.43 -0.89
N PHE A 67 -11.11 -1.68 -0.93
CA PHE A 67 -10.35 -1.59 -2.18
C PHE A 67 -10.36 -2.92 -2.93
N ASN A 68 -9.88 -3.97 -2.28
CA ASN A 68 -9.82 -5.28 -2.90
C ASN A 68 -9.18 -5.19 -4.28
N GLU A 69 -8.04 -4.51 -4.34
CA GLU A 69 -7.31 -4.31 -5.58
C GLU A 69 -6.06 -5.18 -5.63
N GLU A 70 -5.89 -5.91 -6.73
CA GLU A 70 -4.73 -6.77 -6.91
C GLU A 70 -3.74 -6.15 -7.90
N PHE A 71 -2.59 -5.76 -7.38
CA PHE A 71 -1.54 -5.13 -8.21
C PHE A 71 -0.50 -6.14 -8.67
N PHE A 72 0.41 -5.67 -9.51
CA PHE A 72 1.49 -6.49 -10.04
C PHE A 72 2.75 -5.65 -10.26
N TYR A 73 3.86 -6.07 -9.67
CA TYR A 73 5.11 -5.35 -9.79
C TYR A 73 6.06 -6.07 -10.75
N ASP A 74 7.00 -5.32 -11.31
CA ASP A 74 7.95 -5.89 -12.24
C ASP A 74 9.35 -5.95 -11.63
N ILE A 75 9.51 -6.75 -10.58
CA ILE A 75 10.78 -6.89 -9.90
C ILE A 75 11.11 -8.36 -9.67
N LYS A 76 12.38 -8.71 -9.85
CA LYS A 76 12.83 -10.08 -9.66
C LYS A 76 12.90 -10.42 -8.18
N HIS A 77 12.33 -11.56 -7.81
CA HIS A 77 12.33 -11.99 -6.42
C HIS A 77 13.70 -11.75 -5.78
N SER A 78 14.75 -12.09 -6.50
CA SER A 78 16.11 -11.91 -5.99
C SER A 78 16.34 -10.47 -5.56
N ASP A 79 15.57 -9.57 -6.14
CA ASP A 79 15.70 -8.15 -5.81
C ASP A 79 14.57 -7.73 -4.87
N LEU A 80 13.43 -8.40 -4.98
CA LEU A 80 12.27 -8.11 -4.14
C LEU A 80 12.72 -7.69 -2.74
N ALA A 81 13.32 -8.63 -2.02
CA ALA A 81 13.80 -8.38 -0.66
C ALA A 81 14.36 -6.96 -0.51
N LYS A 82 15.35 -6.62 -1.34
CA LYS A 82 15.99 -5.32 -1.29
C LYS A 82 14.99 -4.21 -1.57
N LYS A 83 13.88 -4.57 -2.22
CA LYS A 83 12.86 -3.60 -2.54
C LYS A 83 12.21 -3.03 -1.28
N SER A 84 11.38 -2.01 -1.46
CA SER A 84 10.69 -1.38 -0.36
C SER A 84 9.34 -0.83 -0.82
N LEU A 85 8.27 -1.52 -0.46
CA LEU A 85 6.94 -1.11 -0.85
C LEU A 85 6.44 0.02 0.05
N ASP A 86 5.70 0.95 -0.54
CA ASP A 86 5.17 2.08 0.21
C ASP A 86 3.68 2.25 -0.01
N ILE A 87 2.89 1.73 0.91
CA ILE A 87 1.43 1.83 0.83
C ILE A 87 0.94 3.06 1.57
N SER A 88 0.71 4.14 0.83
CA SER A 88 0.26 5.40 1.43
C SER A 88 -1.19 5.70 1.06
N VAL A 89 -1.99 6.02 2.07
CA VAL A 89 -3.39 6.36 1.86
C VAL A 89 -3.58 7.87 1.91
N TRP A 90 -4.17 8.43 0.86
CA TRP A 90 -4.39 9.87 0.80
C TRP A 90 -5.86 10.21 0.61
N ASP A 91 -6.28 11.33 1.19
CA ASP A 91 -7.67 11.77 1.07
C ASP A 91 -7.86 12.55 -0.23
N TYR A 92 -8.64 11.98 -1.13
CA TYR A 92 -8.91 12.61 -2.42
C TYR A 92 -9.78 13.84 -2.28
N ASP A 93 -9.83 14.66 -3.32
CA ASP A 93 -10.62 15.87 -3.33
C ASP A 93 -10.88 16.34 -4.75
N ILE A 94 -12.14 16.53 -5.10
CA ILE A 94 -12.51 16.98 -6.44
C ILE A 94 -12.54 18.50 -6.52
N GLY A 95 -11.92 19.05 -7.56
CA GLY A 95 -11.88 20.49 -7.73
C GLY A 95 -10.72 21.13 -6.98
N LYS A 96 -10.17 20.39 -6.02
CA LYS A 96 -9.06 20.89 -5.23
C LYS A 96 -7.95 19.85 -5.13
N SER A 97 -7.02 20.06 -4.19
CA SER A 97 -5.92 19.13 -4.01
C SER A 97 -6.30 18.00 -3.06
N ASN A 98 -5.40 17.05 -2.88
CA ASN A 98 -5.64 15.92 -2.00
C ASN A 98 -4.99 16.14 -0.63
N ASP A 99 -5.10 15.14 0.24
CA ASP A 99 -4.53 15.22 1.58
C ASP A 99 -3.86 13.91 1.97
N TYR A 100 -2.88 13.99 2.86
CA TYR A 100 -2.17 12.81 3.32
C TYR A 100 -2.80 12.26 4.60
N ILE A 101 -3.49 11.12 4.46
CA ILE A 101 -4.13 10.49 5.60
C ILE A 101 -3.14 9.63 6.39
N GLY A 102 -2.25 8.96 5.68
CA GLY A 102 -1.26 8.12 6.33
C GLY A 102 -0.88 6.92 5.51
N GLY A 103 0.26 6.32 5.83
CA GLY A 103 0.72 5.15 5.10
C GLY A 103 1.76 4.35 5.86
N CYS A 104 2.36 3.38 5.20
CA CYS A 104 3.38 2.53 5.82
C CYS A 104 4.34 1.98 4.77
N GLN A 105 5.56 1.68 5.20
CA GLN A 105 6.58 1.13 4.30
C GLN A 105 6.77 -0.35 4.54
N LEU A 106 6.86 -1.12 3.46
CA LEU A 106 7.06 -2.56 3.56
C LEU A 106 8.27 -3.01 2.76
N GLY A 107 9.42 -3.09 3.44
CA GLY A 107 10.64 -3.51 2.78
C GLY A 107 11.45 -4.46 3.65
N ILE A 108 12.20 -5.34 3.02
CA ILE A 108 13.00 -6.30 3.75
C ILE A 108 14.10 -5.62 4.55
N SER A 109 14.28 -4.33 4.30
CA SER A 109 15.28 -3.55 5.01
C SER A 109 14.66 -2.90 6.25
N ALA A 110 13.48 -3.40 6.62
CA ALA A 110 12.76 -2.88 7.76
C ALA A 110 13.09 -3.66 9.03
N LYS A 111 12.37 -3.38 10.11
CA LYS A 111 12.57 -4.05 11.38
C LYS A 111 11.25 -4.23 12.12
N GLY A 112 11.05 -5.42 12.66
CA GLY A 112 9.82 -5.70 13.40
C GLY A 112 8.85 -6.56 12.61
N GLU A 113 7.82 -5.92 12.04
CA GLU A 113 6.81 -6.63 11.27
C GLU A 113 6.94 -6.32 9.78
N ARG A 114 7.13 -5.04 9.46
CA ARG A 114 7.27 -4.60 8.08
C ARG A 114 8.16 -5.56 7.30
N LEU A 115 9.07 -6.22 8.02
CA LEU A 115 9.99 -7.16 7.39
C LEU A 115 9.36 -8.56 7.31
N LYS A 116 8.76 -9.00 8.41
CA LYS A 116 8.13 -10.31 8.45
C LYS A 116 7.08 -10.46 7.36
N HIS A 117 6.10 -9.56 7.36
CA HIS A 117 5.03 -9.59 6.36
C HIS A 117 5.62 -9.51 4.95
N TRP A 118 6.40 -8.48 4.72
CA TRP A 118 7.03 -8.27 3.42
C TRP A 118 7.96 -9.43 3.07
N TYR A 119 9.03 -9.57 3.85
CA TYR A 119 10.01 -10.62 3.65
C TYR A 119 9.37 -12.00 3.57
N GLU A 120 8.72 -12.44 4.64
CA GLU A 120 8.09 -13.76 4.64
C GLU A 120 7.36 -13.99 3.33
N CYS A 121 6.89 -12.91 2.72
CA CYS A 121 6.20 -13.00 1.44
C CYS A 121 7.16 -13.56 0.40
N LEU A 122 8.38 -13.02 0.39
CA LEU A 122 9.42 -13.47 -0.53
C LEU A 122 9.63 -14.97 -0.38
N LYS A 123 9.40 -15.46 0.83
CA LYS A 123 9.53 -16.87 1.13
C LYS A 123 8.30 -17.61 0.66
N ASN A 124 7.16 -17.04 0.99
CA ASN A 124 5.87 -17.62 0.60
C ASN A 124 5.32 -16.91 -0.63
N LYS A 125 6.19 -16.65 -1.60
CA LYS A 125 5.79 -15.97 -2.83
C LYS A 125 4.45 -16.49 -3.35
N ASP A 126 4.46 -17.73 -3.83
CA ASP A 126 3.24 -18.35 -4.35
C ASP A 126 2.08 -18.22 -3.38
N LYS A 127 2.40 -17.99 -2.11
CA LYS A 127 1.38 -17.84 -1.08
C LYS A 127 1.04 -16.37 -0.86
N LYS A 128 -0.24 -16.07 -0.71
CA LYS A 128 -0.69 -14.71 -0.50
C LYS A 128 -0.65 -14.33 0.98
N ILE A 129 -0.07 -13.16 1.26
CA ILE A 129 0.03 -12.66 2.62
C ILE A 129 -0.84 -11.42 2.79
N GLU A 130 -1.35 -11.20 4.00
CA GLU A 130 -2.19 -10.03 4.27
C GLU A 130 -2.09 -9.62 5.74
N ARG A 131 -2.22 -8.32 5.97
CA ARG A 131 -2.16 -7.79 7.32
C ARG A 131 -2.58 -6.31 7.35
N TRP A 132 -2.83 -5.79 8.56
CA TRP A 132 -3.24 -4.41 8.71
C TRP A 132 -2.06 -3.52 9.10
N HIS A 133 -1.92 -2.41 8.39
CA HIS A 133 -0.83 -1.47 8.67
C HIS A 133 -1.36 -0.18 9.27
N GLN A 134 -0.75 0.26 10.36
CA GLN A 134 -1.16 1.49 11.03
C GLN A 134 -0.66 2.70 10.26
N LEU A 135 -1.55 3.33 9.51
CA LEU A 135 -1.19 4.51 8.72
C LEU A 135 -0.40 5.51 9.55
N GLN A 136 0.73 5.96 8.99
CA GLN A 136 1.58 6.93 9.66
C GLN A 136 1.81 8.15 8.77
N ASN A 137 2.34 9.21 9.37
CA ASN A 137 2.60 10.45 8.63
C ASN A 137 4.09 10.56 8.30
N GLU A 138 4.40 10.68 7.02
CA GLU A 138 5.78 10.80 6.57
C GLU A 138 6.16 12.25 6.32
N ASN A 139 5.76 12.77 5.17
CA ASN A 139 6.05 14.16 4.81
C ASN A 139 4.94 15.10 5.29
N HIS A 140 4.96 16.33 4.78
CA HIS A 140 3.97 17.32 5.15
C HIS A 140 3.12 17.72 3.95
N ARG A 1 -5.64 8.31 12.64
CA ARG A 1 -5.34 8.20 11.19
C ARG A 1 -6.17 7.08 10.55
N GLY A 2 -5.79 5.84 10.83
CA GLY A 2 -6.51 4.70 10.28
C GLY A 2 -5.59 3.54 9.93
N LYS A 3 -6.18 2.39 9.63
CA LYS A 3 -5.41 1.21 9.27
C LYS A 3 -5.87 0.65 7.92
N ILE A 4 -4.92 0.19 7.11
CA ILE A 4 -5.25 -0.36 5.81
C ILE A 4 -4.80 -1.82 5.67
N LEU A 5 -5.72 -2.67 5.24
CA LEU A 5 -5.42 -4.09 5.06
C LEU A 5 -4.72 -4.32 3.74
N VAL A 6 -3.54 -4.93 3.80
CA VAL A 6 -2.76 -5.19 2.59
C VAL A 6 -2.38 -6.67 2.47
N SER A 7 -2.50 -7.20 1.26
CA SER A 7 -2.16 -8.59 0.99
C SER A 7 -1.03 -8.67 -0.03
N LEU A 8 0.06 -9.31 0.36
CA LEU A 8 1.23 -9.44 -0.53
C LEU A 8 1.29 -10.82 -1.17
N MET A 9 2.09 -10.94 -2.23
CA MET A 9 2.26 -12.20 -2.94
C MET A 9 3.12 -12.01 -4.19
N TYR A 10 4.16 -12.83 -4.32
CA TYR A 10 5.04 -12.74 -5.47
C TYR A 10 4.83 -13.91 -6.43
N SER A 11 4.70 -13.60 -7.71
CA SER A 11 4.49 -14.63 -8.73
C SER A 11 5.78 -14.90 -9.49
N THR A 12 6.63 -15.74 -8.91
CA THR A 12 7.90 -16.10 -9.56
C THR A 12 7.68 -16.45 -11.01
N GLN A 13 6.57 -17.10 -11.29
CA GLN A 13 6.23 -17.50 -12.65
C GLN A 13 6.27 -16.27 -13.55
N GLN A 14 5.46 -15.28 -13.18
CA GLN A 14 5.39 -14.03 -13.93
C GLN A 14 6.66 -13.21 -13.71
N GLY A 15 7.41 -13.56 -12.68
CA GLY A 15 8.63 -12.84 -12.37
C GLY A 15 8.36 -11.45 -11.83
N GLY A 16 7.37 -11.33 -10.96
CA GLY A 16 7.04 -10.04 -10.39
C GLY A 16 6.33 -10.17 -9.05
N LEU A 17 6.14 -9.04 -8.38
CA LEU A 17 5.48 -9.02 -7.08
C LEU A 17 4.01 -8.68 -7.23
N ILE A 18 3.23 -9.01 -6.21
CA ILE A 18 1.79 -8.72 -6.23
C ILE A 18 1.36 -8.03 -4.95
N VAL A 19 0.79 -6.84 -5.10
CA VAL A 19 0.33 -6.06 -3.95
C VAL A 19 -1.19 -5.98 -3.94
N GLY A 20 -1.79 -6.42 -2.85
CA GLY A 20 -3.24 -6.41 -2.75
C GLY A 20 -3.75 -5.43 -1.71
N ILE A 21 -4.61 -4.51 -2.14
CA ILE A 21 -5.20 -3.53 -1.25
C ILE A 21 -6.65 -3.91 -0.95
N ILE A 22 -6.84 -4.57 0.18
CA ILE A 22 -8.17 -5.02 0.59
C ILE A 22 -9.06 -3.86 1.03
N ARG A 23 -8.84 -3.35 2.23
CA ARG A 23 -9.64 -2.25 2.74
C ARG A 23 -8.91 -1.44 3.80
N CYS A 24 -9.55 -0.37 4.26
CA CYS A 24 -8.99 0.51 5.27
C CYS A 24 -10.02 0.76 6.37
N VAL A 25 -9.56 1.18 7.54
CA VAL A 25 -10.46 1.45 8.65
C VAL A 25 -10.03 2.64 9.48
N HIS A 26 -11.01 3.37 9.99
CA HIS A 26 -10.76 4.55 10.83
C HIS A 26 -9.86 5.55 10.11
N LEU A 27 -10.33 6.02 8.95
CA LEU A 27 -9.56 6.99 8.17
C LEU A 27 -9.92 8.41 8.55
N ALA A 28 -8.94 9.31 8.48
CA ALA A 28 -9.17 10.71 8.82
C ALA A 28 -10.09 11.38 7.82
N ALA A 29 -10.84 12.38 8.28
CA ALA A 29 -11.78 13.10 7.42
C ALA A 29 -11.22 14.47 7.05
N MET A 30 -10.98 14.68 5.76
CA MET A 30 -10.45 15.95 5.27
C MET A 30 -11.59 16.96 5.09
N ASP A 31 -12.79 16.46 4.90
CA ASP A 31 -13.96 17.31 4.71
C ASP A 31 -14.60 17.68 6.04
N ALA A 32 -15.36 18.76 6.05
CA ALA A 32 -16.03 19.22 7.26
C ALA A 32 -17.23 18.33 7.59
N ASN A 33 -17.47 17.33 6.75
CA ASN A 33 -18.58 16.41 6.95
C ASN A 33 -18.18 15.30 7.92
N GLY A 34 -16.88 15.19 8.19
CA GLY A 34 -16.40 14.16 9.08
C GLY A 34 -15.90 12.94 8.35
N TYR A 35 -15.91 12.99 7.02
CA TYR A 35 -15.47 11.87 6.21
C TYR A 35 -14.32 12.25 5.28
N SER A 36 -13.98 11.36 4.35
CA SER A 36 -12.90 11.62 3.41
C SER A 36 -13.04 10.78 2.15
N ASP A 37 -12.10 10.95 1.23
CA ASP A 37 -12.10 10.20 -0.04
C ASP A 37 -10.74 9.53 -0.20
N PRO A 38 -10.37 8.69 0.77
CA PRO A 38 -9.07 7.99 0.79
C PRO A 38 -8.88 6.95 -0.30
N PHE A 39 -7.62 6.81 -0.69
CA PHE A 39 -7.20 5.83 -1.70
C PHE A 39 -5.81 5.35 -1.31
N VAL A 40 -5.38 4.20 -1.81
CA VAL A 40 -4.07 3.68 -1.46
C VAL A 40 -3.09 3.71 -2.62
N LYS A 41 -1.88 4.17 -2.33
CA LYS A 41 -0.82 4.24 -3.32
C LYS A 41 0.34 3.34 -2.91
N LEU A 42 0.95 2.67 -3.87
CA LEU A 42 2.06 1.76 -3.59
C LEU A 42 3.29 2.09 -4.41
N TRP A 43 4.43 2.16 -3.74
CA TRP A 43 5.70 2.48 -4.41
C TRP A 43 6.79 1.51 -4.01
N LEU A 44 7.44 0.91 -4.99
CA LEU A 44 8.54 -0.01 -4.73
C LEU A 44 9.86 0.55 -5.23
N LYS A 45 10.75 0.84 -4.30
CA LYS A 45 12.07 1.40 -4.62
C LYS A 45 13.09 0.29 -4.83
N PRO A 46 14.12 0.58 -5.64
CA PRO A 46 14.27 1.87 -6.28
C PRO A 46 13.33 2.01 -7.47
N ASP A 47 13.39 3.16 -8.11
CA ASP A 47 12.55 3.45 -9.26
C ASP A 47 13.15 2.84 -10.53
N MET A 48 12.59 1.71 -10.96
CA MET A 48 13.08 1.04 -12.15
C MET A 48 12.40 1.59 -13.40
N GLY A 49 11.15 2.01 -13.26
CA GLY A 49 10.41 2.55 -14.38
C GLY A 49 9.70 3.84 -14.06
N LYS A 50 9.78 4.26 -12.80
CA LYS A 50 9.12 5.49 -12.35
C LYS A 50 7.68 5.21 -11.92
N LYS A 51 7.04 4.29 -12.63
CA LYS A 51 5.66 3.92 -12.33
C LYS A 51 5.59 3.11 -11.05
N ALA A 52 6.75 2.78 -10.51
CA ALA A 52 6.84 2.00 -9.28
C ALA A 52 5.73 2.40 -8.31
N LYS A 53 5.32 3.66 -8.39
CA LYS A 53 4.26 4.17 -7.52
C LYS A 53 2.89 3.84 -8.11
N HIS A 54 1.87 3.75 -7.25
CA HIS A 54 0.53 3.43 -7.71
C HIS A 54 -0.55 4.12 -6.86
N LYS A 55 -1.80 3.88 -7.23
CA LYS A 55 -2.94 4.45 -6.53
C LYS A 55 -4.20 3.64 -6.83
N THR A 56 -4.83 3.09 -5.80
CA THR A 56 -6.03 2.28 -5.98
C THR A 56 -7.26 3.16 -6.13
N GLN A 57 -8.40 2.53 -6.42
CA GLN A 57 -9.65 3.26 -6.59
C GLN A 57 -9.86 4.25 -5.46
N ILE A 58 -10.62 5.31 -5.74
CA ILE A 58 -10.89 6.34 -4.75
C ILE A 58 -12.13 5.99 -3.91
N LYS A 59 -11.97 6.05 -2.59
CA LYS A 59 -13.06 5.76 -1.68
C LYS A 59 -13.73 7.06 -1.23
N LYS A 60 -14.44 7.68 -2.16
CA LYS A 60 -15.13 8.95 -1.90
C LYS A 60 -16.01 8.87 -0.64
N LYS A 61 -16.09 9.99 0.07
CA LYS A 61 -16.90 10.09 1.28
C LYS A 61 -16.98 8.76 2.02
N THR A 62 -15.90 8.39 2.69
CA THR A 62 -15.85 7.15 3.45
C THR A 62 -14.51 7.00 4.17
N LEU A 63 -14.55 6.45 5.38
CA LEU A 63 -13.34 6.24 6.16
C LEU A 63 -13.09 4.76 6.41
N ASN A 64 -14.09 3.94 6.13
CA ASN A 64 -13.98 2.49 6.32
C ASN A 64 -14.43 1.75 5.07
N PRO A 65 -13.90 2.15 3.89
CA PRO A 65 -14.26 1.53 2.62
C PRO A 65 -13.53 0.21 2.37
N GLU A 66 -13.69 -0.32 1.16
CA GLU A 66 -13.06 -1.57 0.77
C GLU A 66 -12.44 -1.44 -0.62
N PHE A 67 -11.12 -1.57 -0.70
CA PHE A 67 -10.42 -1.47 -1.97
C PHE A 67 -10.48 -2.78 -2.75
N ASN A 68 -9.98 -3.85 -2.14
CA ASN A 68 -9.98 -5.15 -2.80
C ASN A 68 -9.29 -5.05 -4.16
N GLU A 69 -8.14 -4.40 -4.18
CA GLU A 69 -7.39 -4.22 -5.42
C GLU A 69 -6.13 -5.09 -5.44
N GLU A 70 -5.90 -5.76 -6.57
CA GLU A 70 -4.74 -6.63 -6.71
C GLU A 70 -3.74 -6.01 -7.70
N PHE A 71 -2.58 -5.61 -7.19
CA PHE A 71 -1.55 -4.99 -8.01
C PHE A 71 -0.53 -6.01 -8.52
N PHE A 72 0.34 -5.54 -9.40
CA PHE A 72 1.39 -6.37 -9.98
C PHE A 72 2.66 -5.54 -10.19
N TYR A 73 3.76 -5.97 -9.57
CA TYR A 73 5.03 -5.26 -9.69
C TYR A 73 5.95 -5.97 -10.66
N ASP A 74 6.88 -5.23 -11.25
CA ASP A 74 7.81 -5.80 -12.21
C ASP A 74 9.22 -5.85 -11.63
N ILE A 75 9.40 -6.64 -10.57
CA ILE A 75 10.70 -6.79 -9.93
C ILE A 75 11.06 -8.26 -9.76
N LYS A 76 12.35 -8.56 -9.85
CA LYS A 76 12.83 -9.92 -9.70
C LYS A 76 12.90 -10.31 -8.24
N HIS A 77 12.43 -11.51 -7.92
CA HIS A 77 12.43 -11.99 -6.54
C HIS A 77 13.78 -11.74 -5.87
N SER A 78 14.85 -12.05 -6.59
CA SER A 78 16.20 -11.85 -6.05
C SER A 78 16.42 -10.41 -5.63
N ASP A 79 15.63 -9.50 -6.21
CA ASP A 79 15.74 -8.08 -5.88
C ASP A 79 14.62 -7.67 -4.93
N LEU A 80 13.49 -8.35 -5.05
CA LEU A 80 12.33 -8.08 -4.21
C LEU A 80 12.76 -7.67 -2.81
N ALA A 81 13.34 -8.60 -2.08
CA ALA A 81 13.80 -8.36 -0.72
C ALA A 81 14.34 -6.93 -0.54
N LYS A 82 15.33 -6.57 -1.35
CA LYS A 82 15.95 -5.25 -1.26
C LYS A 82 14.95 -4.15 -1.56
N LYS A 83 13.86 -4.51 -2.23
CA LYS A 83 12.85 -3.53 -2.58
C LYS A 83 12.17 -2.98 -1.34
N SER A 84 11.46 -1.86 -1.51
CA SER A 84 10.74 -1.24 -0.41
C SER A 84 9.40 -0.69 -0.88
N LEU A 85 8.34 -1.42 -0.57
CA LEU A 85 6.98 -1.02 -0.96
C LEU A 85 6.45 0.04 -0.02
N ASP A 86 5.94 1.13 -0.59
CA ASP A 86 5.40 2.23 0.20
C ASP A 86 3.88 2.30 0.06
N ILE A 87 3.17 1.66 0.98
CA ILE A 87 1.71 1.66 0.97
C ILE A 87 1.18 2.88 1.71
N SER A 88 0.75 3.89 0.96
CA SER A 88 0.23 5.11 1.57
C SER A 88 -1.22 5.37 1.18
N VAL A 89 -1.97 5.91 2.13
CA VAL A 89 -3.38 6.22 1.91
C VAL A 89 -3.59 7.74 1.92
N TRP A 90 -4.08 8.27 0.80
CA TRP A 90 -4.31 9.71 0.70
C TRP A 90 -5.78 10.03 0.46
N ASP A 91 -6.23 11.16 1.01
CA ASP A 91 -7.61 11.58 0.85
C ASP A 91 -7.79 12.33 -0.47
N TYR A 92 -8.63 11.78 -1.33
CA TYR A 92 -8.89 12.38 -2.64
C TYR A 92 -9.68 13.68 -2.50
N ASP A 93 -9.69 14.47 -3.56
CA ASP A 93 -10.40 15.74 -3.57
C ASP A 93 -10.73 16.17 -5.00
N ILE A 94 -11.98 16.54 -5.23
CA ILE A 94 -12.42 16.97 -6.56
C ILE A 94 -12.24 18.48 -6.73
N GLY A 95 -11.80 18.88 -7.92
CA GLY A 95 -11.60 20.29 -8.20
C GLY A 95 -10.26 20.80 -7.70
N LYS A 96 -9.62 20.03 -6.84
CA LYS A 96 -8.33 20.41 -6.28
C LYS A 96 -7.44 19.20 -6.09
N SER A 97 -6.38 19.37 -5.29
CA SER A 97 -5.45 18.28 -5.03
C SER A 97 -6.00 17.34 -3.97
N ASN A 98 -5.17 16.40 -3.52
CA ASN A 98 -5.59 15.43 -2.51
C ASN A 98 -4.98 15.77 -1.15
N ASP A 99 -5.07 14.83 -0.21
CA ASP A 99 -4.53 15.02 1.12
C ASP A 99 -3.85 13.76 1.62
N TYR A 100 -2.93 13.93 2.57
CA TYR A 100 -2.21 12.79 3.13
C TYR A 100 -2.89 12.30 4.41
N ILE A 101 -3.39 11.07 4.36
CA ILE A 101 -4.06 10.48 5.51
C ILE A 101 -3.09 9.62 6.32
N GLY A 102 -2.28 8.83 5.63
CA GLY A 102 -1.33 7.97 6.30
C GLY A 102 -0.91 6.79 5.46
N GLY A 103 0.25 6.23 5.77
CA GLY A 103 0.75 5.09 5.02
C GLY A 103 1.71 4.23 5.82
N CYS A 104 2.40 3.34 5.13
CA CYS A 104 3.36 2.45 5.78
C CYS A 104 4.37 1.94 4.76
N GLN A 105 5.62 1.82 5.20
CA GLN A 105 6.69 1.34 4.32
C GLN A 105 6.88 -0.16 4.48
N LEU A 106 7.18 -0.84 3.38
CA LEU A 106 7.37 -2.28 3.41
C LEU A 106 8.62 -2.70 2.64
N GLY A 107 9.74 -2.75 3.35
CA GLY A 107 11.00 -3.14 2.73
C GLY A 107 11.75 -4.12 3.62
N ILE A 108 12.28 -5.18 3.02
CA ILE A 108 13.00 -6.17 3.78
C ILE A 108 14.11 -5.53 4.62
N SER A 109 14.53 -4.34 4.24
CA SER A 109 15.57 -3.62 4.96
C SER A 109 15.02 -3.08 6.27
N ALA A 110 13.73 -3.29 6.50
CA ALA A 110 13.05 -2.82 7.69
C ALA A 110 13.31 -3.76 8.87
N LYS A 111 12.74 -3.42 10.02
CA LYS A 111 12.90 -4.22 11.23
C LYS A 111 11.66 -4.12 12.12
N GLY A 112 11.20 -5.25 12.62
CA GLY A 112 10.03 -5.26 13.48
C GLY A 112 8.89 -6.10 12.92
N GLU A 113 8.07 -5.49 12.07
CA GLU A 113 6.94 -6.18 11.46
C GLU A 113 6.95 -6.03 9.94
N ARG A 114 7.11 -4.79 9.48
CA ARG A 114 7.14 -4.52 8.04
C ARG A 114 7.94 -5.58 7.30
N LEU A 115 8.91 -6.17 8.00
CA LEU A 115 9.75 -7.20 7.42
C LEU A 115 9.04 -8.55 7.39
N LYS A 116 8.35 -8.87 8.48
CA LYS A 116 7.64 -10.13 8.57
C LYS A 116 6.65 -10.31 7.44
N HIS A 117 5.81 -9.30 7.22
CA HIS A 117 4.82 -9.34 6.15
C HIS A 117 5.50 -9.27 4.78
N TRP A 118 6.16 -8.16 4.51
CA TRP A 118 6.85 -7.95 3.25
C TRP A 118 7.69 -9.18 2.90
N TYR A 119 8.87 -9.25 3.51
CA TYR A 119 9.79 -10.36 3.28
C TYR A 119 9.04 -11.67 3.08
N GLU A 120 8.18 -12.04 4.02
CA GLU A 120 7.44 -13.29 3.92
C GLU A 120 7.01 -13.53 2.48
N CYS A 121 6.50 -12.49 1.85
CA CYS A 121 6.05 -12.59 0.46
C CYS A 121 7.11 -13.26 -0.39
N LEU A 122 8.37 -12.96 -0.09
CA LEU A 122 9.50 -13.52 -0.82
C LEU A 122 9.63 -15.02 -0.53
N LYS A 123 9.46 -15.40 0.72
CA LYS A 123 9.55 -16.79 1.12
C LYS A 123 8.30 -17.53 0.66
N ASN A 124 7.18 -16.82 0.73
CA ASN A 124 5.90 -17.39 0.32
C ASN A 124 5.38 -16.69 -0.93
N LYS A 125 6.10 -16.88 -2.04
CA LYS A 125 5.72 -16.26 -3.31
C LYS A 125 4.29 -16.62 -3.69
N ASP A 126 4.11 -17.86 -4.14
CA ASP A 126 2.79 -18.34 -4.55
C ASP A 126 1.75 -18.13 -3.45
N LYS A 127 2.23 -17.93 -2.22
CA LYS A 127 1.35 -17.73 -1.09
C LYS A 127 1.17 -16.24 -0.81
N LYS A 128 -0.06 -15.85 -0.45
CA LYS A 128 -0.35 -14.45 -0.18
C LYS A 128 -0.22 -14.14 1.32
N ILE A 129 0.23 -12.92 1.61
CA ILE A 129 0.40 -12.48 3.00
C ILE A 129 -0.52 -11.30 3.28
N GLU A 130 -1.56 -11.53 4.07
CA GLU A 130 -2.51 -10.48 4.42
C GLU A 130 -2.31 -10.00 5.85
N ARG A 131 -2.43 -8.69 6.05
CA ARG A 131 -2.27 -8.11 7.38
C ARG A 131 -2.63 -6.62 7.37
N TRP A 132 -2.92 -6.08 8.54
CA TRP A 132 -3.28 -4.67 8.67
C TRP A 132 -2.07 -3.82 9.00
N HIS A 133 -2.02 -2.62 8.42
CA HIS A 133 -0.92 -1.70 8.65
C HIS A 133 -1.41 -0.40 9.25
N GLN A 134 -0.75 0.05 10.31
CA GLN A 134 -1.13 1.29 10.97
C GLN A 134 -0.61 2.50 10.19
N LEU A 135 -1.51 3.13 9.45
CA LEU A 135 -1.16 4.30 8.65
C LEU A 135 -0.36 5.31 9.47
N GLN A 136 0.74 5.79 8.89
CA GLN A 136 1.58 6.77 9.56
C GLN A 136 1.74 8.02 8.69
N ASN A 137 2.19 9.11 9.30
CA ASN A 137 2.38 10.36 8.60
C ASN A 137 3.84 10.57 8.22
N GLU A 138 4.17 10.37 6.95
CA GLU A 138 5.53 10.52 6.47
C GLU A 138 6.02 11.95 6.68
N ASN A 139 5.67 12.83 5.75
CA ASN A 139 6.08 14.23 5.83
C ASN A 139 4.89 15.14 6.12
N HIS A 140 5.16 16.31 6.67
CA HIS A 140 4.11 17.27 7.00
C HIS A 140 3.05 16.63 7.89
N ARG A 1 -6.33 8.47 12.38
CA ARG A 1 -5.52 8.05 11.21
C ARG A 1 -6.20 6.91 10.45
N GLY A 2 -6.11 5.70 11.00
CA GLY A 2 -6.74 4.55 10.36
C GLY A 2 -5.74 3.45 10.04
N LYS A 3 -6.24 2.36 9.47
CA LYS A 3 -5.39 1.23 9.13
C LYS A 3 -5.83 0.64 7.79
N ILE A 4 -4.87 0.33 6.92
CA ILE A 4 -5.17 -0.23 5.62
C ILE A 4 -4.67 -1.67 5.49
N LEU A 5 -5.57 -2.55 5.09
CA LEU A 5 -5.23 -3.97 4.92
C LEU A 5 -4.52 -4.18 3.59
N VAL A 6 -3.31 -4.74 3.66
CA VAL A 6 -2.53 -4.99 2.45
C VAL A 6 -2.23 -6.48 2.30
N SER A 7 -2.37 -6.97 1.08
CA SER A 7 -2.11 -8.37 0.79
C SER A 7 -0.91 -8.51 -0.15
N LEU A 8 0.13 -9.17 0.33
CA LEU A 8 1.34 -9.35 -0.49
C LEU A 8 1.41 -10.76 -1.06
N MET A 9 2.18 -10.90 -2.14
CA MET A 9 2.35 -12.19 -2.81
C MET A 9 3.20 -12.02 -4.06
N TYR A 10 4.26 -12.82 -4.17
CA TYR A 10 5.15 -12.75 -5.33
C TYR A 10 4.92 -13.94 -6.26
N SER A 11 4.71 -13.64 -7.54
CA SER A 11 4.49 -14.69 -8.53
C SER A 11 5.76 -14.94 -9.33
N THR A 12 6.52 -15.96 -8.92
CA THR A 12 7.75 -16.31 -9.61
C THR A 12 7.44 -16.74 -11.04
N GLN A 13 6.31 -17.42 -11.20
CA GLN A 13 5.87 -17.87 -12.52
C GLN A 13 5.92 -16.72 -13.50
N GLN A 14 5.44 -15.56 -13.05
CA GLN A 14 5.42 -14.36 -13.87
C GLN A 14 6.69 -13.55 -13.64
N GLY A 15 7.38 -13.86 -12.54
CA GLY A 15 8.61 -13.17 -12.22
C GLY A 15 8.36 -11.75 -11.72
N GLY A 16 7.34 -11.60 -10.89
CA GLY A 16 7.01 -10.28 -10.37
C GLY A 16 6.33 -10.35 -9.01
N LEU A 17 6.20 -9.20 -8.36
CA LEU A 17 5.56 -9.13 -7.06
C LEU A 17 4.07 -8.80 -7.21
N ILE A 18 3.30 -9.09 -6.18
CA ILE A 18 1.86 -8.82 -6.21
C ILE A 18 1.42 -8.08 -4.95
N VAL A 19 0.82 -6.91 -5.15
CA VAL A 19 0.35 -6.09 -4.04
C VAL A 19 -1.17 -6.01 -4.05
N GLY A 20 -1.80 -6.48 -2.98
CA GLY A 20 -3.24 -6.46 -2.91
C GLY A 20 -3.79 -5.49 -1.88
N ILE A 21 -4.49 -4.47 -2.35
CA ILE A 21 -5.10 -3.48 -1.46
C ILE A 21 -6.53 -3.89 -1.12
N ILE A 22 -6.70 -4.55 0.02
CA ILE A 22 -8.01 -5.02 0.44
C ILE A 22 -8.92 -3.88 0.86
N ARG A 23 -8.66 -3.30 2.02
CA ARG A 23 -9.50 -2.22 2.52
C ARG A 23 -8.80 -1.42 3.62
N CYS A 24 -9.44 -0.34 4.05
CA CYS A 24 -8.92 0.50 5.11
C CYS A 24 -9.98 0.73 6.18
N VAL A 25 -9.55 1.10 7.38
CA VAL A 25 -10.49 1.33 8.47
C VAL A 25 -10.09 2.51 9.34
N HIS A 26 -11.10 3.21 9.84
CA HIS A 26 -10.88 4.36 10.71
C HIS A 26 -9.98 5.39 10.05
N LEU A 27 -10.35 5.81 8.84
CA LEU A 27 -9.57 6.80 8.11
C LEU A 27 -9.94 8.22 8.52
N ALA A 28 -8.96 9.11 8.51
CA ALA A 28 -9.18 10.50 8.91
C ALA A 28 -10.10 11.21 7.92
N ALA A 29 -10.89 12.15 8.43
CA ALA A 29 -11.81 12.91 7.59
C ALA A 29 -11.45 14.39 7.61
N MET A 30 -10.97 14.89 6.48
CA MET A 30 -10.61 16.31 6.37
C MET A 30 -11.81 17.15 5.99
N ASP A 31 -12.78 16.52 5.33
CA ASP A 31 -13.99 17.21 4.92
C ASP A 31 -14.82 17.61 6.13
N ALA A 32 -15.57 18.70 5.98
CA ALA A 32 -16.41 19.19 7.07
C ALA A 32 -17.56 18.22 7.35
N ASN A 33 -17.69 17.21 6.51
CA ASN A 33 -18.75 16.21 6.67
C ASN A 33 -18.33 15.12 7.66
N GLY A 34 -17.06 15.14 8.05
CA GLY A 34 -16.57 14.15 8.99
C GLY A 34 -16.01 12.93 8.28
N TYR A 35 -15.91 13.00 6.96
CA TYR A 35 -15.41 11.88 6.17
C TYR A 35 -14.25 12.30 5.26
N SER A 36 -13.86 11.40 4.36
CA SER A 36 -12.77 11.67 3.43
C SER A 36 -12.93 10.86 2.15
N ASP A 37 -11.97 11.03 1.22
CA ASP A 37 -11.99 10.32 -0.05
C ASP A 37 -10.66 9.59 -0.22
N PRO A 38 -10.33 8.72 0.74
CA PRO A 38 -9.06 7.97 0.78
C PRO A 38 -8.87 6.97 -0.35
N PHE A 39 -7.60 6.86 -0.75
CA PHE A 39 -7.16 5.92 -1.77
C PHE A 39 -5.76 5.46 -1.41
N VAL A 40 -5.33 4.31 -1.93
CA VAL A 40 -4.01 3.81 -1.58
C VAL A 40 -3.04 3.89 -2.75
N LYS A 41 -1.85 4.43 -2.48
CA LYS A 41 -0.81 4.54 -3.48
C LYS A 41 0.40 3.71 -3.08
N LEU A 42 0.88 2.91 -4.00
CA LEU A 42 2.02 2.04 -3.74
C LEU A 42 3.17 2.29 -4.69
N TRP A 43 4.38 2.33 -4.16
CA TRP A 43 5.57 2.57 -4.96
C TRP A 43 6.76 1.76 -4.45
N LEU A 44 7.27 0.85 -5.28
CA LEU A 44 8.40 0.02 -4.92
C LEU A 44 9.71 0.64 -5.38
N LYS A 45 10.51 1.08 -4.41
CA LYS A 45 11.81 1.67 -4.71
C LYS A 45 12.92 0.63 -4.58
N PRO A 46 14.10 0.89 -5.16
CA PRO A 46 14.40 2.11 -5.91
C PRO A 46 13.80 2.09 -7.30
N ASP A 47 12.78 2.92 -7.48
CA ASP A 47 12.06 3.04 -8.75
C ASP A 47 12.91 2.58 -9.92
N MET A 48 12.53 1.44 -10.50
CA MET A 48 13.25 0.89 -11.64
C MET A 48 12.64 1.39 -12.94
N GLY A 49 11.40 1.88 -12.86
CA GLY A 49 10.72 2.39 -14.02
C GLY A 49 9.90 3.63 -13.71
N LYS A 50 8.74 3.74 -14.34
CA LYS A 50 7.85 4.88 -14.11
C LYS A 50 6.47 4.40 -13.69
N LYS A 51 6.28 3.09 -13.67
CA LYS A 51 4.99 2.52 -13.27
C LYS A 51 5.09 1.89 -11.89
N ALA A 52 6.21 2.11 -11.22
CA ALA A 52 6.42 1.55 -9.89
C ALA A 52 5.40 2.09 -8.90
N LYS A 53 4.82 3.23 -9.23
CA LYS A 53 3.82 3.86 -8.35
C LYS A 53 2.40 3.44 -8.74
N HIS A 54 1.47 3.58 -7.80
CA HIS A 54 0.07 3.21 -8.05
C HIS A 54 -0.88 4.01 -7.17
N LYS A 55 -2.18 3.83 -7.41
CA LYS A 55 -3.23 4.51 -6.65
C LYS A 55 -4.54 3.75 -6.79
N THR A 56 -4.96 3.08 -5.71
CA THR A 56 -6.21 2.31 -5.73
C THR A 56 -7.41 3.22 -5.95
N GLN A 57 -8.51 2.63 -6.39
CA GLN A 57 -9.73 3.38 -6.62
C GLN A 57 -9.97 4.38 -5.49
N ILE A 58 -10.49 5.54 -5.84
CA ILE A 58 -10.77 6.57 -4.85
C ILE A 58 -12.01 6.26 -4.04
N LYS A 59 -11.86 6.13 -2.74
CA LYS A 59 -12.99 5.85 -1.85
C LYS A 59 -13.62 7.14 -1.36
N LYS A 60 -14.39 7.77 -2.23
CA LYS A 60 -15.05 9.03 -1.90
C LYS A 60 -15.97 8.89 -0.69
N LYS A 61 -16.12 10.00 0.04
CA LYS A 61 -16.98 10.03 1.21
C LYS A 61 -17.01 8.69 1.94
N THR A 62 -15.88 8.34 2.57
CA THR A 62 -15.79 7.09 3.30
C THR A 62 -14.42 6.95 3.96
N LEU A 63 -14.41 6.34 5.15
CA LEU A 63 -13.16 6.14 5.88
C LEU A 63 -12.90 4.66 6.12
N ASN A 64 -13.92 3.84 5.86
CA ASN A 64 -13.82 2.39 6.04
C ASN A 64 -14.26 1.67 4.77
N PRO A 65 -13.80 2.13 3.60
CA PRO A 65 -14.15 1.54 2.31
C PRO A 65 -13.44 0.22 2.05
N GLU A 66 -13.70 -0.36 0.88
CA GLU A 66 -13.09 -1.63 0.50
C GLU A 66 -12.40 -1.49 -0.86
N PHE A 67 -11.09 -1.70 -0.88
CA PHE A 67 -10.31 -1.59 -2.11
C PHE A 67 -10.37 -2.88 -2.91
N ASN A 68 -9.90 -3.97 -2.31
CA ASN A 68 -9.89 -5.26 -2.98
C ASN A 68 -9.20 -5.15 -4.34
N GLU A 69 -8.07 -4.46 -4.35
CA GLU A 69 -7.31 -4.27 -5.59
C GLU A 69 -6.04 -5.12 -5.60
N GLU A 70 -5.87 -5.89 -6.67
CA GLU A 70 -4.69 -6.75 -6.81
C GLU A 70 -3.71 -6.15 -7.80
N PHE A 71 -2.53 -5.75 -7.31
CA PHE A 71 -1.51 -5.15 -8.15
C PHE A 71 -0.49 -6.17 -8.63
N PHE A 72 0.39 -5.73 -9.51
CA PHE A 72 1.45 -6.56 -10.06
C PHE A 72 2.72 -5.76 -10.27
N TYR A 73 3.79 -6.16 -9.62
CA TYR A 73 5.07 -5.47 -9.73
C TYR A 73 6.00 -6.22 -10.66
N ASP A 74 6.93 -5.50 -11.29
CA ASP A 74 7.88 -6.11 -12.20
C ASP A 74 9.28 -6.11 -11.62
N ILE A 75 9.44 -6.78 -10.48
CA ILE A 75 10.74 -6.86 -9.81
C ILE A 75 11.14 -8.31 -9.60
N LYS A 76 12.41 -8.60 -9.86
CA LYS A 76 12.93 -9.96 -9.68
C LYS A 76 12.95 -10.33 -8.20
N HIS A 77 12.45 -11.52 -7.89
CA HIS A 77 12.41 -11.99 -6.51
C HIS A 77 13.73 -11.73 -5.80
N SER A 78 14.83 -12.06 -6.46
CA SER A 78 16.15 -11.86 -5.89
C SER A 78 16.40 -10.41 -5.54
N ASP A 79 15.57 -9.52 -6.08
CA ASP A 79 15.71 -8.09 -5.83
C ASP A 79 14.63 -7.61 -4.87
N LEU A 80 13.48 -8.29 -4.90
CA LEU A 80 12.36 -7.96 -4.03
C LEU A 80 12.85 -7.48 -2.66
N ALA A 81 13.47 -8.39 -1.93
CA ALA A 81 14.01 -8.09 -0.60
C ALA A 81 14.71 -6.73 -0.59
N LYS A 82 15.49 -6.45 -1.64
CA LYS A 82 16.22 -5.19 -1.74
C LYS A 82 15.27 -4.02 -1.97
N LYS A 83 14.04 -4.33 -2.33
CA LYS A 83 13.04 -3.30 -2.60
C LYS A 83 12.41 -2.79 -1.31
N SER A 84 11.44 -1.90 -1.45
CA SER A 84 10.73 -1.33 -0.32
C SER A 84 9.37 -0.82 -0.76
N LEU A 85 8.32 -1.56 -0.41
CA LEU A 85 6.96 -1.18 -0.79
C LEU A 85 6.42 -0.09 0.14
N ASP A 86 6.11 1.07 -0.43
CA ASP A 86 5.59 2.18 0.33
C ASP A 86 4.09 2.37 0.07
N ILE A 87 3.26 1.87 0.99
CA ILE A 87 1.82 1.99 0.86
C ILE A 87 1.31 3.21 1.59
N SER A 88 0.93 4.24 0.84
CA SER A 88 0.43 5.48 1.42
C SER A 88 -1.01 5.75 1.01
N VAL A 89 -1.84 6.06 1.99
CA VAL A 89 -3.25 6.37 1.74
C VAL A 89 -3.48 7.87 1.76
N TRP A 90 -4.12 8.38 0.70
CA TRP A 90 -4.38 9.82 0.60
C TRP A 90 -5.87 10.11 0.44
N ASP A 91 -6.32 11.18 1.08
CA ASP A 91 -7.73 11.58 1.00
C ASP A 91 -7.97 12.44 -0.24
N TYR A 92 -8.62 11.85 -1.23
CA TYR A 92 -8.92 12.53 -2.48
C TYR A 92 -9.73 13.80 -2.23
N ASP A 93 -9.78 14.67 -3.24
CA ASP A 93 -10.53 15.92 -3.13
C ASP A 93 -10.83 16.48 -4.52
N ILE A 94 -12.11 16.77 -4.78
CA ILE A 94 -12.53 17.32 -6.06
C ILE A 94 -12.43 18.84 -6.05
N GLY A 95 -11.91 19.40 -7.14
CA GLY A 95 -11.78 20.84 -7.24
C GLY A 95 -10.44 21.34 -6.70
N LYS A 96 -9.82 20.53 -5.85
CA LYS A 96 -8.53 20.90 -5.27
C LYS A 96 -7.58 19.71 -5.24
N SER A 97 -6.45 19.88 -4.56
CA SER A 97 -5.46 18.82 -4.47
C SER A 97 -5.86 17.80 -3.40
N ASN A 98 -5.46 16.55 -3.61
CA ASN A 98 -5.77 15.48 -2.68
C ASN A 98 -5.25 15.81 -1.28
N ASP A 99 -5.29 14.83 -0.38
CA ASP A 99 -4.84 15.02 0.98
C ASP A 99 -4.10 13.79 1.50
N TYR A 100 -3.16 13.99 2.40
CA TYR A 100 -2.40 12.89 2.98
C TYR A 100 -3.03 12.40 4.28
N ILE A 101 -3.48 11.15 4.28
CA ILE A 101 -4.11 10.56 5.45
C ILE A 101 -3.10 9.78 6.28
N GLY A 102 -2.26 9.00 5.59
CA GLY A 102 -1.27 8.20 6.27
C GLY A 102 -0.85 6.98 5.48
N GLY A 103 0.30 6.41 5.83
CA GLY A 103 0.79 5.24 5.13
C GLY A 103 1.85 4.49 5.92
N CYS A 104 2.57 3.60 5.25
CA CYS A 104 3.61 2.82 5.90
C CYS A 104 4.58 2.25 4.86
N GLN A 105 5.80 1.96 5.30
CA GLN A 105 6.82 1.42 4.42
C GLN A 105 6.98 -0.09 4.62
N LEU A 106 7.20 -0.81 3.53
CA LEU A 106 7.37 -2.25 3.58
C LEU A 106 8.61 -2.69 2.84
N GLY A 107 9.74 -2.75 3.56
CA GLY A 107 10.99 -3.17 2.96
C GLY A 107 11.73 -4.16 3.83
N ILE A 108 12.38 -5.13 3.20
CA ILE A 108 13.11 -6.14 3.94
C ILE A 108 14.21 -5.53 4.82
N SER A 109 14.49 -4.26 4.59
CA SER A 109 15.51 -3.56 5.36
C SER A 109 14.88 -2.96 6.62
N ALA A 110 13.66 -3.40 6.92
CA ALA A 110 12.92 -2.91 8.08
C ALA A 110 13.09 -3.87 9.27
N LYS A 111 12.53 -3.48 10.41
CA LYS A 111 12.61 -4.28 11.62
C LYS A 111 11.30 -4.24 12.39
N GLY A 112 10.83 -5.41 12.82
CA GLY A 112 9.58 -5.47 13.56
C GLY A 112 8.52 -6.28 12.85
N GLU A 113 7.72 -5.60 12.03
CA GLU A 113 6.66 -6.27 11.28
C GLU A 113 6.79 -6.00 9.78
N ARG A 114 7.02 -4.74 9.44
CA ARG A 114 7.17 -4.36 8.04
C ARG A 114 8.05 -5.36 7.29
N LEU A 115 8.94 -6.01 8.03
CA LEU A 115 9.84 -7.00 7.46
C LEU A 115 9.15 -8.36 7.33
N LYS A 116 8.50 -8.78 8.41
CA LYS A 116 7.81 -10.06 8.43
C LYS A 116 6.87 -10.21 7.25
N HIS A 117 5.85 -9.35 7.19
CA HIS A 117 4.88 -9.39 6.11
C HIS A 117 5.57 -9.32 4.75
N TRP A 118 6.41 -8.30 4.60
CA TRP A 118 7.14 -8.10 3.35
C TRP A 118 8.03 -9.30 3.04
N TYR A 119 9.17 -9.35 3.74
CA TYR A 119 10.14 -10.42 3.56
C TYR A 119 9.47 -11.79 3.44
N GLU A 120 8.74 -12.21 4.47
CA GLU A 120 8.09 -13.51 4.43
C GLU A 120 7.45 -13.74 3.07
N CYS A 121 6.95 -12.67 2.47
CA CYS A 121 6.35 -12.76 1.15
C CYS A 121 7.34 -13.35 0.17
N LEU A 122 8.59 -12.90 0.29
CA LEU A 122 9.67 -13.39 -0.56
C LEU A 122 9.85 -14.89 -0.37
N LYS A 123 9.45 -15.36 0.81
CA LYS A 123 9.55 -16.78 1.13
C LYS A 123 8.30 -17.50 0.66
N ASN A 124 7.16 -16.84 0.79
CA ASN A 124 5.87 -17.39 0.38
C ASN A 124 5.40 -16.72 -0.91
N LYS A 125 6.19 -16.83 -1.97
CA LYS A 125 5.84 -16.24 -3.25
C LYS A 125 4.42 -16.61 -3.67
N ASP A 126 4.27 -17.78 -4.28
CA ASP A 126 2.97 -18.25 -4.73
C ASP A 126 1.92 -18.13 -3.63
N LYS A 127 2.37 -18.06 -2.39
CA LYS A 127 1.47 -17.93 -1.25
C LYS A 127 1.12 -16.48 -1.00
N LYS A 128 -0.17 -16.20 -0.86
CA LYS A 128 -0.65 -14.85 -0.62
C LYS A 128 -0.50 -14.45 0.85
N ILE A 129 -0.37 -13.15 1.08
CA ILE A 129 -0.24 -12.62 2.44
C ILE A 129 -1.29 -11.54 2.69
N GLU A 130 -1.57 -11.27 3.96
CA GLU A 130 -2.55 -10.26 4.32
C GLU A 130 -2.34 -9.77 5.75
N ARG A 131 -2.21 -8.46 5.90
CA ARG A 131 -2.00 -7.84 7.21
C ARG A 131 -2.50 -6.41 7.25
N TRP A 132 -2.67 -5.89 8.46
CA TRP A 132 -3.14 -4.52 8.65
C TRP A 132 -1.98 -3.60 9.01
N HIS A 133 -1.90 -2.46 8.33
CA HIS A 133 -0.83 -1.50 8.58
C HIS A 133 -1.39 -0.20 9.17
N GLN A 134 -0.77 0.26 10.25
CA GLN A 134 -1.20 1.49 10.91
C GLN A 134 -0.67 2.71 10.15
N LEU A 135 -1.57 3.35 9.39
CA LEU A 135 -1.19 4.52 8.62
C LEU A 135 -0.33 5.49 9.43
N GLN A 136 0.78 5.90 8.84
CA GLN A 136 1.70 6.83 9.51
C GLN A 136 1.99 8.02 8.61
N ASN A 137 2.47 9.11 9.22
CA ASN A 137 2.79 10.31 8.47
C ASN A 137 4.23 10.28 7.97
N GLU A 138 4.43 10.63 6.71
CA GLU A 138 5.77 10.66 6.11
C GLU A 138 6.59 11.80 6.68
N ASN A 139 6.07 13.02 6.56
CA ASN A 139 6.76 14.20 7.07
C ASN A 139 5.78 15.13 7.81
N HIS A 140 5.10 15.97 7.05
CA HIS A 140 4.14 16.91 7.63
C HIS A 140 4.86 17.98 8.45
N ARG A 1 -5.65 8.64 11.82
CA ARG A 1 -5.06 8.22 10.53
C ARG A 1 -5.77 6.99 9.96
N GLY A 2 -5.77 5.90 10.73
CA GLY A 2 -6.43 4.69 10.29
C GLY A 2 -5.45 3.60 9.92
N LYS A 3 -5.97 2.42 9.59
CA LYS A 3 -5.14 1.29 9.21
C LYS A 3 -5.63 0.68 7.90
N ILE A 4 -4.70 0.34 7.02
CA ILE A 4 -5.05 -0.25 5.74
C ILE A 4 -4.57 -1.69 5.62
N LEU A 5 -5.48 -2.58 5.23
CA LEU A 5 -5.14 -3.99 5.07
C LEU A 5 -4.44 -4.23 3.74
N VAL A 6 -3.25 -4.80 3.80
CA VAL A 6 -2.48 -5.07 2.59
C VAL A 6 -2.15 -6.55 2.44
N SER A 7 -2.40 -7.08 1.25
CA SER A 7 -2.14 -8.48 0.96
C SER A 7 -1.01 -8.58 -0.07
N LEU A 8 0.07 -9.27 0.30
CA LEU A 8 1.21 -9.42 -0.59
C LEU A 8 1.24 -10.79 -1.25
N MET A 9 2.10 -10.93 -2.26
CA MET A 9 2.25 -12.18 -3.00
C MET A 9 3.14 -11.96 -4.22
N TYR A 10 4.11 -12.85 -4.40
CA TYR A 10 5.02 -12.74 -5.54
C TYR A 10 4.80 -13.87 -6.53
N SER A 11 4.83 -13.53 -7.82
CA SER A 11 4.64 -14.51 -8.87
C SER A 11 5.92 -14.71 -9.67
N THR A 12 6.67 -15.76 -9.33
CA THR A 12 7.92 -16.05 -10.02
C THR A 12 7.65 -16.38 -11.48
N GLN A 13 6.53 -17.05 -11.72
CA GLN A 13 6.14 -17.41 -13.08
C GLN A 13 6.22 -16.19 -13.99
N GLN A 14 5.73 -15.06 -13.49
CA GLN A 14 5.75 -13.82 -14.25
C GLN A 14 7.00 -13.02 -13.93
N GLY A 15 7.62 -13.35 -12.80
CA GLY A 15 8.84 -12.66 -12.39
C GLY A 15 8.55 -11.28 -11.83
N GLY A 16 7.48 -11.18 -11.04
CA GLY A 16 7.11 -9.91 -10.45
C GLY A 16 6.42 -10.07 -9.11
N LEU A 17 6.24 -8.96 -8.40
CA LEU A 17 5.58 -8.97 -7.10
C LEU A 17 4.10 -8.62 -7.24
N ILE A 18 3.32 -8.96 -6.21
CA ILE A 18 1.89 -8.68 -6.23
C ILE A 18 1.46 -7.97 -4.94
N VAL A 19 0.86 -6.80 -5.10
CA VAL A 19 0.39 -6.02 -3.96
C VAL A 19 -1.12 -5.91 -3.95
N GLY A 20 -1.75 -6.42 -2.89
CA GLY A 20 -3.19 -6.38 -2.80
C GLY A 20 -3.71 -5.43 -1.75
N ILE A 21 -4.45 -4.41 -2.18
CA ILE A 21 -5.03 -3.44 -1.28
C ILE A 21 -6.46 -3.83 -0.94
N ILE A 22 -6.64 -4.49 0.21
CA ILE A 22 -7.95 -4.94 0.63
C ILE A 22 -8.85 -3.79 1.07
N ARG A 23 -8.58 -3.23 2.24
CA ARG A 23 -9.40 -2.14 2.75
C ARG A 23 -8.67 -1.33 3.82
N CYS A 24 -9.33 -0.27 4.28
CA CYS A 24 -8.79 0.60 5.31
C CYS A 24 -9.83 0.83 6.41
N VAL A 25 -9.39 1.22 7.59
CA VAL A 25 -10.30 1.46 8.70
C VAL A 25 -9.87 2.64 9.56
N HIS A 26 -10.88 3.37 10.06
CA HIS A 26 -10.62 4.52 10.92
C HIS A 26 -9.74 5.54 10.22
N LEU A 27 -10.19 6.04 9.08
CA LEU A 27 -9.43 7.03 8.33
C LEU A 27 -9.81 8.45 8.75
N ALA A 28 -8.93 9.40 8.42
CA ALA A 28 -9.17 10.80 8.77
C ALA A 28 -10.13 11.45 7.77
N ALA A 29 -10.86 12.46 8.23
CA ALA A 29 -11.82 13.15 7.40
C ALA A 29 -11.46 14.63 7.23
N MET A 30 -11.03 14.99 6.01
CA MET A 30 -10.67 16.37 5.72
C MET A 30 -11.91 17.21 5.48
N ASP A 31 -12.94 16.56 4.94
CA ASP A 31 -14.20 17.24 4.64
C ASP A 31 -14.91 17.68 5.92
N ALA A 32 -15.66 18.77 5.82
CA ALA A 32 -16.39 19.29 6.97
C ALA A 32 -17.54 18.37 7.35
N ASN A 33 -17.76 17.34 6.54
CA ASN A 33 -18.83 16.37 6.80
C ASN A 33 -18.38 15.32 7.80
N GLY A 34 -17.08 15.30 8.08
CA GLY A 34 -16.53 14.34 9.02
C GLY A 34 -15.98 13.10 8.33
N TYR A 35 -15.96 13.11 7.00
CA TYR A 35 -15.46 11.99 6.23
C TYR A 35 -14.33 12.39 5.28
N SER A 36 -13.98 11.47 4.38
CA SER A 36 -12.91 11.71 3.41
C SER A 36 -13.06 10.81 2.19
N ASP A 37 -12.18 11.01 1.21
CA ASP A 37 -12.16 10.21 0.00
C ASP A 37 -10.81 9.52 -0.14
N PRO A 38 -10.45 8.73 0.88
CA PRO A 38 -9.17 8.04 0.96
C PRO A 38 -8.94 6.97 -0.12
N PHE A 39 -7.72 7.00 -0.65
CA PHE A 39 -7.27 6.03 -1.64
C PHE A 39 -5.87 5.58 -1.27
N VAL A 40 -5.41 4.46 -1.79
CA VAL A 40 -4.08 3.96 -1.43
C VAL A 40 -3.11 3.98 -2.59
N LYS A 41 -1.88 4.39 -2.30
CA LYS A 41 -0.82 4.44 -3.29
C LYS A 41 0.30 3.49 -2.90
N LEU A 42 0.98 2.92 -3.89
CA LEU A 42 2.05 1.99 -3.62
C LEU A 42 3.25 2.26 -4.52
N TRP A 43 4.43 2.30 -3.91
CA TRP A 43 5.66 2.56 -4.65
C TRP A 43 6.82 1.72 -4.11
N LEU A 44 7.36 0.85 -4.96
CA LEU A 44 8.48 0.00 -4.57
C LEU A 44 9.80 0.60 -5.02
N LYS A 45 10.58 1.07 -4.06
CA LYS A 45 11.88 1.67 -4.35
C LYS A 45 12.96 0.60 -4.50
N PRO A 46 13.98 0.90 -5.32
CA PRO A 46 14.07 2.16 -6.03
C PRO A 46 13.12 2.20 -7.22
N ASP A 47 13.16 3.30 -7.94
CA ASP A 47 12.31 3.50 -9.11
C ASP A 47 12.85 2.72 -10.30
N MET A 48 12.11 1.69 -10.70
CA MET A 48 12.52 0.86 -11.83
C MET A 48 12.17 1.54 -13.15
N GLY A 49 10.99 2.16 -13.20
CA GLY A 49 10.57 2.83 -14.42
C GLY A 49 9.88 4.15 -14.13
N LYS A 50 9.87 4.56 -12.87
CA LYS A 50 9.24 5.81 -12.46
C LYS A 50 7.77 5.60 -12.16
N LYS A 51 7.20 4.52 -12.71
CA LYS A 51 5.79 4.21 -12.49
C LYS A 51 5.63 3.31 -11.26
N ALA A 52 6.72 3.08 -10.54
CA ALA A 52 6.69 2.25 -9.35
C ALA A 52 5.56 2.66 -8.43
N LYS A 53 5.20 3.94 -8.47
CA LYS A 53 4.13 4.46 -7.64
C LYS A 53 2.77 4.07 -8.22
N HIS A 54 1.77 3.93 -7.35
CA HIS A 54 0.44 3.55 -7.78
C HIS A 54 -0.65 4.24 -6.95
N LYS A 55 -1.90 3.93 -7.27
CA LYS A 55 -3.05 4.49 -6.57
C LYS A 55 -4.28 3.62 -6.79
N THR A 56 -4.97 3.29 -5.70
CA THR A 56 -6.16 2.46 -5.79
C THR A 56 -7.41 3.31 -5.94
N GLN A 57 -8.52 2.65 -6.29
CA GLN A 57 -9.79 3.35 -6.47
C GLN A 57 -10.03 4.34 -5.33
N ILE A 58 -10.73 5.43 -5.64
CA ILE A 58 -11.02 6.45 -4.65
C ILE A 58 -12.26 6.10 -3.83
N LYS A 59 -12.10 6.07 -2.52
CA LYS A 59 -13.20 5.77 -1.62
C LYS A 59 -13.91 7.05 -1.18
N LYS A 60 -14.69 7.62 -2.09
CA LYS A 60 -15.42 8.86 -1.82
C LYS A 60 -16.23 8.78 -0.54
N LYS A 61 -16.30 9.90 0.17
CA LYS A 61 -17.06 10.00 1.42
C LYS A 61 -17.06 8.67 2.18
N THR A 62 -15.94 8.34 2.80
CA THR A 62 -15.83 7.11 3.57
C THR A 62 -14.45 7.00 4.21
N LEU A 63 -14.42 6.41 5.41
CA LEU A 63 -13.16 6.24 6.13
C LEU A 63 -12.87 4.76 6.37
N ASN A 64 -13.88 3.92 6.13
CA ASN A 64 -13.74 2.48 6.31
C ASN A 64 -14.17 1.74 5.06
N PRO A 65 -13.72 2.20 3.89
CA PRO A 65 -14.07 1.59 2.60
C PRO A 65 -13.36 0.27 2.34
N GLU A 66 -13.62 -0.31 1.17
CA GLU A 66 -13.02 -1.57 0.76
C GLU A 66 -12.37 -1.43 -0.60
N PHE A 67 -11.06 -1.63 -0.67
CA PHE A 67 -10.32 -1.51 -1.92
C PHE A 67 -10.35 -2.82 -2.70
N ASN A 68 -9.81 -3.87 -2.09
CA ASN A 68 -9.77 -5.18 -2.74
C ASN A 68 -9.12 -5.06 -4.11
N GLU A 69 -7.99 -4.38 -4.17
CA GLU A 69 -7.27 -4.17 -5.42
C GLU A 69 -5.99 -5.01 -5.45
N GLU A 70 -5.83 -5.78 -6.52
CA GLU A 70 -4.64 -6.62 -6.69
C GLU A 70 -3.67 -5.99 -7.67
N PHE A 71 -2.50 -5.59 -7.18
CA PHE A 71 -1.49 -4.96 -8.01
C PHE A 71 -0.46 -5.95 -8.52
N PHE A 72 0.43 -5.46 -9.38
CA PHE A 72 1.49 -6.28 -9.95
C PHE A 72 2.76 -5.46 -10.13
N TYR A 73 3.83 -5.88 -9.46
CA TYR A 73 5.10 -5.17 -9.54
C TYR A 73 6.04 -5.89 -10.50
N ASP A 74 6.95 -5.13 -11.11
CA ASP A 74 7.89 -5.69 -12.05
C ASP A 74 9.30 -5.73 -11.47
N ILE A 75 9.49 -6.55 -10.44
CA ILE A 75 10.79 -6.68 -9.80
C ILE A 75 11.17 -8.15 -9.63
N LYS A 76 12.45 -8.45 -9.82
CA LYS A 76 12.94 -9.81 -9.69
C LYS A 76 12.96 -10.21 -8.21
N HIS A 77 12.39 -11.38 -7.93
CA HIS A 77 12.34 -11.88 -6.56
C HIS A 77 13.66 -11.67 -5.84
N SER A 78 14.75 -12.02 -6.50
CA SER A 78 16.08 -11.87 -5.92
C SER A 78 16.32 -10.43 -5.47
N ASP A 79 15.58 -9.50 -6.05
CA ASP A 79 15.71 -8.09 -5.70
C ASP A 79 14.59 -7.66 -4.77
N LEU A 80 13.44 -8.33 -4.88
CA LEU A 80 12.29 -8.02 -4.04
C LEU A 80 12.74 -7.61 -2.64
N ALA A 81 13.30 -8.56 -1.92
CA ALA A 81 13.78 -8.33 -0.56
C ALA A 81 14.46 -6.97 -0.44
N LYS A 82 15.37 -6.67 -1.36
CA LYS A 82 16.10 -5.40 -1.34
C LYS A 82 15.18 -4.23 -1.60
N LYS A 83 13.99 -4.51 -2.11
CA LYS A 83 13.02 -3.48 -2.41
C LYS A 83 12.35 -2.97 -1.14
N SER A 84 11.54 -1.93 -1.30
CA SER A 84 10.81 -1.36 -0.18
C SER A 84 9.51 -0.74 -0.68
N LEU A 85 8.40 -1.38 -0.32
CA LEU A 85 7.09 -0.90 -0.73
C LEU A 85 6.62 0.23 0.15
N ASP A 86 5.82 1.14 -0.41
CA ASP A 86 5.32 2.27 0.33
C ASP A 86 3.82 2.43 0.12
N ILE A 87 3.04 1.88 1.04
CA ILE A 87 1.59 1.97 0.97
C ILE A 87 1.10 3.23 1.66
N SER A 88 0.77 4.24 0.87
CA SER A 88 0.28 5.51 1.40
C SER A 88 -1.17 5.75 1.07
N VAL A 89 -1.93 6.22 2.06
CA VAL A 89 -3.34 6.52 1.87
C VAL A 89 -3.58 8.02 1.88
N TRP A 90 -4.22 8.54 0.83
CA TRP A 90 -4.48 9.96 0.72
C TRP A 90 -5.97 10.25 0.54
N ASP A 91 -6.40 11.40 1.04
CA ASP A 91 -7.79 11.81 0.91
C ASP A 91 -8.01 12.47 -0.45
N TYR A 92 -8.72 11.77 -1.33
CA TYR A 92 -9.00 12.28 -2.67
C TYR A 92 -9.98 13.46 -2.64
N ASP A 93 -9.99 14.21 -3.73
CA ASP A 93 -10.87 15.38 -3.84
C ASP A 93 -11.06 15.76 -5.30
N ILE A 94 -12.31 15.93 -5.71
CA ILE A 94 -12.61 16.30 -7.09
C ILE A 94 -12.64 17.81 -7.27
N GLY A 95 -11.98 18.28 -8.33
CA GLY A 95 -11.93 19.71 -8.61
C GLY A 95 -10.85 20.41 -7.81
N LYS A 96 -10.32 19.73 -6.81
CA LYS A 96 -9.27 20.31 -5.97
C LYS A 96 -8.11 19.33 -5.80
N SER A 97 -7.20 19.65 -4.88
CA SER A 97 -6.05 18.80 -4.61
C SER A 97 -6.42 17.64 -3.70
N ASN A 98 -5.41 17.01 -3.10
CA ASN A 98 -5.65 15.88 -2.21
C ASN A 98 -5.17 16.21 -0.79
N ASP A 99 -5.03 15.17 0.02
CA ASP A 99 -4.59 15.33 1.39
C ASP A 99 -4.00 14.02 1.92
N TYR A 100 -2.90 14.11 2.64
CA TYR A 100 -2.25 12.92 3.18
C TYR A 100 -2.96 12.43 4.43
N ILE A 101 -3.43 11.18 4.39
CA ILE A 101 -4.12 10.59 5.52
C ILE A 101 -3.17 9.74 6.34
N GLY A 102 -2.23 9.08 5.66
CA GLY A 102 -1.27 8.24 6.36
C GLY A 102 -0.85 7.04 5.53
N GLY A 103 0.30 6.46 5.88
CA GLY A 103 0.79 5.31 5.15
C GLY A 103 1.94 4.62 5.89
N CYS A 104 2.65 3.76 5.17
CA CYS A 104 3.78 3.04 5.77
C CYS A 104 4.70 2.47 4.69
N GLN A 105 5.77 1.82 5.11
CA GLN A 105 6.72 1.22 4.18
C GLN A 105 6.90 -0.26 4.45
N LEU A 106 7.05 -1.04 3.39
CA LEU A 106 7.24 -2.49 3.52
C LEU A 106 8.45 -2.96 2.73
N GLY A 107 9.53 -3.23 3.46
CA GLY A 107 10.75 -3.70 2.82
C GLY A 107 11.54 -4.62 3.73
N ILE A 108 12.20 -5.63 3.15
CA ILE A 108 12.97 -6.57 3.92
C ILE A 108 14.05 -5.86 4.76
N SER A 109 14.32 -4.60 4.43
CA SER A 109 15.30 -3.82 5.16
C SER A 109 14.69 -3.26 6.44
N ALA A 110 13.45 -3.67 6.71
CA ALA A 110 12.73 -3.22 7.90
C ALA A 110 12.99 -4.14 9.08
N LYS A 111 12.57 -3.69 10.27
CA LYS A 111 12.75 -4.48 11.48
C LYS A 111 11.55 -4.30 12.41
N GLY A 112 11.04 -5.40 12.92
CA GLY A 112 9.89 -5.33 13.82
C GLY A 112 8.76 -6.25 13.39
N GLU A 113 7.97 -5.81 12.42
CA GLU A 113 6.84 -6.60 11.93
C GLU A 113 6.74 -6.54 10.41
N ARG A 114 6.97 -5.37 9.83
CA ARG A 114 6.88 -5.21 8.39
C ARG A 114 7.74 -6.24 7.67
N LEU A 115 8.93 -6.49 8.21
CA LEU A 115 9.85 -7.46 7.62
C LEU A 115 9.19 -8.84 7.58
N LYS A 116 8.41 -9.14 8.61
CA LYS A 116 7.73 -10.44 8.69
C LYS A 116 6.75 -10.60 7.54
N HIS A 117 5.90 -9.61 7.35
CA HIS A 117 4.91 -9.65 6.27
C HIS A 117 5.61 -9.63 4.92
N TRP A 118 6.31 -8.55 4.65
CA TRP A 118 7.04 -8.38 3.39
C TRP A 118 7.89 -9.61 3.09
N TYR A 119 9.08 -9.63 3.67
CA TYR A 119 10.03 -10.72 3.49
C TYR A 119 9.36 -12.08 3.31
N GLU A 120 8.65 -12.54 4.33
CA GLU A 120 7.99 -13.84 4.25
C GLU A 120 7.34 -14.02 2.89
N CYS A 121 6.88 -12.92 2.30
CA CYS A 121 6.27 -12.97 0.99
C CYS A 121 7.24 -13.59 -0.01
N LEU A 122 8.49 -13.17 0.09
CA LEU A 122 9.55 -13.68 -0.77
C LEU A 122 9.69 -15.18 -0.57
N LYS A 123 9.38 -15.66 0.62
CA LYS A 123 9.46 -17.09 0.93
C LYS A 123 8.20 -17.80 0.45
N ASN A 124 7.05 -17.21 0.77
CA ASN A 124 5.76 -17.77 0.36
C ASN A 124 5.15 -16.96 -0.77
N LYS A 125 5.89 -16.86 -1.88
CA LYS A 125 5.44 -16.10 -3.03
C LYS A 125 4.10 -16.63 -3.55
N ASP A 126 4.13 -17.79 -4.18
CA ASP A 126 2.93 -18.40 -4.73
C ASP A 126 1.71 -18.21 -3.81
N LYS A 127 1.97 -18.05 -2.51
CA LYS A 127 0.89 -17.86 -1.55
C LYS A 127 0.73 -16.38 -1.21
N LYS A 128 -0.52 -15.92 -1.15
CA LYS A 128 -0.81 -14.54 -0.84
C LYS A 128 -0.80 -14.29 0.67
N ILE A 129 -0.28 -13.14 1.06
CA ILE A 129 -0.21 -12.76 2.46
C ILE A 129 -1.20 -11.64 2.77
N GLU A 130 -1.42 -11.36 4.06
CA GLU A 130 -2.33 -10.31 4.45
C GLU A 130 -2.03 -9.81 5.86
N ARG A 131 -2.05 -8.49 6.03
CA ARG A 131 -1.77 -7.88 7.32
C ARG A 131 -2.24 -6.42 7.36
N TRP A 132 -2.49 -5.91 8.56
CA TRP A 132 -2.94 -4.54 8.72
C TRP A 132 -1.76 -3.62 9.07
N HIS A 133 -1.72 -2.46 8.41
CA HIS A 133 -0.65 -1.51 8.64
C HIS A 133 -1.20 -0.22 9.25
N GLN A 134 -0.57 0.24 10.33
CA GLN A 134 -1.00 1.46 11.00
C GLN A 134 -0.51 2.69 10.23
N LEU A 135 -1.46 3.42 9.65
CA LEU A 135 -1.12 4.62 8.89
C LEU A 135 -0.39 5.64 9.75
N GLN A 136 0.67 6.22 9.18
CA GLN A 136 1.46 7.22 9.89
C GLN A 136 1.58 8.50 9.06
N ASN A 137 1.95 9.59 9.71
CA ASN A 137 2.10 10.87 9.02
C ASN A 137 3.57 11.26 8.90
N GLU A 138 4.29 10.54 8.05
CA GLU A 138 5.71 10.81 7.84
C GLU A 138 5.94 12.27 7.49
N ASN A 139 5.99 12.58 6.20
CA ASN A 139 6.21 13.94 5.73
C ASN A 139 5.73 14.11 4.29
N HIS A 140 6.01 13.11 3.46
CA HIS A 140 5.62 13.15 2.06
C HIS A 140 5.59 11.75 1.46
N ARG A 1 -5.55 9.02 12.69
CA ARG A 1 -5.14 8.30 11.46
C ARG A 1 -5.88 6.97 11.33
N GLY A 2 -5.57 6.22 10.29
CA GLY A 2 -6.21 4.95 10.06
C GLY A 2 -5.23 3.84 9.72
N LYS A 3 -5.76 2.65 9.46
CA LYS A 3 -4.93 1.49 9.11
C LYS A 3 -5.43 0.88 7.80
N ILE A 4 -4.50 0.50 6.93
CA ILE A 4 -4.86 -0.09 5.65
C ILE A 4 -4.36 -1.52 5.53
N LEU A 5 -5.28 -2.44 5.21
CA LEU A 5 -4.94 -3.84 5.05
C LEU A 5 -4.32 -4.09 3.68
N VAL A 6 -3.14 -4.70 3.68
CA VAL A 6 -2.45 -4.98 2.43
C VAL A 6 -2.14 -6.47 2.29
N SER A 7 -2.28 -6.98 1.09
CA SER A 7 -2.02 -8.38 0.82
C SER A 7 -0.86 -8.52 -0.17
N LEU A 8 -0.04 -9.55 0.02
CA LEU A 8 1.10 -9.75 -0.87
C LEU A 8 1.15 -11.18 -1.41
N MET A 9 1.89 -11.36 -2.50
CA MET A 9 2.03 -12.66 -3.13
C MET A 9 2.86 -12.53 -4.41
N TYR A 10 4.09 -13.03 -4.37
CA TYR A 10 4.98 -12.94 -5.53
C TYR A 10 4.72 -14.08 -6.51
N SER A 11 4.58 -13.73 -7.78
CA SER A 11 4.33 -14.70 -8.84
C SER A 11 5.59 -14.95 -9.66
N THR A 12 6.38 -15.92 -9.23
CA THR A 12 7.61 -16.27 -9.94
C THR A 12 7.32 -16.55 -11.41
N GLN A 13 6.20 -17.20 -11.66
CA GLN A 13 5.79 -17.53 -13.01
C GLN A 13 5.85 -16.29 -13.89
N GLN A 14 5.31 -15.19 -13.38
CA GLN A 14 5.30 -13.93 -14.10
C GLN A 14 6.57 -13.13 -13.81
N GLY A 15 7.27 -13.52 -12.76
CA GLY A 15 8.49 -12.85 -12.38
C GLY A 15 8.23 -11.45 -11.83
N GLY A 16 7.24 -11.35 -10.97
CA GLY A 16 6.90 -10.07 -10.37
C GLY A 16 6.21 -10.21 -9.03
N LEU A 17 6.00 -9.09 -8.36
CA LEU A 17 5.35 -9.09 -7.05
C LEU A 17 3.90 -8.64 -7.16
N ILE A 18 3.00 -9.37 -6.51
CA ILE A 18 1.59 -9.04 -6.53
C ILE A 18 1.15 -8.41 -5.22
N VAL A 19 0.71 -7.15 -5.29
CA VAL A 19 0.25 -6.44 -4.11
C VAL A 19 -1.27 -6.49 -4.04
N GLY A 20 -1.82 -6.43 -2.83
CA GLY A 20 -3.26 -6.50 -2.69
C GLY A 20 -3.81 -5.50 -1.68
N ILE A 21 -4.47 -4.47 -2.19
CA ILE A 21 -5.08 -3.45 -1.33
C ILE A 21 -6.48 -3.89 -0.92
N ILE A 22 -6.59 -4.46 0.27
CA ILE A 22 -7.87 -4.95 0.76
C ILE A 22 -8.79 -3.82 1.22
N ARG A 23 -8.54 -3.30 2.41
CA ARG A 23 -9.38 -2.23 2.95
C ARG A 23 -8.62 -1.39 3.98
N CYS A 24 -9.23 -0.28 4.37
CA CYS A 24 -8.64 0.62 5.36
C CYS A 24 -9.64 0.89 6.47
N VAL A 25 -9.14 1.30 7.63
CA VAL A 25 -10.01 1.59 8.77
C VAL A 25 -9.52 2.78 9.58
N HIS A 26 -10.47 3.54 10.09
CA HIS A 26 -10.18 4.72 10.90
C HIS A 26 -9.41 5.76 10.11
N LEU A 27 -9.92 6.11 8.94
CA LEU A 27 -9.26 7.09 8.08
C LEU A 27 -9.70 8.50 8.45
N ALA A 28 -8.75 9.44 8.40
CA ALA A 28 -9.03 10.83 8.72
C ALA A 28 -10.08 11.42 7.76
N ALA A 29 -10.76 12.46 8.21
CA ALA A 29 -11.79 13.11 7.40
C ALA A 29 -11.36 14.52 7.01
N MET A 30 -11.17 14.73 5.70
CA MET A 30 -10.77 16.05 5.20
C MET A 30 -11.98 16.96 5.03
N ASP A 31 -13.16 16.36 4.90
CA ASP A 31 -14.39 17.12 4.73
C ASP A 31 -14.99 17.49 6.08
N ALA A 32 -15.82 18.53 6.09
CA ALA A 32 -16.47 18.98 7.31
C ALA A 32 -17.58 18.01 7.73
N ASN A 33 -17.81 16.99 6.91
CA ASN A 33 -18.84 16.00 7.22
C ASN A 33 -18.30 14.92 8.15
N GLY A 34 -16.99 14.91 8.33
CA GLY A 34 -16.37 13.93 9.20
C GLY A 34 -15.86 12.73 8.44
N TYR A 35 -15.90 12.80 7.11
CA TYR A 35 -15.43 11.70 6.27
C TYR A 35 -14.32 12.14 5.33
N SER A 36 -13.99 11.28 4.37
CA SER A 36 -12.94 11.57 3.41
C SER A 36 -13.09 10.73 2.14
N ASP A 37 -12.16 10.92 1.21
CA ASP A 37 -12.16 10.19 -0.05
C ASP A 37 -10.79 9.53 -0.25
N PRO A 38 -10.39 8.71 0.72
CA PRO A 38 -9.08 8.05 0.73
C PRO A 38 -8.88 6.99 -0.35
N PHE A 39 -7.64 6.94 -0.82
CA PHE A 39 -7.20 5.97 -1.82
C PHE A 39 -5.78 5.54 -1.46
N VAL A 40 -5.32 4.41 -1.97
CA VAL A 40 -3.98 3.95 -1.62
C VAL A 40 -3.01 3.97 -2.79
N LYS A 41 -1.80 4.43 -2.52
CA LYS A 41 -0.74 4.48 -3.51
C LYS A 41 0.40 3.55 -3.12
N LEU A 42 0.87 2.76 -4.06
CA LEU A 42 1.94 1.81 -3.79
C LEU A 42 3.17 2.10 -4.65
N TRP A 43 4.34 2.04 -4.03
CA TRP A 43 5.59 2.28 -4.73
C TRP A 43 6.70 1.41 -4.17
N LEU A 44 7.20 0.50 -4.99
CA LEU A 44 8.28 -0.40 -4.59
C LEU A 44 9.64 0.19 -4.96
N LYS A 45 10.43 0.53 -3.95
CA LYS A 45 11.75 1.10 -4.18
C LYS A 45 12.85 0.21 -3.65
N PRO A 46 14.10 0.37 -4.13
CA PRO A 46 14.46 1.38 -5.14
C PRO A 46 13.88 1.06 -6.50
N ASP A 47 12.89 1.85 -6.87
CA ASP A 47 12.19 1.69 -8.14
C ASP A 47 13.14 1.70 -9.31
N MET A 48 12.88 0.84 -10.28
CA MET A 48 13.69 0.75 -11.49
C MET A 48 13.33 1.87 -12.45
N GLY A 49 12.17 2.48 -12.20
CA GLY A 49 11.70 3.57 -13.04
C GLY A 49 10.89 4.57 -12.24
N LYS A 50 10.37 5.59 -12.91
CA LYS A 50 9.57 6.62 -12.25
C LYS A 50 8.08 6.29 -12.33
N LYS A 51 7.77 5.01 -12.47
CA LYS A 51 6.39 4.57 -12.57
C LYS A 51 6.07 3.53 -11.49
N ALA A 52 7.01 3.30 -10.59
CA ALA A 52 6.82 2.34 -9.52
C ALA A 52 5.67 2.73 -8.61
N LYS A 53 5.30 4.02 -8.66
CA LYS A 53 4.21 4.53 -7.84
C LYS A 53 2.85 4.15 -8.43
N HIS A 54 1.92 3.76 -7.57
CA HIS A 54 0.58 3.37 -8.02
C HIS A 54 -0.50 4.05 -7.17
N LYS A 55 -1.76 3.78 -7.51
CA LYS A 55 -2.88 4.35 -6.78
C LYS A 55 -4.15 3.53 -7.06
N THR A 56 -4.83 3.13 -5.98
CA THR A 56 -6.06 2.34 -6.12
C THR A 56 -7.28 3.23 -6.27
N GLN A 57 -8.40 2.63 -6.63
CA GLN A 57 -9.65 3.37 -6.79
C GLN A 57 -9.85 4.33 -5.63
N ILE A 58 -10.64 5.38 -5.86
CA ILE A 58 -10.91 6.38 -4.84
C ILE A 58 -12.13 6.00 -4.00
N LYS A 59 -11.94 5.95 -2.69
CA LYS A 59 -13.02 5.63 -1.77
C LYS A 59 -13.67 6.92 -1.27
N LYS A 60 -14.41 7.58 -2.14
CA LYS A 60 -15.07 8.83 -1.82
C LYS A 60 -16.02 8.68 -0.62
N LYS A 61 -16.15 9.77 0.13
CA LYS A 61 -17.03 9.81 1.30
C LYS A 61 -17.00 8.50 2.09
N THR A 62 -15.87 8.24 2.74
CA THR A 62 -15.73 7.02 3.53
C THR A 62 -14.33 6.94 4.15
N LEU A 63 -14.27 6.45 5.39
CA LEU A 63 -13.00 6.31 6.09
C LEU A 63 -12.70 4.86 6.39
N ASN A 64 -13.69 3.99 6.20
CA ASN A 64 -13.53 2.57 6.46
C ASN A 64 -14.00 1.76 5.26
N PRO A 65 -13.54 2.15 4.05
CA PRO A 65 -13.92 1.47 2.81
C PRO A 65 -13.13 0.19 2.57
N GLU A 66 -13.39 -0.44 1.42
CA GLU A 66 -12.71 -1.67 1.04
C GLU A 66 -12.19 -1.57 -0.39
N PHE A 67 -10.88 -1.60 -0.55
CA PHE A 67 -10.26 -1.51 -1.87
C PHE A 67 -10.29 -2.84 -2.60
N ASN A 68 -9.84 -3.89 -1.91
CA ASN A 68 -9.80 -5.22 -2.50
C ASN A 68 -9.21 -5.16 -3.92
N GLU A 69 -8.06 -4.51 -4.04
CA GLU A 69 -7.39 -4.37 -5.32
C GLU A 69 -6.12 -5.19 -5.38
N GLU A 70 -5.91 -5.87 -6.51
CA GLU A 70 -4.73 -6.70 -6.69
C GLU A 70 -3.78 -6.08 -7.71
N PHE A 71 -2.60 -5.69 -7.25
CA PHE A 71 -1.60 -5.06 -8.12
C PHE A 71 -0.58 -6.06 -8.64
N PHE A 72 0.31 -5.57 -9.49
CA PHE A 72 1.36 -6.40 -10.07
C PHE A 72 2.65 -5.59 -10.24
N TYR A 73 3.75 -6.12 -9.70
CA TYR A 73 5.03 -5.43 -9.80
C TYR A 73 5.97 -6.17 -10.75
N ASP A 74 6.93 -5.43 -11.30
CA ASP A 74 7.89 -6.01 -12.23
C ASP A 74 9.28 -6.05 -11.63
N ILE A 75 9.42 -6.78 -10.52
CA ILE A 75 10.70 -6.90 -9.85
C ILE A 75 11.10 -8.36 -9.68
N LYS A 76 12.39 -8.64 -9.81
CA LYS A 76 12.90 -10.00 -9.66
C LYS A 76 12.86 -10.43 -8.21
N HIS A 77 12.39 -11.65 -7.98
CA HIS A 77 12.28 -12.17 -6.62
C HIS A 77 13.56 -11.92 -5.83
N SER A 78 14.70 -12.26 -6.41
CA SER A 78 15.99 -12.08 -5.75
C SER A 78 16.25 -10.61 -5.42
N ASP A 79 15.43 -9.72 -5.98
CA ASP A 79 15.59 -8.30 -5.72
C ASP A 79 14.49 -7.79 -4.80
N LEU A 80 13.34 -8.47 -4.83
CA LEU A 80 12.21 -8.10 -3.98
C LEU A 80 12.69 -7.61 -2.63
N ALA A 81 13.26 -8.53 -1.85
CA ALA A 81 13.78 -8.22 -0.52
C ALA A 81 14.53 -6.88 -0.51
N LYS A 82 15.31 -6.62 -1.56
CA LYS A 82 16.09 -5.40 -1.66
C LYS A 82 15.19 -4.20 -1.86
N LYS A 83 13.95 -4.46 -2.23
CA LYS A 83 12.98 -3.40 -2.47
C LYS A 83 12.21 -3.04 -1.19
N SER A 84 11.31 -2.07 -1.33
CA SER A 84 10.49 -1.62 -0.21
C SER A 84 9.15 -1.10 -0.72
N LEU A 85 8.07 -1.83 -0.41
CA LEU A 85 6.74 -1.44 -0.85
C LEU A 85 6.17 -0.34 0.03
N ASP A 86 5.97 0.84 -0.54
CA ASP A 86 5.44 1.98 0.19
C ASP A 86 3.95 2.14 -0.04
N ILE A 87 3.16 1.77 0.97
CA ILE A 87 1.70 1.88 0.87
C ILE A 87 1.22 3.17 1.53
N SER A 88 0.78 4.11 0.70
CA SER A 88 0.30 5.40 1.21
C SER A 88 -1.18 5.60 0.93
N VAL A 89 -1.84 6.30 1.83
CA VAL A 89 -3.27 6.57 1.70
C VAL A 89 -3.54 8.07 1.71
N TRP A 90 -4.12 8.58 0.63
CA TRP A 90 -4.41 10.01 0.53
C TRP A 90 -5.90 10.27 0.37
N ASP A 91 -6.37 11.36 0.97
CA ASP A 91 -7.78 11.72 0.87
C ASP A 91 -8.06 12.50 -0.41
N TYR A 92 -8.83 11.89 -1.30
CA TYR A 92 -9.17 12.50 -2.57
C TYR A 92 -10.13 13.68 -2.39
N ASP A 93 -10.23 14.52 -3.41
CA ASP A 93 -11.10 15.68 -3.37
C ASP A 93 -11.39 16.19 -4.78
N ILE A 94 -12.68 16.32 -5.10
CA ILE A 94 -13.08 16.79 -6.42
C ILE A 94 -13.16 18.32 -6.46
N GLY A 95 -12.63 18.89 -7.54
CA GLY A 95 -12.65 20.33 -7.68
C GLY A 95 -11.51 21.01 -6.93
N LYS A 96 -10.89 20.28 -6.02
CA LYS A 96 -9.78 20.82 -5.23
C LYS A 96 -8.59 19.87 -5.23
N SER A 97 -7.66 20.11 -4.32
CA SER A 97 -6.46 19.27 -4.22
C SER A 97 -6.69 18.13 -3.23
N ASN A 98 -5.89 17.08 -3.37
CA ASN A 98 -6.01 15.92 -2.48
C ASN A 98 -5.50 16.25 -1.08
N ASP A 99 -5.24 15.22 -0.29
CA ASP A 99 -4.76 15.40 1.08
C ASP A 99 -4.10 14.13 1.58
N TYR A 100 -3.02 14.28 2.33
CA TYR A 100 -2.30 13.14 2.87
C TYR A 100 -2.98 12.60 4.12
N ILE A 101 -3.32 11.33 4.09
CA ILE A 101 -3.97 10.68 5.23
C ILE A 101 -2.96 9.85 6.02
N GLY A 102 -2.04 9.21 5.31
CA GLY A 102 -1.03 8.40 5.95
C GLY A 102 -0.66 7.17 5.14
N GLY A 103 0.50 6.61 5.43
CA GLY A 103 0.95 5.42 4.71
C GLY A 103 1.90 4.58 5.52
N CYS A 104 2.66 3.72 4.85
CA CYS A 104 3.61 2.84 5.51
C CYS A 104 4.56 2.21 4.49
N GLN A 105 5.76 1.86 4.95
CA GLN A 105 6.76 1.24 4.07
C GLN A 105 6.90 -0.25 4.36
N LEU A 106 7.00 -1.05 3.31
CA LEU A 106 7.14 -2.49 3.45
C LEU A 106 8.38 -2.99 2.72
N GLY A 107 9.51 -3.02 3.44
CA GLY A 107 10.75 -3.47 2.85
C GLY A 107 11.49 -4.41 3.77
N ILE A 108 12.15 -5.41 3.20
CA ILE A 108 12.88 -6.38 3.98
C ILE A 108 13.96 -5.72 4.85
N SER A 109 14.24 -4.45 4.56
CA SER A 109 15.23 -3.71 5.33
C SER A 109 14.56 -3.03 6.52
N ALA A 110 13.35 -3.47 6.84
CA ALA A 110 12.59 -2.91 7.95
C ALA A 110 12.78 -3.73 9.22
N LYS A 111 12.01 -3.40 10.25
CA LYS A 111 12.08 -4.10 11.53
C LYS A 111 10.71 -4.16 12.19
N GLY A 112 10.36 -5.33 12.72
CA GLY A 112 9.08 -5.50 13.37
C GLY A 112 8.12 -6.35 12.56
N GLU A 113 7.12 -5.70 11.97
CA GLU A 113 6.13 -6.40 11.16
C GLU A 113 6.35 -6.14 9.67
N ARG A 114 6.68 -4.90 9.35
CA ARG A 114 6.92 -4.50 7.96
C ARG A 114 7.80 -5.52 7.25
N LEU A 115 8.62 -6.22 8.04
CA LEU A 115 9.52 -7.23 7.49
C LEU A 115 8.85 -8.59 7.39
N LYS A 116 8.10 -8.94 8.44
CA LYS A 116 7.40 -10.22 8.49
C LYS A 116 6.49 -10.40 7.27
N HIS A 117 5.57 -9.47 7.08
CA HIS A 117 4.64 -9.52 5.97
C HIS A 117 5.39 -9.52 4.63
N TRP A 118 6.22 -8.51 4.44
CA TRP A 118 6.99 -8.36 3.22
C TRP A 118 7.90 -9.57 2.99
N TYR A 119 9.03 -9.58 3.69
CA TYR A 119 10.00 -10.65 3.58
C TYR A 119 9.35 -12.03 3.49
N GLU A 120 8.64 -12.44 4.54
CA GLU A 120 8.00 -13.75 4.53
C GLU A 120 7.34 -14.00 3.18
N CYS A 121 6.84 -12.94 2.57
CA CYS A 121 6.19 -13.05 1.26
C CYS A 121 7.18 -13.61 0.25
N LEU A 122 8.43 -13.16 0.37
CA LEU A 122 9.50 -13.62 -0.52
C LEU A 122 9.70 -15.13 -0.37
N LYS A 123 9.40 -15.63 0.82
CA LYS A 123 9.53 -17.05 1.10
C LYS A 123 8.32 -17.79 0.58
N ASN A 124 7.14 -17.18 0.74
CA ASN A 124 5.89 -17.77 0.27
C ASN A 124 5.41 -17.08 -1.00
N LYS A 125 6.31 -16.92 -1.96
CA LYS A 125 5.96 -16.27 -3.23
C LYS A 125 4.53 -16.63 -3.65
N ASP A 126 4.40 -17.75 -4.36
CA ASP A 126 3.09 -18.19 -4.83
C ASP A 126 2.04 -18.09 -3.72
N LYS A 127 2.50 -18.12 -2.47
CA LYS A 127 1.60 -18.04 -1.33
C LYS A 127 1.24 -16.58 -1.06
N LYS A 128 -0.05 -16.34 -0.82
CA LYS A 128 -0.53 -14.99 -0.54
C LYS A 128 -0.34 -14.61 0.91
N ILE A 129 -0.32 -13.31 1.18
CA ILE A 129 -0.16 -12.79 2.53
C ILE A 129 -1.07 -11.60 2.76
N GLU A 130 -1.41 -11.33 4.02
CA GLU A 130 -2.29 -10.22 4.35
C GLU A 130 -2.02 -9.70 5.75
N ARG A 131 -1.89 -8.39 5.89
CA ARG A 131 -1.62 -7.77 7.18
C ARG A 131 -2.14 -6.33 7.23
N TRP A 132 -2.16 -5.76 8.43
CA TRP A 132 -2.62 -4.39 8.62
C TRP A 132 -1.44 -3.47 8.88
N HIS A 133 -1.43 -2.33 8.19
CA HIS A 133 -0.35 -1.36 8.34
C HIS A 133 -0.88 -0.04 8.91
N GLN A 134 -0.22 0.43 9.97
CA GLN A 134 -0.61 1.67 10.62
C GLN A 134 -0.14 2.87 9.81
N LEU A 135 -1.09 3.64 9.29
CA LEU A 135 -0.78 4.81 8.48
C LEU A 135 0.07 5.81 9.26
N GLN A 136 1.12 6.30 8.61
CA GLN A 136 2.02 7.28 9.23
C GLN A 136 2.16 8.51 8.35
N ASN A 137 2.59 9.61 8.94
CA ASN A 137 2.78 10.86 8.22
C ASN A 137 4.24 11.08 7.86
N GLU A 138 4.74 10.33 6.89
CA GLU A 138 6.13 10.45 6.46
C GLU A 138 6.52 11.91 6.22
N ASN A 139 5.76 12.59 5.37
CA ASN A 139 6.02 13.99 5.06
C ASN A 139 4.80 14.85 5.33
N HIS A 140 5.02 16.16 5.44
CA HIS A 140 3.92 17.09 5.70
C HIS A 140 2.95 16.52 6.73
N ARG A 1 -5.09 9.18 11.33
CA ARG A 1 -4.60 8.17 10.37
C ARG A 1 -5.09 6.78 10.74
N GLY A 2 -5.92 6.19 9.88
CA GLY A 2 -6.45 4.86 10.14
C GLY A 2 -5.45 3.76 9.80
N LYS A 3 -5.97 2.56 9.55
CA LYS A 3 -5.12 1.43 9.21
C LYS A 3 -5.56 0.81 7.89
N ILE A 4 -4.60 0.44 7.06
CA ILE A 4 -4.91 -0.15 5.76
C ILE A 4 -4.40 -1.58 5.66
N LEU A 5 -5.27 -2.48 5.20
CA LEU A 5 -4.94 -3.88 5.05
C LEU A 5 -4.29 -4.13 3.69
N VAL A 6 -3.07 -4.66 3.69
CA VAL A 6 -2.36 -4.94 2.46
C VAL A 6 -1.99 -6.41 2.36
N SER A 7 -2.26 -7.01 1.21
CA SER A 7 -1.95 -8.42 0.99
C SER A 7 -0.86 -8.57 -0.07
N LEU A 8 0.24 -9.21 0.31
CA LEU A 8 1.35 -9.40 -0.61
C LEU A 8 1.28 -10.77 -1.29
N MET A 9 2.07 -10.92 -2.34
CA MET A 9 2.12 -12.17 -3.10
C MET A 9 3.00 -12.00 -4.34
N TYR A 10 4.05 -12.79 -4.43
CA TYR A 10 4.95 -12.70 -5.58
C TYR A 10 4.70 -13.83 -6.57
N SER A 11 4.68 -13.48 -7.85
CA SER A 11 4.46 -14.47 -8.91
C SER A 11 5.74 -14.71 -9.69
N THR A 12 6.45 -15.77 -9.33
CA THR A 12 7.69 -16.11 -10.02
C THR A 12 7.40 -16.47 -11.47
N GLN A 13 6.26 -17.09 -11.69
CA GLN A 13 5.85 -17.48 -13.04
C GLN A 13 6.02 -16.30 -13.99
N GLN A 14 5.63 -15.12 -13.53
CA GLN A 14 5.75 -13.91 -14.33
C GLN A 14 7.02 -13.14 -13.96
N GLY A 15 7.56 -13.45 -12.79
CA GLY A 15 8.77 -12.77 -12.34
C GLY A 15 8.50 -11.39 -11.79
N GLY A 16 7.39 -11.25 -11.07
CA GLY A 16 7.03 -9.96 -10.50
C GLY A 16 6.32 -10.10 -9.17
N LEU A 17 6.16 -8.98 -8.47
CA LEU A 17 5.50 -8.96 -7.18
C LEU A 17 4.03 -8.60 -7.33
N ILE A 18 3.23 -8.96 -6.34
CA ILE A 18 1.81 -8.66 -6.36
C ILE A 18 1.38 -7.99 -5.06
N VAL A 19 0.88 -6.76 -5.17
CA VAL A 19 0.44 -6.00 -4.00
C VAL A 19 -1.08 -5.94 -3.94
N GLY A 20 -1.65 -6.45 -2.86
CA GLY A 20 -3.09 -6.45 -2.73
C GLY A 20 -3.61 -5.44 -1.71
N ILE A 21 -4.48 -4.55 -2.17
CA ILE A 21 -5.07 -3.54 -1.30
C ILE A 21 -6.48 -3.97 -0.89
N ILE A 22 -6.60 -4.60 0.27
CA ILE A 22 -7.88 -5.09 0.76
C ILE A 22 -8.80 -3.96 1.20
N ARG A 23 -8.54 -3.40 2.38
CA ARG A 23 -9.37 -2.32 2.90
C ARG A 23 -8.65 -1.50 3.96
N CYS A 24 -9.24 -0.36 4.30
CA CYS A 24 -8.68 0.53 5.31
C CYS A 24 -9.71 0.79 6.40
N VAL A 25 -9.26 1.22 7.57
CA VAL A 25 -10.17 1.49 8.67
C VAL A 25 -9.68 2.59 9.59
N HIS A 26 -10.63 3.32 10.16
CA HIS A 26 -10.31 4.42 11.09
C HIS A 26 -9.54 5.53 10.39
N LEU A 27 -10.00 5.91 9.20
CA LEU A 27 -9.35 6.96 8.44
C LEU A 27 -9.86 8.33 8.87
N ALA A 28 -9.04 9.36 8.65
CA ALA A 28 -9.40 10.72 9.03
C ALA A 28 -10.34 11.34 7.99
N ALA A 29 -11.09 12.35 8.44
CA ALA A 29 -12.03 13.04 7.56
C ALA A 29 -11.69 14.52 7.44
N MET A 30 -11.19 14.92 6.28
CA MET A 30 -10.83 16.32 6.05
C MET A 30 -12.04 17.11 5.56
N ASP A 31 -13.00 16.40 4.97
CA ASP A 31 -14.20 17.03 4.46
C ASP A 31 -15.04 17.60 5.59
N ALA A 32 -15.89 18.56 5.28
CA ALA A 32 -16.75 19.19 6.28
C ALA A 32 -17.91 18.28 6.66
N ASN A 33 -17.95 17.09 6.06
CA ASN A 33 -19.01 16.13 6.33
C ASN A 33 -18.58 15.14 7.41
N GLY A 34 -17.33 15.22 7.83
CA GLY A 34 -16.82 14.32 8.84
C GLY A 34 -16.23 13.06 8.24
N TYR A 35 -16.15 13.01 6.92
CA TYR A 35 -15.61 11.85 6.22
C TYR A 35 -14.46 12.22 5.29
N SER A 36 -14.06 11.27 4.46
CA SER A 36 -12.97 11.50 3.52
C SER A 36 -13.09 10.59 2.30
N ASP A 37 -12.23 10.84 1.30
CA ASP A 37 -12.22 10.05 0.07
C ASP A 37 -10.86 9.37 -0.06
N PRO A 38 -10.51 8.53 0.91
CA PRO A 38 -9.22 7.84 0.96
C PRO A 38 -8.99 6.81 -0.14
N PHE A 39 -7.74 6.75 -0.60
CA PHE A 39 -7.29 5.81 -1.62
C PHE A 39 -5.87 5.39 -1.27
N VAL A 40 -5.41 4.26 -1.81
CA VAL A 40 -4.06 3.80 -1.48
C VAL A 40 -3.12 3.86 -2.66
N LYS A 41 -1.95 4.43 -2.43
CA LYS A 41 -0.92 4.54 -3.46
C LYS A 41 0.28 3.70 -3.05
N LEU A 42 0.76 2.87 -3.96
CA LEU A 42 1.89 2.01 -3.66
C LEU A 42 3.10 2.34 -4.53
N TRP A 43 4.28 2.28 -3.92
CA TRP A 43 5.52 2.57 -4.64
C TRP A 43 6.68 1.75 -4.08
N LEU A 44 7.20 0.85 -4.90
CA LEU A 44 8.33 0.01 -4.51
C LEU A 44 9.64 0.67 -4.90
N LYS A 45 10.49 0.92 -3.90
CA LYS A 45 11.78 1.56 -4.15
C LYS A 45 12.92 0.55 -4.08
N PRO A 46 14.18 1.00 -4.29
CA PRO A 46 14.48 2.42 -4.57
C PRO A 46 13.67 2.96 -5.74
N ASP A 47 13.72 2.26 -6.88
CA ASP A 47 12.97 2.65 -8.07
C ASP A 47 13.67 2.17 -9.34
N MET A 48 12.92 1.51 -10.19
CA MET A 48 13.43 1.02 -11.47
C MET A 48 12.86 1.84 -12.60
N GLY A 49 11.72 2.46 -12.34
CA GLY A 49 11.06 3.29 -13.32
C GLY A 49 10.16 4.33 -12.66
N LYS A 50 9.38 5.04 -13.47
CA LYS A 50 8.50 6.07 -12.92
C LYS A 50 7.08 5.51 -12.70
N LYS A 51 6.93 4.21 -12.93
CA LYS A 51 5.65 3.56 -12.76
C LYS A 51 5.58 2.82 -11.42
N ALA A 52 6.71 2.77 -10.72
CA ALA A 52 6.76 2.09 -9.43
C ALA A 52 5.62 2.54 -8.52
N LYS A 53 5.17 3.77 -8.72
CA LYS A 53 4.08 4.33 -7.91
C LYS A 53 2.73 3.76 -8.36
N HIS A 54 1.72 3.93 -7.52
CA HIS A 54 0.38 3.42 -7.84
C HIS A 54 -0.70 4.12 -7.01
N LYS A 55 -1.95 3.82 -7.36
CA LYS A 55 -3.10 4.39 -6.66
C LYS A 55 -4.34 3.53 -6.92
N THR A 56 -4.97 3.05 -5.86
CA THR A 56 -6.16 2.21 -6.00
C THR A 56 -7.43 3.05 -6.12
N GLN A 57 -8.54 2.38 -6.37
CA GLN A 57 -9.83 3.05 -6.51
C GLN A 57 -10.05 4.04 -5.37
N ILE A 58 -10.64 5.18 -5.69
CA ILE A 58 -10.90 6.21 -4.70
C ILE A 58 -12.12 5.88 -3.86
N LYS A 59 -11.93 5.84 -2.54
CA LYS A 59 -13.02 5.55 -1.62
C LYS A 59 -13.65 6.85 -1.15
N LYS A 60 -14.38 7.51 -2.04
CA LYS A 60 -15.03 8.78 -1.73
C LYS A 60 -16.13 8.60 -0.69
N LYS A 61 -16.25 9.57 0.20
CA LYS A 61 -17.27 9.54 1.25
C LYS A 61 -17.18 8.28 2.09
N THR A 62 -16.06 8.10 2.78
CA THR A 62 -15.85 6.93 3.63
C THR A 62 -14.48 6.96 4.28
N LEU A 63 -14.38 6.40 5.48
CA LEU A 63 -13.12 6.36 6.21
C LEU A 63 -12.70 4.91 6.47
N ASN A 64 -13.62 3.99 6.25
CA ASN A 64 -13.36 2.57 6.45
C ASN A 64 -13.88 1.74 5.28
N PRO A 65 -13.49 2.13 4.05
CA PRO A 65 -13.92 1.45 2.83
C PRO A 65 -13.17 0.15 2.57
N GLU A 66 -13.42 -0.44 1.40
CA GLU A 66 -12.78 -1.68 1.00
C GLU A 66 -12.21 -1.56 -0.41
N PHE A 67 -10.90 -1.72 -0.53
CA PHE A 67 -10.24 -1.61 -1.83
C PHE A 67 -10.28 -2.93 -2.59
N ASN A 68 -9.82 -4.00 -1.95
CA ASN A 68 -9.79 -5.31 -2.57
C ASN A 68 -9.18 -5.22 -3.96
N GLU A 69 -8.01 -4.59 -4.04
CA GLU A 69 -7.31 -4.42 -5.31
C GLU A 69 -6.04 -5.27 -5.36
N GLU A 70 -5.79 -5.87 -6.52
CA GLU A 70 -4.61 -6.70 -6.71
C GLU A 70 -3.63 -6.04 -7.69
N PHE A 71 -2.51 -5.56 -7.18
CA PHE A 71 -1.51 -4.89 -7.99
C PHE A 71 -0.47 -5.87 -8.53
N PHE A 72 0.38 -5.38 -9.41
CA PHE A 72 1.44 -6.19 -10.01
C PHE A 72 2.71 -5.35 -10.19
N TYR A 73 3.80 -5.80 -9.57
CA TYR A 73 5.07 -5.10 -9.67
C TYR A 73 6.00 -5.81 -10.64
N ASP A 74 6.93 -5.06 -11.22
CA ASP A 74 7.87 -5.63 -12.17
C ASP A 74 9.27 -5.71 -11.57
N ILE A 75 9.42 -6.55 -10.55
CA ILE A 75 10.70 -6.72 -9.89
C ILE A 75 11.03 -8.20 -9.72
N LYS A 76 12.31 -8.53 -9.86
CA LYS A 76 12.76 -9.91 -9.72
C LYS A 76 12.77 -10.34 -8.25
N HIS A 77 12.25 -11.53 -8.00
CA HIS A 77 12.19 -12.06 -6.64
C HIS A 77 13.52 -11.86 -5.92
N SER A 78 14.61 -12.14 -6.63
CA SER A 78 15.95 -11.99 -6.05
C SER A 78 16.20 -10.55 -5.61
N ASP A 79 15.44 -9.62 -6.17
CA ASP A 79 15.58 -8.21 -5.82
C ASP A 79 14.47 -7.78 -4.88
N LEU A 80 13.31 -8.43 -5.00
CA LEU A 80 12.16 -8.13 -4.16
C LEU A 80 12.61 -7.73 -2.75
N ALA A 81 13.18 -8.69 -2.03
CA ALA A 81 13.65 -8.47 -0.67
C ALA A 81 14.33 -7.11 -0.52
N LYS A 82 15.28 -6.81 -1.41
CA LYS A 82 16.00 -5.55 -1.36
C LYS A 82 15.07 -4.38 -1.62
N LYS A 83 13.90 -4.67 -2.16
CA LYS A 83 12.92 -3.64 -2.47
C LYS A 83 12.31 -3.05 -1.19
N SER A 84 11.40 -2.10 -1.37
CA SER A 84 10.72 -1.46 -0.26
C SER A 84 9.37 -0.91 -0.70
N LEU A 85 8.31 -1.61 -0.31
CA LEU A 85 6.96 -1.20 -0.68
C LEU A 85 6.45 -0.10 0.24
N ASP A 86 6.09 1.04 -0.37
CA ASP A 86 5.58 2.17 0.39
C ASP A 86 4.08 2.34 0.18
N ILE A 87 3.28 1.83 1.11
CA ILE A 87 1.84 1.92 1.02
C ILE A 87 1.33 3.17 1.75
N SER A 88 0.81 4.12 0.98
CA SER A 88 0.30 5.36 1.56
C SER A 88 -1.15 5.61 1.14
N VAL A 89 -1.95 6.08 2.09
CA VAL A 89 -3.35 6.37 1.85
C VAL A 89 -3.59 7.88 1.82
N TRP A 90 -4.25 8.36 0.79
CA TRP A 90 -4.52 9.79 0.65
C TRP A 90 -6.00 10.05 0.43
N ASP A 91 -6.46 11.22 0.88
CA ASP A 91 -7.86 11.60 0.72
C ASP A 91 -8.09 12.29 -0.62
N TYR A 92 -9.13 11.85 -1.31
CA TYR A 92 -9.48 12.40 -2.62
C TYR A 92 -10.41 13.60 -2.47
N ASP A 93 -10.30 14.54 -3.41
CA ASP A 93 -11.13 15.74 -3.37
C ASP A 93 -11.28 16.34 -4.78
N ILE A 94 -12.45 16.16 -5.36
CA ILE A 94 -12.72 16.68 -6.70
C ILE A 94 -12.31 18.15 -6.81
N GLY A 95 -11.52 18.44 -7.84
CA GLY A 95 -11.06 19.81 -8.05
C GLY A 95 -9.91 20.20 -7.14
N LYS A 96 -9.59 19.32 -6.19
CA LYS A 96 -8.51 19.58 -5.25
C LYS A 96 -7.29 18.72 -5.56
N SER A 97 -6.21 18.94 -4.83
CA SER A 97 -4.98 18.20 -5.03
C SER A 97 -4.88 17.03 -4.05
N ASN A 98 -6.03 16.49 -3.71
CA ASN A 98 -6.10 15.38 -2.78
C ASN A 98 -5.54 15.74 -1.41
N ASP A 99 -5.50 14.78 -0.51
CA ASP A 99 -4.99 15.02 0.84
C ASP A 99 -4.24 13.80 1.37
N TYR A 100 -3.32 14.03 2.30
CA TYR A 100 -2.55 12.94 2.89
C TYR A 100 -3.20 12.45 4.17
N ILE A 101 -3.58 11.17 4.19
CA ILE A 101 -4.22 10.58 5.36
C ILE A 101 -3.22 9.80 6.20
N GLY A 102 -2.30 9.09 5.52
CA GLY A 102 -1.30 8.31 6.22
C GLY A 102 -0.84 7.11 5.41
N GLY A 103 0.32 6.58 5.78
CA GLY A 103 0.86 5.43 5.07
C GLY A 103 1.94 4.72 5.86
N CYS A 104 2.64 3.80 5.19
CA CYS A 104 3.71 3.04 5.83
C CYS A 104 4.66 2.47 4.79
N GLN A 105 5.73 1.83 5.27
CA GLN A 105 6.72 1.23 4.37
C GLN A 105 6.82 -0.27 4.60
N LEU A 106 7.29 -0.98 3.59
CA LEU A 106 7.44 -2.43 3.67
C LEU A 106 8.64 -2.92 2.87
N GLY A 107 9.77 -3.05 3.54
CA GLY A 107 10.99 -3.51 2.89
C GLY A 107 11.74 -4.50 3.76
N ILE A 108 12.24 -5.57 3.16
CA ILE A 108 12.96 -6.59 3.88
C ILE A 108 14.08 -5.99 4.73
N SER A 109 14.48 -4.78 4.40
CA SER A 109 15.53 -4.10 5.16
C SER A 109 15.00 -3.61 6.49
N ALA A 110 13.70 -3.83 6.72
CA ALA A 110 13.04 -3.42 7.96
C ALA A 110 13.25 -4.44 9.06
N LYS A 111 12.50 -4.27 10.15
CA LYS A 111 12.59 -5.18 11.29
C LYS A 111 11.23 -5.30 11.98
N GLY A 112 10.85 -6.54 12.31
CA GLY A 112 9.57 -6.76 12.98
C GLY A 112 8.48 -7.15 12.02
N GLU A 113 7.47 -6.30 11.90
CA GLU A 113 6.35 -6.57 11.00
C GLU A 113 6.70 -6.22 9.56
N ARG A 114 7.16 -4.99 9.35
CA ARG A 114 7.54 -4.53 8.02
C ARG A 114 8.29 -5.63 7.28
N LEU A 115 8.98 -6.47 8.04
CA LEU A 115 9.75 -7.56 7.45
C LEU A 115 8.90 -8.82 7.33
N LYS A 116 8.43 -9.34 8.47
CA LYS A 116 7.62 -10.54 8.48
C LYS A 116 6.58 -10.52 7.37
N HIS A 117 5.81 -9.44 7.31
CA HIS A 117 4.78 -9.29 6.29
C HIS A 117 5.41 -9.24 4.89
N TRP A 118 6.23 -8.23 4.67
CA TRP A 118 6.90 -8.06 3.39
C TRP A 118 7.68 -9.32 3.01
N TYR A 119 8.88 -9.43 3.55
CA TYR A 119 9.75 -10.56 3.29
C TYR A 119 8.97 -11.84 3.03
N GLU A 120 8.13 -12.24 3.99
CA GLU A 120 7.34 -13.46 3.83
C GLU A 120 6.89 -13.61 2.40
N CYS A 121 6.32 -12.55 1.86
CA CYS A 121 5.84 -12.55 0.49
C CYS A 121 6.85 -13.23 -0.43
N LEU A 122 8.12 -13.01 -0.14
CA LEU A 122 9.21 -13.61 -0.91
C LEU A 122 9.31 -15.10 -0.65
N LYS A 123 9.05 -15.49 0.59
CA LYS A 123 9.11 -16.89 0.99
C LYS A 123 7.83 -17.60 0.55
N ASN A 124 6.72 -16.88 0.64
CA ASN A 124 5.42 -17.43 0.25
C ASN A 124 4.94 -16.80 -1.05
N LYS A 125 5.81 -16.76 -2.05
CA LYS A 125 5.48 -16.19 -3.35
C LYS A 125 4.03 -16.47 -3.71
N ASP A 126 3.78 -17.66 -4.24
CA ASP A 126 2.43 -18.08 -4.64
C ASP A 126 1.43 -17.85 -3.50
N LYS A 127 1.95 -17.74 -2.27
CA LYS A 127 1.10 -17.52 -1.11
C LYS A 127 0.87 -16.03 -0.88
N LYS A 128 -0.20 -15.69 -0.17
CA LYS A 128 -0.53 -14.30 0.11
C LYS A 128 -0.21 -13.93 1.56
N ILE A 129 0.25 -12.70 1.74
CA ILE A 129 0.58 -12.18 3.07
C ILE A 129 -0.20 -10.92 3.36
N GLU A 130 -1.36 -11.06 3.98
CA GLU A 130 -2.21 -9.92 4.29
C GLU A 130 -2.13 -9.53 5.77
N ARG A 131 -1.98 -8.24 6.01
CA ARG A 131 -1.89 -7.71 7.37
C ARG A 131 -2.39 -6.28 7.44
N TRP A 132 -2.37 -5.72 8.64
CA TRP A 132 -2.83 -4.35 8.84
C TRP A 132 -1.66 -3.43 9.18
N HIS A 133 -1.60 -2.29 8.50
CA HIS A 133 -0.54 -1.32 8.73
C HIS A 133 -1.10 -0.02 9.29
N GLN A 134 -0.50 0.45 10.38
CA GLN A 134 -0.94 1.69 11.01
C GLN A 134 -0.47 2.90 10.21
N LEU A 135 -1.37 3.49 9.45
CA LEU A 135 -1.05 4.64 8.63
C LEU A 135 -0.24 5.67 9.41
N GLN A 136 0.86 6.12 8.81
CA GLN A 136 1.74 7.11 9.44
C GLN A 136 1.83 8.36 8.59
N ASN A 137 2.50 9.38 9.12
CA ASN A 137 2.66 10.64 8.41
C ASN A 137 4.08 10.79 7.88
N GLU A 138 4.25 10.56 6.59
CA GLU A 138 5.57 10.67 5.96
C GLU A 138 6.22 12.01 6.29
N ASN A 139 5.85 13.05 5.55
CA ASN A 139 6.41 14.37 5.76
C ASN A 139 5.49 15.45 5.16
N HIS A 140 5.32 16.54 5.89
CA HIS A 140 4.47 17.63 5.44
C HIS A 140 5.31 18.86 5.08
N ARG A 1 -5.37 9.12 11.53
CA ARG A 1 -4.77 8.16 10.57
C ARG A 1 -5.26 6.74 10.84
N GLY A 2 -6.07 6.22 9.93
CA GLY A 2 -6.60 4.87 10.09
C GLY A 2 -5.58 3.80 9.74
N LYS A 3 -6.07 2.59 9.51
CA LYS A 3 -5.20 1.46 9.16
C LYS A 3 -5.67 0.86 7.84
N ILE A 4 -4.72 0.41 7.03
CA ILE A 4 -5.05 -0.18 5.73
C ILE A 4 -4.56 -1.62 5.62
N LEU A 5 -5.46 -2.51 5.25
CA LEU A 5 -5.14 -3.92 5.09
C LEU A 5 -4.45 -4.14 3.74
N VAL A 6 -3.20 -4.57 3.79
CA VAL A 6 -2.43 -4.80 2.57
C VAL A 6 -2.03 -6.26 2.43
N SER A 7 -2.31 -6.82 1.26
CA SER A 7 -1.96 -8.21 0.99
C SER A 7 -0.77 -8.28 0.03
N LEU A 8 0.06 -9.30 0.18
CA LEU A 8 1.23 -9.45 -0.68
C LEU A 8 1.32 -10.85 -1.28
N MET A 9 2.10 -10.97 -2.35
CA MET A 9 2.30 -12.25 -3.03
C MET A 9 3.15 -12.04 -4.28
N TYR A 10 4.14 -12.91 -4.48
CA TYR A 10 5.02 -12.79 -5.64
C TYR A 10 4.78 -13.92 -6.62
N SER A 11 4.65 -13.57 -7.90
CA SER A 11 4.42 -14.54 -8.96
C SER A 11 5.70 -14.77 -9.77
N THR A 12 6.59 -15.59 -9.22
CA THR A 12 7.85 -15.89 -9.90
C THR A 12 7.59 -16.22 -11.36
N GLN A 13 6.52 -16.98 -11.60
CA GLN A 13 6.15 -17.36 -12.96
C GLN A 13 6.12 -16.13 -13.85
N GLN A 14 5.48 -15.08 -13.35
CA GLN A 14 5.37 -13.83 -14.09
C GLN A 14 6.61 -12.98 -13.88
N GLY A 15 7.36 -13.27 -12.82
CA GLY A 15 8.56 -12.52 -12.54
C GLY A 15 8.27 -11.16 -11.94
N GLY A 16 7.27 -11.10 -11.07
CA GLY A 16 6.90 -9.84 -10.44
C GLY A 16 6.18 -10.03 -9.13
N LEU A 17 6.03 -8.94 -8.37
CA LEU A 17 5.35 -8.99 -7.08
C LEU A 17 3.87 -8.64 -7.24
N ILE A 18 3.07 -9.01 -6.24
CA ILE A 18 1.65 -8.73 -6.27
C ILE A 18 1.20 -8.07 -4.98
N VAL A 19 0.66 -6.86 -5.10
CA VAL A 19 0.19 -6.11 -3.94
C VAL A 19 -1.33 -6.07 -3.91
N GLY A 20 -1.91 -6.60 -2.84
CA GLY A 20 -3.36 -6.62 -2.73
C GLY A 20 -3.90 -5.62 -1.74
N ILE A 21 -4.56 -4.59 -2.26
CA ILE A 21 -5.15 -3.56 -1.41
C ILE A 21 -6.56 -3.97 -1.01
N ILE A 22 -6.70 -4.52 0.19
CA ILE A 22 -8.00 -4.99 0.66
C ILE A 22 -8.89 -3.83 1.09
N ARG A 23 -8.65 -3.28 2.29
CA ARG A 23 -9.45 -2.20 2.80
C ARG A 23 -8.73 -1.40 3.88
N CYS A 24 -9.32 -0.27 4.27
CA CYS A 24 -8.76 0.59 5.29
C CYS A 24 -9.82 0.89 6.35
N VAL A 25 -9.38 1.31 7.54
CA VAL A 25 -10.32 1.60 8.61
C VAL A 25 -9.83 2.71 9.54
N HIS A 26 -10.78 3.44 10.10
CA HIS A 26 -10.47 4.53 11.02
C HIS A 26 -9.64 5.62 10.35
N LEU A 27 -10.01 5.97 9.12
CA LEU A 27 -9.28 6.99 8.37
C LEU A 27 -9.73 8.39 8.79
N ALA A 28 -8.92 9.38 8.45
CA ALA A 28 -9.22 10.77 8.79
C ALA A 28 -10.20 11.37 7.78
N ALA A 29 -10.81 12.49 8.15
CA ALA A 29 -11.77 13.18 7.30
C ALA A 29 -11.26 14.57 6.91
N MET A 30 -11.07 14.78 5.61
CA MET A 30 -10.59 16.07 5.12
C MET A 30 -11.75 17.04 4.94
N ASP A 31 -12.96 16.50 4.82
CA ASP A 31 -14.15 17.31 4.64
C ASP A 31 -14.79 17.66 5.99
N ALA A 32 -15.60 18.71 6.00
CA ALA A 32 -16.27 19.14 7.22
C ALA A 32 -17.41 18.20 7.58
N ASN A 33 -17.63 17.19 6.75
CA ASN A 33 -18.70 16.22 6.98
C ASN A 33 -18.22 15.13 7.93
N GLY A 34 -16.92 15.08 8.18
CA GLY A 34 -16.37 14.07 9.06
C GLY A 34 -15.85 12.87 8.32
N TYR A 35 -15.89 12.91 7.00
CA TYR A 35 -15.43 11.80 6.18
C TYR A 35 -14.30 12.22 5.24
N SER A 36 -13.96 11.33 4.30
CA SER A 36 -12.90 11.61 3.35
C SER A 36 -13.02 10.72 2.11
N ASP A 37 -12.13 10.94 1.14
CA ASP A 37 -12.11 10.17 -0.10
C ASP A 37 -10.76 9.46 -0.22
N PRO A 38 -10.43 8.66 0.80
CA PRO A 38 -9.15 7.95 0.87
C PRO A 38 -8.93 6.90 -0.22
N PHE A 39 -7.69 6.89 -0.72
CA PHE A 39 -7.25 5.93 -1.72
C PHE A 39 -5.85 5.48 -1.32
N VAL A 40 -5.36 4.37 -1.85
CA VAL A 40 -4.04 3.89 -1.46
C VAL A 40 -3.04 3.95 -2.61
N LYS A 41 -1.90 4.55 -2.33
CA LYS A 41 -0.84 4.68 -3.32
C LYS A 41 0.35 3.81 -2.90
N LEU A 42 0.84 3.00 -3.82
CA LEU A 42 1.96 2.12 -3.53
C LEU A 42 3.13 2.37 -4.47
N TRP A 43 4.33 2.40 -3.90
CA TRP A 43 5.54 2.63 -4.68
C TRP A 43 6.69 1.79 -4.13
N LEU A 44 7.21 0.90 -4.98
CA LEU A 44 8.33 0.04 -4.59
C LEU A 44 9.66 0.70 -4.90
N LYS A 45 10.39 1.07 -3.86
CA LYS A 45 11.69 1.71 -4.01
C LYS A 45 12.80 0.67 -4.05
N PRO A 46 13.95 1.03 -4.62
CA PRO A 46 14.18 2.34 -5.20
C PRO A 46 13.81 2.39 -6.67
N ASP A 47 12.71 3.08 -6.95
CA ASP A 47 12.16 3.24 -8.29
C ASP A 47 13.16 2.81 -9.37
N MET A 48 12.85 1.72 -10.05
CA MET A 48 13.70 1.19 -11.10
C MET A 48 13.07 1.42 -12.48
N GLY A 49 11.74 1.48 -12.50
CA GLY A 49 11.04 1.69 -13.76
C GLY A 49 10.32 3.02 -13.80
N LYS A 50 10.24 3.68 -12.65
CA LYS A 50 9.57 4.98 -12.54
C LYS A 50 8.07 4.82 -12.32
N LYS A 51 7.50 3.78 -12.91
CA LYS A 51 6.07 3.51 -12.75
C LYS A 51 5.78 2.72 -11.48
N ALA A 52 6.80 2.61 -10.63
CA ALA A 52 6.66 1.87 -9.38
C ALA A 52 5.53 2.45 -8.53
N LYS A 53 5.22 3.72 -8.76
CA LYS A 53 4.16 4.39 -8.01
C LYS A 53 2.79 3.82 -8.40
N HIS A 54 1.82 3.95 -7.50
CA HIS A 54 0.48 3.44 -7.75
C HIS A 54 -0.57 4.17 -6.90
N LYS A 55 -1.84 3.92 -7.21
CA LYS A 55 -2.94 4.52 -6.48
C LYS A 55 -4.23 3.74 -6.72
N THR A 56 -4.81 3.20 -5.64
CA THR A 56 -6.04 2.42 -5.75
C THR A 56 -7.22 3.31 -6.09
N GLN A 57 -8.38 2.70 -6.28
CA GLN A 57 -9.59 3.44 -6.60
C GLN A 57 -9.96 4.38 -5.45
N ILE A 58 -10.53 5.52 -5.79
CA ILE A 58 -10.92 6.51 -4.79
C ILE A 58 -12.23 6.10 -4.11
N LYS A 59 -12.19 5.97 -2.79
CA LYS A 59 -13.38 5.60 -2.02
C LYS A 59 -14.07 6.84 -1.50
N LYS A 60 -14.54 7.68 -2.42
CA LYS A 60 -15.22 8.92 -2.07
C LYS A 60 -16.05 8.79 -0.80
N LYS A 61 -16.12 9.88 -0.03
CA LYS A 61 -16.89 9.93 1.20
C LYS A 61 -16.86 8.61 1.97
N THR A 62 -15.78 8.37 2.70
CA THR A 62 -15.63 7.16 3.48
C THR A 62 -14.28 7.10 4.17
N LEU A 63 -14.27 6.54 5.38
CA LEU A 63 -13.04 6.42 6.16
C LEU A 63 -12.70 4.95 6.41
N ASN A 64 -13.65 4.08 6.14
CA ASN A 64 -13.46 2.65 6.34
C ASN A 64 -13.95 1.87 5.11
N PRO A 65 -13.48 2.25 3.91
CA PRO A 65 -13.87 1.60 2.66
C PRO A 65 -13.15 0.28 2.41
N GLU A 66 -13.52 -0.37 1.31
CA GLU A 66 -12.92 -1.64 0.93
C GLU A 66 -12.37 -1.57 -0.50
N PHE A 67 -11.05 -1.63 -0.63
CA PHE A 67 -10.42 -1.55 -1.93
C PHE A 67 -10.47 -2.89 -2.66
N ASN A 68 -9.91 -3.92 -2.03
CA ASN A 68 -9.89 -5.25 -2.63
C ASN A 68 -9.27 -5.19 -4.02
N GLU A 69 -8.13 -4.51 -4.11
CA GLU A 69 -7.44 -4.36 -5.39
C GLU A 69 -6.17 -5.22 -5.44
N GLU A 70 -5.97 -5.90 -6.58
CA GLU A 70 -4.80 -6.75 -6.75
C GLU A 70 -3.81 -6.09 -7.71
N PHE A 71 -2.70 -5.64 -7.15
CA PHE A 71 -1.66 -4.97 -7.95
C PHE A 71 -0.63 -5.96 -8.49
N PHE A 72 0.25 -5.46 -9.34
CA PHE A 72 1.30 -6.27 -9.94
C PHE A 72 2.57 -5.45 -10.13
N TYR A 73 3.67 -5.91 -9.54
CA TYR A 73 4.95 -5.22 -9.64
C TYR A 73 5.88 -5.94 -10.61
N ASP A 74 6.75 -5.17 -11.25
CA ASP A 74 7.67 -5.73 -12.22
C ASP A 74 9.09 -5.81 -11.66
N ILE A 75 9.23 -6.40 -10.48
CA ILE A 75 10.54 -6.53 -9.85
C ILE A 75 10.93 -8.01 -9.73
N LYS A 76 12.21 -8.29 -9.92
CA LYS A 76 12.71 -9.66 -9.82
C LYS A 76 12.75 -10.10 -8.37
N HIS A 77 12.36 -11.36 -8.14
CA HIS A 77 12.34 -11.92 -6.79
C HIS A 77 13.66 -11.66 -6.07
N SER A 78 14.77 -11.93 -6.74
CA SER A 78 16.09 -11.73 -6.16
C SER A 78 16.31 -10.28 -5.76
N ASP A 79 15.43 -9.39 -6.23
CA ASP A 79 15.54 -7.97 -5.90
C ASP A 79 14.43 -7.55 -4.93
N LEU A 80 13.30 -8.22 -5.03
CA LEU A 80 12.16 -7.92 -4.16
C LEU A 80 12.63 -7.52 -2.77
N ALA A 81 13.24 -8.47 -2.07
CA ALA A 81 13.75 -8.23 -0.72
C ALA A 81 14.35 -6.84 -0.58
N LYS A 82 15.31 -6.52 -1.44
CA LYS A 82 15.99 -5.23 -1.41
C LYS A 82 15.01 -4.09 -1.67
N LYS A 83 13.84 -4.43 -2.19
CA LYS A 83 12.84 -3.43 -2.49
C LYS A 83 12.25 -2.84 -1.22
N SER A 84 11.30 -1.94 -1.38
CA SER A 84 10.62 -1.30 -0.25
C SER A 84 9.27 -0.75 -0.69
N LEU A 85 8.22 -1.46 -0.33
CA LEU A 85 6.87 -1.05 -0.71
C LEU A 85 6.34 0.02 0.24
N ASP A 86 5.94 1.16 -0.33
CA ASP A 86 5.42 2.26 0.46
C ASP A 86 3.93 2.43 0.22
N ILE A 87 3.13 1.84 1.10
CA ILE A 87 1.67 1.92 0.99
C ILE A 87 1.13 3.11 1.77
N SER A 88 0.75 4.15 1.05
CA SER A 88 0.22 5.36 1.67
C SER A 88 -1.22 5.63 1.24
N VAL A 89 -2.01 6.15 2.16
CA VAL A 89 -3.40 6.48 1.89
C VAL A 89 -3.63 7.99 1.89
N TRP A 90 -4.22 8.49 0.81
CA TRP A 90 -4.47 9.93 0.70
C TRP A 90 -5.95 10.21 0.50
N ASP A 91 -6.42 11.34 1.03
CA ASP A 91 -7.82 11.73 0.88
C ASP A 91 -8.02 12.44 -0.45
N TYR A 92 -8.81 11.81 -1.32
CA TYR A 92 -9.08 12.37 -2.64
C TYR A 92 -10.09 13.52 -2.56
N ASP A 93 -10.14 14.32 -3.62
CA ASP A 93 -11.05 15.45 -3.68
C ASP A 93 -11.26 15.90 -5.12
N ILE A 94 -12.51 15.96 -5.56
CA ILE A 94 -12.84 16.38 -6.92
C ILE A 94 -12.87 17.91 -7.02
N GLY A 95 -12.25 18.43 -8.08
CA GLY A 95 -12.22 19.87 -8.28
C GLY A 95 -11.02 20.54 -7.64
N LYS A 96 -10.37 19.84 -6.71
CA LYS A 96 -9.21 20.37 -6.03
C LYS A 96 -8.10 19.34 -5.92
N SER A 97 -7.10 19.61 -5.09
CA SER A 97 -5.99 18.70 -4.90
C SER A 97 -6.36 17.56 -3.96
N ASN A 98 -5.37 16.81 -3.52
CA ASN A 98 -5.60 15.69 -2.62
C ASN A 98 -5.11 16.02 -1.20
N ASP A 99 -5.06 15.00 -0.35
CA ASP A 99 -4.62 15.17 1.03
C ASP A 99 -4.01 13.89 1.57
N TYR A 100 -2.95 14.02 2.35
CA TYR A 100 -2.27 12.87 2.93
C TYR A 100 -2.93 12.44 4.24
N ILE A 101 -3.46 11.22 4.25
CA ILE A 101 -4.11 10.68 5.44
C ILE A 101 -3.14 9.88 6.28
N GLY A 102 -2.28 9.11 5.62
CA GLY A 102 -1.30 8.31 6.31
C GLY A 102 -0.88 7.09 5.51
N GLY A 103 0.28 6.54 5.83
CA GLY A 103 0.76 5.38 5.12
C GLY A 103 1.78 4.58 5.91
N CYS A 104 2.42 3.61 5.25
CA CYS A 104 3.42 2.76 5.89
C CYS A 104 4.46 2.30 4.87
N GLN A 105 5.50 1.63 5.37
CA GLN A 105 6.56 1.13 4.50
C GLN A 105 6.74 -0.37 4.66
N LEU A 106 7.10 -1.04 3.57
CA LEU A 106 7.29 -2.49 3.60
C LEU A 106 8.52 -2.90 2.80
N GLY A 107 9.65 -3.01 3.47
CA GLY A 107 10.88 -3.42 2.82
C GLY A 107 11.69 -4.35 3.69
N ILE A 108 12.24 -5.40 3.09
CA ILE A 108 13.02 -6.36 3.82
C ILE A 108 14.12 -5.69 4.64
N SER A 109 14.45 -4.46 4.28
CA SER A 109 15.47 -3.70 5.00
C SER A 109 14.93 -3.24 6.34
N ALA A 110 13.65 -3.51 6.59
CA ALA A 110 13.00 -3.13 7.84
C ALA A 110 13.31 -4.13 8.95
N LYS A 111 12.57 -4.02 10.05
CA LYS A 111 12.76 -4.92 11.18
C LYS A 111 11.50 -4.98 12.04
N GLY A 112 11.06 -6.19 12.36
CA GLY A 112 9.87 -6.36 13.17
C GLY A 112 8.74 -7.03 12.41
N GLU A 113 7.74 -6.23 12.05
CA GLU A 113 6.58 -6.75 11.32
C GLU A 113 6.72 -6.49 9.82
N ARG A 114 7.09 -5.25 9.47
CA ARG A 114 7.26 -4.87 8.07
C ARG A 114 8.11 -5.90 7.33
N LEU A 115 9.00 -6.56 8.06
CA LEU A 115 9.86 -7.57 7.46
C LEU A 115 9.15 -8.91 7.35
N LYS A 116 8.49 -9.32 8.43
CA LYS A 116 7.77 -10.58 8.45
C LYS A 116 6.79 -10.67 7.29
N HIS A 117 5.90 -9.68 7.20
CA HIS A 117 4.90 -9.66 6.13
C HIS A 117 5.58 -9.60 4.77
N TRP A 118 6.39 -8.58 4.57
CA TRP A 118 7.11 -8.40 3.31
C TRP A 118 8.02 -9.58 3.02
N TYR A 119 9.19 -9.59 3.65
CA TYR A 119 10.18 -10.65 3.46
C TYR A 119 9.53 -12.02 3.32
N GLU A 120 8.89 -12.52 4.37
CA GLU A 120 8.27 -13.84 4.31
C GLU A 120 7.53 -14.01 3.00
N CYS A 121 7.00 -12.91 2.47
CA CYS A 121 6.30 -12.97 1.20
C CYS A 121 7.23 -13.49 0.11
N LEU A 122 8.47 -13.03 0.16
CA LEU A 122 9.48 -13.46 -0.79
C LEU A 122 9.66 -14.97 -0.71
N LYS A 123 9.56 -15.50 0.50
CA LYS A 123 9.68 -16.92 0.74
C LYS A 123 8.37 -17.60 0.39
N ASN A 124 7.29 -17.00 0.85
CA ASN A 124 5.95 -17.51 0.59
C ASN A 124 5.33 -16.80 -0.62
N LYS A 125 6.02 -16.87 -1.74
CA LYS A 125 5.56 -16.22 -2.97
C LYS A 125 4.13 -16.62 -3.32
N ASP A 126 3.98 -17.71 -4.06
CA ASP A 126 2.66 -18.19 -4.48
C ASP A 126 1.61 -17.99 -3.38
N LYS A 127 2.05 -17.99 -2.12
CA LYS A 127 1.13 -17.82 -1.00
C LYS A 127 0.82 -16.34 -0.79
N LYS A 128 -0.47 -16.02 -0.72
CA LYS A 128 -0.91 -14.65 -0.52
C LYS A 128 -0.84 -14.24 0.95
N ILE A 129 -0.14 -13.15 1.21
CA ILE A 129 0.01 -12.64 2.57
C ILE A 129 -0.85 -11.40 2.79
N GLU A 130 -1.27 -11.17 4.03
CA GLU A 130 -2.09 -10.01 4.35
C GLU A 130 -1.87 -9.56 5.79
N ARG A 131 -1.98 -8.26 6.02
CA ARG A 131 -1.79 -7.70 7.35
C ARG A 131 -2.23 -6.24 7.39
N TRP A 132 -2.57 -5.77 8.59
CA TRP A 132 -3.01 -4.39 8.77
C TRP A 132 -1.84 -3.47 9.11
N HIS A 133 -1.76 -2.35 8.41
CA HIS A 133 -0.69 -1.38 8.64
C HIS A 133 -1.25 -0.08 9.22
N GLN A 134 -0.64 0.38 10.30
CA GLN A 134 -1.06 1.61 10.95
C GLN A 134 -0.57 2.83 10.18
N LEU A 135 -1.48 3.45 9.43
CA LEU A 135 -1.14 4.63 8.64
C LEU A 135 -0.31 5.61 9.44
N GLN A 136 0.81 6.04 8.86
CA GLN A 136 1.70 7.00 9.51
C GLN A 136 1.94 8.20 8.61
N ASN A 137 2.38 9.31 9.20
CA ASN A 137 2.67 10.52 8.45
C ASN A 137 4.16 10.69 8.22
N GLU A 138 4.61 10.35 7.03
CA GLU A 138 6.03 10.46 6.68
C GLU A 138 6.53 11.89 6.88
N ASN A 139 6.44 12.69 5.83
CA ASN A 139 6.89 14.08 5.87
C ASN A 139 5.72 15.02 6.13
N HIS A 140 4.50 14.47 6.09
CA HIS A 140 3.30 15.27 6.31
C HIS A 140 2.88 15.98 5.03
N ARG A 1 -5.92 8.44 12.29
CA ARG A 1 -5.18 8.10 11.04
C ARG A 1 -5.84 6.93 10.31
N GLY A 2 -5.83 5.76 10.95
CA GLY A 2 -6.43 4.59 10.34
C GLY A 2 -5.41 3.54 9.95
N LYS A 3 -5.89 2.39 9.50
CA LYS A 3 -5.02 1.29 9.08
C LYS A 3 -5.47 0.73 7.75
N ILE A 4 -4.52 0.35 6.90
CA ILE A 4 -4.85 -0.19 5.59
C ILE A 4 -4.36 -1.63 5.44
N LEU A 5 -5.27 -2.53 5.10
CA LEU A 5 -4.94 -3.93 4.92
C LEU A 5 -4.31 -4.17 3.56
N VAL A 6 -3.11 -4.74 3.57
CA VAL A 6 -2.40 -5.01 2.32
C VAL A 6 -2.06 -6.49 2.22
N SER A 7 -2.22 -7.04 1.02
CA SER A 7 -1.93 -8.45 0.78
C SER A 7 -0.79 -8.59 -0.21
N LEU A 8 0.24 -9.34 0.17
CA LEU A 8 1.39 -9.55 -0.69
C LEU A 8 1.39 -10.95 -1.29
N MET A 9 1.99 -11.07 -2.46
CA MET A 9 2.07 -12.35 -3.15
C MET A 9 2.96 -12.24 -4.39
N TYR A 10 3.98 -13.09 -4.48
CA TYR A 10 4.89 -13.06 -5.61
C TYR A 10 4.60 -14.21 -6.57
N SER A 11 4.51 -13.88 -7.87
CA SER A 11 4.24 -14.86 -8.89
C SER A 11 5.51 -15.18 -9.70
N THR A 12 6.33 -16.06 -9.16
CA THR A 12 7.56 -16.44 -9.84
C THR A 12 7.29 -16.75 -11.30
N GLN A 13 6.18 -17.43 -11.55
CA GLN A 13 5.78 -17.78 -12.90
C GLN A 13 5.84 -16.54 -13.79
N GLN A 14 5.22 -15.47 -13.31
CA GLN A 14 5.20 -14.21 -14.03
C GLN A 14 6.50 -13.45 -13.82
N GLY A 15 7.23 -13.85 -12.78
CA GLY A 15 8.50 -13.20 -12.48
C GLY A 15 8.32 -11.82 -11.90
N GLY A 16 7.34 -11.67 -11.02
CA GLY A 16 7.09 -10.38 -10.41
C GLY A 16 6.37 -10.49 -9.09
N LEU A 17 6.15 -9.35 -8.44
CA LEU A 17 5.47 -9.33 -7.15
C LEU A 17 4.01 -8.92 -7.33
N ILE A 18 3.18 -9.26 -6.34
CA ILE A 18 1.77 -8.92 -6.40
C ILE A 18 1.34 -8.22 -5.12
N VAL A 19 0.82 -6.99 -5.27
CA VAL A 19 0.37 -6.20 -4.13
C VAL A 19 -1.14 -6.11 -4.11
N GLY A 20 -1.75 -6.50 -3.00
CA GLY A 20 -3.19 -6.46 -2.91
C GLY A 20 -3.70 -5.47 -1.87
N ILE A 21 -4.48 -4.50 -2.33
CA ILE A 21 -5.07 -3.50 -1.46
C ILE A 21 -6.48 -3.91 -1.07
N ILE A 22 -6.64 -4.49 0.11
CA ILE A 22 -7.94 -4.96 0.56
C ILE A 22 -8.83 -3.82 1.05
N ARG A 23 -8.56 -3.32 2.25
CA ARG A 23 -9.37 -2.24 2.81
C ARG A 23 -8.63 -1.49 3.92
N CYS A 24 -9.18 -0.33 4.28
CA CYS A 24 -8.60 0.50 5.32
C CYS A 24 -9.62 0.72 6.43
N VAL A 25 -9.16 1.12 7.61
CA VAL A 25 -10.07 1.34 8.73
C VAL A 25 -9.58 2.44 9.67
N HIS A 26 -10.54 3.19 10.21
CA HIS A 26 -10.24 4.28 11.13
C HIS A 26 -9.51 5.42 10.43
N LEU A 27 -10.02 5.80 9.26
CA LEU A 27 -9.42 6.89 8.49
C LEU A 27 -9.97 8.23 8.96
N ALA A 28 -9.12 9.25 8.91
CA ALA A 28 -9.53 10.60 9.32
C ALA A 28 -10.56 11.18 8.36
N ALA A 29 -11.19 12.27 8.78
CA ALA A 29 -12.20 12.95 7.98
C ALA A 29 -11.68 14.29 7.49
N MET A 30 -11.63 14.45 6.17
CA MET A 30 -11.14 15.68 5.56
C MET A 30 -12.27 16.64 5.27
N ASP A 31 -13.49 16.11 5.22
CA ASP A 31 -14.66 16.94 4.94
C ASP A 31 -15.37 17.35 6.23
N ALA A 32 -16.21 18.38 6.13
CA ALA A 32 -16.95 18.88 7.29
C ALA A 32 -18.03 17.89 7.70
N ASN A 33 -18.25 16.86 6.88
CA ASN A 33 -19.26 15.86 7.16
C ASN A 33 -18.72 14.81 8.13
N GLY A 34 -17.42 14.87 8.39
CA GLY A 34 -16.81 13.91 9.30
C GLY A 34 -16.25 12.70 8.58
N TYR A 35 -16.09 12.81 7.26
CA TYR A 35 -15.58 11.71 6.47
C TYR A 35 -14.38 12.14 5.61
N SER A 36 -13.99 11.26 4.68
CA SER A 36 -12.86 11.55 3.80
C SER A 36 -13.01 10.81 2.47
N ASP A 37 -12.03 10.99 1.58
CA ASP A 37 -12.03 10.32 0.28
C ASP A 37 -10.68 9.67 0.04
N PRO A 38 -10.30 8.76 0.94
CA PRO A 38 -9.00 8.06 0.89
C PRO A 38 -8.82 7.09 -0.27
N PHE A 39 -7.56 6.96 -0.68
CA PHE A 39 -7.14 6.05 -1.73
C PHE A 39 -5.73 5.57 -1.39
N VAL A 40 -5.28 4.46 -1.96
CA VAL A 40 -3.95 3.96 -1.64
C VAL A 40 -3.00 3.99 -2.83
N LYS A 41 -1.81 4.49 -2.57
CA LYS A 41 -0.77 4.57 -3.59
C LYS A 41 0.41 3.69 -3.20
N LEU A 42 0.88 2.88 -4.14
CA LEU A 42 1.98 1.97 -3.86
C LEU A 42 3.19 2.25 -4.75
N TRP A 43 4.38 2.15 -4.15
CA TRP A 43 5.62 2.39 -4.88
C TRP A 43 6.76 1.56 -4.30
N LEU A 44 7.31 0.68 -5.13
CA LEU A 44 8.42 -0.17 -4.70
C LEU A 44 9.76 0.47 -5.03
N LYS A 45 10.45 0.96 -4.01
CA LYS A 45 11.74 1.62 -4.18
C LYS A 45 12.88 0.60 -4.11
N PRO A 46 14.04 0.94 -4.71
CA PRO A 46 14.25 2.19 -5.41
C PRO A 46 13.73 2.14 -6.84
N ASP A 47 12.66 2.89 -7.06
CA ASP A 47 12.01 2.96 -8.37
C ASP A 47 12.98 2.64 -9.51
N MET A 48 12.67 1.58 -10.26
CA MET A 48 13.50 1.16 -11.38
C MET A 48 13.08 1.84 -12.66
N GLY A 49 11.78 2.12 -12.78
CA GLY A 49 11.27 2.78 -13.98
C GLY A 49 10.61 4.09 -13.67
N LYS A 50 10.46 4.40 -12.39
CA LYS A 50 9.84 5.65 -11.96
C LYS A 50 8.32 5.49 -11.84
N LYS A 51 7.75 4.64 -12.68
CA LYS A 51 6.31 4.40 -12.66
C LYS A 51 5.95 3.36 -11.61
N ALA A 52 6.90 3.03 -10.76
CA ALA A 52 6.67 2.05 -9.70
C ALA A 52 5.55 2.49 -8.78
N LYS A 53 5.23 3.77 -8.80
CA LYS A 53 4.17 4.32 -7.95
C LYS A 53 2.80 3.96 -8.51
N HIS A 54 1.82 3.87 -7.62
CA HIS A 54 0.46 3.53 -8.02
C HIS A 54 -0.57 4.26 -7.15
N LYS A 55 -1.85 4.08 -7.47
CA LYS A 55 -2.93 4.70 -6.72
C LYS A 55 -4.25 3.96 -7.00
N THR A 56 -4.84 3.42 -5.94
CA THR A 56 -6.10 2.69 -6.09
C THR A 56 -7.28 3.64 -6.22
N GLN A 57 -8.39 3.13 -6.73
CA GLN A 57 -9.58 3.94 -6.91
C GLN A 57 -9.89 4.74 -5.64
N ILE A 58 -10.60 5.85 -5.82
CA ILE A 58 -10.97 6.71 -4.69
C ILE A 58 -12.27 6.23 -4.05
N LYS A 59 -12.24 6.02 -2.74
CA LYS A 59 -13.44 5.58 -2.03
C LYS A 59 -14.14 6.77 -1.40
N LYS A 60 -14.12 7.89 -2.12
CA LYS A 60 -14.74 9.13 -1.67
C LYS A 60 -15.94 8.88 -0.75
N LYS A 61 -16.05 9.70 0.29
CA LYS A 61 -17.14 9.60 1.25
C LYS A 61 -17.05 8.33 2.09
N THR A 62 -15.95 8.17 2.81
CA THR A 62 -15.77 7.00 3.66
C THR A 62 -14.41 7.02 4.36
N LEU A 63 -14.38 6.46 5.57
CA LEU A 63 -13.15 6.39 6.35
C LEU A 63 -12.72 4.94 6.57
N ASN A 64 -13.62 4.01 6.26
CA ASN A 64 -13.34 2.59 6.43
C ASN A 64 -13.79 1.80 5.20
N PRO A 65 -13.32 2.23 4.00
CA PRO A 65 -13.68 1.57 2.74
C PRO A 65 -12.89 0.31 2.47
N GLU A 66 -13.22 -0.35 1.36
CA GLU A 66 -12.55 -1.58 0.95
C GLU A 66 -12.09 -1.46 -0.50
N PHE A 67 -10.78 -1.49 -0.70
CA PHE A 67 -10.22 -1.37 -2.04
C PHE A 67 -10.27 -2.70 -2.79
N ASN A 68 -9.83 -3.77 -2.14
CA ASN A 68 -9.82 -5.08 -2.77
C ASN A 68 -9.20 -4.99 -4.15
N GLU A 69 -8.01 -4.39 -4.23
CA GLU A 69 -7.31 -4.21 -5.48
C GLU A 69 -6.07 -5.11 -5.55
N GLU A 70 -5.88 -5.75 -6.70
CA GLU A 70 -4.72 -6.63 -6.89
C GLU A 70 -3.73 -6.02 -7.88
N PHE A 71 -2.58 -5.63 -7.37
CA PHE A 71 -1.54 -5.02 -8.19
C PHE A 71 -0.51 -6.05 -8.66
N PHE A 72 0.39 -5.60 -9.52
CA PHE A 72 1.44 -6.47 -10.05
C PHE A 72 2.74 -5.70 -10.25
N TYR A 73 3.77 -6.10 -9.52
CA TYR A 73 5.07 -5.45 -9.61
C TYR A 73 6.00 -6.24 -10.51
N ASP A 74 6.90 -5.55 -11.18
CA ASP A 74 7.85 -6.19 -12.08
C ASP A 74 9.25 -6.19 -11.49
N ILE A 75 9.45 -6.97 -10.43
CA ILE A 75 10.75 -7.05 -9.77
C ILE A 75 11.18 -8.50 -9.62
N LYS A 76 12.48 -8.74 -9.73
CA LYS A 76 13.03 -10.08 -9.60
C LYS A 76 13.04 -10.51 -8.13
N HIS A 77 12.54 -11.71 -7.87
CA HIS A 77 12.49 -12.25 -6.51
C HIS A 77 13.79 -11.96 -5.76
N SER A 78 14.91 -12.28 -6.38
CA SER A 78 16.22 -12.07 -5.77
C SER A 78 16.44 -10.61 -5.41
N ASP A 79 15.59 -9.73 -5.97
CA ASP A 79 15.70 -8.31 -5.70
C ASP A 79 14.58 -7.86 -4.75
N LEU A 80 13.46 -8.56 -4.81
CA LEU A 80 12.32 -8.25 -3.95
C LEU A 80 12.78 -7.77 -2.59
N ALA A 81 13.36 -8.69 -1.82
CA ALA A 81 13.85 -8.39 -0.48
C ALA A 81 14.48 -7.00 -0.40
N LYS A 82 15.38 -6.69 -1.33
CA LYS A 82 16.06 -5.40 -1.35
C LYS A 82 15.10 -4.26 -1.65
N LYS A 83 13.94 -4.60 -2.20
CA LYS A 83 12.94 -3.59 -2.53
C LYS A 83 12.32 -2.99 -1.28
N SER A 84 11.32 -2.14 -1.50
CA SER A 84 10.62 -1.48 -0.39
C SER A 84 9.26 -0.97 -0.86
N LEU A 85 8.21 -1.68 -0.47
CA LEU A 85 6.85 -1.31 -0.84
C LEU A 85 6.34 -0.18 0.05
N ASP A 86 6.01 0.95 -0.56
CA ASP A 86 5.51 2.10 0.17
C ASP A 86 4.01 2.26 -0.04
N ILE A 87 3.23 1.75 0.91
CA ILE A 87 1.78 1.84 0.83
C ILE A 87 1.27 3.09 1.55
N SER A 88 0.90 4.10 0.79
CA SER A 88 0.42 5.36 1.36
C SER A 88 -1.04 5.62 1.01
N VAL A 89 -1.81 6.04 2.00
CA VAL A 89 -3.22 6.35 1.81
C VAL A 89 -3.44 7.85 1.87
N TRP A 90 -3.99 8.41 0.80
CA TRP A 90 -4.23 9.85 0.73
C TRP A 90 -5.70 10.16 0.51
N ASP A 91 -6.13 11.32 0.98
CA ASP A 91 -7.52 11.74 0.82
C ASP A 91 -7.69 12.44 -0.52
N TYR A 92 -8.77 12.09 -1.22
CA TYR A 92 -9.06 12.68 -2.52
C TYR A 92 -10.07 13.81 -2.40
N ASP A 93 -10.08 14.69 -3.39
CA ASP A 93 -11.00 15.82 -3.40
C ASP A 93 -11.25 16.31 -4.82
N ILE A 94 -12.52 16.37 -5.20
CA ILE A 94 -12.90 16.83 -6.54
C ILE A 94 -12.82 18.36 -6.64
N GLY A 95 -12.32 18.83 -7.76
CA GLY A 95 -12.19 20.27 -7.97
C GLY A 95 -11.00 20.87 -7.25
N LYS A 96 -10.34 20.05 -6.44
CA LYS A 96 -9.17 20.51 -5.68
C LYS A 96 -8.08 19.43 -5.66
N SER A 97 -7.02 19.70 -4.92
CA SER A 97 -5.91 18.75 -4.81
C SER A 97 -6.24 17.65 -3.82
N ASN A 98 -5.28 16.74 -3.61
CA ASN A 98 -5.47 15.63 -2.69
C ASN A 98 -4.93 15.98 -1.30
N ASP A 99 -4.92 14.99 -0.41
CA ASP A 99 -4.44 15.19 0.95
C ASP A 99 -3.79 13.92 1.48
N TYR A 100 -2.80 14.08 2.35
CA TYR A 100 -2.10 12.94 2.93
C TYR A 100 -2.81 12.45 4.17
N ILE A 101 -3.29 11.20 4.12
CA ILE A 101 -3.99 10.60 5.25
C ILE A 101 -3.03 9.77 6.10
N GLY A 102 -2.17 9.01 5.43
CA GLY A 102 -1.21 8.19 6.15
C GLY A 102 -0.82 6.94 5.38
N GLY A 103 0.34 6.38 5.70
CA GLY A 103 0.81 5.18 5.03
C GLY A 103 1.81 4.41 5.84
N CYS A 104 2.58 3.55 5.16
CA CYS A 104 3.59 2.74 5.83
C CYS A 104 4.59 2.17 4.82
N GLN A 105 5.80 1.87 5.28
CA GLN A 105 6.84 1.33 4.41
C GLN A 105 6.96 -0.18 4.59
N LEU A 106 7.07 -0.89 3.48
CA LEU A 106 7.20 -2.35 3.51
C LEU A 106 8.42 -2.83 2.75
N GLY A 107 9.52 -3.00 3.47
CA GLY A 107 10.76 -3.47 2.87
C GLY A 107 11.50 -4.42 3.78
N ILE A 108 12.12 -5.45 3.22
CA ILE A 108 12.85 -6.41 4.00
C ILE A 108 13.91 -5.74 4.87
N SER A 109 14.25 -4.50 4.53
CA SER A 109 15.23 -3.75 5.30
C SER A 109 14.57 -3.17 6.56
N ALA A 110 13.30 -3.51 6.76
CA ALA A 110 12.54 -3.04 7.90
C ALA A 110 12.79 -3.91 9.13
N LYS A 111 12.31 -3.45 10.27
CA LYS A 111 12.45 -4.18 11.52
C LYS A 111 11.27 -3.92 12.44
N GLY A 112 10.74 -4.98 13.02
CA GLY A 112 9.60 -4.84 13.92
C GLY A 112 8.44 -5.74 13.55
N GLU A 113 7.87 -5.54 12.36
CA GLU A 113 6.74 -6.34 11.92
C GLU A 113 6.61 -6.33 10.40
N ARG A 114 6.82 -5.17 9.78
CA ARG A 114 6.72 -5.05 8.34
C ARG A 114 7.54 -6.11 7.63
N LEU A 115 8.73 -6.39 8.18
CA LEU A 115 9.62 -7.39 7.59
C LEU A 115 8.92 -8.74 7.52
N LYS A 116 8.18 -9.07 8.58
CA LYS A 116 7.47 -10.34 8.63
C LYS A 116 6.48 -10.46 7.48
N HIS A 117 5.75 -9.38 7.21
CA HIS A 117 4.77 -9.38 6.13
C HIS A 117 5.47 -9.33 4.78
N TRP A 118 6.10 -8.20 4.50
CA TRP A 118 6.82 -8.02 3.23
C TRP A 118 7.64 -9.27 2.90
N TYR A 119 8.78 -9.39 3.56
CA TYR A 119 9.67 -10.52 3.36
C TYR A 119 8.89 -11.81 3.12
N GLU A 120 7.98 -12.15 4.04
CA GLU A 120 7.20 -13.36 3.91
C GLU A 120 6.80 -13.60 2.46
N CYS A 121 6.38 -12.53 1.80
CA CYS A 121 5.98 -12.61 0.40
C CYS A 121 7.04 -13.32 -0.42
N LEU A 122 8.30 -13.07 -0.07
CA LEU A 122 9.43 -13.68 -0.75
C LEU A 122 9.49 -15.19 -0.48
N LYS A 123 9.22 -15.57 0.76
CA LYS A 123 9.23 -16.98 1.13
C LYS A 123 7.94 -17.64 0.69
N ASN A 124 6.86 -16.87 0.73
CA ASN A 124 5.55 -17.35 0.33
C ASN A 124 5.11 -16.70 -0.98
N LYS A 125 6.03 -16.65 -1.94
CA LYS A 125 5.74 -16.06 -3.25
C LYS A 125 4.29 -16.33 -3.67
N ASP A 126 4.09 -17.40 -4.41
CA ASP A 126 2.75 -17.77 -4.87
C ASP A 126 1.71 -17.60 -3.77
N LYS A 127 2.16 -17.72 -2.52
CA LYS A 127 1.27 -17.59 -1.38
C LYS A 127 1.01 -16.11 -1.06
N LYS A 128 -0.16 -15.83 -0.52
CA LYS A 128 -0.53 -14.46 -0.18
C LYS A 128 -0.13 -14.11 1.25
N ILE A 129 0.03 -12.81 1.49
CA ILE A 129 0.39 -12.30 2.81
C ILE A 129 -0.40 -11.04 3.13
N GLU A 130 -1.47 -11.20 3.90
CA GLU A 130 -2.31 -10.07 4.26
C GLU A 130 -2.04 -9.60 5.69
N ARG A 131 -1.90 -8.29 5.85
CA ARG A 131 -1.64 -7.71 7.16
C ARG A 131 -2.14 -6.27 7.23
N TRP A 132 -2.29 -5.76 8.44
CA TRP A 132 -2.75 -4.40 8.64
C TRP A 132 -1.60 -3.48 8.99
N HIS A 133 -1.51 -2.36 8.30
CA HIS A 133 -0.44 -1.40 8.52
C HIS A 133 -0.99 -0.09 9.09
N GLN A 134 -0.38 0.37 10.18
CA GLN A 134 -0.81 1.62 10.81
C GLN A 134 -0.37 2.80 9.97
N LEU A 135 -1.33 3.57 9.48
CA LEU A 135 -1.03 4.72 8.65
C LEU A 135 -0.26 5.79 9.42
N GLN A 136 0.85 6.22 8.83
CA GLN A 136 1.69 7.24 9.44
C GLN A 136 1.89 8.41 8.47
N ASN A 137 2.29 9.56 9.01
CA ASN A 137 2.52 10.74 8.20
C ASN A 137 4.01 10.95 7.92
N GLU A 138 4.47 10.48 6.77
CA GLU A 138 5.86 10.61 6.39
C GLU A 138 6.39 12.01 6.72
N ASN A 139 6.12 12.96 5.84
CA ASN A 139 6.56 14.33 6.04
C ASN A 139 5.49 15.32 5.59
N HIS A 140 5.39 15.50 4.27
CA HIS A 140 4.40 16.41 3.70
C HIS A 140 3.33 15.64 2.94
#